data_6OKP
#
_entry.id   6OKP
#
_cell.length_a   1.00
_cell.length_b   1.00
_cell.length_c   1.00
_cell.angle_alpha   90.00
_cell.angle_beta   90.00
_cell.angle_gamma   90.00
#
_symmetry.space_group_name_H-M   'P 1'
#
loop_
_entity.id
_entity.type
_entity.pdbx_description
1 polymer 'Envelope glycoprotein gp41'
2 polymer 'Envelope glycoprotein gp120'
3 polymer '10-1074 Heavy Chain,10-1074 Heavy Chain'
4 polymer '10-1074 Light Chain,10-1074 Light Chain'
5 polymer 'SF12 Heavy Chain,SF12 Heavy Chain'
6 polymer 'SF12 Light Chain,SF12 Light Chain'
7 branched alpha-D-mannopyranose-(1-2)-alpha-D-mannopyranose-(1-3)-[alpha-D-mannopyranose-(1-3)-[alpha-D-mannopyranose-(1-6)]alpha-D-mannopyranose-(1-6)]beta-D-mannopyranose-(1-4)-2-acetamido-2-deoxy-beta-D-glucopyranose-(1-4)-2-acetamido-2-deoxy-beta-D-glucopyranose
8 branched alpha-D-mannopyranose-(1-2)-alpha-D-mannopyranose-(1-6)-[alpha-D-mannopyranose-(1-3)]alpha-D-mannopyranose-(1-6)-[alpha-D-mannopyranose-(1-3)-alpha-D-mannopyranose-(1-3)]beta-D-mannopyranose-(1-4)-2-acetamido-2-deoxy-beta-D-glucopyranose-(1-4)-2-acetamido-2-deoxy-beta-D-glucopyranose
9 branched alpha-D-mannopyranose-(1-3)-[alpha-D-mannopyranose-(1-6)]alpha-D-mannopyranose-(1-6)-[alpha-D-mannopyranose-(1-3)]beta-D-mannopyranose-(1-4)-2-acetamido-2-deoxy-beta-D-glucopyranose-(1-4)-2-acetamido-2-deoxy-beta-D-glucopyranose
10 branched 2-acetamido-2-deoxy-beta-D-glucopyranose-(1-4)-2-acetamido-2-deoxy-beta-D-glucopyranose
11 branched beta-D-mannopyranose-(1-4)-2-acetamido-2-deoxy-beta-D-glucopyranose-(1-4)-2-acetamido-2-deoxy-beta-D-glucopyranose
12 branched alpha-D-mannopyranose-(1-2)-alpha-D-mannopyranose-(1-3)-[alpha-D-mannopyranose-(1-3)-alpha-D-mannopyranose-(1-6)]beta-D-mannopyranose-(1-4)-2-acetamido-2-deoxy-beta-D-glucopyranose-(1-4)-2-acetamido-2-deoxy-beta-D-glucopyranose
13 branched alpha-D-mannopyranose-(1-2)-alpha-D-mannopyranose-(1-3)-[alpha-D-mannopyranose-(1-6)]beta-D-mannopyranose-(1-4)-2-acetamido-2-deoxy-beta-D-glucopyranose-(1-4)-2-acetamido-2-deoxy-beta-D-glucopyranose
14 non-polymer 2-acetamido-2-deoxy-beta-D-glucopyranose
#
loop_
_entity_poly.entity_id
_entity_poly.type
_entity_poly.pdbx_seq_one_letter_code
_entity_poly.pdbx_strand_id
1 'polypeptide(L)'
;AVGLGAFILGFLGAAGSTMGAASMALTVQARLLLSGIVQQQNNLLRAPEAQQHMLQLTVWGIKQLQARVLAVERYLRDQQ
LLGIWGCSGKIICCTNVPWNDSWSNKTINEIWDNMTWMQWEKEIDNYTQHIYTLLEVSQIQQEKNEQELLELD
;
A,B,C
2 'polypeptide(L)'
;MDAMKRGLCCVLLLCGAVFVSPSQEIHARFRRGARAAKKWVTVYYGVPVWKEATTTLFCASDAKAYDTEVHNVWATHACV
PTDPNPQEIVLGNVTENFNMWKNNMVEQMHEDIISLWDQSLKPCVKLTPLCVTLNCNNVNTNNTNNSTNATISDWEKMET
GEMKNCSFNVTTSIRDKIKKEYALFYKLDVVPLENKNNINNTNITNYRLINCNTSVITQACPKVSFEPIPIHYCAPAGFA
ILKCNSKTFNGSGPCTNVSTVQCTHGIRPVVSTQLLLNGSLAEEEIVIRSENITDNAKTIIVQLNEAVEINCTRPNNNTR
KSIHIGPGRAFYATGDIIGNIRQAHCNISKARWNETLGQIVAKLEEQFPNKTIIFNHSSGGDPEIVTHSFNCGGEFFYCN
TTPLFNSTWNNTRTDDYPTGGEQNITLQCRIKQIINMWQGVGKAMYAPPIRGQIRCSSNITGLLLTRDGGRDQNGTETFR
PGGGNMRDNWRSELYKYKVVKIEPLGIAPTACKRRV
;
D,E,F
3 'polypeptide(L)'
;QVQLQESGPGLVKPSETLSVTCSVSGDSMNNYYWTWIRQSPGKGLEWIGYISDRESATYNPSLNSRVVISRDTSKNQLSL
KLNSVTPADTAVYYCATARRGQRIYGVVSFGEFFYYYSMDVWGKGTTVTVSSASTKGPSVFPLAPSSKSTSGGTAALGCL
VKDYFPEPVTVSWNSGALTSGVHTFPAVLQSSGLYSLSSVVTVPSSSLGTQTYICNVNHKPSNTKVDKRVEPKSCDKTHH
HHHH
;
K
4 'polypeptide(L)'
;SYVRPLSVALGETARISCGRQALGSRAVQWYQHRPGQAPILLIYNNQDRPSGIPERFSGTPDINFGTRATLTISGVEAGD
EADYYCHMWDSRSGFSWSFGGATRLTVLGQPKAAPSVTLFPPSSEELQANKATLVCLISDFYPGAVTVAWKADSSPVKAG
VETTTPSKQSNNKYAASSYLSLTPEQWKSHRSYSCQVTHEGSTVEKTVAPTECS
;
L
5 'polypeptide(L)'
;QVQLQESGPGLVKPSETLSVTCRVSGGSLDLYYWSWIRQPPGKGLQWIGFVYFDGSYGDYDPSLRSRVTISADMSKNQIS
LRLKSVTPADTAVYYCARLGPGGIFDRWTGHYGDKWLDPWGQGTLVTVSSASTKGPSVFPLAPSSKSTSGGTAALGCLVK
DYFPEPVTVSWNSGALTSGVHTFPAVLQSSGLYSLSSVVTVPSSSLGTQTYICNVNHKPSNTKVDKRVEPKSCDKTHHHH
H
;
M,O,Q
6 'polypeptide(L)'
;QIDLTQSPRTLSLSAGERATLLCRASQSVSNVALAWYQHKPGQAPRLLLHEASTRATGIPDRFIGSGSGRDFTLTITSLE
PEDFAVYYCQLSGRRLGQGTKVEIKRTVAAPSVFIFPPSDEQLKSGTASVVCLLNNFYPREAKVQWKVDNALQSGNSQES
VTEQDSKDSTYSLSSTLTLSKADYEKHKVYACEVTHQGLSSPVTKSFNRGEC
;
N,P,R
#
# COMPACT_ATOMS: atom_id res chain seq x y z
N LEU A 9 17.76 -17.83 -25.18
CA LEU A 9 18.21 -18.72 -24.12
C LEU A 9 19.19 -19.72 -24.74
N GLY A 10 20.38 -19.23 -25.05
CA GLY A 10 21.41 -19.99 -25.73
C GLY A 10 22.06 -21.06 -24.91
N PHE A 11 21.84 -21.06 -23.60
CA PHE A 11 22.37 -22.11 -22.74
C PHE A 11 21.51 -23.36 -22.88
N LEU A 12 21.76 -24.33 -22.02
CA LEU A 12 20.93 -25.50 -21.74
C LEU A 12 20.81 -26.47 -22.91
N GLY A 13 21.38 -26.18 -24.08
CA GLY A 13 21.30 -27.10 -25.20
C GLY A 13 22.16 -28.32 -25.03
N ALA A 14 23.18 -28.24 -24.17
CA ALA A 14 24.03 -29.38 -23.89
C ALA A 14 23.82 -29.84 -22.46
N ALA A 15 22.57 -29.86 -22.02
CA ALA A 15 22.26 -30.24 -20.65
C ALA A 15 22.39 -31.73 -20.40
N GLY A 16 22.42 -32.54 -21.45
CA GLY A 16 22.57 -33.98 -21.30
C GLY A 16 23.88 -34.49 -21.81
N SER A 17 24.60 -33.65 -22.57
CA SER A 17 25.91 -34.01 -23.07
C SER A 17 26.91 -34.08 -21.92
N THR A 18 27.99 -34.83 -22.13
CA THR A 18 29.04 -34.92 -21.14
C THR A 18 29.81 -33.60 -21.06
N MET A 19 30.66 -33.51 -20.04
CA MET A 19 31.29 -32.24 -19.71
C MET A 19 32.32 -31.83 -20.76
N GLY A 20 32.93 -32.79 -21.43
CA GLY A 20 33.86 -32.48 -22.49
C GLY A 20 33.26 -32.39 -23.87
N ALA A 21 32.08 -32.97 -24.07
CA ALA A 21 31.40 -32.86 -25.35
C ALA A 21 30.75 -31.50 -25.55
N ALA A 22 30.53 -30.74 -24.47
CA ALA A 22 30.01 -29.38 -24.54
C ALA A 22 31.11 -28.35 -24.70
N SER A 23 32.27 -28.75 -25.21
CA SER A 23 33.40 -27.85 -25.40
C SER A 23 33.15 -26.88 -26.55
N GLN A 51 6.70 -2.69 -23.48
CA GLN A 51 7.34 -1.94 -24.56
C GLN A 51 7.67 -0.54 -24.05
N GLN A 52 6.78 0.41 -24.34
CA GLN A 52 6.89 1.79 -23.86
C GLN A 52 5.56 2.23 -23.26
N HIS A 53 5.34 1.84 -22.01
CA HIS A 53 4.04 1.93 -21.36
C HIS A 53 4.22 2.67 -20.04
N MET A 54 3.28 3.55 -19.73
CA MET A 54 3.35 4.30 -18.47
C MET A 54 3.19 3.34 -17.30
N LEU A 55 4.05 3.49 -16.31
CA LEU A 55 4.05 2.60 -15.14
C LEU A 55 2.79 2.83 -14.33
N GLN A 56 1.85 1.90 -14.43
CA GLN A 56 0.64 1.94 -13.65
C GLN A 56 0.74 0.87 -12.58
N LEU A 57 0.27 1.18 -11.38
CA LEU A 57 0.39 0.24 -10.27
C LEU A 57 -0.86 -0.62 -10.18
N THR A 58 -1.07 -1.42 -11.23
CA THR A 58 -2.11 -2.41 -11.30
C THR A 58 -1.49 -3.80 -11.17
N VAL A 59 -2.30 -4.84 -11.30
CA VAL A 59 -1.86 -6.18 -10.92
C VAL A 59 -0.92 -6.79 -11.95
N TRP A 60 -0.90 -6.29 -13.18
CA TRP A 60 0.11 -6.73 -14.13
C TRP A 60 1.28 -5.77 -14.23
N GLY A 61 1.24 -4.63 -13.56
CA GLY A 61 2.35 -3.70 -13.60
C GLY A 61 3.35 -3.98 -12.50
N ILE A 62 2.83 -4.37 -11.34
CA ILE A 62 3.67 -4.72 -10.20
C ILE A 62 4.52 -5.94 -10.50
N LYS A 63 3.93 -6.92 -11.19
CA LYS A 63 4.65 -8.14 -11.53
C LYS A 63 5.78 -7.87 -12.52
N GLN A 64 5.54 -7.00 -13.49
CA GLN A 64 6.55 -6.69 -14.47
C GLN A 64 7.69 -5.89 -13.86
N LEU A 65 7.38 -4.99 -12.93
CA LEU A 65 8.44 -4.25 -12.26
C LEU A 65 9.27 -5.15 -11.36
N GLN A 66 8.63 -6.08 -10.65
CA GLN A 66 9.36 -7.03 -9.84
C GLN A 66 10.23 -7.95 -10.69
N ALA A 67 9.76 -8.34 -11.86
CA ALA A 67 10.56 -9.15 -12.77
C ALA A 67 11.79 -8.41 -13.28
N ARG A 68 11.66 -7.12 -13.57
CA ARG A 68 12.82 -6.36 -14.06
C ARG A 68 13.87 -6.17 -12.97
N VAL A 69 13.43 -5.91 -11.72
CA VAL A 69 14.40 -5.76 -10.64
C VAL A 69 15.09 -7.09 -10.31
N LEU A 70 14.34 -8.20 -10.36
CA LEU A 70 14.96 -9.52 -10.17
C LEU A 70 16.01 -9.82 -11.23
N ALA A 71 15.72 -9.48 -12.49
CA ALA A 71 16.68 -9.76 -13.56
C ALA A 71 17.97 -8.96 -13.39
N VAL A 72 17.86 -7.67 -13.05
CA VAL A 72 19.08 -6.87 -12.94
C VAL A 72 19.92 -7.27 -11.73
N GLU A 73 19.28 -7.62 -10.61
CA GLU A 73 20.05 -8.07 -9.44
C GLU A 73 20.73 -9.41 -9.68
N ARG A 74 20.01 -10.34 -10.32
CA ARG A 74 20.57 -11.65 -10.53
C ARG A 74 21.69 -11.65 -11.56
N TYR A 75 21.70 -10.67 -12.48
CA TYR A 75 22.87 -10.51 -13.32
C TYR A 75 24.06 -9.95 -12.54
N LEU A 76 23.82 -8.91 -11.72
CA LEU A 76 24.94 -8.23 -11.09
C LEU A 76 25.62 -9.04 -10.00
N ARG A 77 24.94 -9.99 -9.35
CA ARG A 77 25.67 -10.75 -8.34
C ARG A 77 26.69 -11.72 -8.96
N ASP A 78 26.40 -12.25 -10.15
CA ASP A 78 27.36 -13.11 -10.82
C ASP A 78 28.52 -12.30 -11.39
N GLN A 79 28.23 -11.11 -11.92
CA GLN A 79 29.35 -10.27 -12.35
C GLN A 79 30.21 -9.79 -11.18
N GLN A 80 29.59 -9.56 -10.02
CA GLN A 80 30.34 -9.15 -8.84
C GLN A 80 31.23 -10.28 -8.33
N LEU A 81 30.77 -11.53 -8.39
CA LEU A 81 31.64 -12.65 -8.04
C LEU A 81 32.79 -12.80 -9.02
N LEU A 82 32.52 -12.69 -10.32
CA LEU A 82 33.62 -12.83 -11.28
C LEU A 82 34.61 -11.69 -11.22
N GLY A 83 34.21 -10.51 -10.74
CA GLY A 83 35.12 -9.38 -10.74
C GLY A 83 36.28 -9.51 -9.77
N ILE A 84 36.01 -10.07 -8.58
CA ILE A 84 37.04 -10.13 -7.55
C ILE A 84 37.96 -11.32 -7.69
N TRP A 85 37.78 -12.15 -8.72
CA TRP A 85 38.65 -13.28 -8.98
C TRP A 85 39.58 -13.03 -10.15
N GLY A 86 39.60 -11.81 -10.68
CA GLY A 86 40.38 -11.53 -11.87
C GLY A 86 39.83 -12.12 -13.15
N CYS A 87 38.56 -12.48 -13.17
CA CYS A 87 37.96 -13.15 -14.31
C CYS A 87 36.83 -12.29 -14.86
N SER A 88 37.08 -11.01 -15.07
CA SER A 88 36.01 -10.02 -15.18
C SER A 88 35.27 -10.13 -16.51
N GLY A 89 35.98 -10.25 -17.62
CA GLY A 89 35.32 -10.26 -18.90
C GLY A 89 35.59 -11.50 -19.72
N LYS A 90 35.68 -12.64 -19.06
CA LYS A 90 36.01 -13.90 -19.71
C LYS A 90 34.96 -14.94 -19.40
N ILE A 91 34.95 -16.00 -20.20
CA ILE A 91 34.09 -17.15 -19.95
C ILE A 91 34.89 -18.40 -19.59
N ILE A 92 36.20 -18.41 -19.81
CA ILE A 92 37.08 -19.48 -19.36
C ILE A 92 38.30 -18.80 -18.73
N CYS A 93 38.51 -19.05 -17.45
CA CYS A 93 39.48 -18.30 -16.67
C CYS A 93 40.30 -19.25 -15.82
N CYS A 94 41.60 -19.32 -16.06
CA CYS A 94 42.49 -20.15 -15.27
C CYS A 94 42.95 -19.38 -14.03
N THR A 95 43.29 -20.11 -12.98
CA THR A 95 43.70 -19.48 -11.73
C THR A 95 45.01 -20.06 -11.20
N ASN A 96 45.38 -19.69 -9.98
CA ASN A 96 46.59 -20.18 -9.32
C ASN A 96 46.29 -20.90 -8.02
N VAL A 97 45.17 -21.60 -7.93
CA VAL A 97 44.79 -22.33 -6.74
C VAL A 97 44.97 -23.83 -7.02
N PRO A 98 45.86 -24.51 -6.31
CA PRO A 98 46.02 -25.95 -6.54
C PRO A 98 44.81 -26.73 -6.05
N TRP A 99 44.54 -27.84 -6.72
CA TRP A 99 43.35 -28.63 -6.43
C TRP A 99 43.65 -29.60 -5.28
N ASN A 100 42.89 -29.48 -4.20
CA ASN A 100 43.05 -30.34 -3.04
C ASN A 100 42.27 -31.63 -3.25
N ASP A 101 42.92 -32.75 -2.93
CA ASP A 101 42.30 -34.05 -3.18
C ASP A 101 41.23 -34.42 -2.16
N SER A 102 41.10 -33.67 -1.07
CA SER A 102 39.97 -33.86 -0.17
C SER A 102 38.65 -33.42 -0.80
N TRP A 103 38.72 -32.56 -1.82
CA TRP A 103 37.53 -32.12 -2.54
C TRP A 103 37.02 -33.23 -3.44
N SER A 104 37.91 -33.84 -4.21
CA SER A 104 37.62 -35.01 -5.02
C SER A 104 38.92 -35.74 -5.31
N ASN A 105 38.82 -37.05 -5.48
CA ASN A 105 39.97 -37.91 -5.73
C ASN A 105 40.04 -38.39 -7.18
N LYS A 106 39.14 -37.94 -8.03
CA LYS A 106 39.01 -38.52 -9.36
C LYS A 106 40.10 -37.99 -10.29
N THR A 107 40.08 -38.46 -11.53
CA THR A 107 41.06 -38.12 -12.54
C THR A 107 40.43 -37.12 -13.51
N ILE A 108 41.29 -36.36 -14.21
CA ILE A 108 40.82 -35.33 -15.14
C ILE A 108 40.02 -35.94 -16.27
N ASN A 109 40.58 -36.92 -16.96
CA ASN A 109 39.84 -37.57 -18.03
C ASN A 109 38.72 -38.49 -17.52
N GLU A 110 38.64 -38.72 -16.22
CA GLU A 110 37.53 -39.45 -15.64
C GLU A 110 36.29 -38.55 -15.48
N ILE A 111 36.49 -37.26 -15.20
CA ILE A 111 35.36 -36.36 -15.00
C ILE A 111 35.03 -35.53 -16.23
N TRP A 112 35.96 -35.35 -17.15
CA TRP A 112 35.69 -34.60 -18.37
C TRP A 112 35.10 -35.46 -19.48
N ASP A 113 34.84 -36.73 -19.21
CA ASP A 113 34.36 -37.64 -20.24
C ASP A 113 33.13 -38.43 -19.83
N ASN A 114 32.61 -38.24 -18.62
CA ASN A 114 31.52 -39.08 -18.15
C ASN A 114 30.42 -38.35 -17.39
N MET A 115 30.60 -37.11 -16.95
CA MET A 115 29.92 -36.76 -15.71
C MET A 115 28.77 -35.76 -15.83
N THR A 116 28.67 -34.95 -16.90
CA THR A 116 27.43 -34.21 -17.24
C THR A 116 26.98 -33.20 -16.17
N TRP A 117 27.47 -31.96 -16.24
CA TRP A 117 27.59 -30.93 -15.19
C TRP A 117 26.62 -30.94 -14.00
N MET A 118 25.37 -31.37 -14.18
CA MET A 118 24.46 -31.51 -13.04
C MET A 118 25.02 -32.45 -11.97
N GLN A 119 25.62 -33.56 -12.38
CA GLN A 119 26.12 -34.53 -11.42
C GLN A 119 27.38 -34.03 -10.74
N TRP A 120 28.26 -33.37 -11.49
CA TRP A 120 29.46 -32.79 -10.91
C TRP A 120 29.12 -31.65 -9.95
N GLU A 121 28.05 -30.91 -10.23
CA GLU A 121 27.62 -29.89 -9.30
C GLU A 121 27.02 -30.50 -8.04
N LYS A 122 26.32 -31.64 -8.17
CA LYS A 122 25.84 -32.30 -6.97
C LYS A 122 26.97 -32.96 -6.18
N GLU A 123 28.12 -33.22 -6.80
CA GLU A 123 29.18 -33.90 -6.07
C GLU A 123 29.96 -32.96 -5.15
N ILE A 124 30.36 -31.79 -5.65
CA ILE A 124 31.22 -30.90 -4.87
C ILE A 124 30.44 -29.77 -4.22
N ASP A 125 29.15 -29.98 -4.00
CA ASP A 125 28.28 -28.92 -3.46
C ASP A 125 28.63 -28.56 -2.03
N ASN A 126 29.21 -29.47 -1.26
CA ASN A 126 29.59 -29.14 0.11
C ASN A 126 30.84 -28.28 0.18
N TYR A 127 31.75 -28.39 -0.77
CA TYR A 127 33.06 -27.75 -0.67
C TYR A 127 33.15 -26.43 -1.41
N THR A 128 32.05 -25.90 -1.92
CA THR A 128 32.17 -24.83 -2.90
C THR A 128 32.51 -23.47 -2.28
N GLN A 129 31.89 -23.11 -1.16
CA GLN A 129 32.08 -21.79 -0.55
C GLN A 129 33.52 -21.58 -0.11
N HIS A 130 34.10 -22.60 0.52
CA HIS A 130 35.51 -22.60 0.87
C HIS A 130 36.40 -22.34 -0.34
N ILE A 131 36.09 -22.97 -1.48
CA ILE A 131 36.90 -22.78 -2.68
C ILE A 131 36.79 -21.33 -3.16
N TYR A 132 35.62 -20.71 -2.99
CA TYR A 132 35.45 -19.31 -3.35
C TYR A 132 36.41 -18.42 -2.59
N THR A 133 36.61 -18.72 -1.30
CA THR A 133 37.52 -17.94 -0.48
C THR A 133 38.96 -18.10 -0.97
N LEU A 134 39.32 -19.31 -1.42
CA LEU A 134 40.67 -19.51 -1.92
C LEU A 134 40.86 -18.82 -3.27
N LEU A 135 39.77 -18.57 -4.00
CA LEU A 135 39.91 -17.81 -5.23
C LEU A 135 40.00 -16.33 -4.91
N GLU A 136 39.48 -15.93 -3.76
CA GLU A 136 39.40 -14.50 -3.46
C GLU A 136 40.73 -14.00 -2.92
N VAL A 137 41.35 -14.77 -2.04
CA VAL A 137 42.63 -14.36 -1.49
C VAL A 137 43.77 -14.80 -2.39
N SER A 138 44.00 -16.10 -2.47
CA SER A 138 45.29 -16.64 -2.88
C SER A 138 45.56 -16.53 -4.37
N GLN A 139 44.69 -15.88 -5.11
CA GLN A 139 44.93 -15.65 -6.52
C GLN A 139 44.85 -14.17 -6.90
N ILE A 140 44.29 -13.32 -6.04
CA ILE A 140 44.13 -11.91 -6.36
C ILE A 140 44.84 -11.00 -5.37
N GLN A 141 44.65 -11.22 -4.07
CA GLN A 141 45.32 -10.43 -3.06
C GLN A 141 46.83 -10.60 -3.14
N GLN A 142 47.29 -11.81 -3.40
CA GLN A 142 48.71 -12.03 -3.64
C GLN A 142 49.13 -11.67 -5.04
N GLU A 143 48.19 -11.40 -5.95
CA GLU A 143 48.63 -11.03 -7.28
C GLU A 143 48.70 -9.53 -7.47
N LYS A 144 47.78 -8.79 -6.85
CA LYS A 144 47.77 -7.34 -7.05
C LYS A 144 48.93 -6.66 -6.34
N ASN A 145 49.09 -6.93 -5.03
CA ASN A 145 50.14 -6.31 -4.23
C ASN A 145 51.52 -6.58 -4.79
N GLU A 146 51.80 -7.84 -5.13
CA GLU A 146 53.08 -8.20 -5.70
C GLU A 146 53.29 -7.55 -7.06
N GLN A 147 52.21 -7.35 -7.83
CA GLN A 147 52.34 -6.62 -9.09
C GLN A 147 52.81 -5.19 -8.85
N GLU A 148 52.29 -4.58 -7.77
CA GLU A 148 52.74 -3.23 -7.42
C GLU A 148 54.22 -3.23 -7.03
N LEU A 149 54.70 -4.33 -6.43
CA LEU A 149 56.10 -4.40 -6.07
C LEU A 149 56.99 -4.53 -7.30
N LEU A 150 56.43 -4.94 -8.44
CA LEU A 150 57.22 -4.94 -9.66
C LEU A 150 57.18 -3.59 -10.35
N GLU A 151 56.22 -2.73 -10.01
CA GLU A 151 56.07 -1.51 -10.80
C GLU A 151 56.99 -0.40 -10.32
N LEU A 152 57.44 -0.45 -9.05
CA LEU A 152 58.43 0.51 -8.59
C LEU A 152 59.82 0.17 -9.08
N ASP A 153 60.02 -1.04 -9.61
CA ASP A 153 61.21 -1.47 -10.35
C ASP A 153 62.47 -1.42 -9.48
N LEU B 9 30.23 -7.52 5.72
CA LEU B 9 30.80 -6.18 5.71
C LEU B 9 32.29 -6.29 6.05
N GLY B 10 33.05 -6.82 5.08
CA GLY B 10 34.46 -7.08 5.25
C GLY B 10 35.35 -5.87 5.33
N PHE B 11 34.83 -4.70 4.99
CA PHE B 11 35.60 -3.47 5.12
C PHE B 11 35.62 -3.04 6.58
N LEU B 12 36.12 -1.83 6.81
CA LEU B 12 36.03 -1.06 8.06
C LEU B 12 36.77 -1.68 9.23
N GLY B 13 37.37 -2.87 9.09
CA GLY B 13 38.11 -3.46 10.18
C GLY B 13 39.42 -2.77 10.48
N ALA B 14 39.96 -2.04 9.51
CA ALA B 14 41.19 -1.29 9.70
C ALA B 14 40.88 0.20 9.65
N ALA B 15 39.78 0.60 10.26
CA ALA B 15 39.39 2.00 10.23
C ALA B 15 40.23 2.89 11.13
N GLY B 16 40.98 2.30 12.06
CA GLY B 16 41.83 3.08 12.94
C GLY B 16 43.30 2.82 12.69
N SER B 17 43.61 1.78 11.92
CA SER B 17 44.98 1.49 11.57
C SER B 17 45.51 2.54 10.60
N THR B 18 46.83 2.67 10.57
CA THR B 18 47.45 3.60 9.64
C THR B 18 47.34 3.08 8.21
N MET B 19 47.69 3.95 7.26
CA MET B 19 47.42 3.69 5.85
C MET B 19 48.28 2.56 5.31
N GLY B 20 49.47 2.38 5.87
CA GLY B 20 50.33 1.29 5.46
C GLY B 20 50.16 0.00 6.25
N ALA B 21 49.59 0.09 7.45
CA ALA B 21 49.32 -1.11 8.23
C ALA B 21 48.12 -1.88 7.73
N ALA B 22 47.25 -1.24 6.94
CA ALA B 22 46.11 -1.90 6.31
C ALA B 22 46.47 -2.52 4.96
N SER B 23 47.74 -2.80 4.73
CA SER B 23 48.20 -3.37 3.47
C SER B 23 47.78 -4.83 3.33
N GLN B 51 12.73 -12.63 1.02
CA GLN B 51 13.13 -13.93 0.49
C GLN B 51 12.48 -14.11 -0.89
N GLN B 52 11.33 -14.77 -0.92
CA GLN B 52 10.54 -14.96 -2.15
C GLN B 52 9.08 -14.60 -1.86
N HIS B 53 8.79 -13.31 -1.89
CA HIS B 53 7.54 -12.76 -1.41
C HIS B 53 6.94 -11.91 -2.51
N MET B 54 5.63 -12.01 -2.68
CA MET B 54 4.94 -11.21 -3.69
C MET B 54 5.02 -9.75 -3.34
N LEU B 55 5.38 -8.92 -4.32
CA LEU B 55 5.54 -7.49 -4.09
C LEU B 55 4.20 -6.86 -3.79
N GLN B 56 3.99 -6.53 -2.52
CA GLN B 56 2.79 -5.83 -2.09
C GLN B 56 3.18 -4.40 -1.76
N LEU B 57 2.32 -3.46 -2.13
CA LEU B 57 2.64 -2.06 -1.93
C LEU B 57 2.09 -1.58 -0.59
N THR B 58 2.62 -2.17 0.47
CA THR B 58 2.35 -1.79 1.85
C THR B 58 3.58 -1.07 2.40
N VAL B 59 3.53 -0.72 3.69
CA VAL B 59 4.51 0.22 4.24
C VAL B 59 5.86 -0.44 4.47
N TRP B 60 5.93 -1.77 4.53
CA TRP B 60 7.22 -2.42 4.57
C TRP B 60 7.65 -2.95 3.22
N GLY B 61 6.82 -2.85 2.20
CA GLY B 61 7.20 -3.31 0.88
C GLY B 61 7.87 -2.20 0.09
N ILE B 62 7.36 -0.99 0.27
CA ILE B 62 7.91 0.18 -0.40
C ILE B 62 9.34 0.46 0.07
N LYS B 63 9.59 0.28 1.36
CA LYS B 63 10.92 0.51 1.91
C LYS B 63 11.93 -0.51 1.39
N GLN B 64 11.52 -1.76 1.26
CA GLN B 64 12.42 -2.79 0.77
C GLN B 64 12.73 -2.60 -0.70
N LEU B 65 11.75 -2.15 -1.48
CA LEU B 65 12.00 -1.89 -2.90
C LEU B 65 12.92 -0.69 -3.08
N GLN B 66 12.72 0.35 -2.27
CA GLN B 66 13.61 1.51 -2.32
C GLN B 66 15.03 1.15 -1.90
N ALA B 67 15.18 0.26 -0.92
CA ALA B 67 16.50 -0.19 -0.51
C ALA B 67 17.21 -0.98 -1.60
N ARG B 68 16.48 -1.82 -2.34
CA ARG B 68 17.12 -2.59 -3.40
C ARG B 68 17.56 -1.70 -4.56
N VAL B 69 16.75 -0.71 -4.92
CA VAL B 69 17.14 0.19 -6.01
C VAL B 69 18.33 1.07 -5.59
N LEU B 70 18.36 1.52 -4.32
CA LEU B 70 19.51 2.27 -3.83
C LEU B 70 20.79 1.46 -3.87
N ALA B 71 20.72 0.17 -3.50
CA ALA B 71 21.91 -0.67 -3.50
C ALA B 71 22.46 -0.88 -4.90
N VAL B 72 21.58 -1.14 -5.88
CA VAL B 72 22.08 -1.41 -7.22
C VAL B 72 22.64 -0.14 -7.89
N GLU B 73 22.04 1.03 -7.64
CA GLU B 73 22.58 2.26 -8.20
C GLU B 73 23.91 2.64 -7.57
N ARG B 74 24.03 2.48 -6.26
CA ARG B 74 25.24 2.88 -5.58
C ARG B 74 26.40 1.93 -5.89
N TYR B 75 26.11 0.69 -6.27
CA TYR B 75 27.19 -0.15 -6.80
C TYR B 75 27.62 0.30 -8.20
N LEU B 76 26.65 0.57 -9.08
CA LEU B 76 27.01 0.83 -10.47
C LEU B 76 27.70 2.17 -10.69
N ARG B 77 27.51 3.16 -9.82
CA ARG B 77 28.23 4.41 -10.08
C ARG B 77 29.73 4.27 -9.80
N ASP B 78 30.10 3.45 -8.82
CA ASP B 78 31.52 3.21 -8.55
C ASP B 78 32.15 2.34 -9.62
N GLN B 79 31.40 1.35 -10.11
CA GLN B 79 31.95 0.57 -11.23
C GLN B 79 32.07 1.40 -12.50
N GLN B 80 31.15 2.35 -12.71
CA GLN B 80 31.22 3.23 -13.88
C GLN B 80 32.40 4.18 -13.80
N LEU B 81 32.72 4.67 -12.61
CA LEU B 81 33.93 5.48 -12.46
C LEU B 81 35.19 4.67 -12.69
N LEU B 82 35.26 3.46 -12.15
CA LEU B 82 36.46 2.64 -12.37
C LEU B 82 36.62 2.19 -13.81
N GLY B 83 35.53 2.10 -14.58
CA GLY B 83 35.64 1.59 -15.93
C GLY B 83 36.37 2.52 -16.87
N ILE B 84 36.16 3.83 -16.74
CA ILE B 84 36.72 4.78 -17.69
C ILE B 84 38.15 5.17 -17.35
N TRP B 85 38.73 4.63 -16.28
CA TRP B 85 40.11 4.89 -15.91
C TRP B 85 41.01 3.71 -16.25
N GLY B 86 40.51 2.69 -16.93
CA GLY B 86 41.30 1.50 -17.18
C GLY B 86 41.52 0.63 -15.98
N CYS B 87 40.70 0.77 -14.94
CA CYS B 87 40.89 0.04 -13.70
C CYS B 87 39.67 -0.81 -13.43
N SER B 88 39.24 -1.58 -14.42
CA SER B 88 37.87 -2.11 -14.43
C SER B 88 37.68 -3.24 -13.44
N GLY B 89 38.61 -4.18 -13.39
CA GLY B 89 38.43 -5.33 -12.53
C GLY B 89 39.55 -5.53 -11.52
N LYS B 90 40.06 -4.41 -10.99
CA LYS B 90 41.18 -4.46 -10.06
C LYS B 90 40.83 -3.70 -8.80
N ILE B 91 41.61 -3.96 -7.76
CA ILE B 91 41.49 -3.22 -6.50
C ILE B 91 42.70 -2.35 -6.23
N ILE B 92 43.81 -2.55 -6.93
CA ILE B 92 44.98 -1.68 -6.87
C ILE B 92 45.41 -1.42 -8.30
N CYS B 93 45.38 -0.16 -8.71
CA CYS B 93 45.54 0.19 -10.11
C CYS B 93 46.47 1.38 -10.23
N CYS B 94 47.61 1.18 -10.89
CA CYS B 94 48.57 2.25 -11.12
C CYS B 94 48.18 3.03 -12.38
N THR B 95 48.58 4.29 -12.43
CA THR B 95 48.23 5.14 -13.57
C THR B 95 49.45 5.85 -14.15
N ASN B 96 49.21 6.79 -15.06
CA ASN B 96 50.27 7.59 -15.69
C ASN B 96 50.08 9.08 -15.45
N VAL B 97 49.54 9.47 -14.30
CA VAL B 97 49.33 10.86 -13.98
C VAL B 97 50.37 11.27 -12.92
N PRO B 98 51.26 12.21 -13.23
CA PRO B 98 52.24 12.64 -12.22
C PRO B 98 51.56 13.43 -11.11
N TRP B 99 52.13 13.31 -9.91
CA TRP B 99 51.54 13.94 -8.73
C TRP B 99 52.00 15.39 -8.63
N ASN B 100 51.04 16.31 -8.64
CA ASN B 100 51.33 17.73 -8.54
C ASN B 100 51.47 18.11 -7.07
N ASP B 101 52.51 18.90 -6.77
CA ASP B 101 52.80 19.26 -5.38
C ASP B 101 51.88 20.33 -4.83
N SER B 102 51.07 20.98 -5.68
CA SER B 102 50.04 21.87 -5.17
C SER B 102 48.93 21.12 -4.47
N TRP B 103 48.78 19.82 -4.76
CA TRP B 103 47.78 19.00 -4.10
C TRP B 103 48.21 18.68 -2.68
N SER B 104 49.46 18.26 -2.51
CA SER B 104 50.07 18.06 -1.22
C SER B 104 51.58 18.10 -1.39
N ASN B 105 52.27 18.53 -0.33
CA ASN B 105 53.72 18.68 -0.32
C ASN B 105 54.42 17.60 0.49
N LYS B 106 53.68 16.63 1.03
CA LYS B 106 54.25 15.70 1.97
C LYS B 106 55.07 14.62 1.27
N THR B 107 55.63 13.72 2.07
CA THR B 107 56.50 12.67 1.59
C THR B 107 55.71 11.35 1.60
N ILE B 108 56.15 10.40 0.79
CA ILE B 108 55.48 9.11 0.66
C ILE B 108 55.47 8.36 1.99
N ASN B 109 56.64 8.18 2.59
CA ASN B 109 56.67 7.50 3.88
C ASN B 109 56.16 8.37 5.03
N GLU B 110 55.88 9.65 4.78
CA GLU B 110 55.23 10.49 5.77
C GLU B 110 53.73 10.24 5.83
N ILE B 111 53.10 9.92 4.69
CA ILE B 111 51.66 9.70 4.65
C ILE B 111 51.26 8.23 4.71
N TRP B 112 52.15 7.33 4.34
CA TRP B 112 51.85 5.90 4.40
C TRP B 112 52.13 5.30 5.76
N ASP B 113 52.56 6.10 6.73
CA ASP B 113 52.94 5.57 8.03
C ASP B 113 52.28 6.30 9.20
N ASN B 114 51.45 7.31 8.95
CA ASN B 114 50.90 8.10 10.03
C ASN B 114 49.44 8.47 9.91
N MET B 115 48.78 8.33 8.76
CA MET B 115 47.72 9.28 8.49
C MET B 115 46.29 8.73 8.51
N THR B 116 46.06 7.41 8.38
CA THR B 116 44.76 6.80 8.72
C THR B 116 43.57 7.30 7.90
N TRP B 117 43.30 6.69 6.74
CA TRP B 117 42.55 7.18 5.57
C TRP B 117 41.48 8.25 5.72
N MET B 118 40.76 8.29 6.86
CA MET B 118 39.82 9.38 7.10
C MET B 118 40.48 10.75 7.05
N GLN B 119 41.68 10.86 7.63
CA GLN B 119 42.36 12.16 7.68
C GLN B 119 42.90 12.55 6.31
N TRP B 120 43.45 11.57 5.59
CA TRP B 120 43.92 11.83 4.23
C TRP B 120 42.78 12.18 3.29
N GLU B 121 41.61 11.61 3.52
CA GLU B 121 40.46 12.00 2.71
C GLU B 121 39.98 13.40 3.07
N LYS B 122 40.08 13.79 4.34
CA LYS B 122 39.74 15.17 4.68
C LYS B 122 40.79 16.16 4.18
N GLU B 123 42.01 15.71 3.89
CA GLU B 123 43.03 16.67 3.48
C GLU B 123 42.89 17.06 2.00
N ILE B 124 42.71 16.10 1.11
CA ILE B 124 42.71 16.40 -0.33
C ILE B 124 41.29 16.49 -0.89
N ASP B 125 40.32 16.79 -0.03
CA ASP B 125 38.92 16.80 -0.44
C ASP B 125 38.62 17.92 -1.44
N ASN B 126 39.38 19.01 -1.41
CA ASN B 126 39.14 20.09 -2.36
C ASN B 126 39.65 19.78 -3.75
N TYR B 127 40.68 18.96 -3.89
CA TYR B 127 41.35 18.77 -5.17
C TYR B 127 40.89 17.52 -5.91
N THR B 128 39.86 16.82 -5.44
CA THR B 128 39.64 15.48 -5.93
C THR B 128 39.00 15.43 -7.31
N GLN B 129 38.01 16.29 -7.60
CA GLN B 129 37.29 16.24 -8.86
C GLN B 129 38.19 16.54 -10.05
N HIS B 130 39.06 17.54 -9.90
CA HIS B 130 40.09 17.86 -10.87
C HIS B 130 40.97 16.66 -11.17
N ILE B 131 41.37 15.91 -10.13
CA ILE B 131 42.22 14.74 -10.32
C ILE B 131 41.48 13.68 -11.12
N TYR B 132 40.16 13.55 -10.91
CA TYR B 132 39.36 12.60 -11.68
C TYR B 132 39.44 12.90 -13.17
N THR B 133 39.43 14.19 -13.53
CA THR B 133 39.51 14.56 -14.93
C THR B 133 40.86 14.20 -15.51
N LEU B 134 41.92 14.33 -14.71
CA LEU B 134 43.25 13.95 -15.20
C LEU B 134 43.37 12.44 -15.33
N LEU B 135 42.57 11.69 -14.59
CA LEU B 135 42.58 10.25 -14.78
C LEU B 135 41.77 9.87 -16.00
N GLU B 136 40.83 10.73 -16.38
CA GLU B 136 39.92 10.37 -17.46
C GLU B 136 40.55 10.62 -18.81
N VAL B 137 41.24 11.75 -18.96
CA VAL B 137 41.89 12.06 -20.22
C VAL B 137 43.27 11.43 -20.28
N SER B 138 44.19 11.93 -19.45
CA SER B 138 45.61 11.81 -19.71
C SER B 138 46.16 10.41 -19.42
N GLN B 139 45.31 9.45 -19.10
CA GLN B 139 45.75 8.10 -18.91
C GLN B 139 44.97 7.11 -19.77
N ILE B 140 43.83 7.50 -20.34
CA ILE B 140 43.03 6.60 -21.13
C ILE B 140 42.84 7.08 -22.57
N GLN B 141 42.46 8.35 -22.75
CA GLN B 141 42.30 8.89 -24.09
C GLN B 141 43.62 8.90 -24.85
N GLN B 142 44.71 9.19 -24.16
CA GLN B 142 46.01 9.07 -24.80
C GLN B 142 46.53 7.64 -24.81
N GLU B 143 45.88 6.72 -24.11
CA GLU B 143 46.38 5.35 -24.16
C GLU B 143 45.67 4.52 -25.21
N LYS B 144 44.36 4.75 -25.41
CA LYS B 144 43.62 3.93 -26.35
C LYS B 144 43.99 4.27 -27.79
N ASN B 145 43.91 5.55 -28.16
CA ASN B 145 44.19 6.00 -29.53
C ASN B 145 45.60 5.61 -29.96
N GLU B 146 46.59 5.87 -29.11
CA GLU B 146 47.97 5.50 -29.43
C GLU B 146 48.14 3.98 -29.54
N GLN B 147 47.37 3.21 -28.76
CA GLN B 147 47.40 1.76 -28.90
C GLN B 147 46.93 1.35 -30.29
N GLU B 148 45.91 2.03 -30.80
CA GLU B 148 45.44 1.76 -32.16
C GLU B 148 46.51 2.10 -33.19
N LEU B 149 47.33 3.12 -32.91
CA LEU B 149 48.39 3.46 -33.84
C LEU B 149 49.50 2.42 -33.85
N LEU B 150 49.58 1.59 -32.81
CA LEU B 150 50.52 0.49 -32.87
C LEU B 150 49.94 -0.73 -33.55
N GLU B 151 48.62 -0.81 -33.69
CA GLU B 151 48.06 -2.05 -34.20
C GLU B 151 48.04 -2.11 -35.72
N LEU B 152 48.09 -0.96 -36.40
CA LEU B 152 48.23 -0.97 -37.85
C LEU B 152 49.66 -1.27 -38.28
N ASP B 153 50.61 -1.21 -37.35
CA ASP B 153 51.99 -1.70 -37.49
C ASP B 153 52.74 -0.95 -38.60
N LEU C 9 26.37 15.61 -20.10
CA LEU C 9 26.09 15.02 -21.39
C LEU C 9 27.23 15.38 -22.34
N GLY C 10 28.37 14.72 -22.10
CA GLY C 10 29.60 14.99 -22.82
C GLY C 10 29.62 14.53 -24.26
N PHE C 11 28.64 13.72 -24.66
CA PHE C 11 28.55 13.30 -26.04
C PHE C 11 27.94 14.42 -26.88
N LEU C 12 27.62 14.10 -28.13
CA LEU C 12 26.79 14.88 -29.04
C LEU C 12 27.42 16.22 -29.46
N GLY C 13 28.58 16.60 -28.94
CA GLY C 13 29.19 17.85 -29.34
C GLY C 13 29.78 17.81 -30.74
N ALA C 14 30.05 16.61 -31.24
CA ALA C 14 30.56 16.46 -32.60
C ALA C 14 29.53 15.77 -33.45
N ALA C 15 28.26 16.14 -33.28
CA ALA C 15 27.19 15.49 -34.03
C ALA C 15 27.14 15.93 -35.49
N GLY C 16 27.80 17.02 -35.85
CA GLY C 16 27.82 17.46 -37.22
C GLY C 16 29.18 17.34 -37.85
N SER C 17 30.21 17.11 -37.04
CA SER C 17 31.56 16.92 -37.54
C SER C 17 31.65 15.59 -38.27
N THR C 18 32.64 15.50 -39.16
CA THR C 18 32.86 14.26 -39.88
C THR C 18 33.43 13.20 -38.94
N MET C 19 33.49 11.96 -39.46
CA MET C 19 33.79 10.82 -38.61
C MET C 19 35.23 10.82 -38.15
N GLY C 20 36.13 11.40 -38.93
CA GLY C 20 37.52 11.51 -38.53
C GLY C 20 37.88 12.77 -37.80
N ALA C 21 37.07 13.81 -37.92
CA ALA C 21 37.31 15.04 -37.18
C ALA C 21 36.91 14.93 -35.71
N ALA C 22 36.08 13.94 -35.37
CA ALA C 22 35.70 13.67 -33.99
C ALA C 22 36.67 12.72 -33.31
N SER C 23 37.90 12.62 -33.79
CA SER C 23 38.92 11.75 -33.23
C SER C 23 39.42 12.25 -31.89
N GLN C 51 16.55 13.66 -4.16
CA GLN C 51 17.71 13.75 -3.28
C GLN C 51 17.67 12.57 -2.28
N GLN C 52 17.12 12.83 -1.09
CA GLN C 52 16.93 11.82 -0.07
C GLN C 52 15.50 11.93 0.47
N HIS C 53 14.57 11.34 -0.26
CA HIS C 53 13.14 11.53 -0.05
C HIS C 53 12.49 10.18 0.09
N MET C 54 11.55 10.06 1.02
CA MET C 54 10.84 8.81 1.23
C MET C 54 10.00 8.49 0.01
N LEU C 55 10.09 7.25 -0.46
CA LEU C 55 9.38 6.82 -1.66
C LEU C 55 7.88 6.83 -1.39
N GLN C 56 7.20 7.83 -1.94
CA GLN C 56 5.76 7.91 -1.86
C GLN C 56 5.19 7.58 -3.22
N LEU C 57 4.10 6.84 -3.24
CA LEU C 57 3.51 6.40 -4.50
C LEU C 57 2.46 7.41 -4.97
N THR C 58 2.93 8.62 -5.25
CA THR C 58 2.15 9.69 -5.84
C THR C 58 2.56 9.87 -7.29
N VAL C 59 2.00 10.88 -7.96
CA VAL C 59 2.12 10.95 -9.40
C VAL C 59 3.49 11.46 -9.84
N TRP C 60 4.26 12.09 -8.96
CA TRP C 60 5.63 12.41 -9.30
C TRP C 60 6.62 11.42 -8.72
N GLY C 61 6.18 10.46 -7.92
CA GLY C 61 7.07 9.47 -7.38
C GLY C 61 7.21 8.27 -8.29
N ILE C 62 6.09 7.90 -8.92
CA ILE C 62 6.06 6.79 -9.86
C ILE C 62 6.92 7.09 -11.07
N LYS C 63 6.88 8.34 -11.55
CA LYS C 63 7.66 8.73 -12.72
C LYS C 63 9.15 8.71 -12.43
N GLN C 64 9.55 9.13 -11.24
CA GLN C 64 10.96 9.14 -10.89
C GLN C 64 11.49 7.72 -10.71
N LEU C 65 10.67 6.83 -10.15
CA LEU C 65 11.10 5.44 -10.00
C LEU C 65 11.22 4.76 -11.35
N GLN C 66 10.27 5.03 -12.26
CA GLN C 66 10.36 4.48 -13.61
C GLN C 66 11.57 5.00 -14.36
N ALA C 67 11.91 6.29 -14.16
CA ALA C 67 13.11 6.84 -14.78
C ALA C 67 14.38 6.20 -14.28
N ARG C 68 14.45 5.91 -12.98
CA ARG C 68 15.67 5.29 -12.45
C ARG C 68 15.85 3.85 -12.95
N VAL C 69 14.75 3.10 -13.04
CA VAL C 69 14.85 1.73 -13.54
C VAL C 69 15.19 1.71 -15.04
N LEU C 70 14.65 2.66 -15.81
CA LEU C 70 15.01 2.77 -17.23
C LEU C 70 16.48 3.09 -17.41
N ALA C 71 17.04 3.99 -16.59
CA ALA C 71 18.44 4.36 -16.71
C ALA C 71 19.36 3.18 -16.41
N VAL C 72 19.06 2.41 -15.35
CA VAL C 72 19.97 1.32 -14.99
C VAL C 72 19.90 0.17 -16.01
N GLU C 73 18.71 -0.11 -16.56
CA GLU C 73 18.61 -1.16 -17.58
C GLU C 73 19.28 -0.76 -18.88
N ARG C 74 19.11 0.50 -19.28
CA ARG C 74 19.69 0.92 -20.54
C ARG C 74 21.20 1.06 -20.47
N TYR C 75 21.76 1.26 -19.27
CA TYR C 75 23.21 1.14 -19.15
C TYR C 75 23.67 -0.31 -19.25
N LEU C 76 22.99 -1.22 -18.54
CA LEU C 76 23.50 -2.58 -18.47
C LEU C 76 23.37 -3.36 -19.77
N ARG C 77 22.44 -3.02 -20.66
CA ARG C 77 22.40 -3.81 -21.90
C ARG C 77 23.59 -3.49 -22.81
N ASP C 78 24.08 -2.25 -22.79
CA ASP C 78 25.25 -1.91 -23.58
C ASP C 78 26.52 -2.50 -22.97
N GLN C 79 26.61 -2.50 -21.63
CA GLN C 79 27.77 -3.17 -21.04
C GLN C 79 27.73 -4.68 -21.26
N GLN C 80 26.53 -5.27 -21.30
CA GLN C 80 26.42 -6.71 -21.55
C GLN C 80 26.81 -7.05 -22.99
N LEU C 81 26.48 -6.19 -23.95
CA LEU C 81 26.96 -6.42 -25.32
C LEU C 81 28.46 -6.28 -25.43
N LEU C 82 29.05 -5.26 -24.80
CA LEU C 82 30.50 -5.11 -24.86
C LEU C 82 31.26 -6.20 -24.14
N GLY C 83 30.64 -6.85 -23.15
CA GLY C 83 31.37 -7.85 -22.38
C GLY C 83 31.69 -9.11 -23.16
N ILE C 84 30.76 -9.56 -24.01
CA ILE C 84 30.94 -10.83 -24.71
C ILE C 84 31.76 -10.70 -25.98
N TRP C 85 32.24 -9.50 -26.30
CA TRP C 85 33.09 -9.29 -27.46
C TRP C 85 34.54 -9.08 -27.07
N GLY C 86 34.89 -9.24 -25.80
CA GLY C 86 36.23 -8.95 -25.34
C GLY C 86 36.57 -7.49 -25.26
N CYS C 87 35.57 -6.61 -25.23
CA CYS C 87 35.79 -5.18 -25.26
C CYS C 87 35.21 -4.55 -23.99
N SER C 88 35.56 -5.12 -22.83
CA SER C 88 34.77 -4.90 -21.63
C SER C 88 34.98 -3.50 -21.05
N GLY C 89 36.23 -3.05 -20.95
CA GLY C 89 36.48 -1.77 -20.33
C GLY C 89 37.20 -0.79 -21.22
N LYS C 90 36.87 -0.80 -22.50
CA LYS C 90 37.54 0.05 -23.48
C LYS C 90 36.50 0.87 -24.25
N ILE C 91 36.98 1.92 -24.90
CA ILE C 91 36.16 2.72 -25.78
C ILE C 91 36.56 2.59 -27.24
N ILE C 92 37.74 2.04 -27.53
CA ILE C 92 38.17 1.71 -28.88
C ILE C 92 38.74 0.30 -28.84
N CYS C 93 38.14 -0.61 -29.58
CA CYS C 93 38.44 -2.03 -29.43
C CYS C 93 38.56 -2.66 -30.81
N CYS C 94 39.74 -3.15 -31.14
CA CYS C 94 39.96 -3.84 -32.41
C CYS C 94 39.58 -5.30 -32.29
N THR C 95 39.21 -5.91 -33.42
CA THR C 95 38.77 -7.31 -33.40
C THR C 95 39.50 -8.13 -34.46
N ASN C 96 39.04 -9.37 -34.67
CA ASN C 96 39.60 -10.28 -35.66
C ASN C 96 38.57 -10.72 -36.69
N VAL C 97 37.62 -9.86 -37.04
CA VAL C 97 36.60 -10.17 -38.01
C VAL C 97 36.92 -9.39 -39.31
N PRO C 98 37.19 -10.08 -40.41
CA PRO C 98 37.46 -9.35 -41.66
C PRO C 98 36.21 -8.70 -42.20
N TRP C 99 36.39 -7.58 -42.88
CA TRP C 99 35.27 -6.79 -43.38
C TRP C 99 34.82 -7.34 -44.72
N ASN C 100 33.55 -7.74 -44.79
CA ASN C 100 32.98 -8.27 -46.01
C ASN C 100 32.49 -7.12 -46.89
N ASP C 101 32.80 -7.19 -48.17
CA ASP C 101 32.47 -6.10 -49.09
C ASP C 101 31.01 -6.07 -49.49
N SER C 102 30.23 -7.11 -49.16
CA SER C 102 28.79 -7.05 -49.35
C SER C 102 28.13 -6.08 -48.38
N TRP C 103 28.81 -5.78 -47.27
CA TRP C 103 28.29 -4.82 -46.30
C TRP C 103 28.43 -3.41 -46.82
N SER C 104 29.62 -3.08 -47.34
CA SER C 104 29.87 -1.82 -48.02
C SER C 104 31.08 -2.00 -48.92
N ASN C 105 31.11 -1.23 -50.00
CA ASN C 105 32.18 -1.30 -50.99
C ASN C 105 33.11 -0.09 -50.93
N LYS C 106 32.91 0.81 -49.99
CA LYS C 106 33.62 2.07 -49.99
C LYS C 106 35.05 1.90 -49.48
N THR C 107 35.78 3.01 -49.46
CA THR C 107 37.18 3.04 -49.06
C THR C 107 37.27 3.62 -47.66
N ILE C 108 38.37 3.32 -46.96
CA ILE C 108 38.56 3.76 -45.58
C ILE C 108 38.62 5.28 -45.50
N ASN C 109 39.49 5.91 -46.30
CA ASN C 109 39.54 7.36 -46.29
C ASN C 109 38.36 8.01 -46.99
N GLU C 110 37.49 7.23 -47.65
CA GLU C 110 36.26 7.76 -48.19
C GLU C 110 35.19 7.92 -47.12
N ILE C 111 35.17 7.04 -46.12
CA ILE C 111 34.15 7.10 -45.07
C ILE C 111 34.64 7.78 -43.79
N TRP C 112 35.94 7.85 -43.57
CA TRP C 112 36.46 8.53 -42.39
C TRP C 112 36.67 10.02 -42.60
N ASP C 113 36.30 10.54 -43.77
CA ASP C 113 36.55 11.94 -44.08
C ASP C 113 35.32 12.67 -44.60
N ASN C 114 34.18 12.00 -44.73
CA ASN C 114 33.02 12.65 -45.33
C ASN C 114 31.68 12.38 -44.65
N MET C 115 31.55 11.41 -43.75
CA MET C 115 30.27 10.74 -43.69
C MET C 115 29.42 11.00 -42.44
N THR C 116 29.99 11.46 -41.31
CA THR C 116 29.22 12.04 -40.20
C THR C 116 28.20 11.09 -39.56
N TRP C 117 28.64 10.31 -38.54
CA TRP C 117 28.09 9.05 -38.03
C TRP C 117 26.61 8.72 -38.19
N MET C 118 25.72 9.72 -38.18
CA MET C 118 24.30 9.47 -38.46
C MET C 118 24.09 8.83 -39.84
N GLN C 119 24.82 9.29 -40.84
CA GLN C 119 24.63 8.77 -42.19
C GLN C 119 25.22 7.37 -42.33
N TRP C 120 26.39 7.14 -41.71
CA TRP C 120 26.97 5.81 -41.71
C TRP C 120 26.12 4.82 -40.95
N GLU C 121 25.44 5.27 -39.91
CA GLU C 121 24.53 4.37 -39.20
C GLU C 121 23.29 4.09 -40.03
N LYS C 122 22.81 5.06 -40.81
CA LYS C 122 21.71 4.76 -41.70
C LYS C 122 22.12 3.89 -42.88
N GLU C 123 23.41 3.81 -43.20
CA GLU C 123 23.82 3.03 -44.35
C GLU C 123 23.87 1.53 -44.05
N ILE C 124 24.49 1.14 -42.94
CA ILE C 124 24.71 -0.28 -42.66
C ILE C 124 23.69 -0.82 -41.66
N ASP C 125 22.52 -0.18 -41.58
CA ASP C 125 21.52 -0.56 -40.59
C ASP C 125 20.92 -1.94 -40.86
N ASN C 126 20.92 -2.39 -42.12
CA ASN C 126 20.39 -3.71 -42.41
C ASN C 126 21.33 -4.83 -42.00
N TYR C 127 22.63 -4.59 -42.00
CA TYR C 127 23.60 -5.66 -41.83
C TYR C 127 24.13 -5.78 -40.41
N THR C 128 23.57 -5.06 -39.45
CA THR C 128 24.26 -4.91 -38.18
C THR C 128 24.15 -6.14 -37.29
N GLN C 129 22.96 -6.76 -37.19
CA GLN C 129 22.75 -7.88 -36.27
C GLN C 129 23.62 -9.08 -36.63
N HIS C 130 23.71 -9.39 -37.93
CA HIS C 130 24.62 -10.40 -38.44
C HIS C 130 26.05 -10.14 -38.02
N ILE C 131 26.50 -8.89 -38.09
CA ILE C 131 27.87 -8.56 -37.71
C ILE C 131 28.08 -8.80 -36.23
N TYR C 132 27.04 -8.56 -35.41
CA TYR C 132 27.14 -8.83 -33.97
C TYR C 132 27.42 -10.31 -33.72
N THR C 133 26.81 -11.19 -34.50
CA THR C 133 27.03 -12.61 -34.33
C THR C 133 28.47 -12.99 -34.70
N LEU C 134 29.02 -12.33 -35.71
CA LEU C 134 30.40 -12.61 -36.08
C LEU C 134 31.38 -12.06 -35.04
N LEU C 135 30.95 -11.06 -34.27
CA LEU C 135 31.81 -10.60 -33.19
C LEU C 135 31.69 -11.54 -32.00
N GLU C 136 30.58 -12.26 -31.89
CA GLU C 136 30.34 -13.06 -30.71
C GLU C 136 31.06 -14.39 -30.81
N VAL C 137 31.02 -15.01 -31.99
CA VAL C 137 31.70 -16.29 -32.17
C VAL C 137 33.15 -16.07 -32.54
N SER C 138 33.39 -15.55 -33.75
CA SER C 138 34.66 -15.73 -34.43
C SER C 138 35.78 -14.87 -33.87
N GLN C 139 35.54 -14.15 -32.79
CA GLN C 139 36.59 -13.39 -32.15
C GLN C 139 36.75 -13.73 -30.68
N ILE C 140 35.78 -14.42 -30.06
CA ILE C 140 35.84 -14.73 -28.65
C ILE C 140 35.81 -16.22 -28.38
N GLN C 141 34.86 -16.95 -28.99
CA GLN C 141 34.79 -18.39 -28.81
C GLN C 141 36.03 -19.08 -29.35
N GLN C 142 36.56 -18.60 -30.48
CA GLN C 142 37.82 -19.11 -30.97
C GLN C 142 39.02 -18.50 -30.26
N GLU C 143 38.83 -17.46 -29.45
CA GLU C 143 39.99 -16.92 -28.76
C GLU C 143 40.15 -17.50 -27.37
N LYS C 144 39.05 -17.78 -26.67
CA LYS C 144 39.15 -18.27 -25.30
C LYS C 144 39.65 -19.71 -25.27
N ASN C 145 38.98 -20.61 -26.01
CA ASN C 145 39.32 -22.03 -26.02
C ASN C 145 40.76 -22.26 -26.46
N GLU C 146 41.18 -21.61 -27.53
CA GLU C 146 42.56 -21.72 -28.00
C GLU C 146 43.54 -21.17 -26.99
N GLN C 147 43.16 -20.13 -26.24
CA GLN C 147 44.02 -19.62 -25.18
C GLN C 147 44.25 -20.69 -24.12
N GLU C 148 43.19 -21.45 -23.80
CA GLU C 148 43.33 -22.55 -22.85
C GLU C 148 44.26 -23.63 -23.39
N LEU C 149 44.28 -23.82 -24.72
CA LEU C 149 45.18 -24.82 -25.29
C LEU C 149 46.63 -24.37 -25.21
N LEU C 150 46.87 -23.07 -25.03
CA LEU C 150 48.24 -22.64 -24.80
C LEU C 150 48.63 -22.73 -23.34
N GLU C 151 47.67 -22.82 -22.43
CA GLU C 151 48.03 -22.74 -21.03
C GLU C 151 48.46 -24.07 -20.45
N LEU C 152 48.05 -25.18 -21.06
CA LEU C 152 48.55 -26.48 -20.64
C LEU C 152 49.96 -26.75 -21.14
N ASP C 153 50.44 -25.93 -22.09
CA ASP C 153 51.83 -25.87 -22.54
C ASP C 153 52.31 -27.18 -23.14
N ALA D 37 48.99 -34.61 -14.77
CA ALA D 37 49.16 -34.32 -13.36
C ALA D 37 48.99 -32.83 -13.10
N LYS D 38 49.04 -32.45 -11.82
CA LYS D 38 48.97 -31.06 -11.36
C LYS D 38 47.68 -30.38 -11.82
N LYS D 39 46.59 -30.83 -11.22
CA LYS D 39 45.30 -30.19 -11.43
C LYS D 39 45.30 -28.77 -10.87
N TRP D 40 44.43 -27.93 -11.43
CA TRP D 40 44.23 -26.58 -10.96
C TRP D 40 42.75 -26.21 -11.09
N VAL D 41 42.30 -25.33 -10.21
CA VAL D 41 40.91 -24.88 -10.20
C VAL D 41 40.67 -23.99 -11.41
N THR D 42 39.52 -24.17 -12.06
CA THR D 42 39.20 -23.40 -13.26
C THR D 42 37.72 -23.06 -13.26
N VAL D 43 37.42 -21.80 -13.54
CA VAL D 43 36.08 -21.22 -13.35
C VAL D 43 35.44 -21.01 -14.70
N TYR D 44 34.23 -21.53 -14.88
CA TYR D 44 33.48 -21.38 -16.11
C TYR D 44 32.19 -20.62 -15.87
N TYR D 45 31.76 -19.88 -16.89
CA TYR D 45 30.53 -19.11 -16.84
C TYR D 45 29.69 -19.47 -18.06
N GLY D 46 28.42 -19.83 -17.83
CA GLY D 46 27.59 -20.27 -18.92
C GLY D 46 27.39 -21.77 -18.93
N VAL D 47 27.10 -22.32 -17.77
CA VAL D 47 27.10 -23.76 -17.53
C VAL D 47 25.65 -24.21 -17.37
N PRO D 48 25.21 -25.27 -18.06
CA PRO D 48 23.81 -25.73 -17.98
C PRO D 48 23.44 -26.47 -16.69
N VAL D 49 23.15 -25.71 -15.64
CA VAL D 49 22.73 -26.23 -14.34
C VAL D 49 21.49 -25.48 -13.92
N TRP D 50 20.46 -26.20 -13.48
CA TRP D 50 19.27 -25.59 -12.92
C TRP D 50 18.94 -26.20 -11.57
N LYS D 51 18.12 -25.49 -10.81
CA LYS D 51 17.57 -25.98 -9.56
C LYS D 51 16.09 -25.61 -9.50
N GLU D 52 15.38 -26.11 -8.51
CA GLU D 52 13.98 -25.75 -8.38
C GLU D 52 13.82 -24.44 -7.63
N ALA D 53 12.78 -23.69 -7.97
CA ALA D 53 12.58 -22.38 -7.38
C ALA D 53 11.12 -21.97 -7.50
N THR D 54 10.83 -20.75 -7.04
CA THR D 54 9.50 -20.15 -7.03
C THR D 54 9.68 -18.67 -7.27
N THR D 55 8.93 -18.09 -8.19
CA THR D 55 9.14 -16.70 -8.56
C THR D 55 7.83 -16.07 -9.00
N THR D 56 7.93 -14.86 -9.55
CA THR D 56 6.79 -14.08 -10.02
C THR D 56 6.71 -14.17 -11.53
N LEU D 57 5.57 -14.62 -12.03
CA LEU D 57 5.34 -14.78 -13.46
C LEU D 57 4.43 -13.66 -13.94
N PHE D 58 4.65 -13.18 -15.16
CA PHE D 58 3.92 -12.04 -15.69
C PHE D 58 3.22 -12.37 -17.00
N CYS D 59 2.13 -11.66 -17.28
CA CYS D 59 1.31 -11.92 -18.47
C CYS D 59 2.02 -11.53 -19.74
N ALA D 60 1.60 -12.14 -20.84
CA ALA D 60 2.08 -11.78 -22.17
C ALA D 60 1.02 -12.17 -23.19
N SER D 61 0.20 -11.22 -23.60
CA SER D 61 -0.77 -11.48 -24.66
C SER D 61 -0.17 -11.08 -26.01
N ASP D 62 -1.03 -10.99 -27.03
CA ASP D 62 -0.58 -10.56 -28.34
C ASP D 62 -1.57 -9.59 -29.01
N ALA D 63 -1.10 -9.00 -30.11
CA ALA D 63 -1.80 -7.90 -30.78
C ALA D 63 -2.77 -8.38 -31.86
N LYS D 64 -3.31 -9.59 -31.76
CA LYS D 64 -4.55 -9.89 -32.49
C LYS D 64 -5.74 -9.21 -31.83
N ALA D 65 -5.63 -8.90 -30.53
CA ALA D 65 -6.44 -7.90 -29.86
C ALA D 65 -5.75 -6.56 -29.98
N TYR D 66 -6.13 -5.61 -29.13
CA TYR D 66 -5.41 -4.34 -28.93
C TYR D 66 -5.48 -3.46 -30.19
N ASP D 67 -6.71 -3.25 -30.64
CA ASP D 67 -7.06 -2.18 -31.57
C ASP D 67 -8.02 -1.18 -30.96
N THR D 68 -8.97 -1.66 -30.16
CA THR D 68 -9.80 -0.80 -29.34
C THR D 68 -9.09 -0.55 -28.02
N GLU D 69 -9.00 0.72 -27.61
CA GLU D 69 -8.47 1.06 -26.29
C GLU D 69 -9.61 0.87 -25.30
N VAL D 70 -9.88 -0.40 -24.98
CA VAL D 70 -10.93 -0.75 -24.04
C VAL D 70 -10.32 -1.60 -22.94
N HIS D 71 -11.04 -1.68 -21.85
CA HIS D 71 -10.62 -2.43 -20.66
C HIS D 71 -11.63 -3.55 -20.50
N ASN D 72 -11.22 -4.80 -20.71
CA ASN D 72 -12.26 -5.82 -20.54
C ASN D 72 -12.40 -6.28 -19.09
N VAL D 73 -11.69 -7.30 -18.62
CA VAL D 73 -11.57 -7.50 -17.18
C VAL D 73 -10.21 -8.13 -16.91
N TRP D 74 -9.67 -8.79 -17.92
CA TRP D 74 -8.35 -9.38 -17.85
C TRP D 74 -7.47 -8.45 -18.67
N ALA D 75 -6.78 -7.56 -17.95
CA ALA D 75 -6.46 -6.19 -18.34
C ALA D 75 -6.05 -5.99 -19.79
N THR D 76 -4.99 -6.67 -20.22
CA THR D 76 -4.40 -6.73 -21.57
C THR D 76 -3.84 -5.37 -22.02
N HIS D 77 -3.94 -4.33 -21.21
CA HIS D 77 -3.14 -3.14 -21.44
C HIS D 77 -1.69 -3.41 -21.10
N ALA D 78 -1.46 -3.99 -19.93
CA ALA D 78 -0.12 -4.19 -19.40
C ALA D 78 0.48 -5.53 -19.78
N CYS D 79 -0.19 -6.28 -20.64
CA CYS D 79 0.38 -7.53 -21.11
C CYS D 79 1.34 -7.24 -22.26
N VAL D 80 2.61 -7.59 -22.07
CA VAL D 80 3.70 -7.49 -23.02
C VAL D 80 3.34 -8.23 -24.30
N PRO D 81 3.60 -7.68 -25.48
CA PRO D 81 3.29 -8.43 -26.72
C PRO D 81 4.23 -9.62 -26.85
N THR D 82 3.65 -10.77 -27.19
CA THR D 82 4.39 -12.02 -27.14
C THR D 82 5.36 -12.11 -28.31
N ASP D 83 6.26 -13.03 -28.19
CA ASP D 83 7.29 -13.22 -29.20
C ASP D 83 6.76 -14.10 -30.33
N PRO D 84 6.93 -13.70 -31.60
CA PRO D 84 6.36 -14.48 -32.70
C PRO D 84 7.12 -15.74 -33.06
N ASN D 85 8.19 -16.06 -32.32
CA ASN D 85 8.99 -17.26 -32.57
C ASN D 85 9.22 -17.96 -31.24
N PRO D 86 8.23 -18.73 -30.75
CA PRO D 86 8.39 -19.37 -29.44
C PRO D 86 9.40 -20.50 -29.48
N GLN D 87 10.57 -20.25 -28.90
CA GLN D 87 11.68 -21.18 -29.05
C GLN D 87 11.57 -22.31 -28.04
N GLU D 88 11.83 -23.53 -28.51
CA GLU D 88 11.80 -24.72 -27.66
C GLU D 88 13.12 -25.44 -27.85
N ILE D 89 14.02 -25.30 -26.89
CA ILE D 89 15.25 -26.08 -26.88
C ILE D 89 14.89 -27.47 -26.40
N VAL D 90 14.94 -28.45 -27.29
CA VAL D 90 14.66 -29.82 -26.91
C VAL D 90 15.88 -30.37 -26.20
N LEU D 91 15.71 -30.78 -24.95
CA LEU D 91 16.83 -31.26 -24.17
C LEU D 91 17.25 -32.65 -24.63
N GLY D 92 18.36 -33.11 -24.07
CA GLY D 92 18.95 -34.36 -24.52
C GLY D 92 18.42 -35.53 -23.73
N ASN D 93 19.26 -36.06 -22.84
CA ASN D 93 18.94 -37.25 -22.07
C ASN D 93 18.48 -36.93 -20.65
N VAL D 94 17.69 -35.87 -20.49
CA VAL D 94 17.30 -35.39 -19.16
C VAL D 94 16.09 -36.16 -18.68
N THR D 95 16.05 -36.45 -17.36
CA THR D 95 15.03 -37.29 -16.74
C THR D 95 14.41 -36.58 -15.54
N GLU D 96 13.90 -35.37 -15.78
CA GLU D 96 13.34 -34.53 -14.72
C GLU D 96 12.02 -35.10 -14.19
N ASN D 97 11.78 -34.88 -12.90
CA ASN D 97 10.60 -35.33 -12.18
C ASN D 97 9.59 -34.20 -12.03
N PHE D 98 8.30 -34.53 -12.11
CA PHE D 98 7.21 -33.56 -12.09
C PHE D 98 6.20 -33.90 -11.00
N ASN D 99 5.39 -32.91 -10.64
CA ASN D 99 4.14 -33.10 -9.90
C ASN D 99 3.04 -32.35 -10.62
N MET D 100 1.81 -32.83 -10.44
CA MET D 100 0.65 -32.25 -11.09
C MET D 100 -0.19 -31.42 -10.14
N TRP D 101 -0.04 -31.64 -8.83
CA TRP D 101 -0.84 -30.93 -7.83
C TRP D 101 0.00 -30.38 -6.69
N LYS D 102 1.33 -30.50 -6.74
CA LYS D 102 2.21 -29.78 -5.83
C LYS D 102 2.85 -28.59 -6.52
N ASN D 103 2.07 -27.92 -7.35
CA ASN D 103 2.57 -26.90 -8.25
C ASN D 103 2.27 -25.52 -7.68
N ASN D 104 3.20 -24.59 -7.86
CA ASN D 104 3.03 -23.24 -7.37
C ASN D 104 2.37 -22.33 -8.39
N MET D 105 2.35 -22.72 -9.65
CA MET D 105 1.77 -21.89 -10.70
C MET D 105 0.26 -21.84 -10.59
N VAL D 106 -0.35 -22.93 -10.11
CA VAL D 106 -1.80 -22.96 -9.92
C VAL D 106 -2.21 -22.01 -8.81
N GLU D 107 -1.39 -21.93 -7.76
CA GLU D 107 -1.70 -21.04 -6.66
C GLU D 107 -1.49 -19.58 -7.05
N GLN D 108 -0.57 -19.29 -7.97
CA GLN D 108 -0.48 -17.92 -8.46
C GLN D 108 -1.63 -17.57 -9.37
N MET D 109 -2.09 -18.52 -10.19
CA MET D 109 -3.14 -18.20 -11.14
C MET D 109 -4.48 -18.01 -10.44
N HIS D 110 -4.74 -18.80 -9.40
CA HIS D 110 -6.00 -18.65 -8.67
C HIS D 110 -6.07 -17.34 -7.90
N GLU D 111 -4.92 -16.81 -7.49
CA GLU D 111 -4.93 -15.51 -6.83
C GLU D 111 -4.99 -14.38 -7.85
N ASP D 112 -4.30 -14.54 -8.99
CA ASP D 112 -4.28 -13.49 -9.99
C ASP D 112 -5.59 -13.36 -10.74
N ILE D 113 -6.46 -14.37 -10.71
CA ILE D 113 -7.75 -14.17 -11.35
C ILE D 113 -8.73 -13.49 -10.42
N ILE D 114 -8.68 -13.84 -9.12
CA ILE D 114 -9.54 -13.18 -8.14
C ILE D 114 -9.14 -11.72 -7.96
N SER D 115 -7.84 -11.44 -7.90
CA SER D 115 -7.38 -10.07 -7.70
C SER D 115 -7.60 -9.19 -8.92
N LEU D 116 -7.84 -9.78 -10.08
CA LEU D 116 -8.07 -9.05 -11.30
C LEU D 116 -9.53 -8.93 -11.64
N TRP D 117 -10.36 -9.79 -11.07
CA TRP D 117 -11.80 -9.64 -11.07
C TRP D 117 -12.27 -8.61 -10.05
N ASP D 118 -11.36 -8.00 -9.29
CA ASP D 118 -11.67 -6.98 -8.29
C ASP D 118 -11.15 -5.59 -8.64
N GLN D 119 -10.24 -5.45 -9.60
CA GLN D 119 -9.91 -4.12 -10.11
C GLN D 119 -11.11 -3.50 -10.80
N SER D 120 -11.73 -4.24 -11.70
CA SER D 120 -13.04 -3.84 -12.16
C SER D 120 -14.04 -4.02 -11.03
N LEU D 121 -15.16 -3.31 -11.16
CA LEU D 121 -16.21 -3.16 -10.14
C LEU D 121 -15.71 -2.64 -8.79
N LYS D 122 -14.50 -2.10 -8.74
CA LYS D 122 -14.12 -1.21 -7.65
C LYS D 122 -14.60 0.22 -7.96
N PRO D 123 -14.44 0.80 -9.21
CA PRO D 123 -15.14 2.06 -9.53
C PRO D 123 -16.49 1.87 -10.21
N CYS D 124 -17.37 1.08 -9.60
CA CYS D 124 -18.69 0.88 -10.18
C CYS D 124 -19.75 1.15 -9.12
N VAL D 125 -21.00 1.03 -9.53
CA VAL D 125 -22.14 1.49 -8.74
C VAL D 125 -22.44 0.48 -7.64
N LYS D 126 -22.50 0.96 -6.39
CA LYS D 126 -23.00 0.15 -5.30
C LYS D 126 -24.51 0.09 -5.34
N LEU D 127 -25.06 -1.04 -4.91
CA LEU D 127 -26.51 -1.23 -4.88
C LEU D 127 -27.02 -1.38 -3.45
N THR D 128 -26.41 -0.65 -2.53
CA THR D 128 -26.92 -0.62 -1.16
C THR D 128 -28.32 0.00 -1.03
N PRO D 129 -28.70 1.12 -1.71
CA PRO D 129 -30.08 1.58 -1.53
C PRO D 129 -31.12 0.81 -2.32
N LEU D 130 -31.04 -0.52 -2.35
CA LEU D 130 -32.10 -1.34 -2.89
C LEU D 130 -32.44 -2.50 -1.98
N CYS D 131 -31.79 -2.64 -0.83
CA CYS D 131 -32.21 -3.63 0.14
C CYS D 131 -33.39 -3.06 0.93
N VAL D 132 -34.54 -3.02 0.28
CA VAL D 132 -35.77 -2.52 0.82
C VAL D 132 -36.87 -3.55 0.59
N THR D 133 -38.09 -3.19 0.98
CA THR D 133 -39.23 -4.08 0.87
C THR D 133 -39.81 -4.02 -0.55
N LEU D 134 -39.97 -5.19 -1.17
CA LEU D 134 -40.37 -5.31 -2.57
C LEU D 134 -41.77 -5.90 -2.64
N ASN D 135 -42.74 -5.12 -3.10
CA ASN D 135 -43.99 -5.77 -3.46
C ASN D 135 -43.82 -6.52 -4.77
N CYS D 136 -44.69 -7.48 -5.03
CA CYS D 136 -44.52 -8.26 -6.24
C CYS D 136 -45.87 -8.76 -6.72
N ASN D 137 -45.88 -9.21 -7.97
CA ASN D 137 -46.82 -10.23 -8.43
C ASN D 137 -46.11 -11.05 -9.50
N ASN D 138 -46.86 -11.91 -10.15
CA ASN D 138 -46.31 -12.97 -10.98
C ASN D 138 -46.63 -12.71 -12.45
N VAL D 139 -45.63 -12.91 -13.31
CA VAL D 139 -45.83 -12.82 -14.75
C VAL D 139 -46.69 -13.99 -15.20
N ASN D 140 -47.43 -13.78 -16.32
CA ASN D 140 -48.55 -14.65 -16.71
C ASN D 140 -48.14 -16.09 -16.92
N THR D 141 -46.97 -16.33 -17.52
CA THR D 141 -46.52 -17.69 -17.82
C THR D 141 -45.78 -18.25 -16.59
N ASN D 142 -46.45 -19.15 -15.87
CA ASN D 142 -45.89 -19.78 -14.68
C ASN D 142 -44.88 -20.86 -15.09
N ASN D 143 -43.73 -20.84 -14.43
CA ASN D 143 -42.67 -21.86 -14.56
C ASN D 143 -42.17 -22.01 -15.99
N THR D 144 -42.08 -20.91 -16.71
CA THR D 144 -41.49 -20.92 -18.04
C THR D 144 -40.82 -19.58 -18.37
N GLY D 161 -44.29 -18.84 -11.21
CA GLY D 161 -43.50 -18.18 -12.23
C GLY D 161 -42.05 -18.09 -11.86
N GLU D 162 -41.19 -17.95 -12.86
CA GLU D 162 -39.78 -17.70 -12.63
C GLU D 162 -39.41 -16.24 -12.86
N MET D 163 -40.28 -15.46 -13.48
CA MET D 163 -40.13 -14.02 -13.56
C MET D 163 -41.10 -13.38 -12.57
N LYS D 164 -40.62 -12.42 -11.81
CA LYS D 164 -41.42 -11.69 -10.84
C LYS D 164 -41.45 -10.21 -11.22
N ASN D 165 -42.61 -9.60 -11.10
CA ASN D 165 -42.80 -8.17 -11.36
C ASN D 165 -42.85 -7.48 -10.01
N CYS D 166 -41.75 -6.85 -9.63
CA CYS D 166 -41.59 -6.25 -8.31
C CYS D 166 -41.65 -4.73 -8.39
N SER D 167 -42.12 -4.12 -7.31
CA SER D 167 -42.23 -2.68 -7.18
C SER D 167 -41.65 -2.23 -5.85
N PHE D 168 -41.06 -1.04 -5.84
CA PHE D 168 -40.35 -0.60 -4.64
C PHE D 168 -40.21 0.92 -4.62
N ASN D 169 -40.22 1.47 -3.40
CA ASN D 169 -39.94 2.88 -3.19
C ASN D 169 -38.44 3.12 -3.21
N VAL D 170 -38.04 4.28 -3.73
CA VAL D 170 -36.64 4.63 -3.82
C VAL D 170 -36.46 6.13 -3.59
N THR D 171 -35.41 6.48 -2.86
CA THR D 171 -34.98 7.87 -2.70
C THR D 171 -34.10 8.27 -3.88
N THR D 172 -34.52 9.27 -4.62
CA THR D 172 -33.91 9.60 -5.90
C THR D 172 -32.60 10.37 -5.70
N SER D 173 -32.12 10.99 -6.79
CA SER D 173 -30.90 11.80 -6.75
C SER D 173 -31.08 13.01 -5.84
N ILE D 174 -32.27 13.60 -5.83
CA ILE D 174 -32.60 14.66 -4.88
C ILE D 174 -33.03 14.02 -3.57
N ARG D 175 -32.36 14.39 -2.48
CA ARG D 175 -32.56 13.73 -1.20
C ARG D 175 -33.76 14.35 -0.47
N ASP D 176 -34.91 14.42 -1.15
CA ASP D 176 -36.11 14.96 -0.54
C ASP D 176 -37.37 14.23 -0.98
N LYS D 177 -37.27 13.26 -1.88
CA LYS D 177 -38.43 12.72 -2.56
C LYS D 177 -38.48 11.20 -2.46
N ILE D 178 -39.67 10.65 -2.69
CA ILE D 178 -39.92 9.21 -2.70
C ILE D 178 -40.59 8.88 -4.02
N LYS D 179 -39.95 8.00 -4.81
CA LYS D 179 -40.44 7.63 -6.13
C LYS D 179 -40.70 6.14 -6.18
N LYS D 180 -41.79 5.74 -6.81
CA LYS D 180 -42.18 4.33 -6.90
C LYS D 180 -41.76 3.76 -8.24
N GLU D 181 -40.95 2.71 -8.23
CA GLU D 181 -40.38 2.11 -9.43
C GLU D 181 -40.80 0.64 -9.56
N TYR D 182 -40.65 0.11 -10.77
CA TYR D 182 -40.99 -1.27 -11.12
C TYR D 182 -39.82 -1.91 -11.83
N ALA D 183 -39.66 -3.23 -11.65
CA ALA D 183 -38.69 -4.00 -12.40
C ALA D 183 -39.08 -5.47 -12.39
N LEU D 184 -38.78 -6.17 -13.48
CA LEU D 184 -38.88 -7.62 -13.53
C LEU D 184 -37.53 -8.22 -13.17
N PHE D 185 -37.52 -9.24 -12.31
CA PHE D 185 -36.36 -10.13 -12.26
C PHE D 185 -36.73 -11.48 -11.67
N TYR D 186 -35.71 -12.34 -11.59
CA TYR D 186 -35.89 -13.78 -11.53
C TYR D 186 -36.12 -14.26 -10.11
N LYS D 187 -36.91 -15.33 -10.00
CA LYS D 187 -36.78 -16.21 -8.85
C LYS D 187 -35.38 -16.83 -8.89
N LEU D 188 -34.84 -17.11 -7.70
CA LEU D 188 -33.43 -17.34 -7.29
C LEU D 188 -32.71 -16.03 -7.07
N ASP D 189 -33.42 -14.90 -7.11
CA ASP D 189 -32.87 -13.63 -6.67
C ASP D 189 -33.71 -12.98 -5.58
N VAL D 190 -34.78 -13.64 -5.15
CA VAL D 190 -35.63 -13.13 -4.10
C VAL D 190 -35.76 -14.19 -3.01
N VAL D 191 -35.93 -13.71 -1.78
CA VAL D 191 -36.33 -14.55 -0.66
C VAL D 191 -37.63 -14.00 -0.12
N PRO D 192 -38.53 -14.84 0.37
CA PRO D 192 -39.74 -14.32 1.01
C PRO D 192 -39.44 -13.74 2.37
N LEU D 193 -40.23 -12.74 2.74
CA LEU D 193 -39.94 -11.94 3.92
C LEU D 193 -40.68 -12.41 5.17
N GLU D 194 -41.91 -12.89 5.03
CA GLU D 194 -42.65 -13.42 6.18
C GLU D 194 -43.36 -14.72 5.81
N ASN D 203 -53.82 -11.97 1.83
CA ASN D 203 -52.39 -11.72 1.99
C ASN D 203 -51.75 -11.37 0.65
N ILE D 204 -50.74 -10.50 0.70
CA ILE D 204 -49.94 -10.13 -0.47
C ILE D 204 -48.51 -10.54 -0.22
N THR D 205 -47.93 -11.30 -1.15
CA THR D 205 -46.64 -11.92 -0.93
C THR D 205 -45.54 -10.88 -1.12
N ASN D 206 -44.50 -10.98 -0.29
CA ASN D 206 -43.58 -9.87 -0.08
C ASN D 206 -42.16 -10.42 0.03
N TYR D 207 -41.26 -9.93 -0.83
CA TYR D 207 -39.93 -10.49 -1.00
C TYR D 207 -38.87 -9.44 -0.76
N ARG D 208 -37.60 -9.88 -0.79
CA ARG D 208 -36.46 -8.97 -0.90
C ARG D 208 -35.34 -9.73 -1.60
N LEU D 209 -34.21 -9.05 -1.83
CA LEU D 209 -33.15 -9.63 -2.65
C LEU D 209 -32.42 -10.76 -1.92
N ILE D 210 -31.47 -11.38 -2.62
CA ILE D 210 -30.97 -12.67 -2.16
C ILE D 210 -29.87 -12.51 -1.11
N ASN D 211 -29.06 -11.46 -1.19
CA ASN D 211 -27.88 -11.42 -0.34
C ASN D 211 -27.62 -10.05 0.24
N CYS D 212 -28.67 -9.28 0.53
CA CYS D 212 -28.44 -8.00 1.19
C CYS D 212 -28.47 -8.15 2.71
N ASN D 213 -28.59 -9.39 3.21
CA ASN D 213 -28.16 -9.68 4.56
C ASN D 213 -26.70 -9.33 4.76
N THR D 214 -25.82 -10.05 4.06
CA THR D 214 -24.44 -10.24 4.48
C THR D 214 -23.41 -9.87 3.42
N SER D 215 -23.75 -9.02 2.48
CA SER D 215 -22.83 -8.74 1.39
C SER D 215 -23.12 -7.39 0.78
N VAL D 216 -22.08 -6.58 0.65
CA VAL D 216 -22.13 -5.37 -0.16
C VAL D 216 -22.12 -5.78 -1.61
N ILE D 217 -23.11 -5.35 -2.37
CA ILE D 217 -23.38 -5.87 -3.71
C ILE D 217 -23.12 -4.77 -4.73
N THR D 218 -22.56 -5.15 -5.88
CA THR D 218 -22.00 -4.19 -6.81
C THR D 218 -22.45 -4.51 -8.22
N GLN D 219 -22.97 -3.50 -8.92
CA GLN D 219 -23.34 -3.68 -10.32
C GLN D 219 -22.11 -3.63 -11.19
N ALA D 220 -21.92 -4.64 -12.02
CA ALA D 220 -20.82 -4.64 -12.98
C ALA D 220 -21.10 -3.60 -14.05
N CYS D 221 -20.11 -2.78 -14.33
CA CYS D 221 -20.29 -1.68 -15.28
C CYS D 221 -20.47 -2.23 -16.68
N PRO D 222 -21.47 -1.78 -17.43
CA PRO D 222 -21.56 -2.15 -18.84
C PRO D 222 -20.45 -1.48 -19.65
N LYS D 223 -20.34 -1.91 -20.91
CA LYS D 223 -19.20 -1.64 -21.79
C LYS D 223 -17.89 -2.10 -21.16
N VAL D 224 -17.95 -3.24 -20.47
CA VAL D 224 -16.82 -3.90 -19.84
C VAL D 224 -17.01 -5.39 -20.06
N SER D 225 -16.01 -6.03 -20.66
CA SER D 225 -16.19 -7.29 -21.36
C SER D 225 -15.70 -8.48 -20.54
N PHE D 226 -16.40 -9.59 -20.68
CA PHE D 226 -16.11 -10.82 -19.94
C PHE D 226 -15.44 -11.90 -20.79
N GLU D 227 -15.08 -11.60 -22.03
CA GLU D 227 -14.70 -12.66 -22.96
C GLU D 227 -13.32 -13.21 -22.62
N PRO D 228 -13.18 -14.53 -22.49
CA PRO D 228 -11.92 -15.11 -22.04
C PRO D 228 -10.84 -15.12 -23.10
N ILE D 229 -10.05 -14.06 -23.21
CA ILE D 229 -8.95 -14.06 -24.17
C ILE D 229 -7.77 -14.80 -23.54
N PRO D 230 -6.92 -15.45 -24.33
CA PRO D 230 -5.85 -16.27 -23.74
C PRO D 230 -4.74 -15.49 -23.08
N ILE D 231 -4.16 -16.11 -22.05
CA ILE D 231 -3.08 -15.53 -21.26
C ILE D 231 -1.89 -16.47 -21.34
N HIS D 232 -0.72 -15.93 -21.64
CA HIS D 232 0.52 -16.69 -21.51
C HIS D 232 1.16 -16.34 -20.18
N TYR D 233 2.16 -17.12 -19.78
CA TYR D 233 2.91 -16.84 -18.55
C TYR D 233 4.38 -16.89 -18.84
N CYS D 234 5.08 -15.80 -18.59
CA CYS D 234 6.50 -15.74 -18.85
C CYS D 234 7.27 -15.72 -17.53
N ALA D 235 8.49 -16.20 -17.58
CA ALA D 235 9.37 -16.11 -16.45
C ALA D 235 10.43 -15.05 -16.71
N PRO D 236 10.91 -14.34 -15.68
CA PRO D 236 11.95 -13.33 -15.90
C PRO D 236 13.29 -13.92 -16.29
N ALA D 237 14.26 -13.06 -16.62
CA ALA D 237 15.57 -13.54 -17.02
C ALA D 237 16.29 -14.17 -15.83
N GLY D 238 16.98 -15.27 -16.10
CA GLY D 238 17.52 -16.08 -15.04
C GLY D 238 16.62 -17.20 -14.57
N PHE D 239 15.53 -17.45 -15.28
CA PHE D 239 14.60 -18.52 -14.97
C PHE D 239 14.18 -19.17 -16.29
N ALA D 240 13.48 -20.29 -16.20
CA ALA D 240 12.98 -20.98 -17.38
C ALA D 240 11.85 -21.91 -16.97
N ILE D 241 11.01 -22.28 -17.91
CA ILE D 241 9.95 -23.25 -17.66
C ILE D 241 10.30 -24.55 -18.39
N LEU D 242 10.34 -25.64 -17.64
CA LEU D 242 10.44 -26.96 -18.23
C LEU D 242 9.05 -27.49 -18.57
N LYS D 243 9.00 -28.34 -19.58
CA LYS D 243 7.78 -28.79 -20.23
C LYS D 243 7.86 -30.27 -20.51
N CYS D 244 6.78 -30.98 -20.19
CA CYS D 244 6.64 -32.42 -20.36
C CYS D 244 6.08 -32.74 -21.74
N ASN D 245 6.87 -33.41 -22.57
CA ASN D 245 6.46 -33.77 -23.92
C ASN D 245 5.99 -35.21 -24.04
N SER D 246 5.73 -35.89 -22.93
CA SER D 246 5.28 -37.27 -22.98
C SER D 246 3.86 -37.35 -23.52
N LYS D 247 3.60 -38.44 -24.25
CA LYS D 247 2.31 -38.60 -24.92
C LYS D 247 1.21 -38.92 -23.92
N THR D 248 1.45 -39.92 -23.06
CA THR D 248 0.53 -40.30 -22.01
C THR D 248 1.29 -40.25 -20.69
N PHE D 249 1.04 -39.21 -19.91
CA PHE D 249 1.78 -38.94 -18.69
C PHE D 249 0.81 -38.79 -17.54
N ASN D 250 0.95 -39.63 -16.52
CA ASN D 250 0.10 -39.48 -15.35
C ASN D 250 0.54 -38.29 -14.50
N GLY D 251 -0.15 -38.05 -13.40
CA GLY D 251 0.33 -37.07 -12.44
C GLY D 251 1.47 -37.64 -11.63
N SER D 252 2.49 -36.81 -11.38
CA SER D 252 3.58 -37.09 -10.44
C SER D 252 4.43 -38.30 -10.84
N GLY D 253 5.10 -38.18 -11.97
CA GLY D 253 6.05 -39.19 -12.37
C GLY D 253 7.30 -38.60 -12.98
N PRO D 254 8.28 -39.45 -13.31
CA PRO D 254 9.43 -38.98 -14.09
C PRO D 254 9.12 -38.95 -15.58
N CYS D 255 9.93 -38.18 -16.29
CA CYS D 255 9.81 -38.06 -17.74
C CYS D 255 11.12 -38.43 -18.40
N THR D 256 11.03 -38.60 -19.72
CA THR D 256 12.21 -38.79 -20.55
C THR D 256 12.26 -37.89 -21.77
N ASN D 257 11.23 -37.08 -22.00
CA ASN D 257 11.24 -36.13 -23.11
C ASN D 257 10.84 -34.78 -22.52
N VAL D 258 11.83 -33.90 -22.33
CA VAL D 258 11.67 -32.64 -21.61
C VAL D 258 12.17 -31.52 -22.51
N SER D 259 11.42 -30.42 -22.60
CA SER D 259 11.85 -29.27 -23.38
C SER D 259 11.74 -27.99 -22.56
N THR D 260 12.55 -26.99 -22.91
CA THR D 260 12.59 -25.72 -22.17
C THR D 260 11.94 -24.62 -22.98
N VAL D 261 11.11 -23.83 -22.31
CA VAL D 261 10.47 -22.66 -22.89
C VAL D 261 10.69 -21.46 -21.98
N GLN D 262 10.38 -20.27 -22.49
CA GLN D 262 10.31 -19.05 -21.70
C GLN D 262 8.88 -18.62 -21.43
N CYS D 263 7.90 -19.29 -22.01
CA CYS D 263 6.55 -18.76 -22.11
C CYS D 263 5.60 -19.92 -22.35
N THR D 264 4.45 -19.92 -21.71
CA THR D 264 3.65 -21.12 -21.67
C THR D 264 2.62 -21.16 -22.79
N HIS D 265 1.71 -22.12 -22.66
CA HIS D 265 0.55 -22.37 -23.49
C HIS D 265 -0.38 -21.16 -23.49
N GLY D 266 -1.22 -21.06 -24.51
CA GLY D 266 -2.23 -20.02 -24.55
C GLY D 266 -3.43 -20.36 -23.71
N ILE D 267 -3.32 -20.18 -22.40
CA ILE D 267 -4.33 -20.63 -21.44
C ILE D 267 -5.42 -19.58 -21.31
N ARG D 268 -6.66 -19.98 -21.48
CA ARG D 268 -7.67 -18.94 -21.37
C ARG D 268 -8.51 -19.13 -20.12
N PRO D 269 -8.89 -18.07 -19.42
CA PRO D 269 -9.56 -18.24 -18.12
C PRO D 269 -11.06 -18.47 -18.18
N VAL D 270 -11.46 -19.69 -18.52
CA VAL D 270 -12.86 -20.06 -18.56
C VAL D 270 -13.28 -20.51 -17.16
N VAL D 271 -14.22 -19.79 -16.56
CA VAL D 271 -14.68 -20.08 -15.22
C VAL D 271 -15.90 -20.98 -15.29
N SER D 272 -15.79 -22.19 -14.76
CA SER D 272 -16.82 -23.20 -14.99
C SER D 272 -16.75 -24.27 -13.91
N THR D 273 -17.89 -24.96 -13.74
CA THR D 273 -17.98 -26.14 -12.90
C THR D 273 -18.52 -27.31 -13.73
N GLN D 274 -18.30 -28.52 -13.22
CA GLN D 274 -18.87 -29.80 -13.67
C GLN D 274 -18.31 -30.31 -14.99
N LEU D 275 -17.65 -29.46 -15.78
CA LEU D 275 -17.25 -29.74 -17.16
C LEU D 275 -16.27 -28.66 -17.57
N LEU D 276 -15.33 -29.00 -18.43
CA LEU D 276 -14.31 -28.08 -18.90
C LEU D 276 -14.60 -27.73 -20.35
N LEU D 277 -14.68 -26.45 -20.68
CA LEU D 277 -15.31 -26.12 -21.95
C LEU D 277 -14.40 -25.83 -23.13
N ASN D 278 -13.60 -24.77 -23.10
CA ASN D 278 -12.78 -24.45 -24.28
C ASN D 278 -11.33 -24.73 -23.92
N GLY D 279 -10.92 -25.99 -24.04
CA GLY D 279 -9.62 -26.36 -23.53
C GLY D 279 -8.77 -27.20 -24.46
N SER D 280 -7.71 -27.78 -23.92
CA SER D 280 -6.76 -28.58 -24.69
C SER D 280 -7.14 -30.05 -24.66
N LEU D 281 -6.92 -30.73 -25.78
CA LEU D 281 -7.22 -32.14 -25.93
C LEU D 281 -5.97 -33.00 -25.76
N ALA D 282 -6.20 -34.30 -25.58
CA ALA D 282 -5.11 -35.25 -25.45
C ALA D 282 -4.77 -35.80 -26.83
N GLU D 283 -3.95 -36.84 -26.86
CA GLU D 283 -3.41 -37.39 -28.12
C GLU D 283 -3.56 -38.90 -28.13
N GLU D 284 -4.61 -39.37 -28.81
CA GLU D 284 -4.97 -40.75 -29.16
C GLU D 284 -5.50 -41.59 -28.00
N GLU D 285 -5.53 -41.07 -26.79
CA GLU D 285 -6.18 -41.74 -25.67
C GLU D 285 -6.87 -40.71 -24.80
N ILE D 286 -7.89 -41.14 -24.06
CA ILE D 286 -8.44 -40.33 -22.99
C ILE D 286 -7.68 -40.69 -21.73
N VAL D 287 -7.29 -39.68 -20.95
CA VAL D 287 -6.34 -39.90 -19.87
C VAL D 287 -7.01 -39.47 -18.58
N ILE D 288 -6.86 -40.28 -17.55
CA ILE D 288 -7.45 -40.02 -16.24
C ILE D 288 -6.32 -39.66 -15.28
N ARG D 289 -6.46 -38.52 -14.62
CA ARG D 289 -5.51 -38.07 -13.62
C ARG D 289 -6.17 -38.06 -12.25
N SER D 290 -5.41 -38.45 -11.24
CA SER D 290 -5.85 -38.37 -9.86
C SER D 290 -4.62 -38.34 -8.97
N GLU D 291 -4.81 -37.92 -7.73
CA GLU D 291 -3.70 -37.85 -6.78
C GLU D 291 -3.44 -39.19 -6.11
N ASN D 292 -4.45 -39.73 -5.43
CA ASN D 292 -4.42 -41.08 -4.88
C ASN D 292 -5.77 -41.66 -5.25
N ILE D 293 -5.80 -42.53 -6.25
CA ILE D 293 -7.07 -42.96 -6.82
C ILE D 293 -7.80 -43.93 -5.91
N THR D 294 -7.11 -44.54 -4.94
CA THR D 294 -7.77 -45.42 -4.00
C THR D 294 -8.45 -44.67 -2.87
N ASP D 295 -8.21 -43.36 -2.76
CA ASP D 295 -8.87 -42.55 -1.75
C ASP D 295 -10.00 -41.75 -2.38
N ASN D 296 -11.19 -41.81 -1.79
CA ASN D 296 -12.36 -41.20 -2.40
C ASN D 296 -12.46 -39.70 -2.14
N ALA D 297 -11.61 -39.14 -1.29
CA ALA D 297 -11.64 -37.70 -1.02
C ALA D 297 -10.78 -36.91 -2.00
N LYS D 298 -10.35 -37.51 -3.10
CA LYS D 298 -9.60 -36.83 -4.14
C LYS D 298 -10.45 -36.77 -5.41
N THR D 299 -10.34 -35.67 -6.13
CA THR D 299 -11.10 -35.47 -7.36
C THR D 299 -10.34 -36.02 -8.56
N ILE D 300 -11.09 -36.38 -9.58
CA ILE D 300 -10.59 -37.13 -10.73
C ILE D 300 -10.78 -36.27 -11.96
N ILE D 301 -9.69 -35.93 -12.63
CA ILE D 301 -9.75 -35.11 -13.83
C ILE D 301 -9.67 -36.02 -15.05
N VAL D 302 -10.70 -36.00 -15.89
CA VAL D 302 -10.73 -36.78 -17.12
C VAL D 302 -10.46 -35.85 -18.28
N GLN D 303 -9.47 -36.19 -19.10
CA GLN D 303 -9.08 -35.41 -20.26
C GLN D 303 -9.38 -36.21 -21.52
N LEU D 304 -10.20 -35.66 -22.40
CA LEU D 304 -10.65 -36.38 -23.58
C LEU D 304 -9.65 -36.21 -24.72
N ASN D 305 -9.82 -37.03 -25.77
CA ASN D 305 -9.03 -36.86 -26.98
C ASN D 305 -9.87 -36.46 -28.19
N GLU D 306 -11.18 -36.42 -28.04
CA GLU D 306 -12.08 -35.92 -29.06
C GLU D 306 -13.11 -35.02 -28.38
N ALA D 307 -13.26 -33.81 -28.88
CA ALA D 307 -14.13 -32.84 -28.22
C ALA D 307 -15.59 -33.14 -28.54
N VAL D 308 -16.47 -32.69 -27.65
CA VAL D 308 -17.91 -32.87 -27.82
C VAL D 308 -18.54 -31.49 -27.88
N GLU D 309 -19.29 -31.21 -28.93
CA GLU D 309 -19.82 -29.88 -29.15
C GLU D 309 -21.14 -29.67 -28.42
N ILE D 310 -21.34 -28.48 -27.88
CA ILE D 310 -22.56 -28.15 -27.14
C ILE D 310 -23.08 -26.81 -27.64
N ASN D 311 -24.41 -26.61 -27.58
CA ASN D 311 -25.04 -25.48 -28.27
C ASN D 311 -26.12 -24.82 -27.42
N CYS D 312 -25.73 -23.94 -26.50
CA CYS D 312 -26.71 -23.28 -25.64
C CYS D 312 -27.31 -22.04 -26.30
N THR D 313 -28.44 -21.59 -25.76
CA THR D 313 -29.15 -20.41 -26.24
C THR D 313 -30.12 -19.92 -25.18
N ARG D 314 -30.58 -18.66 -25.35
CA ARG D 314 -31.66 -18.08 -24.54
C ARG D 314 -32.64 -17.32 -25.42
N PRO D 315 -33.84 -17.83 -25.63
CA PRO D 315 -34.71 -17.26 -26.65
C PRO D 315 -35.72 -16.22 -26.18
N ASN D 316 -35.29 -15.15 -25.51
CA ASN D 316 -36.20 -14.07 -25.16
C ASN D 316 -35.68 -12.78 -25.76
N ASN D 317 -36.55 -11.77 -25.80
CA ASN D 317 -36.20 -10.50 -26.42
C ASN D 317 -36.33 -9.38 -25.39
N ASN D 318 -35.71 -9.56 -24.23
CA ASN D 318 -35.91 -8.63 -23.13
C ASN D 318 -35.26 -7.27 -23.39
N THR D 319 -35.85 -6.24 -22.80
CA THR D 319 -35.38 -4.87 -22.88
C THR D 319 -34.58 -4.53 -21.64
N ARG D 320 -34.28 -3.25 -21.43
CA ARG D 320 -33.65 -2.81 -20.20
C ARG D 320 -34.16 -1.42 -19.85
N LYS D 321 -34.36 -1.18 -18.56
CA LYS D 321 -34.77 0.12 -18.05
C LYS D 321 -33.53 0.90 -17.61
N SER D 322 -33.75 2.05 -16.97
CA SER D 322 -32.66 2.81 -16.37
C SER D 322 -33.25 3.62 -15.23
N ILE D 323 -33.00 3.19 -14.00
CA ILE D 323 -33.55 3.81 -12.81
C ILE D 323 -32.42 4.60 -12.16
N HIS D 324 -32.46 5.92 -12.26
CA HIS D 324 -31.36 6.74 -11.78
C HIS D 324 -31.48 6.92 -10.27
N ILE D 325 -30.53 6.35 -9.54
CA ILE D 325 -30.48 6.37 -8.08
C ILE D 325 -29.15 6.98 -7.68
N GLY D 326 -29.18 8.15 -7.06
CA GLY D 326 -27.96 8.81 -6.66
C GLY D 326 -27.40 9.69 -7.76
N PRO D 327 -26.50 10.60 -7.40
CA PRO D 327 -25.95 11.52 -8.39
C PRO D 327 -24.97 10.83 -9.33
N GLY D 328 -25.34 10.78 -10.61
CA GLY D 328 -24.49 10.20 -11.63
C GLY D 328 -24.46 8.68 -11.64
N ARG D 329 -25.43 8.02 -11.03
CA ARG D 329 -25.44 6.57 -10.89
C ARG D 329 -26.79 6.04 -11.32
N ALA D 330 -26.78 5.06 -12.23
CA ALA D 330 -27.99 4.46 -12.74
C ALA D 330 -28.01 2.97 -12.42
N PHE D 331 -29.21 2.40 -12.37
CA PHE D 331 -29.43 0.99 -12.08
C PHE D 331 -30.11 0.35 -13.29
N TYR D 332 -29.36 -0.43 -14.05
CA TYR D 332 -29.88 -1.01 -15.29
C TYR D 332 -30.63 -2.30 -14.94
N ALA D 333 -31.95 -2.23 -14.95
CA ALA D 333 -32.78 -3.36 -14.62
C ALA D 333 -33.33 -3.99 -15.89
N THR D 334 -34.26 -4.93 -15.73
CA THR D 334 -34.89 -5.60 -16.85
C THR D 334 -36.26 -4.99 -17.09
N GLY D 335 -36.53 -4.60 -18.33
CA GLY D 335 -37.78 -3.95 -18.65
C GLY D 335 -38.86 -4.97 -18.91
N ASP D 336 -39.47 -4.94 -20.10
CA ASP D 336 -40.45 -5.95 -20.47
C ASP D 336 -39.82 -6.91 -21.47
N ILE D 337 -40.61 -7.90 -21.87
CA ILE D 337 -40.17 -8.92 -22.82
C ILE D 337 -41.09 -8.85 -24.03
N ILE D 338 -40.50 -8.64 -25.19
CA ILE D 338 -41.25 -8.42 -26.43
C ILE D 338 -41.40 -9.75 -27.14
N GLY D 339 -42.62 -10.28 -27.16
CA GLY D 339 -42.91 -11.54 -27.82
C GLY D 339 -43.40 -12.58 -26.84
N ASN D 340 -42.92 -13.81 -27.01
CA ASN D 340 -43.35 -14.94 -26.21
C ASN D 340 -42.29 -15.28 -25.18
N ILE D 341 -42.72 -15.93 -24.10
CA ILE D 341 -41.85 -16.28 -22.99
C ILE D 341 -41.37 -17.71 -23.20
N ARG D 342 -40.05 -17.91 -23.20
CA ARG D 342 -39.49 -19.24 -23.34
C ARG D 342 -38.35 -19.44 -22.35
N GLN D 343 -37.88 -20.67 -22.25
CA GLN D 343 -36.84 -21.06 -21.30
C GLN D 343 -35.58 -21.49 -22.04
N ALA D 344 -34.43 -21.22 -21.44
CA ALA D 344 -33.14 -21.58 -22.03
C ALA D 344 -32.90 -23.09 -21.94
N HIS D 345 -32.08 -23.60 -22.87
CA HIS D 345 -31.80 -25.03 -22.97
C HIS D 345 -30.47 -25.20 -23.70
N CYS D 346 -29.97 -26.44 -23.80
CA CYS D 346 -28.62 -26.53 -24.33
C CYS D 346 -28.31 -27.61 -25.39
N ASN D 347 -28.97 -28.76 -25.42
CA ASN D 347 -28.89 -29.76 -26.52
C ASN D 347 -27.47 -30.29 -26.79
N ILE D 348 -26.97 -31.11 -25.89
CA ILE D 348 -25.80 -31.93 -26.21
C ILE D 348 -26.23 -33.09 -27.12
N SER D 349 -25.30 -33.60 -27.92
CA SER D 349 -25.58 -34.70 -28.84
C SER D 349 -25.58 -36.04 -28.11
N LYS D 350 -26.22 -37.03 -28.72
CA LYS D 350 -26.54 -38.27 -28.00
C LYS D 350 -25.63 -39.43 -28.37
N ALA D 351 -25.52 -39.77 -29.65
CA ALA D 351 -24.63 -40.86 -30.04
C ALA D 351 -23.17 -40.46 -29.91
N ARG D 352 -22.88 -39.18 -30.05
CA ARG D 352 -21.52 -38.69 -29.96
C ARG D 352 -21.00 -38.74 -28.54
N TRP D 353 -21.88 -38.54 -27.56
CA TRP D 353 -21.51 -38.56 -26.16
C TRP D 353 -21.59 -39.97 -25.57
N ASN D 354 -22.39 -40.84 -26.18
CA ASN D 354 -22.45 -42.25 -25.80
C ASN D 354 -21.09 -42.91 -25.95
N GLU D 355 -20.37 -42.60 -27.03
CA GLU D 355 -19.05 -43.16 -27.24
C GLU D 355 -18.06 -42.69 -26.19
N THR D 356 -18.13 -41.40 -25.83
CA THR D 356 -17.23 -40.83 -24.83
C THR D 356 -17.48 -41.45 -23.46
N LEU D 357 -18.75 -41.58 -23.09
CA LEU D 357 -19.07 -42.21 -21.82
C LEU D 357 -18.77 -43.70 -21.85
N GLY D 358 -18.76 -44.33 -23.03
CA GLY D 358 -18.42 -45.73 -23.10
C GLY D 358 -16.93 -46.00 -23.06
N GLN D 359 -16.11 -45.06 -23.48
CA GLN D 359 -14.67 -45.27 -23.39
C GLN D 359 -14.03 -44.56 -22.21
N ILE D 360 -14.78 -43.82 -21.40
CA ILE D 360 -14.28 -43.48 -20.08
C ILE D 360 -14.27 -44.71 -19.18
N VAL D 361 -15.30 -45.55 -19.29
CA VAL D 361 -15.43 -46.67 -18.37
C VAL D 361 -14.45 -47.79 -18.67
N ALA D 362 -13.93 -47.85 -19.89
CA ALA D 362 -12.90 -48.85 -20.21
C ALA D 362 -11.59 -48.53 -19.51
N LYS D 363 -11.34 -47.26 -19.22
CA LYS D 363 -10.20 -46.89 -18.40
C LYS D 363 -10.54 -46.90 -16.92
N LEU D 364 -11.80 -46.71 -16.55
CA LEU D 364 -12.17 -46.83 -15.15
C LEU D 364 -12.11 -48.28 -14.66
N GLU D 365 -12.39 -49.25 -15.53
CA GLU D 365 -12.43 -50.65 -15.12
C GLU D 365 -11.06 -51.24 -14.86
N GLU D 366 -9.97 -50.57 -15.24
CA GLU D 366 -8.65 -51.09 -14.92
C GLU D 366 -8.23 -50.74 -13.50
N GLN D 367 -8.78 -49.67 -12.95
CA GLN D 367 -8.42 -49.23 -11.60
C GLN D 367 -9.35 -49.80 -10.54
N PHE D 368 -10.43 -50.48 -10.94
CA PHE D 368 -11.35 -51.14 -10.02
C PHE D 368 -11.79 -52.45 -10.66
N PRO D 369 -10.88 -53.44 -10.74
CA PRO D 369 -11.07 -54.51 -11.72
C PRO D 369 -11.92 -55.70 -11.33
N ASN D 370 -13.03 -55.50 -10.62
CA ASN D 370 -14.11 -56.49 -10.64
C ASN D 370 -15.48 -55.86 -10.78
N LYS D 371 -15.67 -54.72 -10.14
CA LYS D 371 -17.00 -54.24 -9.83
C LYS D 371 -17.69 -53.61 -11.04
N THR D 372 -19.02 -53.51 -10.94
CA THR D 372 -19.78 -52.71 -11.88
C THR D 372 -19.77 -51.26 -11.42
N ILE D 373 -19.59 -50.33 -12.35
CA ILE D 373 -19.48 -48.92 -12.03
C ILE D 373 -20.62 -48.17 -12.69
N ILE D 374 -21.24 -47.27 -11.92
CA ILE D 374 -22.39 -46.51 -12.38
C ILE D 374 -22.11 -45.03 -12.15
N PHE D 375 -22.89 -44.20 -12.84
CA PHE D 375 -22.81 -42.75 -12.77
C PHE D 375 -24.10 -42.24 -12.17
N ASN D 376 -24.00 -41.47 -11.10
CA ASN D 376 -25.19 -40.99 -10.41
C ASN D 376 -25.10 -39.47 -10.29
N HIS D 377 -26.26 -38.83 -10.16
CA HIS D 377 -26.31 -37.36 -10.14
C HIS D 377 -25.78 -36.83 -8.82
N SER D 378 -25.77 -35.50 -8.69
CA SER D 378 -25.17 -34.86 -7.53
C SER D 378 -26.21 -34.78 -6.41
N SER D 379 -25.90 -34.04 -5.35
CA SER D 379 -26.61 -34.14 -4.07
C SER D 379 -27.13 -32.79 -3.58
N GLY D 380 -28.40 -32.50 -3.88
CA GLY D 380 -29.15 -31.40 -3.28
C GLY D 380 -28.58 -30.00 -3.46
N GLY D 381 -28.08 -29.43 -2.37
CA GLY D 381 -27.22 -28.25 -2.37
C GLY D 381 -27.74 -26.95 -2.95
N ASP D 382 -26.85 -25.96 -3.00
CA ASP D 382 -27.12 -24.71 -3.69
C ASP D 382 -27.22 -24.95 -5.19
N PRO D 383 -27.98 -24.12 -5.91
CA PRO D 383 -28.00 -24.26 -7.37
C PRO D 383 -26.77 -23.74 -8.08
N GLU D 384 -25.70 -23.37 -7.37
CA GLU D 384 -24.45 -23.00 -8.00
C GLU D 384 -23.31 -23.94 -7.65
N ILE D 385 -23.62 -25.10 -7.08
CA ILE D 385 -22.65 -26.16 -6.86
C ILE D 385 -23.05 -27.44 -7.58
N VAL D 386 -24.35 -27.78 -7.58
CA VAL D 386 -24.80 -29.06 -8.10
C VAL D 386 -25.19 -29.01 -9.56
N THR D 387 -25.11 -27.85 -10.20
CA THR D 387 -25.48 -27.72 -11.61
C THR D 387 -24.29 -27.22 -12.41
N HIS D 388 -24.31 -27.54 -13.71
CA HIS D 388 -23.34 -27.01 -14.65
C HIS D 388 -23.52 -25.50 -14.76
N SER D 389 -22.51 -24.76 -14.32
CA SER D 389 -22.58 -23.31 -14.22
C SER D 389 -21.50 -22.70 -15.08
N PHE D 390 -21.88 -21.73 -15.91
CA PHE D 390 -20.92 -21.10 -16.81
C PHE D 390 -21.42 -19.74 -17.27
N ASN D 391 -20.66 -19.14 -18.19
CA ASN D 391 -20.83 -17.76 -18.64
C ASN D 391 -21.08 -17.77 -20.13
N CYS D 392 -22.14 -17.14 -20.59
CA CYS D 392 -22.50 -17.18 -22.01
C CYS D 392 -22.65 -15.76 -22.54
N GLY D 393 -21.52 -15.12 -22.85
CA GLY D 393 -21.49 -13.77 -23.38
C GLY D 393 -22.25 -12.72 -22.58
N GLY D 394 -22.16 -12.78 -21.25
CA GLY D 394 -22.85 -11.78 -20.46
C GLY D 394 -23.79 -12.34 -19.42
N GLU D 395 -24.54 -13.39 -19.75
CA GLU D 395 -25.39 -14.05 -18.77
C GLU D 395 -24.67 -15.22 -18.13
N PHE D 396 -25.30 -15.77 -17.10
CA PHE D 396 -24.73 -16.85 -16.30
C PHE D 396 -25.73 -17.98 -16.28
N PHE D 397 -25.37 -19.12 -16.87
CA PHE D 397 -26.28 -20.24 -17.01
C PHE D 397 -26.00 -21.29 -15.94
N TYR D 398 -27.07 -21.97 -15.51
CA TYR D 398 -27.06 -22.91 -14.40
C TYR D 398 -27.80 -24.20 -14.76
N CYS D 399 -27.43 -24.83 -15.86
CA CYS D 399 -28.18 -25.98 -16.36
C CYS D 399 -27.88 -27.24 -15.56
N ASN D 400 -28.90 -28.05 -15.29
CA ASN D 400 -28.62 -29.24 -14.49
C ASN D 400 -28.35 -30.44 -15.38
N THR D 401 -27.53 -31.36 -14.88
CA THR D 401 -26.98 -32.45 -15.66
C THR D 401 -27.53 -33.81 -15.24
N THR D 402 -28.77 -33.86 -14.82
CA THR D 402 -29.41 -35.14 -14.54
C THR D 402 -29.66 -35.99 -15.79
N PRO D 403 -30.07 -35.46 -16.97
CA PRO D 403 -30.15 -36.34 -18.14
C PRO D 403 -28.84 -36.85 -18.70
N LEU D 404 -27.69 -36.50 -18.12
CA LEU D 404 -26.43 -37.11 -18.55
C LEU D 404 -26.03 -38.27 -17.66
N PHE D 405 -26.02 -38.07 -16.35
CA PHE D 405 -25.45 -39.03 -15.42
C PHE D 405 -26.53 -39.92 -14.81
N ASN D 406 -27.17 -40.73 -15.65
CA ASN D 406 -28.07 -41.81 -15.22
C ASN D 406 -27.34 -43.10 -14.90
N SER D 407 -26.48 -43.52 -15.82
CA SER D 407 -26.48 -44.89 -16.34
C SER D 407 -25.79 -45.90 -15.44
N THR D 408 -25.64 -47.11 -15.97
CA THR D 408 -25.17 -48.30 -15.26
C THR D 408 -24.38 -49.14 -16.26
N TRP D 409 -23.07 -49.27 -16.03
CA TRP D 409 -22.17 -49.89 -17.00
C TRP D 409 -21.59 -51.15 -16.38
N ASN D 410 -22.09 -52.31 -16.80
CA ASN D 410 -21.61 -53.59 -16.29
C ASN D 410 -20.35 -54.04 -17.03
N ASN D 411 -20.49 -54.32 -18.32
CA ASN D 411 -19.44 -54.95 -19.11
C ASN D 411 -19.13 -54.10 -20.32
N THR D 412 -18.93 -52.80 -20.07
CA THR D 412 -18.81 -51.73 -21.08
C THR D 412 -19.99 -51.74 -22.05
N ARG D 413 -21.18 -51.92 -21.49
CA ARG D 413 -22.42 -51.76 -22.22
C ARG D 413 -23.51 -51.40 -21.23
N THR D 414 -24.61 -50.88 -21.76
CA THR D 414 -25.75 -50.50 -20.93
C THR D 414 -27.02 -50.60 -21.75
N ASP D 415 -28.15 -50.49 -21.06
CA ASP D 415 -29.46 -50.43 -21.71
C ASP D 415 -30.20 -49.13 -21.41
N ASP D 416 -29.50 -48.08 -20.98
CA ASP D 416 -30.18 -46.91 -20.44
C ASP D 416 -30.41 -45.85 -21.51
N TYR D 417 -29.79 -46.00 -22.68
CA TYR D 417 -30.11 -45.14 -23.80
C TYR D 417 -30.71 -46.01 -24.90
N PRO D 418 -32.03 -45.96 -25.13
CA PRO D 418 -32.73 -47.12 -25.70
C PRO D 418 -32.54 -47.32 -27.20
N THR D 419 -32.02 -46.32 -27.91
CA THR D 419 -31.68 -46.18 -29.36
C THR D 419 -32.93 -46.03 -30.22
N GLY D 420 -34.12 -46.23 -29.65
CA GLY D 420 -35.36 -45.79 -30.27
C GLY D 420 -35.79 -44.42 -29.82
N GLY D 421 -34.95 -43.71 -29.06
CA GLY D 421 -35.30 -42.40 -28.54
C GLY D 421 -35.18 -41.35 -29.61
N GLU D 422 -35.38 -40.10 -29.21
CA GLU D 422 -35.51 -39.02 -30.19
C GLU D 422 -34.21 -38.73 -30.93
N GLN D 423 -33.32 -37.96 -30.28
CA GLN D 423 -31.92 -37.63 -30.51
C GLN D 423 -31.66 -36.53 -29.50
N ASN D 424 -30.43 -35.99 -29.42
CA ASN D 424 -30.17 -34.63 -28.94
C ASN D 424 -30.62 -34.42 -27.48
N ILE D 425 -29.86 -35.00 -26.56
CA ILE D 425 -30.11 -34.87 -25.12
C ILE D 425 -30.23 -33.41 -24.72
N THR D 426 -31.38 -33.02 -24.17
CA THR D 426 -31.64 -31.63 -23.80
C THR D 426 -31.27 -31.39 -22.34
N LEU D 427 -30.99 -30.13 -22.02
CA LEU D 427 -30.80 -29.68 -20.65
C LEU D 427 -31.73 -28.51 -20.41
N GLN D 428 -31.85 -28.07 -19.17
CA GLN D 428 -32.63 -26.88 -18.84
C GLN D 428 -31.77 -25.91 -18.05
N CYS D 429 -31.37 -24.83 -18.70
CA CYS D 429 -30.66 -23.77 -18.01
C CYS D 429 -31.63 -22.96 -17.16
N ARG D 430 -31.06 -22.11 -16.30
CA ARG D 430 -31.84 -21.15 -15.55
C ARG D 430 -30.92 -19.97 -15.24
N ILE D 431 -31.45 -18.76 -15.36
CA ILE D 431 -30.64 -17.56 -15.30
C ILE D 431 -30.59 -17.09 -13.84
N LYS D 432 -29.54 -16.36 -13.49
CA LYS D 432 -29.42 -15.80 -12.16
C LYS D 432 -28.67 -14.49 -12.28
N GLN D 433 -29.25 -13.41 -11.74
CA GLN D 433 -28.66 -12.09 -11.89
C GLN D 433 -27.55 -11.85 -10.87
N ILE D 434 -27.77 -12.25 -9.62
CA ILE D 434 -26.81 -12.03 -8.54
C ILE D 434 -25.88 -13.24 -8.51
N ILE D 435 -24.58 -13.00 -8.48
CA ILE D 435 -23.62 -14.09 -8.47
C ILE D 435 -22.48 -13.79 -7.49
N ASN D 436 -22.20 -14.75 -6.61
CA ASN D 436 -21.07 -14.67 -5.69
C ASN D 436 -20.07 -15.81 -5.89
N MET D 437 -19.66 -15.99 -7.15
CA MET D 437 -18.65 -16.97 -7.56
C MET D 437 -17.35 -16.77 -6.78
N TRP D 438 -16.64 -17.89 -6.59
CA TRP D 438 -15.44 -18.13 -5.76
C TRP D 438 -15.75 -18.14 -4.28
N GLN D 439 -17.03 -18.08 -3.90
CA GLN D 439 -17.52 -18.30 -2.54
C GLN D 439 -16.95 -17.31 -1.53
N GLY D 440 -17.03 -16.03 -1.86
CA GLY D 440 -16.74 -15.01 -0.88
C GLY D 440 -17.86 -14.89 0.14
N VAL D 441 -17.56 -14.21 1.25
CA VAL D 441 -18.54 -14.05 2.32
C VAL D 441 -19.11 -12.64 2.38
N GLY D 442 -18.46 -11.65 1.79
CA GLY D 442 -18.92 -10.29 1.90
C GLY D 442 -19.15 -9.60 0.58
N LYS D 443 -18.89 -10.29 -0.53
CA LYS D 443 -18.95 -9.69 -1.85
C LYS D 443 -19.96 -10.42 -2.71
N ALA D 444 -20.52 -9.70 -3.68
CA ALA D 444 -21.39 -10.27 -4.68
C ALA D 444 -21.16 -9.49 -5.96
N MET D 445 -22.01 -9.70 -6.95
CA MET D 445 -21.90 -9.00 -8.21
C MET D 445 -23.25 -9.05 -8.89
N TYR D 446 -23.62 -7.95 -9.53
CA TYR D 446 -24.87 -7.86 -10.25
C TYR D 446 -24.54 -7.74 -11.73
N ALA D 447 -25.05 -8.67 -12.53
CA ALA D 447 -24.81 -8.66 -13.95
C ALA D 447 -25.97 -7.96 -14.65
N PRO D 448 -25.75 -6.81 -15.29
CA PRO D 448 -26.84 -6.09 -15.94
C PRO D 448 -27.34 -6.85 -17.16
N PRO D 449 -28.59 -6.66 -17.57
CA PRO D 449 -29.15 -7.49 -18.63
C PRO D 449 -28.63 -7.13 -20.00
N ILE D 450 -28.50 -8.15 -20.84
CA ILE D 450 -28.10 -8.00 -22.22
C ILE D 450 -29.36 -7.97 -23.07
N ARG D 451 -29.48 -6.97 -23.93
CA ARG D 451 -30.66 -6.82 -24.76
C ARG D 451 -30.49 -7.61 -26.05
N GLY D 452 -31.49 -8.46 -26.36
CA GLY D 452 -31.46 -9.27 -27.56
C GLY D 452 -31.54 -10.75 -27.23
N GLN D 453 -30.92 -11.56 -28.08
CA GLN D 453 -30.82 -13.00 -27.89
C GLN D 453 -29.37 -13.41 -27.76
N ILE D 454 -29.16 -14.60 -27.19
CA ILE D 454 -27.85 -15.05 -26.73
C ILE D 454 -27.54 -16.41 -27.35
N ARG D 455 -26.29 -16.63 -27.73
CA ARG D 455 -25.82 -17.89 -28.27
C ARG D 455 -24.36 -18.15 -27.88
N CYS D 456 -24.02 -19.39 -27.50
CA CYS D 456 -22.63 -19.71 -27.20
C CYS D 456 -21.99 -20.78 -28.07
N SER D 457 -22.54 -22.01 -28.11
CA SER D 457 -21.97 -23.16 -28.82
C SER D 457 -20.52 -23.51 -28.44
N SER D 458 -20.30 -24.09 -27.26
CA SER D 458 -18.97 -24.40 -26.76
C SER D 458 -18.51 -25.80 -27.16
N ASN D 459 -17.37 -26.23 -26.63
CA ASN D 459 -16.51 -27.22 -27.27
C ASN D 459 -15.89 -28.21 -26.28
N ILE D 460 -16.69 -28.89 -25.45
CA ILE D 460 -16.31 -29.70 -24.27
C ILE D 460 -15.10 -30.61 -24.43
N THR D 461 -14.10 -30.46 -23.54
CA THR D 461 -12.82 -31.17 -23.61
C THR D 461 -12.42 -31.81 -22.28
N GLY D 462 -13.34 -32.36 -21.51
CA GLY D 462 -12.95 -33.04 -20.29
C GLY D 462 -13.85 -32.66 -19.15
N LEU D 463 -13.71 -33.39 -18.04
CA LEU D 463 -14.65 -33.24 -16.94
C LEU D 463 -14.05 -33.68 -15.62
N LEU D 464 -14.80 -33.43 -14.55
CA LEU D 464 -14.35 -33.61 -13.17
C LEU D 464 -15.31 -34.51 -12.42
N LEU D 465 -14.76 -35.52 -11.74
CA LEU D 465 -15.57 -36.52 -11.04
C LEU D 465 -15.08 -36.69 -9.62
N THR D 466 -15.91 -37.33 -8.81
CA THR D 466 -15.52 -37.71 -7.45
C THR D 466 -16.25 -38.99 -7.08
N ARG D 467 -15.64 -39.77 -6.20
CA ARG D 467 -16.23 -41.04 -5.77
C ARG D 467 -17.20 -40.83 -4.63
N ASP D 468 -17.68 -41.93 -4.06
CA ASP D 468 -18.78 -41.89 -3.12
C ASP D 468 -18.58 -42.97 -2.05
N GLY D 469 -18.18 -42.55 -0.85
CA GLY D 469 -18.17 -43.36 0.34
C GLY D 469 -17.25 -44.58 0.32
N GLY D 470 -17.38 -45.36 1.38
CA GLY D 470 -16.67 -46.62 1.51
C GLY D 470 -17.57 -47.71 2.03
N ARG D 471 -18.86 -47.39 2.16
CA ARG D 471 -19.86 -48.35 2.61
C ARG D 471 -20.12 -49.33 1.49
N ASP D 472 -19.66 -50.57 1.67
CA ASP D 472 -19.79 -51.60 0.64
C ASP D 472 -21.25 -52.00 0.50
N GLN D 473 -21.87 -51.61 -0.61
CA GLN D 473 -23.20 -52.11 -0.92
C GLN D 473 -23.12 -53.47 -1.57
N ASN D 474 -22.50 -53.54 -2.74
CA ASN D 474 -22.35 -54.74 -3.55
C ASN D 474 -21.03 -54.59 -4.31
N GLY D 475 -20.86 -55.37 -5.37
CA GLY D 475 -19.78 -55.12 -6.29
C GLY D 475 -20.11 -53.98 -7.23
N THR D 476 -20.18 -52.76 -6.71
CA THR D 476 -20.70 -51.61 -7.43
C THR D 476 -20.05 -50.35 -6.89
N GLU D 477 -19.51 -49.53 -7.79
CA GLU D 477 -18.86 -48.27 -7.45
C GLU D 477 -19.54 -47.15 -8.21
N THR D 478 -19.90 -46.08 -7.51
CA THR D 478 -20.69 -44.99 -8.08
C THR D 478 -19.83 -43.74 -8.18
N PHE D 479 -19.91 -43.06 -9.33
CA PHE D 479 -19.20 -41.81 -9.56
C PHE D 479 -20.21 -40.68 -9.76
N ARG D 480 -19.89 -39.51 -9.19
CA ARG D 480 -20.75 -38.35 -9.25
C ARG D 480 -19.98 -37.13 -9.73
N PRO D 481 -20.59 -36.30 -10.59
CA PRO D 481 -19.87 -35.12 -11.09
C PRO D 481 -19.82 -34.00 -10.07
N GLY D 482 -18.69 -33.85 -9.40
CA GLY D 482 -18.69 -33.01 -8.22
C GLY D 482 -17.43 -32.27 -7.85
N GLY D 483 -16.52 -32.03 -8.80
CA GLY D 483 -15.17 -31.55 -8.49
C GLY D 483 -15.12 -30.26 -7.71
N GLY D 484 -14.78 -30.38 -6.43
CA GLY D 484 -15.11 -29.37 -5.45
C GLY D 484 -14.06 -28.33 -5.14
N ASN D 485 -13.56 -27.63 -6.16
CA ASN D 485 -12.65 -26.51 -5.96
C ASN D 485 -12.68 -25.70 -7.25
N MET D 486 -11.96 -24.58 -7.26
CA MET D 486 -11.76 -23.84 -8.48
C MET D 486 -10.35 -23.92 -9.03
N ARG D 487 -9.41 -24.46 -8.26
CA ARG D 487 -8.07 -24.67 -8.78
C ARG D 487 -8.00 -25.83 -9.75
N ASP D 488 -8.97 -26.73 -9.69
CA ASP D 488 -9.02 -27.88 -10.58
C ASP D 488 -9.27 -27.48 -12.02
N ASN D 489 -9.84 -26.30 -12.26
CA ASN D 489 -9.95 -25.82 -13.63
C ASN D 489 -8.61 -25.46 -14.21
N TRP D 490 -7.62 -25.13 -13.38
CA TRP D 490 -6.34 -24.69 -13.91
C TRP D 490 -5.20 -25.62 -13.53
N ARG D 491 -5.50 -26.81 -13.01
CA ARG D 491 -4.54 -27.90 -13.07
C ARG D 491 -4.69 -28.72 -14.34
N SER D 492 -5.84 -28.65 -14.98
CA SER D 492 -6.05 -29.38 -16.23
C SER D 492 -5.24 -28.80 -17.37
N GLU D 493 -4.75 -27.56 -17.23
CA GLU D 493 -3.94 -26.90 -18.26
C GLU D 493 -2.49 -26.76 -17.88
N LEU D 494 -2.19 -26.45 -16.62
CA LEU D 494 -0.84 -26.21 -16.15
C LEU D 494 -0.15 -27.47 -15.64
N TYR D 495 -0.58 -28.65 -16.05
CA TYR D 495 -0.08 -29.86 -15.42
C TYR D 495 1.33 -30.21 -15.87
N LYS D 496 1.74 -29.77 -17.05
CA LYS D 496 2.99 -30.22 -17.65
C LYS D 496 4.07 -29.15 -17.60
N TYR D 497 3.93 -28.15 -16.74
CA TYR D 497 4.90 -27.07 -16.67
C TYR D 497 5.54 -27.04 -15.29
N LYS D 498 6.77 -26.52 -15.25
CA LYS D 498 7.47 -26.39 -13.99
C LYS D 498 8.49 -25.27 -14.14
N VAL D 499 8.77 -24.54 -13.06
CA VAL D 499 9.69 -23.41 -13.10
C VAL D 499 11.01 -23.84 -12.47
N VAL D 500 12.11 -23.56 -13.15
CA VAL D 500 13.43 -23.82 -12.57
C VAL D 500 14.23 -22.53 -12.53
N LYS D 501 15.48 -22.62 -12.11
CA LYS D 501 16.33 -21.47 -11.85
C LYS D 501 17.73 -21.78 -12.35
N ILE D 502 18.26 -20.93 -13.22
CA ILE D 502 19.54 -21.21 -13.88
C ILE D 502 20.68 -20.77 -12.96
N GLU D 503 21.68 -21.64 -12.80
CA GLU D 503 22.85 -21.39 -11.95
C GLU D 503 24.09 -21.47 -12.83
N PRO D 504 24.46 -20.37 -13.49
CA PRO D 504 25.38 -20.45 -14.63
C PRO D 504 26.86 -20.54 -14.29
N LEU D 505 27.26 -20.61 -13.02
CA LEU D 505 28.66 -20.46 -12.64
C LEU D 505 29.19 -21.77 -12.11
N GLY D 506 30.31 -22.26 -12.66
CA GLY D 506 30.78 -23.59 -12.36
C GLY D 506 32.27 -23.65 -12.12
N ILE D 507 32.67 -24.69 -11.39
CA ILE D 507 34.06 -24.90 -10.96
C ILE D 507 34.46 -26.31 -11.39
N ALA D 508 35.65 -26.45 -11.99
CA ALA D 508 36.12 -27.77 -12.37
C ALA D 508 37.64 -27.77 -12.36
N PRO D 509 38.28 -28.92 -12.17
CA PRO D 509 39.74 -28.96 -12.27
C PRO D 509 40.23 -29.31 -13.66
N THR D 510 41.26 -28.58 -14.09
CA THR D 510 41.93 -28.89 -15.35
C THR D 510 43.38 -28.41 -15.24
N ALA D 511 44.16 -28.75 -16.27
CA ALA D 511 45.60 -28.55 -16.21
C ALA D 511 46.00 -27.28 -16.96
N CYS D 512 45.50 -26.14 -16.47
CA CYS D 512 45.94 -24.84 -16.93
C CYS D 512 46.22 -23.97 -15.71
N LYS D 513 47.09 -22.98 -15.88
CA LYS D 513 47.37 -22.06 -14.78
C LYS D 513 47.61 -20.67 -15.35
N ARG D 514 47.54 -19.67 -14.46
CA ARG D 514 47.87 -18.30 -14.81
C ARG D 514 49.34 -18.17 -15.17
N ARG D 515 49.66 -17.04 -15.80
CA ARG D 515 51.03 -16.57 -15.90
C ARG D 515 51.09 -15.13 -15.39
N VAL D 516 52.25 -14.74 -14.88
CA VAL D 516 52.42 -13.40 -14.35
C VAL D 516 52.50 -12.37 -15.47
N ALA E 37 61.30 9.41 -4.82
CA ALA E 37 61.12 10.37 -5.89
C ALA E 37 60.10 9.88 -6.91
N LYS E 38 59.58 10.81 -7.71
CA LYS E 38 58.66 10.55 -8.82
C LYS E 38 57.39 9.85 -8.33
N LYS E 39 56.60 10.60 -7.58
CA LYS E 39 55.29 10.14 -7.16
C LYS E 39 54.35 9.98 -8.34
N TRP E 40 53.32 9.17 -8.15
CA TRP E 40 52.30 8.92 -9.16
C TRP E 40 50.99 8.63 -8.45
N VAL E 41 49.89 9.04 -9.10
CA VAL E 41 48.55 8.81 -8.58
C VAL E 41 48.25 7.32 -8.63
N THR E 42 47.51 6.82 -7.63
CA THR E 42 47.14 5.42 -7.57
C THR E 42 45.73 5.31 -6.99
N VAL E 43 44.89 4.50 -7.63
CA VAL E 43 43.48 4.36 -7.27
C VAL E 43 43.30 3.07 -6.48
N TYR E 44 42.63 3.16 -5.33
CA TYR E 44 42.29 2.01 -4.50
C TYR E 44 40.79 1.86 -4.38
N TYR E 45 40.34 0.61 -4.33
CA TYR E 45 38.94 0.29 -4.12
C TYR E 45 38.82 -0.60 -2.89
N GLY E 46 37.89 -0.27 -2.00
CA GLY E 46 37.78 -0.99 -0.75
C GLY E 46 38.56 -0.33 0.37
N VAL E 47 38.25 0.93 0.63
CA VAL E 47 38.98 1.76 1.57
C VAL E 47 38.06 2.11 2.74
N PRO E 48 38.50 1.97 4.00
CA PRO E 48 37.61 2.25 5.14
C PRO E 48 37.36 3.72 5.40
N VAL E 49 36.39 4.31 4.71
CA VAL E 49 35.99 5.70 4.88
C VAL E 49 34.46 5.74 4.95
N TRP E 50 33.93 6.48 5.92
CA TRP E 50 32.50 6.73 5.99
C TRP E 50 32.24 8.22 6.16
N LYS E 51 31.01 8.61 5.84
CA LYS E 51 30.53 9.97 6.09
C LYS E 51 29.13 9.90 6.67
N GLU E 52 28.68 11.00 7.26
CA GLU E 52 27.34 10.99 7.84
C GLU E 52 26.29 11.17 6.76
N ALA E 53 25.15 10.51 6.95
CA ALA E 53 24.14 10.49 5.90
C ALA E 53 22.78 10.18 6.49
N THR E 54 21.84 9.87 5.60
CA THR E 54 20.43 9.76 5.89
C THR E 54 19.79 8.92 4.80
N THR E 55 19.07 7.87 5.18
CA THR E 55 18.52 6.94 4.21
C THR E 55 17.29 6.26 4.78
N THR E 56 16.73 5.35 4.00
CA THR E 56 15.60 4.54 4.44
C THR E 56 16.09 3.28 5.11
N LEU E 57 15.26 2.72 5.99
CA LEU E 57 15.61 1.56 6.79
C LEU E 57 14.46 0.58 6.76
N PHE E 58 14.76 -0.71 6.71
CA PHE E 58 13.71 -1.70 6.55
C PHE E 58 13.67 -2.67 7.72
N CYS E 59 12.51 -3.31 7.90
CA CYS E 59 12.24 -4.18 9.03
C CYS E 59 12.98 -5.50 8.91
N ALA E 60 13.21 -6.11 10.07
CA ALA E 60 13.73 -7.48 10.13
C ALA E 60 13.18 -8.12 11.40
N SER E 61 12.50 -9.25 11.24
CA SER E 61 11.90 -9.95 12.37
C SER E 61 11.94 -11.45 12.14
N ASP E 62 12.56 -12.18 13.06
CA ASP E 62 12.90 -13.57 12.82
C ASP E 62 11.71 -14.51 12.98
N ALA E 63 11.98 -15.78 12.70
CA ALA E 63 10.96 -16.82 12.54
C ALA E 63 10.81 -17.70 13.77
N LYS E 64 10.91 -17.12 14.98
CA LYS E 64 10.27 -17.76 16.13
C LYS E 64 8.76 -17.57 16.08
N ALA E 65 8.32 -16.47 15.49
CA ALA E 65 6.97 -16.33 14.96
C ALA E 65 6.92 -16.89 13.55
N TYR E 66 5.88 -16.53 12.78
CA TYR E 66 5.72 -16.90 11.37
C TYR E 66 5.62 -18.44 11.23
N ASP E 67 4.67 -18.99 11.96
CA ASP E 67 4.14 -20.33 11.75
C ASP E 67 2.66 -20.29 11.40
N THR E 68 1.92 -19.36 11.99
CA THR E 68 0.54 -19.10 11.60
C THR E 68 0.52 -18.00 10.55
N GLU E 69 -0.43 -18.08 9.63
CA GLU E 69 -0.66 -16.98 8.70
C GLU E 69 -1.73 -16.09 9.32
N VAL E 70 -1.30 -15.24 10.25
CA VAL E 70 -2.15 -14.22 10.84
C VAL E 70 -1.47 -12.88 10.65
N HIS E 71 -2.28 -11.84 10.58
CA HIS E 71 -1.81 -10.48 10.40
C HIS E 71 -2.11 -9.73 11.69
N ASN E 72 -1.07 -9.35 12.45
CA ASN E 72 -1.41 -8.64 13.67
C ASN E 72 -1.61 -7.14 13.49
N VAL E 73 -0.59 -6.30 13.65
CA VAL E 73 -0.72 -4.91 13.21
C VAL E 73 0.64 -4.44 12.74
N TRP E 74 1.70 -5.03 13.27
CA TRP E 74 3.05 -4.72 12.87
C TRP E 74 3.48 -5.86 11.96
N ALA E 75 3.27 -5.67 10.66
CA ALA E 75 2.91 -6.67 9.65
C ALA E 75 3.51 -8.05 9.81
N THR E 76 4.84 -8.12 9.88
CA THR E 76 5.70 -9.28 10.17
C THR E 76 5.65 -10.33 9.05
N HIS E 77 4.79 -10.16 8.04
CA HIS E 77 4.84 -10.94 6.81
C HIS E 77 5.79 -10.32 5.81
N ALA E 78 5.89 -8.99 5.84
CA ALA E 78 6.78 -8.26 4.96
C ALA E 78 8.13 -7.98 5.61
N CYS E 79 8.39 -8.55 6.78
CA CYS E 79 9.67 -8.37 7.45
C CYS E 79 10.59 -9.52 7.08
N VAL E 80 11.78 -9.17 6.61
CA VAL E 80 12.80 -10.14 6.17
C VAL E 80 13.32 -10.90 7.38
N PRO E 81 13.52 -12.22 7.31
CA PRO E 81 14.08 -12.94 8.46
C PRO E 81 15.54 -12.56 8.72
N THR E 82 15.85 -12.30 9.98
CA THR E 82 17.17 -11.79 10.34
C THR E 82 18.17 -12.94 10.47
N ASP E 83 19.44 -12.58 10.44
CA ASP E 83 20.60 -13.46 10.32
C ASP E 83 20.94 -14.10 11.65
N PRO E 84 21.26 -15.39 11.66
CA PRO E 84 21.56 -16.07 12.93
C PRO E 84 22.92 -15.77 13.51
N ASN E 85 23.88 -15.28 12.72
CA ASN E 85 25.22 -14.97 13.22
C ASN E 85 25.56 -13.52 12.89
N PRO E 86 25.06 -12.57 13.69
CA PRO E 86 25.27 -11.15 13.37
C PRO E 86 26.71 -10.70 13.58
N GLN E 87 27.32 -10.18 12.53
CA GLN E 87 28.73 -9.82 12.56
C GLN E 87 28.91 -8.45 13.20
N GLU E 88 29.72 -8.39 14.25
CA GLU E 88 30.02 -7.13 14.94
C GLU E 88 31.51 -6.85 14.82
N ILE E 89 31.87 -5.89 13.96
CA ILE E 89 33.25 -5.48 13.80
C ILE E 89 33.57 -4.45 14.89
N VAL E 90 34.47 -4.79 15.79
CA VAL E 90 34.94 -3.82 16.77
C VAL E 90 36.02 -2.96 16.12
N LEU E 91 35.78 -1.65 16.06
CA LEU E 91 36.71 -0.75 15.40
C LEU E 91 37.96 -0.53 16.24
N GLY E 92 38.90 0.20 15.66
CA GLY E 92 40.20 0.45 16.24
C GLY E 92 40.18 1.59 17.24
N ASN E 93 41.03 2.60 17.02
CA ASN E 93 41.08 3.75 17.91
C ASN E 93 40.13 4.84 17.42
N VAL E 94 38.88 4.48 17.18
CA VAL E 94 37.97 5.32 16.43
C VAL E 94 37.06 6.09 17.39
N THR E 95 37.03 7.41 17.25
CA THR E 95 36.24 8.29 18.10
C THR E 95 35.22 9.04 17.25
N GLU E 96 33.98 8.59 17.28
CA GLU E 96 32.87 9.27 16.63
C GLU E 96 32.04 9.94 17.73
N ASN E 97 31.33 11.01 17.40
CA ASN E 97 30.42 11.63 18.36
C ASN E 97 28.97 11.35 18.00
N PHE E 98 28.16 11.16 19.02
CA PHE E 98 26.75 10.80 18.88
C PHE E 98 25.92 11.91 19.48
N ASN E 99 24.72 12.13 18.96
CA ASN E 99 23.78 13.09 19.53
C ASN E 99 22.43 12.41 19.62
N MET E 100 21.98 12.14 20.85
CA MET E 100 20.71 11.47 21.07
C MET E 100 19.54 12.34 20.64
N TRP E 101 19.70 13.66 20.66
CA TRP E 101 18.62 14.60 20.50
C TRP E 101 18.49 15.14 19.09
N LYS E 102 19.38 14.77 18.17
CA LYS E 102 19.25 15.03 16.75
C LYS E 102 19.54 13.71 16.03
N ASN E 103 18.50 12.89 15.89
CA ASN E 103 18.64 11.55 15.35
C ASN E 103 17.47 11.32 14.41
N ASN E 104 17.75 10.86 13.20
CA ASN E 104 16.68 10.74 12.21
C ASN E 104 15.88 9.46 12.38
N MET E 105 16.46 8.47 13.07
CA MET E 105 15.82 7.17 13.23
C MET E 105 14.56 7.30 14.06
N VAL E 106 14.51 8.31 14.94
CA VAL E 106 13.36 8.53 15.80
C VAL E 106 12.17 9.04 15.00
N GLU E 107 12.40 9.98 14.08
CA GLU E 107 11.29 10.45 13.26
C GLU E 107 10.86 9.40 12.25
N GLN E 108 11.81 8.60 11.74
CA GLN E 108 11.41 7.47 10.89
C GLN E 108 10.53 6.48 11.64
N MET E 109 10.88 6.18 12.90
CA MET E 109 10.10 5.19 13.63
C MET E 109 8.74 5.75 14.04
N HIS E 110 8.65 7.05 14.29
CA HIS E 110 7.37 7.65 14.63
C HIS E 110 6.41 7.62 13.44
N GLU E 111 6.92 7.99 12.25
CA GLU E 111 6.11 7.93 11.03
C GLU E 111 5.71 6.50 10.71
N ASP E 112 6.61 5.54 10.95
CA ASP E 112 6.31 4.15 10.69
C ASP E 112 5.20 3.62 11.59
N ILE E 113 5.26 3.92 12.89
CA ILE E 113 4.25 3.39 13.81
C ILE E 113 2.89 3.99 13.52
N ILE E 114 2.83 5.28 13.18
CA ILE E 114 1.53 5.88 12.80
C ILE E 114 0.99 5.24 11.52
N SER E 115 1.87 4.96 10.55
CA SER E 115 1.39 4.38 9.30
C SER E 115 0.98 2.92 9.46
N LEU E 116 1.62 2.19 10.37
CA LEU E 116 1.22 0.81 10.64
C LEU E 116 -0.13 0.75 11.33
N TRP E 117 -0.40 1.65 12.27
CA TRP E 117 -1.75 1.70 12.84
C TRP E 117 -2.77 2.15 11.81
N ASP E 118 -2.35 2.93 10.81
CA ASP E 118 -3.32 3.37 9.81
C ASP E 118 -3.61 2.33 8.73
N GLN E 119 -2.70 1.37 8.49
CA GLN E 119 -2.98 0.28 7.54
C GLN E 119 -4.16 -0.55 7.98
N SER E 120 -4.07 -1.15 9.16
CA SER E 120 -5.23 -1.80 9.72
C SER E 120 -6.21 -0.72 10.17
N LEU E 121 -7.44 -1.16 10.42
CA LEU E 121 -8.63 -0.35 10.63
C LEU E 121 -8.93 0.62 9.48
N LYS E 122 -8.35 0.39 8.31
CA LYS E 122 -8.91 0.90 7.06
C LYS E 122 -9.97 -0.07 6.50
N PRO E 123 -9.75 -1.42 6.43
CA PRO E 123 -10.87 -2.28 6.01
C PRO E 123 -11.72 -2.79 7.19
N CYS E 124 -12.24 -1.88 7.99
CA CYS E 124 -12.99 -2.24 9.18
C CYS E 124 -14.26 -1.43 9.26
N VAL E 125 -15.05 -1.68 10.30
CA VAL E 125 -16.40 -1.14 10.41
C VAL E 125 -16.33 0.31 10.84
N LYS E 126 -17.00 1.18 10.09
CA LYS E 126 -17.20 2.56 10.51
C LYS E 126 -18.44 2.64 11.39
N LEU E 127 -18.36 3.41 12.47
CA LEU E 127 -19.44 3.51 13.44
C LEU E 127 -20.20 4.82 13.31
N THR E 128 -20.28 5.37 12.12
CA THR E 128 -21.13 6.52 11.80
C THR E 128 -22.62 6.31 12.11
N PRO E 129 -23.27 5.13 11.89
CA PRO E 129 -24.68 5.02 12.31
C PRO E 129 -24.91 4.84 13.80
N LEU E 130 -23.89 5.11 14.61
CA LEU E 130 -23.97 4.87 16.04
C LEU E 130 -24.03 6.15 16.85
N CYS E 131 -23.63 7.28 16.27
CA CYS E 131 -23.79 8.58 16.94
C CYS E 131 -25.27 8.97 16.89
N VAL E 132 -26.04 8.44 17.83
CA VAL E 132 -27.47 8.72 17.95
C VAL E 132 -27.76 9.10 19.39
N THR E 133 -29.04 9.24 19.73
CA THR E 133 -29.45 9.67 21.06
C THR E 133 -29.58 8.46 21.97
N LEU E 134 -28.88 8.49 23.11
CA LEU E 134 -28.78 7.35 24.02
C LEU E 134 -29.53 7.66 25.31
N ASN E 135 -30.41 6.74 25.73
CA ASN E 135 -30.92 6.78 27.09
C ASN E 135 -29.91 6.14 28.04
N CYS E 136 -30.23 6.14 29.33
CA CYS E 136 -29.38 5.46 30.28
C CYS E 136 -30.13 5.16 31.57
N ASN E 137 -29.55 4.23 32.32
CA ASN E 137 -29.79 4.05 33.74
C ASN E 137 -28.46 3.65 34.35
N ASN E 138 -28.45 3.42 35.65
CA ASN E 138 -27.28 2.82 36.24
C ASN E 138 -27.45 1.31 36.29
N VAL E 139 -26.34 0.60 36.49
CA VAL E 139 -26.41 -0.84 36.63
C VAL E 139 -27.09 -1.20 37.94
N ASN E 140 -27.87 -2.28 37.93
CA ASN E 140 -28.69 -2.65 39.08
C ASN E 140 -27.81 -3.24 40.19
N THR E 141 -27.04 -2.37 40.84
CA THR E 141 -26.23 -2.77 41.98
C THR E 141 -27.07 -2.50 43.22
N ASN E 142 -26.48 -2.57 44.41
CA ASN E 142 -27.06 -2.07 45.66
C ASN E 142 -27.45 -0.61 45.51
N ASN E 143 -28.75 -0.33 45.66
CA ASN E 143 -29.34 1.02 45.73
C ASN E 143 -29.02 1.90 44.52
N GLY E 161 -22.18 5.65 39.17
CA GLY E 161 -21.59 4.40 38.75
C GLY E 161 -20.58 4.56 37.64
N GLU E 162 -19.89 3.48 37.30
CA GLU E 162 -18.85 3.50 36.27
C GLU E 162 -19.34 2.98 34.92
N MET E 163 -20.29 2.05 34.90
CA MET E 163 -20.84 1.56 33.65
C MET E 163 -22.33 1.92 33.58
N LYS E 164 -22.79 2.26 32.39
CA LYS E 164 -24.17 2.69 32.18
C LYS E 164 -24.88 1.67 31.30
N ASN E 165 -26.18 1.50 31.51
CA ASN E 165 -26.97 0.57 30.70
C ASN E 165 -27.77 1.39 29.69
N CYS E 166 -27.14 1.65 28.54
CA CYS E 166 -27.73 2.54 27.54
C CYS E 166 -28.61 1.78 26.56
N SER E 167 -29.59 2.50 26.01
CA SER E 167 -30.51 1.96 25.02
C SER E 167 -30.72 2.99 23.93
N PHE E 168 -30.99 2.50 22.71
CA PHE E 168 -31.01 3.38 21.55
C PHE E 168 -31.74 2.72 20.39
N ASN E 169 -32.38 3.56 19.56
CA ASN E 169 -32.92 3.12 18.28
C ASN E 169 -31.78 3.01 17.28
N VAL E 170 -31.83 1.99 16.43
CA VAL E 170 -30.90 1.84 15.33
C VAL E 170 -31.65 1.28 14.14
N THR E 171 -31.27 1.72 12.94
CA THR E 171 -31.76 1.06 11.74
C THR E 171 -31.15 -0.33 11.64
N THR E 172 -31.88 -1.24 11.03
CA THR E 172 -31.43 -2.62 10.96
C THR E 172 -30.61 -2.80 9.68
N SER E 173 -30.36 -4.04 9.28
CA SER E 173 -29.63 -4.30 8.05
C SER E 173 -30.43 -3.95 6.81
N ILE E 174 -31.75 -3.83 6.95
CA ILE E 174 -32.66 -3.48 5.87
C ILE E 174 -33.13 -2.07 6.15
N ARG E 175 -32.72 -1.10 5.33
CA ARG E 175 -32.96 0.31 5.63
C ARG E 175 -34.41 0.73 5.33
N ASP E 176 -35.33 0.00 5.96
CA ASP E 176 -36.76 0.24 5.91
C ASP E 176 -37.39 0.09 7.29
N LYS E 177 -36.71 -0.53 8.24
CA LYS E 177 -37.25 -0.85 9.56
C LYS E 177 -36.41 -0.20 10.64
N ILE E 178 -36.77 -0.49 11.89
CA ILE E 178 -36.14 0.12 13.05
C ILE E 178 -36.02 -0.95 14.13
N LYS E 179 -35.13 -0.72 15.09
CA LYS E 179 -34.83 -1.74 16.09
C LYS E 179 -34.36 -1.04 17.35
N LYS E 180 -34.67 -1.60 18.52
CA LYS E 180 -34.27 -1.03 19.80
C LYS E 180 -33.22 -1.95 20.43
N GLU E 181 -32.12 -1.36 20.90
CA GLU E 181 -31.00 -2.16 21.38
C GLU E 181 -30.66 -1.78 22.82
N TYR E 182 -29.71 -2.54 23.40
CA TYR E 182 -29.24 -2.34 24.76
C TYR E 182 -27.77 -2.68 24.82
N ALA E 183 -26.98 -1.82 25.46
CA ALA E 183 -25.57 -2.11 25.61
C ALA E 183 -25.02 -1.44 26.86
N LEU E 184 -24.08 -2.10 27.52
CA LEU E 184 -23.37 -1.53 28.65
C LEU E 184 -22.03 -0.99 28.17
N PHE E 185 -21.73 0.26 28.47
CA PHE E 185 -20.35 0.70 28.39
C PHE E 185 -20.07 1.84 29.36
N TYR E 186 -18.83 2.27 29.35
CA TYR E 186 -18.23 2.96 30.48
C TYR E 186 -18.56 4.45 30.46
N LYS E 187 -18.57 5.04 31.65
CA LYS E 187 -18.28 6.45 31.78
C LYS E 187 -16.81 6.67 31.44
N LEU E 188 -16.49 7.87 30.95
CA LEU E 188 -15.33 8.33 30.18
C LEU E 188 -15.50 8.01 28.71
N ASP E 189 -16.58 7.35 28.29
CA ASP E 189 -16.90 7.20 26.89
C ASP E 189 -18.21 7.86 26.52
N VAL E 190 -18.75 8.71 27.38
CA VAL E 190 -20.02 9.38 27.14
C VAL E 190 -19.84 10.86 27.47
N VAL E 191 -20.67 11.70 26.86
CA VAL E 191 -20.78 13.09 27.29
C VAL E 191 -22.25 13.43 27.44
N PRO E 192 -22.65 14.12 28.52
CA PRO E 192 -24.04 14.52 28.66
C PRO E 192 -24.46 15.54 27.61
N LEU E 193 -25.71 15.43 27.19
CA LEU E 193 -26.22 16.16 26.05
C LEU E 193 -26.80 17.52 26.43
N GLU E 194 -27.47 17.59 27.57
CA GLU E 194 -28.09 18.83 28.02
C GLU E 194 -28.20 18.85 29.54
N ASN E 203 -37.40 14.66 35.00
CA ASN E 203 -36.18 14.66 34.20
C ASN E 203 -35.68 13.24 33.93
N ILE E 204 -35.29 13.00 32.69
CA ILE E 204 -34.65 11.75 32.26
C ILE E 204 -33.31 12.09 31.64
N THR E 205 -32.26 11.42 32.11
CA THR E 205 -30.92 11.65 31.60
C THR E 205 -30.80 11.06 30.21
N ASN E 206 -30.13 11.78 29.32
CA ASN E 206 -30.22 11.53 27.89
C ASN E 206 -28.95 12.08 27.28
N TYR E 207 -28.14 11.25 26.63
CA TYR E 207 -26.86 11.77 26.17
C TYR E 207 -26.38 11.07 24.90
N ARG E 208 -25.10 11.26 24.59
CA ARG E 208 -24.47 10.76 23.38
C ARG E 208 -23.03 10.36 23.68
N LEU E 209 -22.41 9.72 22.69
CA LEU E 209 -21.09 9.13 22.75
C LEU E 209 -20.02 10.22 22.72
N ILE E 210 -18.78 9.84 23.02
CA ILE E 210 -17.77 10.80 23.48
C ILE E 210 -17.27 11.68 22.34
N ASN E 211 -17.18 11.15 21.13
CA ASN E 211 -16.34 11.85 20.16
C ASN E 211 -16.98 11.85 18.78
N CYS E 212 -18.31 11.89 18.70
CA CYS E 212 -18.96 11.75 17.41
C CYS E 212 -19.42 13.09 16.83
N ASN E 213 -18.91 14.22 17.31
CA ASN E 213 -19.06 15.46 16.58
C ASN E 213 -17.75 16.00 16.04
N THR E 214 -16.62 15.36 16.36
CA THR E 214 -15.34 15.83 15.85
C THR E 214 -14.56 14.79 15.08
N SER E 215 -15.01 13.53 14.99
CA SER E 215 -14.15 12.50 14.44
C SER E 215 -14.98 11.37 13.86
N VAL E 216 -14.42 10.72 12.84
CA VAL E 216 -14.96 9.49 12.27
C VAL E 216 -14.30 8.34 13.00
N ILE E 217 -15.10 7.38 13.45
CA ILE E 217 -14.67 6.40 14.45
C ILE E 217 -14.80 5.00 13.88
N THR E 218 -13.80 4.15 14.16
CA THR E 218 -13.61 2.90 13.45
C THR E 218 -13.32 1.78 14.42
N GLN E 219 -14.16 0.74 14.39
CA GLN E 219 -13.94 -0.42 15.25
C GLN E 219 -12.78 -1.25 14.76
N ALA E 220 -11.83 -1.55 15.64
CA ALA E 220 -10.78 -2.49 15.29
C ALA E 220 -11.34 -3.90 15.25
N CYS E 221 -10.81 -4.72 14.34
CA CYS E 221 -11.27 -6.09 14.25
C CYS E 221 -10.76 -6.93 15.40
N PRO E 222 -11.55 -7.90 15.87
CA PRO E 222 -10.99 -9.01 16.62
C PRO E 222 -10.20 -9.91 15.66
N LYS E 223 -9.45 -10.84 16.27
CA LYS E 223 -8.46 -11.67 15.58
C LYS E 223 -7.41 -10.82 14.87
N VAL E 224 -7.08 -9.69 15.49
CA VAL E 224 -6.04 -8.77 15.05
C VAL E 224 -5.29 -8.36 16.30
N SER E 225 -4.02 -8.75 16.39
CA SER E 225 -3.30 -8.72 17.65
C SER E 225 -2.58 -7.40 17.85
N PHE E 226 -2.39 -7.04 19.12
CA PHE E 226 -1.72 -5.82 19.52
C PHE E 226 -0.38 -6.08 20.18
N GLU E 227 0.10 -7.32 20.17
CA GLU E 227 1.23 -7.70 21.00
C GLU E 227 2.52 -7.12 20.46
N PRO E 228 3.32 -6.46 21.26
CA PRO E 228 4.53 -5.82 20.76
C PRO E 228 5.68 -6.78 20.49
N ILE E 229 5.75 -7.34 19.29
CA ILE E 229 6.87 -8.22 18.93
C ILE E 229 8.02 -7.35 18.43
N PRO E 230 9.27 -7.76 18.59
CA PRO E 230 10.39 -6.84 18.33
C PRO E 230 10.64 -6.58 16.85
N ILE E 231 11.23 -5.42 16.59
CA ILE E 231 11.56 -4.94 15.25
C ILE E 231 13.05 -4.66 15.22
N HIS E 232 13.74 -5.20 14.22
CA HIS E 232 15.12 -4.83 13.95
C HIS E 232 15.16 -3.89 12.76
N TYR E 233 16.00 -2.86 12.83
CA TYR E 233 16.15 -1.92 11.72
C TYR E 233 17.42 -2.24 10.96
N CYS E 234 17.28 -2.53 9.68
CA CYS E 234 18.43 -2.82 8.85
C CYS E 234 18.62 -1.73 7.82
N ALA E 235 19.84 -1.43 7.55
CA ALA E 235 20.34 -0.48 6.58
C ALA E 235 20.68 -1.18 5.28
N PRO E 236 20.42 -0.55 4.13
CA PRO E 236 20.75 -1.18 2.85
C PRO E 236 22.23 -1.31 2.59
N ALA E 237 22.59 -1.94 1.48
CA ALA E 237 24.00 -2.15 1.17
C ALA E 237 24.64 -0.84 0.74
N GLY E 238 25.87 -0.62 1.18
CA GLY E 238 26.52 0.66 1.00
C GLY E 238 26.40 1.57 2.20
N PHE E 239 25.59 1.23 3.18
CA PHE E 239 25.44 1.95 4.43
C PHE E 239 25.84 1.04 5.57
N ALA E 240 25.86 1.61 6.78
CA ALA E 240 26.21 0.86 7.98
C ALA E 240 25.68 1.62 9.19
N ILE E 241 25.58 0.91 10.32
CA ILE E 241 25.12 1.51 11.57
C ILE E 241 26.25 1.41 12.57
N LEU E 242 26.62 2.54 13.17
CA LEU E 242 27.61 2.58 14.23
C LEU E 242 26.93 2.40 15.59
N LYS E 243 27.71 2.02 16.59
CA LYS E 243 27.15 1.64 17.86
C LYS E 243 28.09 2.03 18.99
N CYS E 244 27.52 2.64 20.03
CA CYS E 244 28.25 3.06 21.22
C CYS E 244 28.32 1.93 22.24
N ASN E 245 29.54 1.61 22.68
CA ASN E 245 29.76 0.55 23.65
C ASN E 245 30.23 1.06 25.00
N SER E 246 30.21 2.36 25.22
CA SER E 246 30.63 2.89 26.52
C SER E 246 29.59 2.56 27.59
N LYS E 247 30.10 2.25 28.79
CA LYS E 247 29.22 1.87 29.89
C LYS E 247 28.42 3.05 30.39
N THR E 248 29.10 4.13 30.75
CA THR E 248 28.47 5.36 31.23
C THR E 248 28.60 6.40 30.13
N PHE E 249 27.51 6.60 29.39
CA PHE E 249 27.50 7.53 28.26
C PHE E 249 26.24 8.36 28.33
N ASN E 250 26.40 9.69 28.34
CA ASN E 250 25.28 10.61 28.35
C ASN E 250 24.75 10.83 26.94
N GLY E 251 23.94 11.83 26.73
CA GLY E 251 23.66 12.25 25.38
C GLY E 251 24.62 13.32 24.93
N SER E 252 24.81 13.40 23.61
CA SER E 252 25.54 14.48 22.94
C SER E 252 27.00 14.57 23.39
N GLY E 253 27.75 13.50 23.13
CA GLY E 253 29.17 13.49 23.42
C GLY E 253 29.95 12.62 22.46
N PRO E 254 31.26 12.57 22.63
CA PRO E 254 32.08 11.62 21.87
C PRO E 254 32.16 10.26 22.55
N CYS E 255 32.74 9.31 21.84
CA CYS E 255 33.01 7.97 22.35
C CYS E 255 34.43 7.54 22.04
N THR E 256 34.85 6.45 22.65
CA THR E 256 36.12 5.83 22.35
C THR E 256 36.02 4.32 22.16
N ASN E 257 34.81 3.75 22.17
CA ASN E 257 34.61 2.33 21.91
C ASN E 257 33.41 2.22 20.98
N VAL E 258 33.67 2.08 19.67
CA VAL E 258 32.64 2.11 18.64
C VAL E 258 32.65 0.78 17.91
N SER E 259 31.47 0.19 17.72
CA SER E 259 31.31 -1.02 16.92
C SER E 259 30.45 -0.72 15.71
N THR E 260 30.43 -1.63 14.73
CA THR E 260 29.59 -1.49 13.54
C THR E 260 28.71 -2.70 13.35
N VAL E 261 27.46 -2.45 12.96
CA VAL E 261 26.52 -3.51 12.62
C VAL E 261 25.76 -3.14 11.36
N GLN E 262 24.90 -4.05 10.89
CA GLN E 262 23.94 -3.77 9.84
C GLN E 262 22.51 -3.90 10.33
N CYS E 263 22.30 -4.08 11.63
CA CYS E 263 21.01 -4.51 12.13
C CYS E 263 20.97 -4.17 13.61
N THR E 264 19.91 -3.51 14.04
CA THR E 264 19.89 -2.92 15.38
C THR E 264 19.46 -3.93 16.43
N HIS E 265 19.18 -3.39 17.60
CA HIS E 265 18.67 -4.05 18.78
C HIS E 265 17.26 -4.58 18.51
N GLY E 266 16.78 -5.46 19.39
CA GLY E 266 15.42 -5.96 19.28
C GLY E 266 14.40 -5.03 19.91
N ILE E 267 14.02 -3.97 19.23
CA ILE E 267 13.25 -2.88 19.81
C ILE E 267 11.76 -3.19 19.75
N ARG E 268 11.06 -3.02 20.88
CA ARG E 268 9.67 -3.42 21.00
C ARG E 268 8.77 -2.20 21.00
N PRO E 269 7.78 -2.11 20.12
CA PRO E 269 6.90 -0.93 20.09
C PRO E 269 5.86 -0.88 21.21
N VAL E 270 6.29 -0.56 22.42
CA VAL E 270 5.39 -0.45 23.55
C VAL E 270 4.93 1.00 23.66
N VAL E 271 3.64 1.23 23.48
CA VAL E 271 3.06 2.56 23.54
C VAL E 271 2.55 2.81 24.95
N SER E 272 3.17 3.76 25.65
CA SER E 272 2.86 4.00 27.06
C SER E 272 3.34 5.38 27.49
N THR E 273 2.62 5.97 28.45
CA THR E 273 2.98 7.23 29.08
C THR E 273 3.52 6.99 30.47
N GLN E 274 4.23 8.00 31.01
CA GLN E 274 4.63 8.16 32.41
C GLN E 274 5.71 7.21 32.88
N LEU E 275 5.98 6.13 32.15
CA LEU E 275 6.86 5.04 32.56
C LEU E 275 7.18 4.20 31.33
N LEU E 276 8.29 3.49 31.38
CA LEU E 276 8.80 2.70 30.27
C LEU E 276 8.85 1.25 30.70
N LEU E 277 8.08 0.38 30.03
CA LEU E 277 7.74 -0.91 30.64
C LEU E 277 8.66 -2.08 30.30
N ASN E 278 8.62 -2.57 29.06
CA ASN E 278 9.38 -3.78 28.74
C ASN E 278 10.67 -3.36 28.05
N GLY E 279 11.49 -2.60 28.75
CA GLY E 279 12.61 -1.96 28.11
C GLY E 279 13.96 -2.65 28.27
N SER E 280 15.03 -1.88 28.11
CA SER E 280 16.39 -2.37 28.26
C SER E 280 17.07 -1.65 29.41
N LEU E 281 17.81 -2.40 30.22
CA LEU E 281 18.38 -1.88 31.46
C LEU E 281 19.80 -1.35 31.22
N ALA E 282 20.21 -0.43 32.08
CA ALA E 282 21.57 0.08 32.04
C ALA E 282 22.47 -0.89 32.80
N GLU E 283 23.74 -0.52 32.97
CA GLU E 283 24.74 -1.41 33.55
C GLU E 283 25.56 -0.66 34.60
N GLU E 284 25.46 -1.12 35.85
CA GLU E 284 26.17 -0.76 37.07
C GLU E 284 25.72 0.56 37.70
N GLU E 285 24.89 1.37 37.03
CA GLU E 285 24.37 2.61 37.59
C GLU E 285 23.01 2.87 37.00
N ILE E 286 22.29 3.83 37.56
CA ILE E 286 21.12 4.39 36.91
C ILE E 286 21.56 5.68 36.26
N VAL E 287 21.11 5.92 35.03
CA VAL E 287 21.68 6.99 34.22
C VAL E 287 20.56 7.96 33.87
N ILE E 288 20.85 9.25 33.97
CA ILE E 288 19.88 10.32 33.76
C ILE E 288 20.32 11.11 32.53
N ARG E 289 19.41 11.29 31.58
CA ARG E 289 19.71 11.97 30.33
C ARG E 289 18.79 13.16 30.17
N SER E 290 19.34 14.27 29.67
CA SER E 290 18.55 15.41 29.20
C SER E 290 19.39 16.19 28.21
N GLU E 291 18.71 17.03 27.43
CA GLU E 291 19.41 17.82 26.41
C GLU E 291 20.18 18.95 27.05
N ASN E 292 19.46 19.85 27.73
CA ASN E 292 20.04 20.94 28.52
C ASN E 292 19.35 20.87 29.88
N ILE E 293 20.05 20.36 30.88
CA ILE E 293 19.38 20.04 32.15
C ILE E 293 19.06 21.28 32.97
N THR E 294 19.73 22.41 32.72
CA THR E 294 19.40 23.63 33.43
C THR E 294 18.12 24.25 32.89
N ASP E 295 17.81 24.02 31.62
CA ASP E 295 16.57 24.50 31.04
C ASP E 295 15.43 23.58 31.49
N ASN E 296 14.38 24.16 32.07
CA ASN E 296 13.32 23.34 32.62
C ASN E 296 12.28 22.91 31.60
N ALA E 297 12.39 23.35 30.35
CA ALA E 297 11.48 22.92 29.30
C ALA E 297 12.01 21.75 28.51
N LYS E 298 12.95 20.98 29.06
CA LYS E 298 13.52 19.81 28.43
C LYS E 298 13.23 18.58 29.28
N THR E 299 12.66 17.54 28.67
CA THR E 299 12.27 16.37 29.43
C THR E 299 13.49 15.56 29.83
N ILE E 300 13.31 14.73 30.85
CA ILE E 300 14.39 14.00 31.51
C ILE E 300 14.07 12.51 31.41
N ILE E 301 15.03 11.74 30.93
CA ILE E 301 14.87 10.31 30.70
C ILE E 301 15.74 9.56 31.70
N VAL E 302 15.12 8.77 32.57
CA VAL E 302 15.81 8.03 33.60
C VAL E 302 15.82 6.56 33.22
N GLN E 303 17.01 5.96 33.18
CA GLN E 303 17.18 4.56 32.81
C GLN E 303 17.79 3.80 33.98
N LEU E 304 17.07 2.79 34.47
CA LEU E 304 17.44 2.08 35.69
C LEU E 304 18.45 1.00 35.38
N ASN E 305 18.91 0.28 36.41
CA ASN E 305 19.78 -0.87 36.19
C ASN E 305 19.24 -2.17 36.77
N GLU E 306 18.18 -2.13 37.56
CA GLU E 306 17.50 -3.34 38.00
C GLU E 306 16.01 -3.08 37.94
N ALA E 307 15.26 -4.07 37.43
CA ALA E 307 13.85 -3.85 37.11
C ALA E 307 13.00 -3.83 38.37
N VAL E 308 11.80 -3.27 38.24
CA VAL E 308 10.82 -3.15 39.32
C VAL E 308 9.51 -3.71 38.77
N GLU E 309 9.07 -4.86 39.27
CA GLU E 309 7.96 -5.55 38.63
C GLU E 309 6.61 -5.01 39.10
N ILE E 310 5.68 -4.86 38.16
CA ILE E 310 4.32 -4.42 38.43
C ILE E 310 3.37 -5.52 37.95
N ASN E 311 2.20 -5.64 38.60
CA ASN E 311 1.32 -6.81 38.42
C ASN E 311 -0.14 -6.37 38.35
N CYS E 312 -0.61 -6.02 37.16
CA CYS E 312 -1.94 -5.45 36.99
C CYS E 312 -2.97 -6.52 36.64
N THR E 313 -4.25 -6.18 36.78
CA THR E 313 -5.35 -7.08 36.47
C THR E 313 -6.64 -6.30 36.27
N ARG E 314 -7.65 -7.00 35.74
CA ARG E 314 -9.02 -6.50 35.69
C ARG E 314 -9.96 -7.65 36.03
N PRO E 315 -10.50 -7.69 37.22
CA PRO E 315 -11.32 -8.84 37.61
C PRO E 315 -12.81 -8.70 37.33
N ASN E 316 -13.23 -8.76 36.07
CA ASN E 316 -14.67 -8.77 35.79
C ASN E 316 -14.93 -9.76 34.68
N ASN E 317 -15.82 -10.71 34.93
CA ASN E 317 -16.20 -11.72 33.94
C ASN E 317 -17.38 -11.18 33.16
N ASN E 318 -17.08 -10.40 32.11
CA ASN E 318 -18.13 -9.81 31.30
C ASN E 318 -18.18 -10.41 29.90
N THR E 319 -19.39 -10.50 29.37
CA THR E 319 -19.66 -11.18 28.11
C THR E 319 -19.50 -10.18 26.95
N ARG E 320 -19.97 -10.56 25.77
CA ARG E 320 -20.02 -9.63 24.65
C ARG E 320 -21.24 -9.94 23.81
N LYS E 321 -21.92 -8.89 23.37
CA LYS E 321 -23.06 -9.04 22.47
C LYS E 321 -22.54 -9.02 21.05
N SER E 322 -23.46 -9.01 20.09
CA SER E 322 -23.09 -8.82 18.69
C SER E 322 -24.30 -8.21 17.98
N ILE E 323 -24.28 -6.89 17.82
CA ILE E 323 -25.37 -6.17 17.17
C ILE E 323 -24.97 -5.99 15.70
N HIS E 324 -25.85 -6.40 14.79
CA HIS E 324 -25.54 -6.32 13.37
C HIS E 324 -26.12 -5.03 12.79
N ILE E 325 -25.24 -4.20 12.24
CA ILE E 325 -25.59 -2.91 11.64
C ILE E 325 -25.24 -2.97 10.17
N GLY E 326 -26.25 -2.97 9.31
CA GLY E 326 -26.02 -2.94 7.89
C GLY E 326 -25.54 -4.27 7.34
N PRO E 327 -25.16 -4.28 6.07
CA PRO E 327 -24.80 -5.54 5.42
C PRO E 327 -23.42 -6.04 5.76
N GLY E 328 -23.36 -7.17 6.46
CA GLY E 328 -22.10 -7.82 6.76
C GLY E 328 -21.21 -7.11 7.74
N ARG E 329 -21.75 -6.17 8.52
CA ARG E 329 -20.98 -5.40 9.49
C ARG E 329 -21.58 -5.62 10.87
N ALA E 330 -20.80 -6.19 11.76
CA ALA E 330 -21.25 -6.47 13.12
C ALA E 330 -20.56 -5.54 14.11
N PHE E 331 -21.29 -5.20 15.17
CA PHE E 331 -20.82 -4.32 16.23
C PHE E 331 -20.78 -5.10 17.54
N TYR E 332 -19.65 -5.02 18.24
CA TYR E 332 -19.41 -5.86 19.41
C TYR E 332 -19.42 -4.99 20.66
N ALA E 333 -20.48 -5.11 21.44
CA ALA E 333 -20.64 -4.37 22.68
C ALA E 333 -20.35 -5.26 23.87
N THR E 334 -20.68 -4.79 25.06
CA THR E 334 -20.58 -5.56 26.29
C THR E 334 -21.99 -5.97 26.71
N GLY E 335 -22.12 -7.18 27.26
CA GLY E 335 -23.42 -7.77 27.52
C GLY E 335 -23.88 -7.59 28.94
N ASP E 336 -23.68 -8.59 29.77
CA ASP E 336 -23.88 -8.46 31.21
C ASP E 336 -22.55 -8.62 31.93
N ILE E 337 -22.61 -8.50 33.26
CA ILE E 337 -21.49 -8.80 34.13
C ILE E 337 -21.89 -9.95 35.03
N ILE E 338 -21.09 -11.01 35.03
CA ILE E 338 -21.37 -12.22 35.79
C ILE E 338 -20.45 -12.21 37.00
N GLY E 339 -21.00 -11.87 38.16
CA GLY E 339 -20.22 -11.89 39.38
C GLY E 339 -20.28 -10.59 40.17
N ASN E 340 -19.16 -10.21 40.77
CA ASN E 340 -19.06 -8.98 41.52
C ASN E 340 -18.58 -7.85 40.64
N ILE E 341 -18.60 -6.64 41.18
CA ILE E 341 -18.11 -5.46 40.48
C ILE E 341 -16.87 -4.99 41.23
N ARG E 342 -15.72 -5.08 40.58
CA ARG E 342 -14.45 -4.73 41.19
C ARG E 342 -13.72 -3.72 40.31
N GLN E 343 -12.73 -3.05 40.90
CA GLN E 343 -11.93 -2.06 40.20
C GLN E 343 -10.68 -2.76 39.64
N ALA E 344 -9.63 -2.06 39.23
CA ALA E 344 -8.63 -2.63 38.34
C ALA E 344 -7.21 -2.35 38.82
N HIS E 345 -6.89 -2.72 40.06
CA HIS E 345 -5.63 -2.42 40.75
C HIS E 345 -4.38 -2.95 40.04
N CYS E 346 -3.19 -2.52 40.53
CA CYS E 346 -1.92 -2.86 39.89
C CYS E 346 -0.76 -3.32 40.78
N ASN E 347 -0.71 -2.98 42.08
CA ASN E 347 0.20 -3.60 43.07
C ASN E 347 1.68 -3.50 42.73
N ILE E 348 2.22 -2.31 42.82
CA ILE E 348 3.67 -2.15 42.78
C ILE E 348 4.23 -2.34 44.19
N SER E 349 5.43 -2.93 44.29
CA SER E 349 6.03 -3.28 45.57
C SER E 349 6.64 -2.05 46.23
N LYS E 350 6.63 -2.01 47.57
CA LYS E 350 6.97 -0.78 48.27
C LYS E 350 8.46 -0.64 48.54
N ALA E 351 9.08 -1.67 49.14
CA ALA E 351 10.47 -1.55 49.57
C ALA E 351 11.42 -1.51 48.39
N ARG E 352 11.10 -2.26 47.35
CA ARG E 352 11.91 -2.30 46.14
C ARG E 352 11.88 -0.98 45.40
N TRP E 353 10.69 -0.40 45.25
CA TRP E 353 10.55 0.88 44.58
C TRP E 353 11.08 2.01 45.47
N ASN E 354 11.07 1.80 46.78
CA ASN E 354 11.73 2.71 47.72
C ASN E 354 13.24 2.76 47.46
N GLU E 355 13.86 1.58 47.28
CA GLU E 355 15.27 1.53 46.91
C GLU E 355 15.55 2.26 45.60
N THR E 356 14.70 2.03 44.60
CA THR E 356 14.84 2.67 43.29
C THR E 356 14.76 4.19 43.36
N LEU E 357 13.69 4.69 43.98
CA LEU E 357 13.50 6.12 44.13
C LEU E 357 14.54 6.74 45.05
N GLY E 358 15.11 5.96 45.97
CA GLY E 358 16.20 6.49 46.77
C GLY E 358 17.49 6.65 46.02
N GLN E 359 17.80 5.73 45.12
CA GLN E 359 19.04 5.86 44.37
C GLN E 359 18.89 6.69 43.10
N ILE E 360 17.67 7.12 42.76
CA ILE E 360 17.55 8.16 41.73
C ILE E 360 18.05 9.49 42.27
N VAL E 361 17.68 9.82 43.51
CA VAL E 361 17.88 11.18 44.00
C VAL E 361 19.34 11.43 44.38
N ALA E 362 20.14 10.39 44.60
CA ALA E 362 21.56 10.59 44.80
C ALA E 362 22.25 11.09 43.54
N LYS E 363 21.81 10.60 42.38
CA LYS E 363 22.30 11.16 41.11
C LYS E 363 21.67 12.51 40.83
N LEU E 364 20.42 12.73 41.25
CA LEU E 364 19.81 14.04 41.06
C LEU E 364 20.47 15.14 41.90
N GLU E 365 21.01 14.80 43.07
CA GLU E 365 21.58 15.82 43.96
C GLU E 365 22.96 16.29 43.56
N GLU E 366 23.49 15.86 42.42
CA GLU E 366 24.72 16.45 41.90
C GLU E 366 24.46 17.53 40.87
N GLN E 367 23.36 17.44 40.14
CA GLN E 367 23.00 18.48 39.18
C GLN E 367 22.40 19.70 39.86
N PHE E 368 21.97 19.58 41.12
CA PHE E 368 21.42 20.70 41.89
C PHE E 368 21.95 20.57 43.31
N PRO E 369 23.23 20.86 43.54
CA PRO E 369 23.87 20.40 44.78
C PRO E 369 23.72 21.33 45.95
N ASN E 370 22.55 21.88 46.20
CA ASN E 370 22.36 22.66 47.42
C ASN E 370 21.03 22.37 48.10
N LYS E 371 20.08 21.80 47.37
CA LYS E 371 18.67 21.94 47.68
C LYS E 371 18.00 20.61 48.05
N THR E 372 16.84 20.74 48.66
CA THR E 372 15.92 19.62 48.81
C THR E 372 15.21 19.39 47.49
N ILE E 373 14.80 18.15 47.25
CA ILE E 373 14.04 17.82 46.05
C ILE E 373 12.78 17.07 46.47
N ILE E 374 11.66 17.42 45.84
CA ILE E 374 10.39 16.77 46.13
C ILE E 374 9.81 16.23 44.83
N PHE E 375 8.97 15.22 44.97
CA PHE E 375 8.29 14.58 43.84
C PHE E 375 6.80 14.87 44.01
N ASN E 376 6.26 15.73 43.17
CA ASN E 376 4.85 16.09 43.27
C ASN E 376 4.09 15.47 42.09
N HIS E 377 2.79 15.29 42.27
CA HIS E 377 1.97 14.63 41.27
C HIS E 377 1.70 15.57 40.10
N SER E 378 1.01 15.07 39.09
CA SER E 378 0.82 15.82 37.85
C SER E 378 -0.41 16.73 37.99
N SER E 379 -0.85 17.31 36.88
CA SER E 379 -1.69 18.52 36.90
C SER E 379 -3.01 18.36 36.15
N GLY E 380 -4.03 17.85 36.85
CA GLY E 380 -5.42 18.00 36.43
C GLY E 380 -5.76 17.27 35.13
N GLY E 381 -6.19 18.05 34.13
CA GLY E 381 -6.33 17.71 32.72
C GLY E 381 -7.10 16.45 32.33
N ASP E 382 -6.81 16.02 31.10
CA ASP E 382 -7.38 14.82 30.53
C ASP E 382 -6.90 13.58 31.28
N PRO E 383 -7.68 12.51 31.29
CA PRO E 383 -7.19 11.26 31.88
C PRO E 383 -6.09 10.60 31.07
N GLU E 384 -5.95 10.92 29.79
CA GLU E 384 -4.96 10.26 28.96
C GLU E 384 -3.68 11.05 28.81
N ILE E 385 -3.45 12.03 29.68
CA ILE E 385 -2.19 12.77 29.72
C ILE E 385 -1.54 12.68 31.09
N VAL E 386 -2.33 12.82 32.16
CA VAL E 386 -1.78 12.90 33.50
C VAL E 386 -1.67 11.55 34.19
N THR E 387 -2.14 10.48 33.56
CA THR E 387 -2.15 9.15 34.17
C THR E 387 -1.26 8.21 33.38
N HIS E 388 -0.76 7.19 34.07
CA HIS E 388 -0.07 6.09 33.41
C HIS E 388 -1.06 5.30 32.59
N SER E 389 -0.87 5.32 31.27
CA SER E 389 -1.74 4.67 30.31
C SER E 389 -0.96 3.62 29.55
N PHE E 390 -1.53 2.42 29.43
CA PHE E 390 -0.86 1.36 28.69
C PHE E 390 -1.89 0.37 28.16
N ASN E 391 -1.41 -0.66 27.50
CA ASN E 391 -2.22 -1.66 26.83
C ASN E 391 -1.97 -3.01 27.47
N CYS E 392 -3.02 -3.62 28.01
CA CYS E 392 -2.89 -4.84 28.79
C CYS E 392 -3.70 -5.94 28.12
N GLY E 393 -3.11 -6.56 27.10
CA GLY E 393 -3.72 -7.70 26.42
C GLY E 393 -5.06 -7.44 25.78
N GLY E 394 -5.31 -6.21 25.32
CA GLY E 394 -6.57 -5.93 24.66
C GLY E 394 -7.31 -4.72 25.17
N GLU E 395 -7.24 -4.45 26.48
CA GLU E 395 -7.81 -3.23 27.03
C GLU E 395 -6.73 -2.19 27.27
N PHE E 396 -7.18 -0.98 27.55
CA PHE E 396 -6.32 0.18 27.75
C PHE E 396 -6.52 0.66 29.17
N PHE E 397 -5.47 0.61 29.98
CA PHE E 397 -5.53 0.96 31.38
C PHE E 397 -5.02 2.38 31.60
N TYR E 398 -5.59 3.05 32.60
CA TYR E 398 -5.36 4.46 32.90
C TYR E 398 -5.13 4.69 34.39
N CYS E 399 -4.17 4.00 35.00
CA CYS E 399 -3.96 4.16 36.44
C CYS E 399 -3.33 5.49 36.76
N ASN E 400 -3.69 6.07 37.90
CA ASN E 400 -3.06 7.33 38.27
C ASN E 400 -1.99 7.09 39.33
N THR E 401 -0.90 7.85 39.25
CA THR E 401 0.29 7.60 40.03
C THR E 401 0.42 8.56 41.21
N THR E 402 -0.70 9.00 41.77
CA THR E 402 -0.64 9.79 42.99
C THR E 402 -0.07 9.03 44.19
N PRO E 403 -0.34 7.73 44.44
CA PRO E 403 0.41 7.04 45.50
C PRO E 403 1.89 6.87 45.25
N LEU E 404 2.37 7.03 44.01
CA LEU E 404 3.80 6.92 43.80
C LEU E 404 4.49 8.22 44.19
N PHE E 405 4.16 9.31 43.51
CA PHE E 405 4.92 10.55 43.62
C PHE E 405 4.36 11.43 44.75
N ASN E 406 4.80 11.10 45.97
CA ASN E 406 4.55 11.84 47.21
C ASN E 406 5.69 12.75 47.62
N SER E 407 6.90 12.19 47.69
CA SER E 407 7.78 12.38 48.85
C SER E 407 8.58 13.68 48.82
N THR E 408 9.56 13.74 49.73
CA THR E 408 10.38 14.91 50.02
C THR E 408 11.68 14.41 50.64
N TRP E 409 12.81 14.81 50.06
CA TRP E 409 14.12 14.24 50.36
C TRP E 409 15.09 15.39 50.62
N ASN E 410 15.83 15.33 51.72
CA ASN E 410 16.90 16.31 51.89
C ASN E 410 18.29 15.69 51.79
N ASN E 411 18.54 14.63 52.54
CA ASN E 411 19.87 14.03 52.61
C ASN E 411 19.77 12.56 52.26
N THR E 412 19.05 12.28 51.17
CA THR E 412 18.69 10.93 50.70
C THR E 412 18.01 10.12 51.81
N ARG E 413 17.14 10.78 52.56
CA ARG E 413 16.28 10.12 53.52
C ARG E 413 14.98 10.89 53.59
N THR E 414 13.96 10.23 54.12
CA THR E 414 12.64 10.84 54.18
C THR E 414 11.87 10.27 55.36
N ASP E 415 10.66 10.78 55.53
CA ASP E 415 9.69 10.22 56.48
C ASP E 415 8.31 10.09 55.85
N ASP E 416 8.23 9.93 54.53
CA ASP E 416 6.94 9.94 53.85
C ASP E 416 6.42 8.54 53.60
N TYR E 417 7.16 7.52 54.02
CA TYR E 417 6.65 6.17 54.04
C TYR E 417 6.72 5.62 55.45
N PRO E 418 5.66 5.02 55.96
CA PRO E 418 5.52 4.91 57.43
C PRO E 418 6.28 3.75 58.06
N THR E 419 7.15 3.06 57.29
CA THR E 419 7.81 1.78 57.57
C THR E 419 6.97 0.79 58.39
N GLY E 420 5.76 0.53 57.92
CA GLY E 420 4.87 -0.38 58.58
C GLY E 420 3.53 -0.46 57.88
N GLY E 421 2.65 -1.25 58.47
CA GLY E 421 1.31 -1.39 57.93
C GLY E 421 1.22 -2.48 56.88
N GLU E 422 1.74 -2.22 55.68
CA GLU E 422 1.61 -3.18 54.59
C GLU E 422 2.63 -2.86 53.51
N GLN E 423 2.89 -3.86 52.68
CA GLN E 423 3.62 -3.71 51.44
C GLN E 423 2.61 -3.47 50.33
N ASN E 424 3.07 -3.61 49.08
CA ASN E 424 2.20 -3.65 47.90
C ASN E 424 1.35 -2.41 47.70
N ILE E 425 1.98 -1.29 47.34
CA ILE E 425 1.30 -0.05 46.94
C ILE E 425 0.34 -0.34 45.81
N THR E 426 -0.94 -0.03 46.01
CA THR E 426 -1.93 -0.24 44.96
C THR E 426 -2.22 1.06 44.22
N LEU E 427 -2.72 0.91 43.00
CA LEU E 427 -3.03 2.03 42.12
C LEU E 427 -4.42 1.79 41.54
N GLN E 428 -5.17 2.84 41.27
CA GLN E 428 -6.53 2.69 40.75
C GLN E 428 -6.53 2.93 39.24
N CYS E 429 -6.82 1.89 38.46
CA CYS E 429 -7.00 2.06 37.02
C CYS E 429 -8.42 2.44 36.68
N ARG E 430 -8.67 2.67 35.40
CA ARG E 430 -10.01 2.83 34.87
C ARG E 430 -9.94 2.51 33.38
N ILE E 431 -11.05 1.99 32.85
CA ILE E 431 -11.08 1.40 31.52
C ILE E 431 -11.72 2.39 30.56
N LYS E 432 -11.25 2.40 29.31
CA LYS E 432 -11.76 3.33 28.32
C LYS E 432 -11.70 2.67 26.96
N GLN E 433 -12.81 2.67 26.24
CA GLN E 433 -12.87 2.03 24.92
C GLN E 433 -12.32 2.96 23.84
N ILE E 434 -12.92 4.13 23.71
CA ILE E 434 -12.60 5.08 22.66
C ILE E 434 -11.23 5.70 22.96
N ILE E 435 -10.29 5.57 22.05
CA ILE E 435 -8.96 6.13 22.24
C ILE E 435 -8.50 6.83 20.98
N ASN E 436 -7.98 8.05 21.13
CA ASN E 436 -7.35 8.82 20.07
C ASN E 436 -5.89 9.14 20.40
N MET E 437 -5.12 8.11 20.75
CA MET E 437 -3.68 8.19 20.92
C MET E 437 -3.00 8.80 19.68
N TRP E 438 -1.89 9.50 19.93
CA TRP E 438 -1.15 10.41 19.06
C TRP E 438 -1.92 11.68 18.76
N GLN E 439 -2.96 11.99 19.55
CA GLN E 439 -3.63 13.29 19.59
C GLN E 439 -4.27 13.66 18.26
N GLY E 440 -4.99 12.71 17.67
CA GLY E 440 -5.65 12.95 16.41
C GLY E 440 -6.83 13.89 16.57
N VAL E 441 -7.19 14.56 15.47
CA VAL E 441 -8.28 15.52 15.49
C VAL E 441 -9.43 15.10 14.58
N GLY E 442 -9.31 13.98 13.87
CA GLY E 442 -10.40 13.52 13.05
C GLY E 442 -10.62 12.03 13.12
N LYS E 443 -9.77 11.31 13.84
CA LYS E 443 -9.77 9.86 13.85
C LYS E 443 -9.74 9.34 15.28
N ALA E 444 -10.40 8.20 15.49
CA ALA E 444 -10.48 7.55 16.79
C ALA E 444 -10.40 6.05 16.56
N MET E 445 -10.72 5.28 17.60
CA MET E 445 -10.65 3.83 17.53
C MET E 445 -11.48 3.26 18.66
N TYR E 446 -12.20 2.18 18.39
CA TYR E 446 -13.06 1.52 19.36
C TYR E 446 -12.55 0.11 19.58
N ALA E 447 -11.85 -0.12 20.68
CA ALA E 447 -11.34 -1.44 20.98
C ALA E 447 -12.46 -2.32 21.53
N PRO E 448 -12.82 -3.41 20.85
CA PRO E 448 -13.93 -4.24 21.30
C PRO E 448 -13.54 -5.01 22.56
N PRO E 449 -14.51 -5.46 23.37
CA PRO E 449 -14.16 -6.04 24.66
C PRO E 449 -13.56 -7.43 24.54
N ILE E 450 -12.72 -7.77 25.51
CA ILE E 450 -12.11 -9.08 25.64
C ILE E 450 -12.95 -9.88 26.62
N ARG E 451 -13.28 -11.11 26.26
CA ARG E 451 -14.13 -11.96 27.09
C ARG E 451 -13.27 -12.73 28.09
N GLY E 452 -13.61 -12.60 29.38
CA GLY E 452 -12.85 -13.25 30.42
C GLY E 452 -12.22 -12.27 31.40
N GLN E 453 -11.05 -12.64 31.89
CA GLN E 453 -10.28 -11.82 32.82
C GLN E 453 -8.89 -11.55 32.26
N ILE E 454 -8.22 -10.56 32.84
CA ILE E 454 -7.03 -9.94 32.23
C ILE E 454 -5.90 -9.91 33.26
N ARG E 455 -4.68 -10.22 32.82
CA ARG E 455 -3.48 -10.06 33.63
C ARG E 455 -2.32 -9.61 32.74
N CYS E 456 -1.39 -8.82 33.30
CA CYS E 456 -0.22 -8.43 32.51
C CYS E 456 1.13 -8.84 33.08
N SER E 457 1.51 -8.40 34.29
CA SER E 457 2.85 -8.59 34.88
C SER E 457 3.97 -7.99 34.01
N SER E 458 4.00 -6.66 33.97
CA SER E 458 5.00 -5.90 33.23
C SER E 458 6.31 -5.78 34.01
N ASN E 459 7.25 -4.98 33.53
CA ASN E 459 8.64 -5.15 33.94
C ASN E 459 9.44 -3.84 33.99
N ILE E 460 8.91 -2.78 34.65
CA ILE E 460 9.32 -1.36 34.58
C ILE E 460 10.83 -1.09 34.56
N THR E 461 11.30 -0.34 33.55
CA THR E 461 12.73 -0.14 33.32
C THR E 461 13.21 1.30 33.35
N GLY E 462 12.32 2.29 33.31
CA GLY E 462 12.76 3.67 33.31
C GLY E 462 11.56 4.58 33.33
N LEU E 463 11.82 5.88 33.42
CA LEU E 463 10.72 6.82 33.56
C LEU E 463 11.07 8.21 33.02
N LEU E 464 10.03 9.03 32.89
CA LEU E 464 10.11 10.33 32.23
C LEU E 464 9.70 11.42 33.20
N LEU E 465 10.64 12.28 33.57
CA LEU E 465 10.39 13.38 34.50
C LEU E 465 10.52 14.72 33.79
N THR E 466 9.96 15.75 34.41
CA THR E 466 10.18 17.12 33.96
C THR E 466 10.15 18.04 35.16
N ARG E 467 10.90 19.14 35.07
CA ARG E 467 10.95 20.11 36.15
C ARG E 467 9.75 21.03 36.11
N ASP E 468 9.80 22.08 36.92
CA ASP E 468 8.65 22.95 37.13
C ASP E 468 9.14 24.33 37.52
N GLY E 469 8.75 25.34 36.73
CA GLY E 469 8.82 26.73 37.12
C GLY E 469 10.20 27.35 37.25
N GLY E 470 10.22 28.68 37.38
CA GLY E 470 11.44 29.42 37.59
C GLY E 470 11.27 30.43 38.70
N ARG E 471 10.11 30.41 39.34
CA ARG E 471 9.84 31.28 40.48
C ARG E 471 10.53 30.71 41.71
N ASP E 472 11.40 31.51 42.33
CA ASP E 472 12.22 31.05 43.45
C ASP E 472 11.33 30.94 44.69
N GLN E 473 10.90 29.72 45.00
CA GLN E 473 10.17 29.50 46.24
C GLN E 473 11.12 29.47 47.42
N ASN E 474 12.03 28.50 47.42
CA ASN E 474 12.97 28.22 48.50
C ASN E 474 14.18 27.54 47.89
N GLY E 475 14.97 26.87 48.73
CA GLY E 475 15.94 25.91 48.26
C GLY E 475 15.31 24.56 48.02
N THR E 476 14.33 24.50 47.12
CA THR E 476 13.51 23.31 46.90
C THR E 476 13.22 23.21 45.41
N GLU E 477 13.45 22.03 44.83
CA GLU E 477 13.32 21.81 43.40
C GLU E 477 12.40 20.62 43.15
N THR E 478 11.35 20.82 42.36
CA THR E 478 10.31 19.82 42.20
C THR E 478 10.45 19.09 40.87
N PHE E 479 9.98 17.85 40.82
CA PHE E 479 9.97 17.03 39.61
C PHE E 479 8.62 16.36 39.46
N ARG E 480 8.09 16.32 38.24
CA ARG E 480 6.79 15.73 38.00
C ARG E 480 6.83 14.78 36.81
N PRO E 481 6.12 13.66 36.85
CA PRO E 481 6.12 12.72 35.72
C PRO E 481 5.24 13.19 34.57
N GLY E 482 5.84 13.74 33.53
CA GLY E 482 5.01 14.43 32.56
C GLY E 482 5.46 14.48 31.12
N GLY E 483 6.33 13.55 30.69
CA GLY E 483 6.96 13.63 29.38
C GLY E 483 5.99 13.63 28.21
N GLY E 484 5.79 14.80 27.63
CA GLY E 484 4.65 15.05 26.76
C GLY E 484 4.89 14.89 25.28
N ASN E 485 5.39 13.73 24.87
CA ASN E 485 5.63 13.47 23.45
C ASN E 485 5.74 11.97 23.29
N MET E 486 5.49 11.50 22.07
CA MET E 486 5.63 10.07 21.83
C MET E 486 7.02 9.67 21.39
N ARG E 487 7.82 10.60 20.87
CA ARG E 487 9.17 10.28 20.45
C ARG E 487 10.09 10.01 21.63
N ASP E 488 9.70 10.40 22.84
CA ASP E 488 10.54 10.20 24.00
C ASP E 488 10.58 8.73 24.42
N ASN E 489 9.62 7.93 23.98
CA ASN E 489 9.69 6.51 24.22
C ASN E 489 10.79 5.85 23.42
N TRP E 490 11.14 6.41 22.25
CA TRP E 490 12.11 5.78 21.38
C TRP E 490 13.40 6.57 21.26
N ARG E 491 13.56 7.62 22.06
CA ARG E 491 14.90 8.09 22.38
C ARG E 491 15.61 7.17 23.33
N SER E 492 14.85 6.38 24.09
CA SER E 492 15.39 5.53 25.13
C SER E 492 15.98 4.24 24.60
N GLU E 493 15.63 3.84 23.39
CA GLU E 493 16.16 2.64 22.76
C GLU E 493 17.24 2.95 21.74
N LEU E 494 17.02 3.98 20.93
CA LEU E 494 17.88 4.33 19.80
C LEU E 494 18.95 5.33 20.17
N TYR E 495 19.40 5.36 21.42
CA TYR E 495 20.31 6.41 21.84
C TYR E 495 21.75 6.16 21.46
N LYS E 496 22.08 5.01 20.89
CA LYS E 496 23.46 4.65 20.63
C LYS E 496 23.69 4.21 19.19
N TYR E 497 22.84 4.65 18.27
CA TYR E 497 22.97 4.26 16.88
C TYR E 497 23.10 5.49 16.00
N LYS E 498 23.61 5.27 14.79
CA LYS E 498 24.13 6.31 13.91
C LYS E 498 24.27 5.72 12.53
N VAL E 499 23.59 6.28 11.54
CA VAL E 499 23.62 5.75 10.17
C VAL E 499 24.70 6.48 9.39
N VAL E 500 25.66 5.74 8.85
CA VAL E 500 26.71 6.36 8.05
C VAL E 500 26.67 5.81 6.64
N LYS E 501 27.60 6.27 5.80
CA LYS E 501 27.59 5.99 4.37
C LYS E 501 29.01 5.66 3.95
N ILE E 502 29.21 4.50 3.33
CA ILE E 502 30.54 4.02 3.00
C ILE E 502 30.99 4.64 1.68
N GLU E 503 32.26 5.04 1.62
CA GLU E 503 32.86 5.67 0.45
C GLU E 503 34.11 4.91 0.08
N PRO E 504 34.00 3.87 -0.74
CA PRO E 504 35.07 2.87 -0.84
C PRO E 504 36.20 3.21 -1.79
N LEU E 505 36.23 4.40 -2.37
CA LEU E 505 37.10 4.68 -3.51
C LEU E 505 38.08 5.78 -3.12
N GLY E 506 39.38 5.46 -3.14
CA GLY E 506 40.37 6.35 -2.59
C GLY E 506 41.53 6.60 -3.56
N ILE E 507 42.21 7.73 -3.34
CA ILE E 507 43.28 8.21 -4.19
C ILE E 507 44.51 8.42 -3.32
N ALA E 508 45.65 7.88 -3.75
CA ALA E 508 46.85 8.07 -2.94
C ALA E 508 48.09 8.06 -3.81
N PRO E 509 49.13 8.81 -3.45
CA PRO E 509 50.36 8.79 -4.25
C PRO E 509 51.37 7.74 -3.80
N THR E 510 51.92 7.03 -4.78
CA THR E 510 53.02 6.10 -4.52
C THR E 510 53.88 6.01 -5.77
N ALA E 511 54.92 5.19 -5.72
CA ALA E 511 55.85 5.04 -6.83
C ALA E 511 55.48 3.78 -7.60
N CYS E 512 54.56 3.93 -8.55
CA CYS E 512 54.23 2.87 -9.49
C CYS E 512 53.56 3.51 -10.69
N LYS E 513 53.76 2.93 -11.86
CA LYS E 513 53.19 3.49 -13.08
C LYS E 513 52.80 2.36 -14.02
N ARG E 514 51.92 2.67 -14.97
CA ARG E 514 51.58 1.73 -16.01
C ARG E 514 52.80 1.40 -16.86
N ARG E 515 52.77 0.24 -17.48
CA ARG E 515 53.68 -0.05 -18.57
C ARG E 515 52.89 -0.13 -19.87
N VAL E 516 53.54 0.26 -20.96
CA VAL E 516 52.86 0.36 -22.25
C VAL E 516 52.58 -1.01 -22.85
N ALA F 37 44.13 -1.42 -47.23
CA ALA F 37 44.18 -2.86 -47.49
C ALA F 37 43.95 -3.64 -46.20
N LYS F 38 43.21 -4.75 -46.33
CA LYS F 38 42.90 -5.69 -45.25
C LYS F 38 42.17 -4.97 -44.10
N LYS F 39 40.92 -4.60 -44.41
CA LYS F 39 40.04 -3.99 -43.42
C LYS F 39 39.66 -4.98 -42.32
N TRP F 40 39.35 -4.44 -41.15
CA TRP F 40 38.90 -5.23 -40.02
C TRP F 40 37.85 -4.46 -39.24
N VAL F 41 36.92 -5.21 -38.63
CA VAL F 41 35.84 -4.62 -37.85
C VAL F 41 36.40 -4.04 -36.56
N THR F 42 35.86 -2.89 -36.14
CA THR F 42 36.31 -2.21 -34.94
C THR F 42 35.10 -1.60 -34.24
N VAL F 43 35.07 -1.72 -32.91
CA VAL F 43 33.91 -1.37 -32.09
C VAL F 43 34.23 -0.12 -31.29
N TYR F 44 33.34 0.88 -31.35
CA TYR F 44 33.47 2.12 -30.61
C TYR F 44 32.30 2.30 -29.65
N TYR F 45 32.58 2.93 -28.52
CA TYR F 45 31.57 3.24 -27.52
C TYR F 45 31.62 4.74 -27.23
N GLY F 46 30.46 5.39 -27.26
CA GLY F 46 30.45 6.83 -27.12
C GLY F 46 30.37 7.55 -28.46
N VAL F 47 29.36 7.19 -29.25
CA VAL F 47 29.23 7.61 -30.63
C VAL F 47 27.93 8.41 -30.76
N PRO F 48 27.96 9.64 -31.30
CA PRO F 48 26.78 10.53 -31.29
C PRO F 48 25.68 10.16 -32.30
N VAL F 49 24.89 9.16 -31.95
CA VAL F 49 23.79 8.69 -32.80
C VAL F 49 22.52 8.71 -31.96
N TRP F 50 21.47 9.33 -32.50
CA TRP F 50 20.18 9.35 -31.82
C TRP F 50 19.08 8.86 -32.74
N LYS F 51 18.00 8.39 -32.14
CA LYS F 51 16.80 8.02 -32.86
C LYS F 51 15.61 8.63 -32.14
N GLU F 52 14.42 8.48 -32.72
CA GLU F 52 13.23 9.01 -32.06
C GLU F 52 12.67 8.01 -31.06
N ALA F 53 12.03 8.53 -30.02
CA ALA F 53 11.57 7.68 -28.94
C ALA F 53 10.36 8.30 -28.26
N THR F 54 9.91 7.61 -27.21
CA THR F 54 8.76 8.00 -26.41
C THR F 54 8.97 7.42 -25.03
N THR F 55 9.12 8.27 -24.02
CA THR F 55 9.53 7.81 -22.71
C THR F 55 8.77 8.56 -21.63
N THR F 56 9.19 8.37 -20.38
CA THR F 56 8.56 8.96 -19.21
C THR F 56 9.41 10.13 -18.72
N LEU F 57 8.79 11.30 -18.65
CA LEU F 57 9.46 12.52 -18.21
C LEU F 57 9.02 12.84 -16.79
N PHE F 58 9.93 13.38 -15.98
CA PHE F 58 9.67 13.66 -14.58
C PHE F 58 9.92 15.13 -14.26
N CYS F 59 9.26 15.63 -13.21
CA CYS F 59 9.30 17.03 -12.85
C CYS F 59 10.67 17.44 -12.31
N ALA F 60 10.89 18.76 -12.29
CA ALA F 60 12.06 19.34 -11.66
C ALA F 60 11.73 20.79 -11.33
N SER F 61 11.47 21.07 -10.06
CA SER F 61 11.31 22.45 -9.63
C SER F 61 12.65 22.96 -9.08
N ASP F 62 12.62 24.06 -8.33
CA ASP F 62 13.84 24.57 -7.72
C ASP F 62 13.58 25.07 -6.30
N ALA F 63 14.67 25.44 -5.63
CA ALA F 63 14.68 25.78 -4.21
C ALA F 63 14.60 27.29 -3.98
N LYS F 64 13.89 28.01 -4.85
CA LYS F 64 13.49 29.37 -4.49
C LYS F 64 12.14 29.36 -3.78
N ALA F 65 11.28 28.38 -4.06
CA ALA F 65 10.26 27.97 -3.11
C ALA F 65 10.79 26.84 -2.25
N TYR F 66 9.85 26.14 -1.60
CA TYR F 66 10.10 25.01 -0.73
C TYR F 66 10.98 25.44 0.43
N ASP F 67 10.44 26.41 1.18
CA ASP F 67 10.89 26.74 2.51
C ASP F 67 9.89 26.31 3.56
N THR F 68 8.59 26.44 3.27
CA THR F 68 7.55 25.98 4.16
C THR F 68 7.15 24.57 3.79
N GLU F 69 6.73 23.79 4.78
CA GLU F 69 6.20 22.45 4.52
C GLU F 69 4.70 22.60 4.24
N VAL F 70 4.40 23.02 3.01
CA VAL F 70 3.03 23.11 2.54
C VAL F 70 2.89 22.24 1.31
N HIS F 71 1.66 21.94 0.97
CA HIS F 71 1.32 21.08 -0.15
C HIS F 71 0.24 21.77 -0.96
N ASN F 72 0.60 22.35 -2.11
CA ASN F 72 -0.47 23.02 -2.83
C ASN F 72 -1.29 22.14 -3.76
N VAL F 73 -0.96 22.03 -5.04
CA VAL F 73 -1.66 21.04 -5.86
C VAL F 73 -0.69 20.50 -6.89
N TRP F 74 0.28 21.31 -7.29
CA TRP F 74 1.32 20.89 -8.21
C TRP F 74 2.50 20.58 -7.32
N ALA F 75 2.59 19.31 -6.92
CA ALA F 75 3.07 18.84 -5.62
C ALA F 75 4.30 19.55 -5.05
N THR F 76 5.42 19.48 -5.79
CA THR F 76 6.67 20.22 -5.57
C THR F 76 7.41 19.76 -4.29
N HIS F 77 6.81 18.87 -3.51
CA HIS F 77 7.61 18.02 -2.64
C HIS F 77 8.51 17.14 -3.48
N ALA F 78 7.90 16.38 -4.39
CA ALA F 78 8.54 15.30 -5.10
C ALA F 78 9.26 15.77 -6.35
N CYS F 79 9.32 17.07 -6.61
CA CYS F 79 10.09 17.56 -7.73
C CYS F 79 11.54 17.70 -7.33
N VAL F 80 12.43 17.08 -8.10
CA VAL F 80 13.87 17.09 -7.88
C VAL F 80 14.39 18.51 -8.05
N PRO F 81 15.30 19.00 -7.20
CA PRO F 81 15.82 20.36 -7.40
C PRO F 81 16.69 20.46 -8.65
N THR F 82 16.39 21.47 -9.47
CA THR F 82 17.09 21.62 -10.74
C THR F 82 18.50 22.15 -10.51
N ASP F 83 19.29 22.11 -11.57
CA ASP F 83 20.69 22.47 -11.39
C ASP F 83 20.89 23.96 -11.61
N PRO F 84 21.73 24.62 -10.82
CA PRO F 84 22.01 26.05 -11.07
C PRO F 84 22.91 26.31 -12.27
N ASN F 85 23.43 25.27 -12.92
CA ASN F 85 24.18 25.41 -14.16
C ASN F 85 23.58 24.47 -15.20
N PRO F 86 22.47 24.84 -15.82
CA PRO F 86 21.92 24.00 -16.89
C PRO F 86 22.76 24.11 -18.15
N GLN F 87 23.11 22.95 -18.73
CA GLN F 87 23.99 22.92 -19.88
C GLN F 87 23.20 22.84 -21.17
N GLU F 88 23.67 23.59 -22.17
CA GLU F 88 23.12 23.54 -23.52
C GLU F 88 24.28 23.33 -24.48
N ILE F 89 24.32 22.18 -25.13
CA ILE F 89 25.31 21.92 -26.15
C ILE F 89 24.76 22.42 -27.48
N VAL F 90 25.51 23.29 -28.14
CA VAL F 90 25.14 23.80 -29.46
C VAL F 90 25.62 22.78 -30.47
N LEU F 91 24.69 22.19 -31.22
CA LEU F 91 25.07 21.20 -32.21
C LEU F 91 25.71 21.88 -33.41
N GLY F 92 26.19 21.06 -34.34
CA GLY F 92 26.87 21.57 -35.49
C GLY F 92 25.89 21.87 -36.61
N ASN F 93 26.02 21.14 -37.71
CA ASN F 93 25.29 21.42 -38.92
C ASN F 93 24.05 20.53 -39.07
N VAL F 94 23.38 20.21 -37.97
CA VAL F 94 22.32 19.22 -37.99
C VAL F 94 21.02 19.87 -38.46
N THR F 95 20.21 19.13 -39.20
CA THR F 95 18.98 19.64 -39.81
C THR F 95 17.79 18.75 -39.42
N GLU F 96 17.61 18.56 -38.11
CA GLU F 96 16.53 17.74 -37.57
C GLU F 96 15.17 18.33 -37.92
N ASN F 97 14.19 17.44 -38.12
CA ASN F 97 12.83 17.79 -38.48
C ASN F 97 11.92 17.73 -37.25
N PHE F 98 11.00 18.70 -37.14
CA PHE F 98 10.13 18.86 -35.98
C PHE F 98 8.67 18.83 -36.38
N ASN F 99 7.80 18.67 -35.38
CA ASN F 99 6.36 18.82 -35.51
C ASN F 99 5.81 19.49 -34.27
N MET F 100 4.78 20.30 -34.47
CA MET F 100 4.18 21.07 -33.40
C MET F 100 2.94 20.40 -32.84
N TRP F 101 2.34 19.46 -33.59
CA TRP F 101 1.14 18.79 -33.12
C TRP F 101 1.19 17.28 -33.35
N LYS F 102 2.36 16.71 -33.61
CA LYS F 102 2.61 15.28 -33.49
C LYS F 102 3.58 15.04 -32.34
N ASN F 103 3.37 15.76 -31.25
CA ASN F 103 4.29 15.78 -30.12
C ASN F 103 3.67 14.97 -29.00
N ASN F 104 4.46 14.14 -28.35
CA ASN F 104 3.96 13.31 -27.27
C ASN F 104 4.16 13.95 -25.91
N MET F 105 4.91 15.04 -25.82
CA MET F 105 5.05 15.75 -24.57
C MET F 105 3.75 16.42 -24.17
N VAL F 106 2.96 16.86 -25.14
CA VAL F 106 1.68 17.48 -24.88
C VAL F 106 0.69 16.48 -24.31
N GLU F 107 0.70 15.26 -24.83
CA GLU F 107 -0.21 14.24 -24.32
C GLU F 107 0.20 13.77 -22.93
N GLN F 108 1.48 13.81 -22.60
CA GLN F 108 1.88 13.52 -21.22
C GLN F 108 1.47 14.64 -20.28
N MET F 109 1.64 15.89 -20.70
CA MET F 109 1.36 17.00 -19.79
C MET F 109 -0.13 17.14 -19.53
N HIS F 110 -0.96 16.86 -20.52
CA HIS F 110 -2.40 16.95 -20.32
C HIS F 110 -2.92 15.88 -19.37
N GLU F 111 -2.24 14.74 -19.28
CA GLU F 111 -2.65 13.72 -18.32
C GLU F 111 -1.97 13.88 -16.97
N ASP F 112 -0.83 14.57 -16.91
CA ASP F 112 -0.18 14.86 -15.64
C ASP F 112 -0.79 16.05 -14.95
N ILE F 113 -1.61 16.85 -15.63
CA ILE F 113 -2.32 17.91 -14.95
C ILE F 113 -3.71 17.49 -14.47
N ILE F 114 -4.39 16.62 -15.20
CA ILE F 114 -5.67 16.10 -14.72
C ILE F 114 -5.47 15.19 -13.52
N SER F 115 -4.42 14.36 -13.53
CA SER F 115 -4.21 13.38 -12.47
C SER F 115 -3.76 14.04 -11.18
N LEU F 116 -2.91 15.05 -11.29
CA LEU F 116 -2.39 15.80 -10.16
C LEU F 116 -3.41 16.73 -9.54
N TRP F 117 -4.51 16.97 -10.23
CA TRP F 117 -5.66 17.70 -9.75
C TRP F 117 -6.64 16.78 -9.02
N ASP F 118 -6.32 15.49 -8.92
CA ASP F 118 -7.17 14.53 -8.22
C ASP F 118 -6.49 13.87 -7.04
N GLN F 119 -5.20 14.09 -6.81
CA GLN F 119 -4.62 13.79 -5.52
C GLN F 119 -5.25 14.66 -4.45
N SER F 120 -5.12 15.96 -4.60
CA SER F 120 -5.95 16.87 -3.85
C SER F 120 -7.40 16.69 -4.27
N LEU F 121 -8.30 17.07 -3.37
CA LEU F 121 -9.74 16.85 -3.42
C LEU F 121 -10.14 15.37 -3.53
N LYS F 122 -9.22 14.45 -3.27
CA LYS F 122 -9.53 13.10 -2.85
C LYS F 122 -9.77 13.00 -1.34
N PRO F 123 -8.91 13.60 -0.41
CA PRO F 123 -9.25 13.59 1.02
C PRO F 123 -10.07 14.79 1.48
N CYS F 124 -11.14 15.10 0.77
CA CYS F 124 -11.88 16.31 1.04
C CYS F 124 -13.36 16.00 1.20
N VAL F 125 -14.13 17.06 1.42
CA VAL F 125 -15.50 16.96 1.91
C VAL F 125 -16.45 16.78 0.74
N LYS F 126 -17.14 15.65 0.69
CA LYS F 126 -18.22 15.48 -0.27
C LYS F 126 -19.41 16.32 0.14
N LEU F 127 -20.10 16.91 -0.83
CA LEU F 127 -21.26 17.73 -0.55
C LEU F 127 -22.54 17.06 -0.99
N THR F 128 -22.63 15.74 -0.83
CA THR F 128 -23.87 15.03 -1.11
C THR F 128 -25.06 15.44 -0.24
N PRO F 129 -24.95 15.70 1.07
CA PRO F 129 -26.14 16.21 1.78
C PRO F 129 -26.58 17.62 1.42
N LEU F 130 -25.90 18.33 0.54
CA LEU F 130 -26.36 19.65 0.11
C LEU F 130 -27.37 19.58 -1.02
N CYS F 131 -27.54 18.43 -1.68
CA CYS F 131 -28.45 18.33 -2.81
C CYS F 131 -29.88 18.24 -2.27
N VAL F 132 -30.41 19.40 -1.87
CA VAL F 132 -31.72 19.50 -1.23
C VAL F 132 -32.57 20.55 -1.94
N THR F 133 -33.74 20.84 -1.39
CA THR F 133 -34.62 21.87 -1.92
C THR F 133 -34.36 23.18 -1.20
N LEU F 134 -34.19 24.26 -1.95
CA LEU F 134 -33.70 25.53 -1.42
C LEU F 134 -34.80 26.59 -1.49
N ASN F 135 -35.07 27.26 -0.37
CA ASN F 135 -35.85 28.49 -0.47
C ASN F 135 -34.93 29.67 -0.62
N CYS F 136 -35.49 30.80 -1.07
CA CYS F 136 -34.63 31.92 -1.42
C CYS F 136 -35.40 33.23 -1.33
N ASN F 137 -34.62 34.30 -1.37
CA ASN F 137 -35.06 35.60 -1.87
C ASN F 137 -33.83 36.29 -2.45
N ASN F 138 -33.99 37.53 -2.88
CA ASN F 138 -32.97 38.21 -3.65
C ASN F 138 -32.34 39.33 -2.82
N VAL F 139 -31.04 39.53 -3.03
CA VAL F 139 -30.32 40.62 -2.37
C VAL F 139 -30.73 41.94 -3.02
N ASN F 140 -30.71 43.02 -2.23
CA ASN F 140 -31.38 44.28 -2.55
C ASN F 140 -30.78 45.05 -3.72
N THR F 141 -29.67 44.60 -4.30
CA THR F 141 -29.10 45.23 -5.48
C THR F 141 -29.17 44.25 -6.65
N ASN F 142 -30.01 44.57 -7.64
CA ASN F 142 -30.23 43.70 -8.79
C ASN F 142 -29.15 43.95 -9.84
N ASN F 143 -28.78 42.87 -10.55
CA ASN F 143 -27.81 42.89 -11.66
C ASN F 143 -26.43 43.40 -11.27
N THR F 144 -26.11 43.38 -9.99
CA THR F 144 -24.83 43.89 -9.52
C THR F 144 -24.42 43.23 -8.20
N GLY F 161 -31.15 39.91 -9.59
CA GLY F 161 -29.97 39.86 -8.74
C GLY F 161 -28.97 38.84 -9.21
N GLU F 162 -27.71 39.05 -8.85
CA GLU F 162 -26.66 38.09 -9.11
C GLU F 162 -26.21 37.38 -7.84
N MET F 163 -26.77 37.74 -6.69
CA MET F 163 -26.62 37.00 -5.46
C MET F 163 -27.99 36.49 -5.06
N LYS F 164 -28.02 35.41 -4.27
CA LYS F 164 -29.28 34.88 -3.78
C LYS F 164 -29.11 34.51 -2.32
N ASN F 165 -30.09 34.85 -1.50
CA ASN F 165 -30.09 34.50 -0.08
C ASN F 165 -30.96 33.26 0.08
N CYS F 166 -30.34 32.13 0.41
CA CYS F 166 -30.99 30.83 0.39
C CYS F 166 -31.02 30.20 1.77
N SER F 167 -32.08 29.44 2.02
CA SER F 167 -32.29 28.74 3.27
C SER F 167 -32.63 27.28 2.98
N PHE F 168 -32.14 26.41 3.86
CA PHE F 168 -32.30 24.98 3.63
C PHE F 168 -32.19 24.19 4.94
N ASN F 169 -33.00 23.15 5.05
CA ASN F 169 -32.92 22.20 6.15
C ASN F 169 -31.72 21.29 5.96
N VAL F 170 -30.97 21.05 7.02
CA VAL F 170 -29.80 20.18 6.96
C VAL F 170 -29.91 19.16 8.10
N THR F 171 -29.46 17.94 7.85
CA THR F 171 -29.32 16.93 8.89
C THR F 171 -27.91 17.04 9.46
N THR F 172 -27.81 17.39 10.73
CA THR F 172 -26.58 17.87 11.33
C THR F 172 -25.60 16.74 11.62
N SER F 173 -24.57 17.06 12.41
CA SER F 173 -23.55 16.08 12.77
C SER F 173 -24.08 14.95 13.63
N ILE F 174 -25.19 15.16 14.33
CA ILE F 174 -25.84 14.13 15.14
C ILE F 174 -27.08 13.69 14.38
N ARG F 175 -27.15 12.40 14.04
CA ARG F 175 -28.11 11.96 13.04
C ARG F 175 -29.52 11.75 13.59
N ASP F 176 -30.03 12.74 14.33
CA ASP F 176 -31.42 12.75 14.76
C ASP F 176 -32.08 14.12 14.66
N LYS F 177 -31.32 15.20 14.65
CA LYS F 177 -31.85 16.56 14.73
C LYS F 177 -31.76 17.27 13.39
N ILE F 178 -32.66 18.23 13.18
CA ILE F 178 -32.80 18.95 11.93
C ILE F 178 -32.48 20.42 12.19
N LYS F 179 -31.55 20.98 11.43
CA LYS F 179 -31.12 22.36 11.58
C LYS F 179 -31.58 23.13 10.34
N LYS F 180 -31.69 24.45 10.47
CA LYS F 180 -32.04 25.32 9.34
C LYS F 180 -30.95 26.35 9.13
N GLU F 181 -30.45 26.45 7.89
CA GLU F 181 -29.26 27.26 7.63
C GLU F 181 -29.51 28.22 6.46
N TYR F 182 -28.70 29.29 6.45
CA TYR F 182 -28.75 30.37 5.47
C TYR F 182 -27.39 30.54 4.81
N ALA F 183 -27.41 30.86 3.51
CA ALA F 183 -26.16 31.15 2.80
C ALA F 183 -26.47 32.01 1.59
N LEU F 184 -25.58 32.94 1.29
CA LEU F 184 -25.63 33.67 0.04
C LEU F 184 -24.80 32.93 -0.99
N PHE F 185 -25.37 32.69 -2.17
CA PHE F 185 -24.52 32.26 -3.26
C PHE F 185 -25.07 32.72 -4.60
N TYR F 186 -24.22 32.62 -5.61
CA TYR F 186 -24.41 33.31 -6.87
C TYR F 186 -25.48 32.65 -7.72
N LYS F 187 -26.00 33.43 -8.65
CA LYS F 187 -26.60 32.87 -9.85
C LYS F 187 -25.49 32.29 -10.71
N LEU F 188 -25.85 31.36 -11.60
CA LEU F 188 -25.03 30.39 -12.36
C LEU F 188 -24.56 29.27 -11.47
N ASP F 189 -25.09 29.14 -10.26
CA ASP F 189 -24.90 27.95 -9.44
C ASP F 189 -26.21 27.28 -9.11
N VAL F 190 -27.31 27.73 -9.72
CA VAL F 190 -28.65 27.28 -9.36
C VAL F 190 -29.34 26.75 -10.61
N VAL F 191 -30.39 25.98 -10.39
CA VAL F 191 -31.35 25.63 -11.42
C VAL F 191 -32.75 25.75 -10.83
N PRO F 192 -33.65 26.49 -11.49
CA PRO F 192 -35.03 26.57 -11.02
C PRO F 192 -35.76 25.24 -11.15
N LEU F 193 -36.36 24.82 -10.05
CA LEU F 193 -36.82 23.45 -9.88
C LEU F 193 -38.17 23.19 -10.54
N GLU F 194 -39.10 24.14 -10.45
CA GLU F 194 -40.38 23.99 -11.13
C GLU F 194 -40.63 25.15 -12.10
N ASN F 203 -46.30 33.45 -5.84
CA ASN F 203 -45.48 32.25 -5.88
C ASN F 203 -44.11 32.45 -5.26
N ILE F 204 -43.59 31.41 -4.62
CA ILE F 204 -42.28 31.41 -4.02
C ILE F 204 -41.31 30.74 -4.98
N THR F 205 -40.22 31.42 -5.31
CA THR F 205 -39.16 30.82 -6.11
C THR F 205 -38.47 29.74 -5.29
N ASN F 206 -38.47 28.53 -5.83
CA ASN F 206 -38.05 27.35 -5.08
C ASN F 206 -37.16 26.55 -6.02
N TYR F 207 -35.84 26.63 -5.83
CA TYR F 207 -34.92 26.03 -6.80
C TYR F 207 -33.97 25.10 -6.08
N ARG F 208 -32.93 24.64 -6.79
CA ARG F 208 -31.88 23.85 -6.16
C ARG F 208 -30.55 24.09 -6.86
N LEU F 209 -29.55 23.28 -6.51
CA LEU F 209 -28.17 23.50 -6.90
C LEU F 209 -27.88 22.91 -8.28
N ILE F 210 -26.84 23.44 -8.94
CA ILE F 210 -26.68 23.32 -10.39
C ILE F 210 -26.39 21.89 -10.85
N ASN F 211 -25.69 21.10 -10.04
CA ASN F 211 -24.99 19.96 -10.61
C ASN F 211 -25.22 18.72 -9.76
N CYS F 212 -26.45 18.55 -9.26
CA CYS F 212 -26.81 17.37 -8.50
C CYS F 212 -27.54 16.32 -9.34
N ASN F 213 -27.84 16.61 -10.60
CA ASN F 213 -28.32 15.54 -11.46
C ASN F 213 -27.21 14.55 -11.77
N THR F 214 -26.01 15.05 -12.10
CA THR F 214 -25.07 14.23 -12.85
C THR F 214 -23.69 14.05 -12.24
N SER F 215 -23.40 14.59 -11.05
CA SER F 215 -22.03 14.54 -10.58
C SER F 215 -21.96 14.48 -9.08
N VAL F 216 -20.85 13.94 -8.59
CA VAL F 216 -20.47 13.99 -7.20
C VAL F 216 -19.55 15.19 -7.03
N ILE F 217 -19.80 15.99 -6.01
CA ILE F 217 -19.31 17.36 -5.92
C ILE F 217 -18.48 17.50 -4.64
N THR F 218 -17.33 18.17 -4.74
CA THR F 218 -16.30 18.06 -3.72
C THR F 218 -15.72 19.42 -3.38
N GLN F 219 -15.82 19.81 -2.12
CA GLN F 219 -15.26 21.07 -1.66
C GLN F 219 -13.75 20.98 -1.54
N ALA F 220 -13.03 21.85 -2.23
CA ALA F 220 -11.59 21.90 -2.08
C ALA F 220 -11.21 22.44 -0.72
N CYS F 221 -10.03 22.08 -0.24
CA CYS F 221 -9.66 22.61 1.06
C CYS F 221 -9.07 24.01 0.92
N PRO F 222 -9.28 24.88 1.90
CA PRO F 222 -8.40 26.02 2.09
C PRO F 222 -7.06 25.56 2.64
N LYS F 223 -6.10 26.49 2.63
CA LYS F 223 -4.67 26.23 2.86
C LYS F 223 -4.14 25.21 1.86
N VAL F 224 -4.66 25.26 0.64
CA VAL F 224 -4.23 24.46 -0.50
C VAL F 224 -4.17 25.44 -1.66
N SER F 225 -2.96 25.76 -2.09
CA SER F 225 -2.77 26.88 -3.01
C SER F 225 -2.97 26.45 -4.45
N PHE F 226 -3.26 27.45 -5.30
CA PHE F 226 -3.45 27.24 -6.72
C PHE F 226 -2.42 28.01 -7.56
N GLU F 227 -1.41 28.58 -6.94
CA GLU F 227 -0.53 29.51 -7.64
C GLU F 227 0.36 28.76 -8.62
N PRO F 228 0.31 29.08 -9.91
CA PRO F 228 0.99 28.27 -10.92
C PRO F 228 2.49 28.43 -10.91
N ILE F 229 3.18 27.65 -10.09
CA ILE F 229 4.64 27.70 -10.04
C ILE F 229 5.19 26.92 -11.23
N PRO F 230 6.37 27.26 -11.75
CA PRO F 230 6.85 26.62 -12.98
C PRO F 230 7.24 25.16 -12.82
N ILE F 231 7.17 24.43 -13.93
CA ILE F 231 7.49 23.02 -14.00
C ILE F 231 8.51 22.83 -15.12
N HIS F 232 9.66 22.24 -14.80
CA HIS F 232 10.57 21.77 -15.83
C HIS F 232 10.32 20.30 -16.11
N TYR F 233 10.70 19.85 -17.30
CA TYR F 233 10.60 18.44 -17.67
C TYR F 233 11.97 17.89 -17.99
N CYS F 234 12.34 16.82 -17.31
CA CYS F 234 13.63 16.20 -17.52
C CYS F 234 13.42 14.83 -18.13
N ALA F 235 14.44 14.38 -18.86
CA ALA F 235 14.45 13.07 -19.46
C ALA F 235 15.50 12.20 -18.77
N PRO F 236 15.26 10.90 -18.61
CA PRO F 236 16.22 10.05 -17.89
C PRO F 236 17.55 9.88 -18.59
N ALA F 237 18.48 9.18 -17.95
CA ALA F 237 19.80 9.00 -18.54
C ALA F 237 19.73 8.04 -19.72
N GLY F 238 20.41 8.40 -20.80
CA GLY F 238 20.25 7.71 -22.05
C GLY F 238 19.22 8.31 -22.97
N PHE F 239 18.73 9.51 -22.67
CA PHE F 239 17.81 10.24 -23.52
C PHE F 239 18.27 11.70 -23.54
N ALA F 240 17.62 12.51 -24.38
CA ALA F 240 17.94 13.93 -24.48
C ALA F 240 16.75 14.65 -25.12
N ILE F 241 16.68 15.96 -24.91
CA ILE F 241 15.66 16.79 -25.55
C ILE F 241 16.35 17.69 -26.55
N LEU F 242 15.82 17.74 -27.77
CA LEU F 242 16.29 18.64 -28.80
C LEU F 242 15.42 19.88 -28.83
N LYS F 243 16.06 21.00 -29.11
CA LYS F 243 15.49 22.34 -29.03
C LYS F 243 15.80 23.10 -30.31
N CYS F 244 14.80 23.77 -30.86
CA CYS F 244 14.95 24.59 -32.06
C CYS F 244 15.30 26.02 -31.68
N ASN F 245 16.29 26.58 -32.38
CA ASN F 245 16.73 27.95 -32.12
C ASN F 245 16.45 28.89 -33.29
N SER F 246 15.56 28.50 -34.20
CA SER F 246 15.20 29.38 -35.30
C SER F 246 14.32 30.53 -34.80
N LYS F 247 14.45 31.67 -35.47
CA LYS F 247 13.79 32.88 -34.98
C LYS F 247 12.31 32.87 -35.31
N THR F 248 11.95 32.58 -36.57
CA THR F 248 10.57 32.51 -37.00
C THR F 248 10.37 31.13 -37.62
N PHE F 249 10.04 30.15 -36.78
CA PHE F 249 9.84 28.78 -37.20
C PHE F 249 8.38 28.41 -37.06
N ASN F 250 7.77 27.96 -38.14
CA ASN F 250 6.37 27.57 -38.15
C ASN F 250 6.20 26.21 -37.47
N GLY F 251 5.02 25.61 -37.58
CA GLY F 251 4.87 24.22 -37.20
C GLY F 251 5.31 23.34 -38.36
N SER F 252 5.81 22.15 -38.02
CA SER F 252 6.08 21.07 -38.96
C SER F 252 7.05 21.39 -40.08
N GLY F 253 8.31 21.66 -39.77
CA GLY F 253 9.30 21.87 -40.80
C GLY F 253 10.70 21.49 -40.36
N PRO F 254 11.65 21.48 -41.29
CA PRO F 254 13.05 21.27 -40.91
C PRO F 254 13.63 22.51 -40.27
N CYS F 255 14.84 22.35 -39.72
CA CYS F 255 15.53 23.43 -39.04
C CYS F 255 17.00 23.41 -39.44
N THR F 256 17.73 24.42 -38.98
CA THR F 256 19.17 24.49 -39.19
C THR F 256 19.97 24.83 -37.95
N ASN F 257 19.33 25.27 -36.87
CA ASN F 257 20.02 25.61 -35.63
C ASN F 257 19.35 24.82 -34.52
N VAL F 258 20.01 23.76 -34.06
CA VAL F 258 19.44 22.81 -33.11
C VAL F 258 20.39 22.72 -31.91
N SER F 259 19.83 22.59 -30.72
CA SER F 259 20.64 22.42 -29.51
C SER F 259 20.06 21.28 -28.67
N THR F 260 20.85 20.80 -27.72
CA THR F 260 20.45 19.70 -26.84
C THR F 260 20.40 20.16 -25.39
N VAL F 261 19.35 19.74 -24.69
CA VAL F 261 19.19 20.00 -23.27
C VAL F 261 18.78 18.70 -22.58
N GLN F 262 18.86 18.72 -21.26
CA GLN F 262 18.30 17.67 -20.42
C GLN F 262 17.02 18.09 -19.74
N CYS F 263 16.60 19.34 -19.90
CA CYS F 263 15.64 19.94 -18.97
C CYS F 263 15.00 21.13 -19.66
N THR F 264 13.69 21.16 -19.74
CA THR F 264 13.02 22.15 -20.58
C THR F 264 12.89 23.48 -19.87
N HIS F 265 12.08 24.34 -20.46
CA HIS F 265 11.80 25.70 -20.04
C HIS F 265 10.92 25.69 -18.79
N GLY F 266 10.81 26.83 -18.13
CA GLY F 266 9.96 26.94 -16.96
C GLY F 266 8.49 27.12 -17.30
N ILE F 267 7.82 26.04 -17.66
CA ILE F 267 6.42 26.10 -18.11
C ILE F 267 5.50 26.25 -16.92
N ARG F 268 4.53 27.16 -17.01
CA ARG F 268 3.61 27.44 -15.92
C ARG F 268 2.22 26.95 -16.27
N PRO F 269 1.61 26.08 -15.47
CA PRO F 269 0.31 25.51 -15.85
C PRO F 269 -0.86 26.45 -15.60
N VAL F 270 -0.96 27.48 -16.43
CA VAL F 270 -2.08 28.42 -16.34
C VAL F 270 -3.27 27.82 -17.08
N VAL F 271 -4.32 27.50 -16.35
CA VAL F 271 -5.54 26.95 -16.94
C VAL F 271 -6.41 28.11 -17.42
N SER F 272 -6.60 28.22 -18.72
CA SER F 272 -7.22 29.41 -19.31
C SER F 272 -7.82 29.08 -20.66
N THR F 273 -8.84 29.85 -21.05
CA THR F 273 -9.38 29.81 -22.39
C THR F 273 -9.26 31.18 -23.03
N GLN F 274 -9.35 31.21 -24.36
CA GLN F 274 -9.57 32.38 -25.22
C GLN F 274 -8.39 33.34 -25.33
N LEU F 275 -7.38 33.20 -24.47
CA LEU F 275 -6.24 34.08 -24.32
C LEU F 275 -5.20 33.38 -23.46
N LEU F 276 -3.93 33.65 -23.73
CA LEU F 276 -2.82 32.97 -23.06
C LEU F 276 -2.08 34.00 -22.21
N LEU F 277 -2.06 33.81 -20.89
CA LEU F 277 -1.83 34.95 -20.00
C LEU F 277 -0.39 35.16 -19.55
N ASN F 278 0.16 34.28 -18.72
CA ASN F 278 1.51 34.52 -18.21
C ASN F 278 2.52 33.72 -19.00
N GLY F 279 2.50 33.92 -20.32
CA GLY F 279 3.22 33.02 -21.21
C GLY F 279 4.59 33.46 -21.67
N SER F 280 4.99 33.02 -22.86
CA SER F 280 6.29 33.32 -23.44
C SER F 280 6.13 34.08 -24.75
N LEU F 281 7.13 34.88 -25.10
CA LEU F 281 7.05 35.80 -26.22
C LEU F 281 7.92 35.34 -27.39
N ALA F 282 7.57 35.82 -28.57
CA ALA F 282 8.37 35.61 -29.76
C ALA F 282 9.47 36.66 -29.82
N GLU F 283 10.19 36.72 -30.94
CA GLU F 283 11.29 37.66 -31.11
C GLU F 283 11.16 38.32 -32.48
N GLU F 284 10.97 39.65 -32.46
CA GLU F 284 11.01 40.60 -33.57
C GLU F 284 9.79 40.56 -34.50
N GLU F 285 8.94 39.54 -34.40
CA GLU F 285 7.76 39.43 -35.24
C GLU F 285 6.69 38.63 -34.52
N ILE F 286 5.43 38.95 -34.77
CA ILE F 286 4.34 38.12 -34.26
C ILE F 286 4.16 36.98 -35.23
N VAL F 287 3.97 35.78 -34.70
CA VAL F 287 4.04 34.58 -35.51
C VAL F 287 2.72 33.84 -35.39
N ILE F 288 2.22 33.33 -36.51
CA ILE F 288 0.96 32.60 -36.55
C ILE F 288 1.26 31.15 -36.89
N ARG F 289 0.77 30.23 -36.06
CA ARG F 289 0.91 28.80 -36.29
C ARG F 289 -0.45 28.19 -36.54
N SER F 290 -0.51 27.25 -37.48
CA SER F 290 -1.69 26.46 -37.72
C SER F 290 -1.27 25.15 -38.35
N GLU F 291 -2.14 24.15 -38.26
CA GLU F 291 -1.86 22.86 -38.87
C GLU F 291 -2.02 22.91 -40.38
N ASN F 292 -3.23 23.23 -40.85
CA ASN F 292 -3.54 23.40 -42.26
C ASN F 292 -4.37 24.67 -42.33
N ILE F 293 -3.74 25.78 -42.73
CA ILE F 293 -4.37 27.09 -42.56
C ILE F 293 -5.51 27.32 -43.56
N THR F 294 -5.54 26.59 -44.68
CA THR F 294 -6.65 26.75 -45.60
C THR F 294 -7.91 26.05 -45.11
N ASP F 295 -7.74 24.98 -44.32
CA ASP F 295 -8.90 24.34 -43.71
C ASP F 295 -9.39 25.19 -42.54
N ASN F 296 -10.69 25.14 -42.29
CA ASN F 296 -11.28 25.94 -41.23
C ASN F 296 -11.40 25.20 -39.90
N ALA F 297 -11.40 23.88 -39.91
CA ALA F 297 -11.61 23.14 -38.67
C ALA F 297 -10.36 23.09 -37.79
N LYS F 298 -9.22 23.55 -38.26
CA LYS F 298 -8.01 23.58 -37.45
C LYS F 298 -7.87 24.93 -36.76
N THR F 299 -7.50 24.90 -35.48
CA THR F 299 -7.37 26.11 -34.70
C THR F 299 -6.08 26.84 -35.02
N ILE F 300 -6.05 28.13 -34.71
CA ILE F 300 -4.95 29.01 -35.06
C ILE F 300 -4.37 29.57 -33.76
N ILE F 301 -3.07 29.38 -33.56
CA ILE F 301 -2.37 29.89 -32.39
C ILE F 301 -1.56 31.11 -32.80
N VAL F 302 -1.88 32.25 -32.20
CA VAL F 302 -1.18 33.49 -32.48
C VAL F 302 -0.26 33.79 -31.31
N GLN F 303 1.02 34.05 -31.60
CA GLN F 303 2.01 34.37 -30.59
C GLN F 303 2.53 35.77 -30.84
N LEU F 304 2.51 36.61 -29.81
CA LEU F 304 2.85 38.01 -29.94
C LEU F 304 4.34 38.23 -29.69
N ASN F 305 4.81 39.46 -29.87
CA ASN F 305 6.18 39.82 -29.51
C ASN F 305 6.27 40.90 -28.45
N GLU F 306 5.16 41.56 -28.11
CA GLU F 306 5.10 42.49 -27.00
C GLU F 306 3.84 42.22 -26.21
N ALA F 307 3.98 42.04 -24.90
CA ALA F 307 2.86 41.62 -24.07
C ALA F 307 1.92 42.78 -23.82
N VAL F 308 0.64 42.46 -23.64
CA VAL F 308 -0.39 43.45 -23.38
C VAL F 308 -0.90 43.21 -21.96
N GLU F 309 -0.80 44.23 -21.11
CA GLU F 309 -1.07 44.03 -19.69
C GLU F 309 -2.54 44.29 -19.37
N ILE F 310 -3.06 43.54 -18.40
CA ILE F 310 -4.47 43.55 -18.05
C ILE F 310 -4.61 43.47 -16.54
N ASN F 311 -5.60 44.17 -15.97
CA ASN F 311 -5.71 44.45 -14.54
C ASN F 311 -7.11 44.12 -14.02
N CYS F 312 -7.40 42.84 -13.76
CA CYS F 312 -8.71 42.48 -13.23
C CYS F 312 -8.78 42.74 -11.72
N THR F 313 -10.01 42.88 -11.23
CA THR F 313 -10.25 43.03 -9.79
C THR F 313 -11.68 42.64 -9.46
N ARG F 314 -11.92 42.41 -8.18
CA ARG F 314 -13.26 42.15 -7.64
C ARG F 314 -13.45 42.95 -6.36
N PRO F 315 -14.14 44.08 -6.41
CA PRO F 315 -14.39 44.83 -5.18
C PRO F 315 -15.60 44.34 -4.39
N ASN F 316 -15.36 43.63 -3.29
CA ASN F 316 -16.35 43.24 -2.30
C ASN F 316 -15.60 42.91 -1.01
N ASN F 317 -16.26 42.99 0.12
CA ASN F 317 -15.64 42.65 1.40
C ASN F 317 -16.39 41.50 2.06
N ASN F 318 -16.67 40.45 1.29
CA ASN F 318 -17.53 39.38 1.77
C ASN F 318 -16.84 38.51 2.81
N THR F 319 -17.65 37.84 3.62
CA THR F 319 -17.19 37.03 4.73
C THR F 319 -17.39 35.55 4.42
N ARG F 320 -17.12 34.69 5.39
CA ARG F 320 -17.33 33.27 5.23
C ARG F 320 -17.95 32.70 6.50
N LYS F 321 -18.98 31.87 6.33
CA LYS F 321 -19.60 31.17 7.44
C LYS F 321 -18.82 29.88 7.68
N SER F 322 -19.31 29.03 8.56
CA SER F 322 -18.76 27.69 8.70
C SER F 322 -19.88 26.77 9.18
N ILE F 323 -20.60 26.19 8.24
CA ILE F 323 -21.67 25.25 8.56
C ILE F 323 -21.03 23.89 8.77
N HIS F 324 -21.30 23.28 9.92
CA HIS F 324 -20.72 21.98 10.24
C HIS F 324 -21.73 20.89 9.93
N ILE F 325 -21.43 20.10 8.89
CA ILE F 325 -22.27 19.00 8.44
C ILE F 325 -21.45 17.72 8.51
N GLY F 326 -21.89 16.80 9.36
CA GLY F 326 -21.19 15.55 9.52
C GLY F 326 -20.03 15.67 10.49
N PRO F 327 -19.50 14.53 10.94
CA PRO F 327 -18.42 14.53 11.93
C PRO F 327 -17.11 15.00 11.33
N GLY F 328 -16.56 16.06 11.90
CA GLY F 328 -15.26 16.58 11.48
C GLY F 328 -15.23 17.23 10.12
N ARG F 329 -16.38 17.61 9.57
CA ARG F 329 -16.48 18.15 8.22
C ARG F 329 -17.23 19.47 8.26
N ALA F 330 -16.56 20.54 7.86
CA ALA F 330 -17.13 21.87 7.85
C ALA F 330 -17.29 22.36 6.41
N PHE F 331 -18.42 23.02 6.14
CA PHE F 331 -18.79 23.55 4.83
C PHE F 331 -18.72 25.06 4.87
N TYR F 332 -17.85 25.64 4.04
CA TYR F 332 -17.58 27.08 4.10
C TYR F 332 -18.43 27.81 3.06
N ALA F 333 -19.48 28.46 3.50
CA ALA F 333 -20.37 29.20 2.62
C ALA F 333 -19.94 30.65 2.56
N THR F 334 -20.76 31.50 1.95
CA THR F 334 -20.53 32.93 1.89
C THR F 334 -21.50 33.61 2.83
N GLY F 335 -21.00 34.55 3.64
CA GLY F 335 -21.79 35.12 4.70
C GLY F 335 -22.52 36.37 4.26
N ASP F 336 -22.05 37.54 4.67
CA ASP F 336 -22.65 38.80 4.23
C ASP F 336 -21.59 39.64 3.54
N ILE F 337 -22.05 40.71 2.91
CA ILE F 337 -21.18 41.63 2.18
C ILE F 337 -21.09 42.92 2.98
N ILE F 338 -19.87 43.33 3.29
CA ILE F 338 -19.63 44.50 4.13
C ILE F 338 -19.36 45.69 3.19
N GLY F 339 -20.36 46.57 3.05
CA GLY F 339 -20.22 47.77 2.28
C GLY F 339 -21.11 47.73 1.05
N ASN F 340 -20.66 48.39 -0.01
CA ASN F 340 -21.40 48.43 -1.25
C ASN F 340 -21.28 47.12 -2.01
N ILE F 341 -22.20 46.92 -2.94
CA ILE F 341 -22.19 45.76 -3.83
C ILE F 341 -21.88 46.25 -5.24
N ARG F 342 -20.79 45.75 -5.82
CA ARG F 342 -20.31 46.26 -7.10
C ARG F 342 -20.13 45.15 -8.13
N GLN F 343 -19.63 45.49 -9.31
CA GLN F 343 -19.33 44.58 -10.40
C GLN F 343 -17.92 44.02 -10.21
N ALA F 344 -17.38 43.39 -11.25
CA ALA F 344 -16.06 42.76 -11.19
C ALA F 344 -15.25 43.05 -12.46
N HIS F 345 -15.14 44.31 -12.86
CA HIS F 345 -14.55 44.74 -14.13
C HIS F 345 -13.07 44.34 -14.30
N CYS F 346 -12.54 44.53 -15.50
CA CYS F 346 -11.16 44.12 -15.74
C CYS F 346 -10.24 45.12 -16.49
N ASN F 347 -10.77 46.00 -17.34
CA ASN F 347 -10.01 47.10 -17.96
C ASN F 347 -8.73 46.80 -18.74
N ILE F 348 -8.84 46.19 -19.91
CA ILE F 348 -7.73 46.15 -20.86
C ILE F 348 -7.54 47.54 -21.49
N SER F 349 -6.29 47.90 -21.78
CA SER F 349 -5.98 49.16 -22.44
C SER F 349 -6.51 49.18 -23.87
N LYS F 350 -6.56 50.37 -24.46
CA LYS F 350 -7.21 50.55 -25.76
C LYS F 350 -6.26 50.93 -26.88
N ALA F 351 -5.42 51.95 -26.67
CA ALA F 351 -4.45 52.32 -27.69
C ALA F 351 -3.34 51.30 -27.80
N ARG F 352 -3.14 50.49 -26.76
CA ARG F 352 -2.07 49.50 -26.74
C ARG F 352 -2.48 48.22 -27.44
N TRP F 353 -3.76 47.89 -27.41
CA TRP F 353 -4.30 46.70 -28.03
C TRP F 353 -4.73 46.93 -29.48
N ASN F 354 -4.95 48.19 -29.84
CA ASN F 354 -5.25 48.57 -31.22
C ASN F 354 -4.10 48.23 -32.15
N GLU F 355 -2.86 48.51 -31.71
CA GLU F 355 -1.68 48.17 -32.51
C GLU F 355 -1.54 46.67 -32.68
N THR F 356 -1.79 45.91 -31.61
CA THR F 356 -1.66 44.46 -31.65
C THR F 356 -2.67 43.85 -32.60
N LEU F 357 -3.93 44.27 -32.50
CA LEU F 357 -4.95 43.79 -33.41
C LEU F 357 -4.71 44.26 -34.84
N GLY F 358 -4.05 45.41 -35.02
CA GLY F 358 -3.76 45.86 -36.37
C GLY F 358 -2.55 45.23 -37.01
N GLN F 359 -1.64 44.66 -36.23
CA GLN F 359 -0.52 43.95 -36.84
C GLN F 359 -0.68 42.45 -36.80
N ILE F 360 -1.72 41.91 -36.17
CA ILE F 360 -2.13 40.54 -36.50
C ILE F 360 -2.62 40.47 -37.94
N VAL F 361 -3.37 41.48 -38.37
CA VAL F 361 -4.03 41.38 -39.66
C VAL F 361 -3.06 41.63 -40.81
N ALA F 362 -1.91 42.24 -40.55
CA ALA F 362 -0.89 42.37 -41.58
C ALA F 362 -0.31 41.02 -41.96
N LYS F 363 -0.25 40.09 -41.02
CA LYS F 363 0.12 38.72 -41.34
C LYS F 363 -1.08 37.90 -41.80
N LEU F 364 -2.29 38.23 -41.36
CA LEU F 364 -3.45 37.50 -41.85
C LEU F 364 -3.83 37.82 -43.29
N GLU F 365 -3.51 39.03 -43.78
CA GLU F 365 -3.82 39.41 -45.15
C GLU F 365 -2.90 38.79 -46.18
N GLU F 366 -1.86 38.08 -45.76
CA GLU F 366 -1.00 37.38 -46.69
C GLU F 366 -1.50 35.97 -47.01
N GLN F 367 -2.13 35.31 -46.05
CA GLN F 367 -2.61 33.96 -46.28
C GLN F 367 -3.92 33.95 -47.06
N PHE F 368 -4.64 35.06 -47.07
CA PHE F 368 -5.93 35.18 -47.75
C PHE F 368 -5.92 36.47 -48.57
N PRO F 369 -5.11 36.55 -49.63
CA PRO F 369 -4.68 37.86 -50.12
C PRO F 369 -5.59 38.57 -51.12
N ASN F 370 -6.90 38.48 -50.96
CA ASN F 370 -7.80 39.46 -51.56
C ASN F 370 -8.86 39.95 -50.61
N LYS F 371 -9.35 39.05 -49.77
CA LYS F 371 -10.58 39.28 -49.04
C LYS F 371 -10.37 40.17 -47.83
N THR F 372 -11.43 40.90 -47.47
CA THR F 372 -11.45 41.65 -46.22
C THR F 372 -11.79 40.72 -45.08
N ILE F 373 -11.20 40.99 -43.91
CA ILE F 373 -11.30 40.09 -42.77
C ILE F 373 -11.88 40.86 -41.59
N ILE F 374 -12.82 40.22 -40.88
CA ILE F 374 -13.52 40.80 -39.74
C ILE F 374 -13.42 39.85 -38.56
N PHE F 375 -13.66 40.40 -37.37
CA PHE F 375 -13.62 39.66 -36.12
C PHE F 375 -15.00 39.64 -35.51
N ASN F 376 -15.54 38.46 -35.27
CA ASN F 376 -16.90 38.35 -34.73
C ASN F 376 -16.83 37.58 -33.42
N HIS F 377 -17.79 37.86 -32.53
CA HIS F 377 -17.80 37.26 -31.20
C HIS F 377 -18.25 35.81 -31.27
N SER F 378 -18.21 35.13 -30.13
CA SER F 378 -18.50 33.70 -30.08
C SER F 378 -20.01 33.46 -30.11
N SER F 379 -20.42 32.20 -30.07
CA SER F 379 -21.78 31.80 -30.43
C SER F 379 -22.46 31.04 -29.29
N GLY F 380 -23.28 31.76 -28.52
CA GLY F 380 -24.17 31.16 -27.55
C GLY F 380 -23.52 30.43 -26.39
N GLY F 381 -23.70 29.11 -26.35
CA GLY F 381 -22.91 28.22 -25.50
C GLY F 381 -23.04 28.34 -23.99
N ASP F 382 -22.34 27.46 -23.30
CA ASP F 382 -22.15 27.57 -21.87
C ASP F 382 -21.26 28.77 -21.57
N PRO F 383 -21.43 29.41 -20.41
CA PRO F 383 -20.58 30.56 -20.08
C PRO F 383 -19.13 30.21 -19.84
N GLU F 384 -18.81 28.95 -19.58
CA GLU F 384 -17.43 28.52 -19.42
C GLU F 384 -16.78 28.12 -20.73
N ILE F 385 -17.49 28.24 -21.85
CA ILE F 385 -16.96 27.90 -23.16
C ILE F 385 -16.75 29.15 -24.01
N VAL F 386 -17.71 30.07 -23.99
CA VAL F 386 -17.73 31.19 -24.92
C VAL F 386 -17.12 32.46 -24.34
N THR F 387 -16.65 32.42 -23.10
CA THR F 387 -16.07 33.60 -22.46
C THR F 387 -14.64 33.33 -22.02
N HIS F 388 -13.89 34.40 -21.83
CA HIS F 388 -12.58 34.31 -21.23
C HIS F 388 -12.72 33.88 -19.78
N SER F 389 -12.26 32.67 -19.49
CA SER F 389 -12.40 32.07 -18.18
C SER F 389 -11.03 31.81 -17.60
N PHE F 390 -10.81 32.21 -16.35
CA PHE F 390 -9.50 32.03 -15.73
C PHE F 390 -9.63 32.07 -14.22
N ASN F 391 -8.49 31.99 -13.54
CA ASN F 391 -8.38 31.85 -12.10
C ASN F 391 -7.54 32.98 -11.54
N CYS F 392 -7.95 33.54 -10.42
CA CYS F 392 -7.23 34.68 -9.85
C CYS F 392 -7.38 34.73 -8.34
N GLY F 393 -6.36 34.26 -7.63
CA GLY F 393 -6.36 34.28 -6.19
C GLY F 393 -7.22 33.25 -5.51
N GLY F 394 -8.05 32.52 -6.24
CA GLY F 394 -8.95 31.58 -5.62
C GLY F 394 -10.34 31.62 -6.18
N GLU F 395 -10.70 32.71 -6.85
CA GLU F 395 -11.97 32.77 -7.57
C GLU F 395 -11.74 32.54 -9.05
N PHE F 396 -12.84 32.28 -9.74
CA PHE F 396 -12.84 31.94 -11.15
C PHE F 396 -13.66 32.97 -11.92
N PHE F 397 -12.99 33.72 -12.79
CA PHE F 397 -13.62 34.81 -13.52
C PHE F 397 -14.04 34.32 -14.89
N TYR F 398 -15.13 34.91 -15.41
CA TYR F 398 -15.79 34.48 -16.64
C TYR F 398 -16.16 35.68 -17.52
N CYS F 399 -15.19 36.54 -17.84
CA CYS F 399 -15.52 37.79 -18.53
C CYS F 399 -15.80 37.57 -19.99
N ASN F 400 -16.77 38.31 -20.53
CA ASN F 400 -17.05 38.15 -21.96
C ASN F 400 -16.27 39.18 -22.77
N THR F 401 -15.94 38.80 -23.99
CA THR F 401 -15.02 39.56 -24.83
C THR F 401 -15.68 40.13 -26.06
N THR F 402 -16.98 40.40 -26.01
CA THR F 402 -17.64 41.15 -27.06
C THR F 402 -17.07 42.57 -27.30
N PRO F 403 -16.60 43.33 -26.29
CA PRO F 403 -15.86 44.56 -26.63
C PRO F 403 -14.53 44.36 -27.31
N LEU F 404 -14.05 43.13 -27.49
CA LEU F 404 -12.77 42.94 -28.16
C LEU F 404 -12.95 42.52 -29.61
N PHE F 405 -13.77 41.50 -29.85
CA PHE F 405 -13.92 40.95 -31.19
C PHE F 405 -15.20 41.51 -31.81
N ASN F 406 -15.01 42.66 -32.44
CA ASN F 406 -16.06 43.65 -32.69
C ASN F 406 -15.98 44.24 -34.10
N SER F 407 -14.80 44.23 -34.72
CA SER F 407 -14.44 45.22 -35.74
C SER F 407 -14.40 44.61 -37.14
N THR F 408 -13.98 45.46 -38.09
CA THR F 408 -13.94 45.16 -39.52
C THR F 408 -12.68 45.78 -40.11
N TRP F 409 -11.86 44.97 -40.77
CA TRP F 409 -10.55 45.39 -41.23
C TRP F 409 -10.51 45.26 -42.76
N ASN F 410 -10.56 46.40 -43.44
CA ASN F 410 -10.54 46.42 -44.89
C ASN F 410 -9.11 46.39 -45.42
N ASN F 411 -8.31 47.41 -45.09
CA ASN F 411 -6.99 47.62 -45.65
C ASN F 411 -6.01 47.96 -44.55
N THR F 412 -6.03 47.14 -43.48
CA THR F 412 -5.33 47.38 -42.20
C THR F 412 -5.70 48.73 -41.62
N ARG F 413 -6.97 49.10 -41.75
CA ARG F 413 -7.53 50.24 -41.06
C ARG F 413 -9.00 49.94 -40.81
N THR F 414 -9.58 50.67 -39.88
CA THR F 414 -10.94 50.39 -39.46
C THR F 414 -11.65 51.68 -39.10
N ASP F 415 -12.97 51.60 -39.04
CA ASP F 415 -13.82 52.66 -38.54
C ASP F 415 -14.51 52.28 -37.24
N ASP F 416 -14.20 51.11 -36.67
CA ASP F 416 -15.02 50.57 -35.59
C ASP F 416 -14.60 51.15 -34.24
N TYR F 417 -13.34 51.59 -34.12
CA TYR F 417 -12.88 52.23 -32.90
C TYR F 417 -12.71 53.71 -33.20
N PRO F 418 -13.44 54.60 -32.51
CA PRO F 418 -13.58 55.99 -32.96
C PRO F 418 -12.33 56.85 -32.88
N THR F 419 -11.72 56.89 -31.69
CA THR F 419 -10.78 57.83 -31.01
C THR F 419 -11.54 59.01 -30.41
N GLY F 420 -12.83 59.13 -30.67
CA GLY F 420 -13.63 60.17 -30.04
C GLY F 420 -14.11 59.86 -28.65
N GLY F 421 -13.79 58.69 -28.13
CA GLY F 421 -14.15 58.28 -26.78
C GLY F 421 -12.96 58.33 -25.84
N GLU F 422 -12.86 57.32 -24.99
CA GLU F 422 -11.80 57.21 -24.00
C GLU F 422 -11.10 55.88 -24.16
N GLN F 423 -9.98 55.74 -23.44
CA GLN F 423 -9.20 54.52 -23.44
C GLN F 423 -9.79 53.52 -22.44
N ASN F 424 -9.01 52.49 -22.08
CA ASN F 424 -9.34 51.51 -21.06
C ASN F 424 -10.64 50.75 -21.34
N ILE F 425 -10.63 49.86 -22.33
CA ILE F 425 -11.79 49.03 -22.65
C ILE F 425 -12.17 48.18 -21.44
N THR F 426 -13.44 48.26 -21.03
CA THR F 426 -13.92 47.54 -19.87
C THR F 426 -14.48 46.18 -20.27
N LEU F 427 -14.48 45.25 -19.32
CA LEU F 427 -15.05 43.93 -19.49
C LEU F 427 -15.85 43.59 -18.25
N GLN F 428 -17.01 42.95 -18.40
CA GLN F 428 -17.80 42.51 -17.26
C GLN F 428 -17.47 41.06 -16.94
N CYS F 429 -16.79 40.83 -15.83
CA CYS F 429 -16.59 39.46 -15.37
C CYS F 429 -17.83 38.97 -14.66
N ARG F 430 -17.73 37.75 -14.14
CA ARG F 430 -18.79 37.13 -13.36
C ARG F 430 -18.14 36.00 -12.57
N ILE F 431 -18.69 35.69 -11.41
CA ILE F 431 -18.12 34.71 -10.50
C ILE F 431 -18.98 33.46 -10.55
N LYS F 432 -18.36 32.30 -10.36
CA LYS F 432 -19.06 31.05 -10.31
C LYS F 432 -18.34 30.14 -9.32
N GLN F 433 -19.10 29.43 -8.49
CA GLN F 433 -18.50 28.59 -7.46
C GLN F 433 -18.30 27.16 -7.94
N ILE F 434 -19.33 26.57 -8.54
CA ILE F 434 -19.27 25.18 -9.01
C ILE F 434 -18.56 25.19 -10.36
N ILE F 435 -17.39 24.55 -10.43
CA ILE F 435 -16.60 24.52 -11.65
C ILE F 435 -16.26 23.09 -12.03
N ASN F 436 -16.54 22.74 -13.28
CA ASN F 436 -16.24 21.42 -13.84
C ASN F 436 -15.29 21.50 -15.02
N MET F 437 -14.16 22.19 -14.84
CA MET F 437 -13.10 22.29 -15.83
C MET F 437 -12.58 20.90 -16.22
N TRP F 438 -12.18 20.79 -17.49
CA TRP F 438 -11.78 19.60 -18.25
C TRP F 438 -12.94 18.68 -18.57
N GLN F 439 -14.18 19.10 -18.29
CA GLN F 439 -15.41 18.46 -18.75
C GLN F 439 -15.56 17.01 -18.29
N GLY F 440 -15.11 16.72 -17.07
CA GLY F 440 -15.44 15.45 -16.45
C GLY F 440 -16.92 15.34 -16.19
N VAL F 441 -17.49 14.19 -16.55
CA VAL F 441 -18.95 14.06 -16.54
C VAL F 441 -19.51 13.79 -15.15
N GLY F 442 -18.74 13.21 -14.24
CA GLY F 442 -19.27 12.86 -12.95
C GLY F 442 -18.57 13.53 -11.79
N LYS F 443 -17.68 14.47 -12.07
CA LYS F 443 -16.90 15.15 -11.05
C LYS F 443 -17.04 16.66 -11.23
N ALA F 444 -17.13 17.37 -10.10
CA ALA F 444 -17.14 18.82 -10.10
C ALA F 444 -16.25 19.29 -8.97
N MET F 445 -16.29 20.58 -8.65
CA MET F 445 -15.45 21.12 -7.59
C MET F 445 -16.07 22.41 -7.10
N TYR F 446 -16.11 22.58 -5.79
CA TYR F 446 -16.63 23.78 -5.14
C TYR F 446 -15.46 24.55 -4.56
N ALA F 447 -15.21 25.74 -5.09
CA ALA F 447 -14.13 26.56 -4.58
C ALA F 447 -14.63 27.45 -3.46
N PRO F 448 -14.10 27.32 -2.24
CA PRO F 448 -14.61 28.09 -1.11
C PRO F 448 -14.26 29.56 -1.24
N PRO F 449 -15.03 30.46 -0.65
CA PRO F 449 -14.82 31.88 -0.88
C PRO F 449 -13.61 32.45 -0.15
N ILE F 450 -12.94 33.37 -0.83
CA ILE F 450 -11.84 34.15 -0.28
C ILE F 450 -12.41 35.41 0.31
N ARG F 451 -12.02 35.73 1.55
CA ARG F 451 -12.47 36.95 2.21
C ARG F 451 -11.45 38.06 1.98
N GLY F 452 -11.93 39.27 1.76
CA GLY F 452 -11.07 40.38 1.39
C GLY F 452 -11.33 40.82 -0.03
N GLN F 453 -10.34 41.41 -0.68
CA GLN F 453 -10.46 41.85 -2.06
C GLN F 453 -9.40 41.18 -2.93
N ILE F 454 -9.67 41.13 -4.23
CA ILE F 454 -8.93 40.31 -5.18
C ILE F 454 -8.41 41.18 -6.32
N ARG F 455 -7.15 40.98 -6.71
CA ARG F 455 -6.54 41.67 -7.84
C ARG F 455 -5.62 40.73 -8.60
N CYS F 456 -5.48 40.92 -9.91
CA CYS F 456 -4.79 39.93 -10.73
C CYS F 456 -3.52 40.45 -11.39
N SER F 457 -3.61 41.46 -12.27
CA SER F 457 -2.50 42.00 -13.07
C SER F 457 -1.80 40.92 -13.92
N SER F 458 -2.53 40.42 -14.92
CA SER F 458 -1.99 39.41 -15.83
C SER F 458 -1.22 40.08 -16.97
N ASN F 459 -0.74 39.29 -17.94
CA ASN F 459 0.33 39.76 -18.82
C ASN F 459 0.22 39.21 -20.24
N ILE F 460 -0.95 39.35 -20.90
CA ILE F 460 -1.38 38.65 -22.13
C ILE F 460 -0.32 38.51 -23.22
N THR F 461 -0.04 37.27 -23.66
CA THR F 461 1.01 36.94 -24.62
C THR F 461 0.56 35.95 -25.68
N GLY F 462 -0.60 36.16 -26.31
CA GLY F 462 -0.99 35.30 -27.39
C GLY F 462 -2.43 34.92 -27.26
N LEU F 463 -2.97 34.34 -28.34
CA LEU F 463 -4.40 34.02 -28.33
C LEU F 463 -4.73 32.92 -29.32
N LEU F 464 -5.97 32.47 -29.27
CA LEU F 464 -6.49 31.34 -30.03
C LEU F 464 -7.64 31.80 -30.90
N LEU F 465 -7.64 31.39 -32.17
CA LEU F 465 -8.68 31.77 -33.11
C LEU F 465 -9.19 30.55 -33.86
N THR F 466 -10.38 30.68 -34.44
CA THR F 466 -10.90 29.69 -35.38
C THR F 466 -11.76 30.41 -36.41
N ARG F 467 -11.85 29.80 -37.60
CA ARG F 467 -12.59 30.39 -38.71
C ARG F 467 -14.03 29.90 -38.74
N ASP F 468 -14.83 30.53 -39.58
CA ASP F 468 -16.24 30.19 -39.73
C ASP F 468 -16.52 29.88 -41.20
N GLY F 469 -16.87 28.62 -41.47
CA GLY F 469 -17.42 28.14 -42.72
C GLY F 469 -16.56 28.35 -43.95
N GLY F 470 -17.18 28.06 -45.09
CA GLY F 470 -16.56 28.27 -46.38
C GLY F 470 -17.54 28.87 -47.37
N ARG F 471 -18.66 29.36 -46.85
CA ARG F 471 -19.71 29.92 -47.67
C ARG F 471 -19.27 31.26 -48.24
N ASP F 472 -19.34 31.40 -49.57
CA ASP F 472 -18.92 32.62 -50.22
C ASP F 472 -19.98 33.69 -50.03
N GLN F 473 -19.89 34.44 -48.93
CA GLN F 473 -20.77 35.58 -48.74
C GLN F 473 -20.33 36.74 -49.60
N ASN F 474 -19.07 37.15 -49.45
CA ASN F 474 -18.43 38.25 -50.17
C ASN F 474 -16.93 37.96 -50.17
N GLY F 475 -16.14 38.99 -50.43
CA GLY F 475 -14.72 38.96 -50.09
C GLY F 475 -14.53 39.26 -48.61
N THR F 476 -14.97 38.33 -47.76
CA THR F 476 -15.13 38.58 -46.34
C THR F 476 -14.85 37.30 -45.59
N GLU F 477 -13.98 37.38 -44.59
CA GLU F 477 -13.56 36.21 -43.81
C GLU F 477 -13.66 36.55 -42.34
N THR F 478 -14.44 35.77 -41.59
CA THR F 478 -14.74 36.06 -40.19
C THR F 478 -13.89 35.18 -39.30
N PHE F 479 -13.19 35.78 -38.35
CA PHE F 479 -12.45 35.07 -37.33
C PHE F 479 -13.16 35.17 -35.99
N ARG F 480 -13.24 34.06 -35.26
CA ARG F 480 -13.93 33.99 -33.98
C ARG F 480 -13.04 33.32 -32.95
N PRO F 481 -12.97 33.85 -31.73
CA PRO F 481 -12.10 33.24 -30.70
C PRO F 481 -12.73 32.00 -30.09
N GLY F 482 -12.26 30.83 -30.51
CA GLY F 482 -12.99 29.62 -30.17
C GLY F 482 -12.24 28.32 -29.99
N GLY F 483 -10.92 28.36 -29.72
CA GLY F 483 -10.12 27.15 -29.65
C GLY F 483 -10.56 26.14 -28.61
N GLY F 484 -11.17 25.06 -29.09
CA GLY F 484 -11.92 24.17 -28.22
C GLY F 484 -11.19 22.95 -27.71
N ASN F 485 -10.07 23.15 -27.03
CA ASN F 485 -9.32 22.05 -26.43
C ASN F 485 -8.38 22.62 -25.38
N MET F 486 -8.07 21.81 -24.39
CA MET F 486 -7.11 22.25 -23.37
C MET F 486 -5.67 22.00 -23.75
N ARG F 487 -5.43 21.14 -24.74
CA ARG F 487 -4.06 20.86 -25.15
C ARG F 487 -3.45 22.01 -25.90
N ASP F 488 -4.28 22.85 -26.52
CA ASP F 488 -3.81 24.00 -27.28
C ASP F 488 -3.11 25.02 -26.38
N ASN F 489 -3.42 25.04 -25.09
CA ASN F 489 -2.67 25.91 -24.18
C ASN F 489 -1.24 25.44 -24.02
N TRP F 490 -1.00 24.14 -24.10
CA TRP F 490 0.35 23.62 -23.82
C TRP F 490 1.10 23.23 -25.08
N ARG F 491 0.47 23.31 -26.26
CA ARG F 491 1.26 23.30 -27.49
C ARG F 491 1.93 24.62 -27.75
N SER F 492 1.46 25.69 -27.11
CA SER F 492 2.04 27.00 -27.33
C SER F 492 3.39 27.17 -26.65
N GLU F 493 3.72 26.29 -25.70
CA GLU F 493 4.98 26.36 -24.98
C GLU F 493 5.92 25.21 -25.31
N LEU F 494 5.40 24.10 -25.79
CA LEU F 494 6.17 22.90 -26.09
C LEU F 494 6.40 22.70 -27.58
N TYR F 495 6.33 23.77 -28.36
CA TYR F 495 6.39 23.64 -29.81
C TYR F 495 7.80 23.35 -30.31
N LYS F 496 8.82 23.63 -29.51
CA LYS F 496 10.19 23.56 -29.97
C LYS F 496 10.99 22.47 -29.28
N TYR F 497 10.33 21.44 -28.75
CA TYR F 497 11.02 20.38 -28.04
C TYR F 497 10.69 19.03 -28.66
N LYS F 498 11.70 18.16 -28.72
CA LYS F 498 11.49 16.81 -29.23
C LYS F 498 12.42 15.85 -28.50
N VAL F 499 11.88 14.71 -28.06
CA VAL F 499 12.63 13.76 -27.24
C VAL F 499 13.29 12.74 -28.14
N VAL F 500 14.60 12.53 -27.96
CA VAL F 500 15.32 11.53 -28.75
C VAL F 500 15.96 10.51 -27.84
N LYS F 501 16.76 9.62 -28.41
CA LYS F 501 17.26 8.45 -27.71
C LYS F 501 18.67 8.14 -28.18
N ILE F 502 19.62 8.08 -27.25
CA ILE F 502 21.04 7.96 -27.60
C ILE F 502 21.39 6.49 -27.80
N GLU F 503 22.11 6.20 -28.88
CA GLU F 503 22.59 4.85 -29.22
C GLU F 503 24.10 4.90 -29.31
N PRO F 504 24.82 4.60 -28.22
CA PRO F 504 26.25 4.94 -28.15
C PRO F 504 27.21 3.92 -28.71
N LEU F 505 26.77 2.94 -29.50
CA LEU F 505 27.60 1.79 -29.84
C LEU F 505 27.74 1.73 -31.36
N GLY F 506 28.96 1.72 -31.85
CA GLY F 506 29.20 1.86 -33.28
C GLY F 506 30.18 0.85 -33.81
N ILE F 507 30.01 0.51 -35.10
CA ILE F 507 30.81 -0.47 -35.81
C ILE F 507 31.42 0.20 -37.02
N ALA F 508 32.73 0.10 -37.19
CA ALA F 508 33.36 0.72 -38.35
C ALA F 508 34.56 -0.10 -38.78
N PRO F 509 34.90 -0.10 -40.06
CA PRO F 509 36.12 -0.79 -40.50
C PRO F 509 37.35 0.10 -40.47
N THR F 510 38.45 -0.45 -39.95
CA THR F 510 39.75 0.20 -40.03
C THR F 510 40.82 -0.88 -40.07
N ALA F 511 42.07 -0.46 -40.17
CA ALA F 511 43.18 -1.38 -40.38
C ALA F 511 43.92 -1.69 -39.08
N CYS F 512 43.21 -2.26 -38.12
CA CYS F 512 43.83 -2.73 -36.88
C CYS F 512 43.29 -4.12 -36.56
N LYS F 513 44.14 -4.96 -35.96
CA LYS F 513 43.72 -6.31 -35.58
C LYS F 513 44.27 -6.64 -34.21
N ARG F 514 43.62 -7.59 -33.54
CA ARG F 514 44.10 -8.12 -32.28
C ARG F 514 45.43 -8.83 -32.43
N ARG F 515 46.07 -9.08 -31.30
CA ARG F 515 47.16 -10.02 -31.23
C ARG F 515 46.81 -11.11 -30.23
N VAL F 516 47.54 -12.21 -30.28
CA VAL F 516 47.24 -13.39 -29.47
C VAL F 516 47.59 -13.17 -28.00
N GLN G 1 -25.56 -16.65 81.38
CA GLN G 1 -26.99 -16.88 81.33
C GLN G 1 -27.77 -15.58 81.20
N VAL G 2 -28.50 -15.44 80.10
CA VAL G 2 -29.34 -14.28 79.84
C VAL G 2 -30.73 -14.76 79.44
N GLN G 3 -31.74 -14.02 79.87
CA GLN G 3 -33.15 -14.34 79.62
C GLN G 3 -33.88 -13.09 79.17
N LEU G 4 -34.81 -13.27 78.24
CA LEU G 4 -35.60 -12.19 77.69
C LEU G 4 -37.06 -12.38 78.09
N GLN G 5 -37.72 -11.27 78.43
CA GLN G 5 -39.08 -11.33 78.96
C GLN G 5 -39.89 -10.22 78.31
N GLU G 6 -40.73 -10.58 77.34
CA GLU G 6 -41.63 -9.61 76.73
C GLU G 6 -42.71 -9.19 77.72
N SER G 7 -43.09 -7.92 77.64
CA SER G 7 -44.16 -7.38 78.47
C SER G 7 -44.72 -6.16 77.75
N GLY G 8 -45.96 -6.28 77.27
CA GLY G 8 -46.59 -5.18 76.59
C GLY G 8 -48.02 -4.97 77.08
N PRO G 9 -48.80 -4.21 76.33
CA PRO G 9 -50.19 -3.96 76.74
C PRO G 9 -51.11 -5.14 76.49
N GLY G 10 -50.86 -5.88 75.41
CA GLY G 10 -51.74 -6.97 75.01
C GLY G 10 -52.80 -6.59 74.01
N LEU G 11 -53.64 -5.60 74.36
CA LEU G 11 -54.70 -5.14 73.47
C LEU G 11 -54.83 -3.63 73.60
N VAL G 12 -54.73 -2.93 72.47
CA VAL G 12 -54.88 -1.48 72.41
C VAL G 12 -55.89 -1.14 71.31
N LYS G 13 -56.06 0.15 71.10
CA LYS G 13 -56.90 0.80 70.11
C LYS G 13 -56.05 1.30 68.94
N PRO G 14 -56.61 1.32 67.72
CA PRO G 14 -55.83 1.75 66.57
C PRO G 14 -55.63 3.26 66.56
N SER G 15 -54.72 3.69 65.68
CA SER G 15 -54.34 5.10 65.45
C SER G 15 -53.87 5.77 66.74
N GLU G 16 -53.13 5.03 67.56
CA GLU G 16 -52.64 5.52 68.84
C GLU G 16 -51.18 5.09 69.02
N THR G 17 -50.61 5.45 70.17
CA THR G 17 -49.21 5.18 70.48
C THR G 17 -49.12 3.90 71.29
N LEU G 18 -48.16 3.05 70.94
CA LEU G 18 -47.98 1.74 71.54
C LEU G 18 -46.58 1.63 72.14
N SER G 19 -46.42 0.75 73.13
CA SER G 19 -45.12 0.54 73.76
C SER G 19 -45.04 -0.86 74.36
N VAL G 20 -43.99 -1.60 73.97
CA VAL G 20 -43.73 -2.96 74.46
C VAL G 20 -42.29 -3.00 74.98
N THR G 21 -42.10 -3.58 76.16
CA THR G 21 -40.79 -3.60 76.80
C THR G 21 -40.33 -5.05 77.00
N CYS G 22 -39.12 -5.35 76.55
CA CYS G 22 -38.48 -6.63 76.80
C CYS G 22 -37.49 -6.48 77.96
N SER G 23 -37.85 -7.01 79.11
CA SER G 23 -36.96 -7.03 80.27
C SER G 23 -35.84 -8.04 80.03
N VAL G 24 -34.60 -7.58 80.25
CA VAL G 24 -33.41 -8.39 80.03
C VAL G 24 -32.88 -8.81 81.39
N SER G 25 -32.49 -10.08 81.53
CA SER G 25 -32.03 -10.62 82.79
C SER G 25 -30.74 -11.39 82.56
N GLY G 26 -29.60 -10.78 82.88
CA GLY G 26 -28.35 -11.49 82.81
C GLY G 26 -27.13 -10.70 82.37
N ASP G 27 -27.36 -9.53 81.76
CA ASP G 27 -26.27 -8.70 81.28
C ASP G 27 -26.79 -7.28 81.12
N SER G 28 -25.88 -6.32 81.29
CA SER G 28 -26.21 -4.93 80.98
C SER G 28 -26.33 -4.77 79.47
N MET G 29 -27.07 -3.75 79.06
CA MET G 29 -27.43 -3.56 77.66
C MET G 29 -26.34 -2.90 76.84
N ASN G 30 -25.26 -2.41 77.46
CA ASN G 30 -24.26 -1.68 76.71
C ASN G 30 -23.25 -2.57 75.99
N ASN G 31 -23.37 -3.89 76.12
CA ASN G 31 -22.47 -4.82 75.44
C ASN G 31 -23.10 -5.50 74.24
N TYR G 32 -24.41 -5.40 74.07
CA TYR G 32 -25.12 -6.13 73.03
C TYR G 32 -25.75 -5.18 72.03
N TYR G 33 -26.11 -5.74 70.87
CA TYR G 33 -26.96 -5.08 69.89
C TYR G 33 -28.36 -5.67 70.03
N TRP G 34 -29.37 -4.83 69.95
CA TRP G 34 -30.73 -5.25 70.27
C TRP G 34 -31.65 -5.07 69.08
N THR G 35 -32.66 -5.95 69.01
CA THR G 35 -33.61 -5.89 67.90
C THR G 35 -34.95 -6.49 68.31
N TRP G 36 -35.98 -6.10 67.55
CA TRP G 36 -37.32 -6.65 67.65
C TRP G 36 -37.68 -7.34 66.34
N ILE G 37 -38.46 -8.42 66.45
CA ILE G 37 -38.89 -9.20 65.29
C ILE G 37 -40.38 -9.45 65.42
N ARG G 38 -41.16 -9.00 64.45
CA ARG G 38 -42.60 -9.23 64.46
C ARG G 38 -42.97 -10.29 63.43
N GLN G 39 -44.06 -11.00 63.72
CA GLN G 39 -44.53 -12.12 62.92
C GLN G 39 -46.03 -11.96 62.71
N SER G 40 -46.41 -11.61 61.50
CA SER G 40 -47.81 -11.72 61.12
C SER G 40 -48.14 -13.20 60.92
N PRO G 41 -49.34 -13.64 61.29
CA PRO G 41 -49.64 -15.08 61.25
C PRO G 41 -49.76 -15.59 59.81
N GLY G 42 -49.14 -16.74 59.55
CA GLY G 42 -49.07 -17.33 58.24
C GLY G 42 -47.88 -16.86 57.41
N LYS G 43 -47.60 -15.56 57.41
CA LYS G 43 -46.51 -15.00 56.64
C LYS G 43 -45.20 -15.16 57.40
N GLY G 44 -44.12 -14.68 56.78
CA GLY G 44 -42.80 -14.81 57.36
C GLY G 44 -42.53 -13.78 58.43
N LEU G 45 -41.38 -13.96 59.10
CA LEU G 45 -40.93 -13.02 60.11
C LEU G 45 -40.51 -11.71 59.47
N GLU G 46 -40.47 -10.64 60.26
CA GLU G 46 -40.07 -9.32 59.79
C GLU G 46 -39.12 -8.69 60.79
N TRP G 47 -38.10 -8.01 60.28
CA TRP G 47 -37.08 -7.39 61.11
C TRP G 47 -37.23 -5.87 61.05
N ILE G 48 -37.53 -5.25 62.20
CA ILE G 48 -37.89 -3.84 62.16
C ILE G 48 -36.63 -2.96 62.13
N GLY G 49 -35.51 -3.52 62.54
CA GLY G 49 -34.30 -2.73 62.65
C GLY G 49 -33.47 -3.19 63.84
N TYR G 50 -32.64 -2.26 64.32
CA TYR G 50 -31.63 -2.59 65.31
C TYR G 50 -31.33 -1.37 66.16
N ILE G 51 -30.60 -1.60 67.25
CA ILE G 51 -30.00 -0.53 68.04
C ILE G 51 -28.68 -1.05 68.61
N SER G 52 -27.73 -0.15 68.79
CA SER G 52 -26.33 -0.49 68.98
C SER G 52 -25.74 0.24 70.19
N ASP G 53 -24.42 0.14 70.31
CA ASP G 53 -23.71 0.73 71.44
C ASP G 53 -23.68 2.26 71.32
N ARG G 54 -23.34 2.76 70.13
CA ARG G 54 -23.23 4.20 69.89
C ARG G 54 -24.52 4.76 69.29
N GLU G 55 -25.67 4.21 69.72
CA GLU G 55 -27.02 4.59 69.28
C GLU G 55 -27.18 4.46 67.77
N SER G 56 -26.49 3.51 67.16
CA SER G 56 -26.64 3.26 65.73
C SER G 56 -27.96 2.54 65.46
N ALA G 57 -28.78 3.15 64.61
CA ALA G 57 -30.06 2.56 64.25
C ALA G 57 -30.40 2.95 62.82
N THR G 58 -31.02 2.01 62.13
CA THR G 58 -31.53 2.27 60.78
C THR G 58 -32.88 1.55 60.68
N TYR G 59 -33.95 2.32 60.76
CA TYR G 59 -35.29 1.75 60.85
C TYR G 59 -35.80 1.39 59.46
N ASN G 60 -36.77 0.48 59.44
CA ASN G 60 -37.26 -0.07 58.17
C ASN G 60 -38.07 1.00 57.42
N PRO G 61 -37.73 1.28 56.15
CA PRO G 61 -38.54 2.22 55.37
C PRO G 61 -39.96 1.73 55.11
N SER G 62 -40.20 0.42 55.17
CA SER G 62 -41.57 -0.08 55.07
C SER G 62 -42.30 0.07 56.39
N LEU G 63 -41.57 0.29 57.50
CA LEU G 63 -42.20 0.72 58.74
C LEU G 63 -42.46 2.21 58.74
N ASN G 64 -41.92 2.93 57.75
CA ASN G 64 -42.17 4.34 57.46
C ASN G 64 -41.78 5.26 58.61
N SER G 65 -40.76 4.86 59.38
CA SER G 65 -40.11 5.64 60.42
C SER G 65 -41.06 6.13 61.51
N ARG G 66 -42.09 5.34 61.80
CA ARG G 66 -42.98 5.64 62.91
C ARG G 66 -42.52 4.99 64.21
N VAL G 67 -41.31 4.44 64.24
CA VAL G 67 -40.80 3.70 65.39
C VAL G 67 -39.61 4.46 65.96
N VAL G 68 -39.49 4.48 67.29
CA VAL G 68 -38.30 4.93 68.00
C VAL G 68 -38.01 3.88 69.07
N ILE G 69 -36.90 3.17 68.92
CA ILE G 69 -36.55 2.16 69.92
C ILE G 69 -35.98 2.85 71.14
N SER G 70 -36.65 2.70 72.28
CA SER G 70 -36.19 3.26 73.54
C SER G 70 -35.59 2.15 74.41
N ARG G 71 -34.72 2.54 75.33
CA ARG G 71 -33.98 1.59 76.15
C ARG G 71 -34.02 2.01 77.62
N ASP G 72 -34.09 1.03 78.51
CA ASP G 72 -34.03 1.24 79.95
C ASP G 72 -32.82 0.47 80.46
N THR G 73 -31.66 1.14 80.47
CA THR G 73 -30.45 0.53 80.98
C THR G 73 -30.42 0.43 82.49
N SER G 74 -31.20 1.27 83.18
CA SER G 74 -31.21 1.26 84.65
C SER G 74 -31.90 0.01 85.19
N LYS G 75 -33.08 -0.32 84.67
CA LYS G 75 -33.77 -1.55 85.02
C LYS G 75 -33.38 -2.72 84.14
N ASN G 76 -32.42 -2.52 83.23
CA ASN G 76 -31.93 -3.53 82.27
C ASN G 76 -33.09 -4.07 81.41
N GLN G 77 -33.78 -3.16 80.74
CA GLN G 77 -34.98 -3.50 79.99
C GLN G 77 -34.93 -2.84 78.62
N LEU G 78 -35.35 -3.59 77.59
CA LEU G 78 -35.41 -3.09 76.22
C LEU G 78 -36.85 -2.76 75.88
N SER G 79 -37.14 -1.46 75.73
CA SER G 79 -38.48 -1.01 75.43
C SER G 79 -38.60 -0.71 73.94
N LEU G 80 -39.75 -0.13 73.57
CA LEU G 80 -40.06 0.16 72.18
C LEU G 80 -41.13 1.25 72.17
N LYS G 81 -41.03 2.17 71.20
CA LYS G 81 -42.06 3.19 71.00
C LYS G 81 -42.45 3.24 69.53
N LEU G 82 -43.75 3.29 69.28
CA LEU G 82 -44.31 3.24 67.94
C LEU G 82 -45.65 3.96 67.96
N ASN G 83 -45.80 4.97 67.11
CA ASN G 83 -47.01 5.79 67.10
C ASN G 83 -47.87 5.52 65.87
N SER G 84 -49.16 5.81 66.02
CA SER G 84 -50.18 5.77 64.95
C SER G 84 -50.26 4.39 64.30
N VAL G 85 -50.50 3.38 65.15
CA VAL G 85 -50.43 2.00 64.70
C VAL G 85 -51.66 1.63 63.89
N THR G 86 -51.48 0.68 62.99
CA THR G 86 -52.48 0.19 62.05
C THR G 86 -52.88 -1.22 62.40
N PRO G 87 -54.09 -1.66 62.01
CA PRO G 87 -54.50 -3.05 62.27
C PRO G 87 -53.71 -4.11 61.49
N ALA G 88 -52.89 -3.71 60.51
CA ALA G 88 -51.97 -4.63 59.87
C ALA G 88 -50.71 -4.88 60.70
N ASP G 89 -50.50 -4.10 61.77
CA ASP G 89 -49.37 -4.28 62.67
C ASP G 89 -49.66 -5.29 63.77
N THR G 90 -50.81 -5.97 63.71
CA THR G 90 -51.12 -7.07 64.61
C THR G 90 -50.16 -8.22 64.36
N ALA G 91 -49.25 -8.47 65.30
CA ALA G 91 -48.22 -9.48 65.09
C ALA G 91 -47.73 -10.00 66.42
N VAL G 92 -47.24 -11.25 66.39
CA VAL G 92 -46.53 -11.83 67.51
C VAL G 92 -45.14 -11.21 67.57
N TYR G 93 -44.78 -10.65 68.72
CA TYR G 93 -43.53 -9.93 68.82
C TYR G 93 -42.46 -10.76 69.51
N TYR G 94 -41.21 -10.43 69.22
CA TYR G 94 -40.05 -11.06 69.82
C TYR G 94 -38.98 -10.01 70.03
N CYS G 95 -38.20 -10.17 71.09
CA CYS G 95 -37.01 -9.36 71.34
C CYS G 95 -35.79 -10.28 71.25
N ALA G 96 -34.70 -9.77 70.69
CA ALA G 96 -33.55 -10.62 70.42
C ALA G 96 -32.27 -9.80 70.38
N THR G 97 -31.15 -10.53 70.50
CA THR G 97 -29.82 -9.96 70.42
C THR G 97 -29.32 -10.00 68.99
N ALA G 98 -28.21 -9.32 68.74
CA ALA G 98 -27.60 -9.30 67.41
C ALA G 98 -26.08 -9.25 67.54
N ARG G 99 -25.39 -9.86 66.56
CA ARG G 99 -23.94 -9.92 66.54
C ARG G 99 -23.39 -9.31 65.26
N ARG G 100 -22.12 -8.94 65.31
CA ARG G 100 -21.45 -8.33 64.17
C ARG G 100 -20.87 -9.41 63.24
N GLY G 101 -20.99 -9.16 61.94
CA GLY G 101 -20.41 -10.04 60.93
C GLY G 101 -20.05 -9.28 59.67
N GLN G 102 -18.84 -9.49 59.15
CA GLN G 102 -18.33 -8.72 58.03
C GLN G 102 -17.85 -9.65 56.92
N ARG G 103 -18.37 -9.45 55.72
CA ARG G 103 -18.06 -10.25 54.55
C ARG G 103 -17.20 -9.46 53.59
N ILE G 104 -16.03 -10.01 53.25
CA ILE G 104 -15.10 -9.40 52.31
C ILE G 104 -15.06 -10.24 51.04
N TYR G 105 -14.99 -9.55 49.91
CA TYR G 105 -14.91 -10.25 48.62
C TYR G 105 -13.87 -9.68 47.67
N GLY G 106 -13.39 -8.46 47.87
CA GLY G 106 -12.34 -7.90 47.05
C GLY G 106 -11.28 -7.26 47.92
N VAL G 107 -10.56 -6.27 47.39
CA VAL G 107 -9.61 -5.56 48.23
C VAL G 107 -10.38 -4.64 49.17
N VAL G 108 -9.95 -4.61 50.44
CA VAL G 108 -10.72 -3.96 51.49
C VAL G 108 -10.67 -2.45 51.33
N SER G 109 -9.51 -1.91 50.94
CA SER G 109 -9.29 -0.47 50.90
C SER G 109 -10.12 0.25 49.85
N PHE G 110 -10.68 -0.46 48.88
CA PHE G 110 -11.61 0.15 47.94
C PHE G 110 -13.04 0.14 48.47
N GLY G 111 -13.28 -0.51 49.60
CA GLY G 111 -14.61 -0.58 50.16
C GLY G 111 -15.46 -1.71 49.63
N GLU G 112 -14.85 -2.83 49.26
CA GLU G 112 -15.57 -3.95 48.68
C GLU G 112 -15.83 -5.01 49.75
N PHE G 113 -16.64 -4.62 50.72
CA PHE G 113 -17.09 -5.50 51.80
C PHE G 113 -18.48 -5.04 52.22
N PHE G 114 -19.11 -5.82 53.09
CA PHE G 114 -20.36 -5.38 53.71
C PHE G 114 -20.52 -6.05 55.08
N TYR G 115 -21.60 -5.68 55.77
CA TYR G 115 -21.87 -6.12 57.12
C TYR G 115 -23.18 -6.90 57.15
N TYR G 116 -23.23 -7.94 57.99
CA TYR G 116 -24.43 -8.73 58.18
C TYR G 116 -24.58 -9.10 59.64
N TYR G 117 -25.81 -9.37 60.05
CA TYR G 117 -26.14 -9.60 61.45
C TYR G 117 -26.80 -10.96 61.63
N SER G 118 -26.40 -11.65 62.70
CA SER G 118 -27.04 -12.89 63.13
C SER G 118 -27.74 -12.66 64.46
N MET G 119 -28.84 -13.39 64.68
CA MET G 119 -29.63 -13.30 65.90
C MET G 119 -29.59 -14.66 66.59
N ASP G 120 -28.96 -14.72 67.77
CA ASP G 120 -28.78 -15.98 68.46
C ASP G 120 -29.66 -16.16 69.70
N VAL G 121 -29.76 -15.15 70.56
CA VAL G 121 -30.55 -15.26 71.80
C VAL G 121 -31.91 -14.67 71.55
N TRP G 122 -32.94 -15.50 71.70
CA TRP G 122 -34.31 -15.13 71.33
C TRP G 122 -35.17 -14.92 72.58
N GLY G 123 -36.28 -14.23 72.37
CA GLY G 123 -37.24 -13.97 73.42
C GLY G 123 -38.16 -15.16 73.67
N LYS G 124 -39.26 -14.88 74.35
CA LYS G 124 -40.21 -15.91 74.73
C LYS G 124 -41.56 -15.80 74.03
N GLY G 125 -41.96 -14.60 73.64
CA GLY G 125 -43.15 -14.46 72.82
C GLY G 125 -44.27 -13.70 73.50
N THR G 126 -44.91 -12.82 72.75
CA THR G 126 -46.10 -12.11 73.21
C THR G 126 -46.92 -11.73 71.98
N THR G 127 -48.17 -11.36 72.22
CA THR G 127 -49.09 -11.00 71.13
C THR G 127 -49.77 -9.69 71.48
N VAL G 128 -49.64 -8.71 70.58
CA VAL G 128 -50.33 -7.43 70.70
C VAL G 128 -51.20 -7.27 69.47
N THR G 129 -52.50 -7.06 69.68
CA THR G 129 -53.47 -6.95 68.60
C THR G 129 -53.94 -5.52 68.48
N VAL G 130 -53.82 -4.95 67.29
CA VAL G 130 -54.35 -3.62 66.99
C VAL G 130 -55.72 -3.85 66.37
N SER G 131 -56.77 -3.71 67.17
CA SER G 131 -58.14 -3.95 66.75
C SER G 131 -59.03 -2.88 67.33
N SER G 132 -60.15 -2.63 66.64
CA SER G 132 -61.11 -1.65 67.13
C SER G 132 -61.83 -2.14 68.38
N ALA G 133 -62.01 -3.46 68.51
CA ALA G 133 -62.62 -4.04 69.70
C ALA G 133 -61.57 -4.35 70.75
N VAL H 3 -45.53 -24.64 50.01
CA VAL H 3 -44.38 -25.32 50.60
C VAL H 3 -44.34 -26.75 50.09
N ARG H 4 -43.16 -27.37 50.11
CA ARG H 4 -43.08 -28.78 49.76
C ARG H 4 -42.85 -29.61 51.02
N PRO H 5 -43.75 -30.54 51.34
CA PRO H 5 -43.56 -31.36 52.54
C PRO H 5 -42.61 -32.53 52.28
N LEU H 6 -41.64 -32.67 53.18
CA LEU H 6 -40.63 -33.72 53.06
C LEU H 6 -40.50 -34.37 54.44
N SER H 7 -41.37 -35.36 54.70
CA SER H 7 -41.40 -36.07 55.97
C SER H 7 -41.31 -37.56 55.67
N VAL H 8 -40.09 -38.03 55.46
CA VAL H 8 -39.82 -39.43 55.18
C VAL H 8 -39.51 -40.08 56.53
N ALA H 9 -39.68 -41.40 56.62
CA ALA H 9 -39.26 -42.14 57.79
C ALA H 9 -37.75 -41.98 58.02
N LEU H 10 -37.36 -42.04 59.29
CA LEU H 10 -36.09 -41.47 59.72
C LEU H 10 -34.91 -42.31 59.26
N GLY H 11 -33.81 -41.63 58.94
CA GLY H 11 -32.62 -42.27 58.40
C GLY H 11 -32.27 -41.86 56.99
N GLU H 12 -33.09 -41.04 56.34
CA GLU H 12 -32.84 -40.57 54.98
C GLU H 12 -32.18 -39.20 55.02
N THR H 13 -32.08 -38.56 53.86
CA THR H 13 -31.46 -37.24 53.72
C THR H 13 -32.45 -36.28 53.09
N ALA H 14 -32.67 -35.14 53.75
CA ALA H 14 -33.61 -34.11 53.32
C ALA H 14 -32.89 -32.90 52.77
N ARG H 15 -33.55 -32.20 51.84
CA ARG H 15 -32.97 -31.01 51.21
C ARG H 15 -34.06 -29.96 51.07
N ILE H 16 -33.77 -28.73 51.54
CA ILE H 16 -34.71 -27.62 51.46
C ILE H 16 -34.02 -26.45 50.77
N SER H 17 -34.64 -25.94 49.71
CA SER H 17 -34.06 -24.88 48.91
C SER H 17 -34.65 -23.51 49.28
N CYS H 18 -33.81 -22.49 49.15
CA CYS H 18 -34.19 -21.12 49.48
C CYS H 18 -34.74 -20.39 48.25
N GLY H 19 -34.78 -19.06 48.29
CA GLY H 19 -35.60 -18.30 47.38
C GLY H 19 -34.96 -17.84 46.08
N ARG H 20 -34.60 -16.56 46.00
CA ARG H 20 -34.20 -15.91 44.75
C ARG H 20 -32.91 -16.51 44.18
N GLN H 21 -32.79 -16.47 42.85
CA GLN H 21 -31.50 -16.73 42.20
C GLN H 21 -30.44 -15.76 42.66
N ALA H 22 -29.18 -16.14 42.48
CA ALA H 22 -28.13 -15.70 43.39
C ALA H 22 -27.69 -14.26 43.12
N LEU H 23 -27.10 -14.02 41.93
CA LEU H 23 -26.74 -12.69 41.44
C LEU H 23 -25.72 -12.00 42.37
N GLY H 24 -24.56 -12.62 42.51
CA GLY H 24 -23.47 -12.06 43.31
C GLY H 24 -23.12 -12.94 44.49
N SER H 25 -22.14 -12.45 45.26
CA SER H 25 -21.67 -13.18 46.44
C SER H 25 -22.65 -13.03 47.60
N ARG H 26 -22.85 -14.12 48.32
CA ARG H 26 -23.92 -14.23 49.32
C ARG H 26 -23.34 -14.29 50.72
N ALA H 27 -24.23 -14.15 51.70
CA ALA H 27 -24.04 -14.57 53.09
C ALA H 27 -25.42 -14.86 53.69
N VAL H 28 -25.81 -16.14 53.73
CA VAL H 28 -27.19 -16.54 53.99
C VAL H 28 -27.28 -17.21 55.35
N GLN H 29 -28.32 -16.85 56.11
CA GLN H 29 -28.61 -17.48 57.39
C GLN H 29 -29.66 -18.57 57.24
N TRP H 30 -29.94 -19.26 58.34
CA TRP H 30 -31.00 -20.25 58.43
C TRP H 30 -31.60 -20.20 59.83
N TYR H 31 -32.83 -20.69 59.97
CA TYR H 31 -33.55 -20.59 61.22
C TYR H 31 -34.43 -21.81 61.43
N GLN H 32 -34.74 -22.10 62.69
CA GLN H 32 -35.61 -23.20 63.11
C GLN H 32 -36.74 -22.64 63.95
N HIS H 33 -37.93 -22.50 63.36
CA HIS H 33 -39.12 -22.06 64.05
C HIS H 33 -39.97 -23.30 64.30
N ARG H 34 -39.89 -23.82 65.53
CA ARG H 34 -40.71 -24.95 65.92
C ARG H 34 -42.15 -24.50 66.09
N PRO H 35 -43.12 -25.37 65.79
CA PRO H 35 -44.54 -24.97 65.85
C PRO H 35 -44.98 -24.66 67.28
N GLY H 36 -45.46 -23.45 67.49
CA GLY H 36 -45.82 -22.96 68.81
C GLY H 36 -44.67 -22.43 69.62
N GLN H 37 -43.46 -22.40 69.07
CA GLN H 37 -42.25 -22.01 69.77
C GLN H 37 -41.64 -20.78 69.10
N ALA H 38 -40.42 -20.42 69.53
CA ALA H 38 -39.65 -19.30 69.02
C ALA H 38 -38.69 -19.75 67.93
N PRO H 39 -38.40 -18.89 66.95
CA PRO H 39 -37.44 -19.27 65.90
C PRO H 39 -36.02 -19.34 66.44
N ILE H 40 -35.32 -20.41 66.10
CA ILE H 40 -34.00 -20.71 66.65
C ILE H 40 -32.99 -20.68 65.51
N LEU H 41 -31.88 -19.94 65.71
CA LEU H 41 -30.82 -19.84 64.72
C LEU H 41 -30.12 -21.18 64.51
N LEU H 42 -29.87 -21.51 63.25
CA LEU H 42 -29.17 -22.75 62.91
C LEU H 42 -27.82 -22.49 62.26
N ILE H 43 -27.78 -21.77 61.13
CA ILE H 43 -26.57 -21.62 60.33
C ILE H 43 -26.37 -20.15 59.98
N TYR H 44 -25.18 -19.63 60.22
CA TYR H 44 -24.75 -18.34 59.69
C TYR H 44 -23.52 -18.56 58.81
N ASN H 45 -23.28 -17.59 57.91
CA ASN H 45 -22.14 -17.55 56.99
C ASN H 45 -22.07 -18.81 56.11
N ASN H 46 -23.23 -19.35 55.77
CA ASN H 46 -23.51 -20.42 54.81
C ASN H 46 -23.05 -21.80 55.23
N GLN H 47 -22.16 -21.90 56.23
CA GLN H 47 -21.72 -23.19 56.76
C GLN H 47 -21.56 -23.23 58.28
N ASP H 48 -21.37 -22.08 58.93
CA ASP H 48 -20.90 -22.08 60.31
C ASP H 48 -22.02 -22.48 61.28
N ARG H 49 -21.62 -23.20 62.33
CA ARG H 49 -22.54 -23.90 63.21
C ARG H 49 -22.26 -23.51 64.65
N PRO H 50 -23.19 -22.86 65.34
CA PRO H 50 -22.97 -22.52 66.76
C PRO H 50 -23.02 -23.74 67.67
N SER H 51 -22.86 -23.50 68.98
CA SER H 51 -22.85 -24.60 69.94
C SER H 51 -24.26 -25.15 70.14
N GLY H 52 -24.35 -26.47 70.22
CA GLY H 52 -25.62 -27.13 70.49
C GLY H 52 -26.35 -27.65 69.28
N ILE H 53 -25.74 -27.67 68.11
CA ILE H 53 -26.35 -28.17 66.89
C ILE H 53 -25.45 -29.28 66.35
N PRO H 54 -25.99 -30.44 66.00
CA PRO H 54 -25.16 -31.53 65.47
C PRO H 54 -24.67 -31.23 64.05
N GLU H 55 -23.76 -32.08 63.59
CA GLU H 55 -23.10 -31.92 62.30
C GLU H 55 -23.93 -32.41 61.13
N ARG H 56 -25.21 -32.70 61.34
CA ARG H 56 -26.07 -33.19 60.28
C ARG H 56 -26.55 -32.08 59.34
N PHE H 57 -26.26 -30.82 59.65
CA PHE H 57 -26.67 -29.68 58.83
C PHE H 57 -25.47 -29.17 58.05
N SER H 58 -25.68 -28.84 56.78
CA SER H 58 -24.64 -28.21 55.96
C SER H 58 -25.31 -27.20 55.05
N GLY H 59 -24.50 -26.50 54.26
CA GLY H 59 -25.02 -25.43 53.42
C GLY H 59 -24.47 -25.35 52.02
N THR H 60 -24.50 -24.14 51.46
CA THR H 60 -24.15 -23.85 50.08
C THR H 60 -22.99 -22.85 50.01
N PRO H 61 -21.95 -23.14 49.24
CA PRO H 61 -20.81 -22.21 49.17
C PRO H 61 -21.08 -20.96 48.33
N ASP H 62 -20.04 -20.16 48.08
CA ASP H 62 -20.18 -18.90 47.36
C ASP H 62 -19.62 -18.96 45.93
N ILE H 63 -19.94 -20.04 45.22
CA ILE H 63 -19.86 -20.07 43.76
C ILE H 63 -21.12 -19.47 43.12
N ASN H 64 -21.94 -18.77 43.89
CA ASN H 64 -23.39 -18.65 43.83
C ASN H 64 -23.98 -18.45 42.44
N PHE H 65 -23.76 -17.25 41.89
CA PHE H 65 -23.80 -16.88 40.46
C PHE H 65 -24.93 -17.54 39.67
N GLY H 66 -26.14 -17.36 40.16
CA GLY H 66 -27.34 -17.86 39.50
C GLY H 66 -27.93 -19.14 40.04
N THR H 67 -27.42 -19.66 41.15
CA THR H 67 -27.86 -20.95 41.69
C THR H 67 -28.50 -20.76 43.06
N ARG H 68 -29.27 -21.76 43.49
CA ARG H 68 -30.09 -21.63 44.68
C ARG H 68 -29.35 -22.06 45.93
N ALA H 69 -29.70 -21.44 47.06
CA ALA H 69 -29.15 -21.84 48.35
C ALA H 69 -29.97 -22.98 48.94
N THR H 70 -29.29 -23.85 49.67
CA THR H 70 -29.89 -25.12 50.09
C THR H 70 -29.40 -25.51 51.48
N LEU H 71 -30.33 -25.89 52.35
CA LEU H 71 -30.03 -26.56 53.60
C LEU H 71 -30.18 -28.07 53.41
N THR H 72 -29.22 -28.84 53.95
CA THR H 72 -29.18 -30.28 53.78
C THR H 72 -29.15 -30.95 55.15
N ILE H 73 -30.07 -31.88 55.39
CA ILE H 73 -30.22 -32.56 56.67
C ILE H 73 -30.01 -34.05 56.41
N SER H 74 -28.81 -34.54 56.66
CA SER H 74 -28.53 -35.96 56.49
C SER H 74 -28.79 -36.69 57.80
N GLY H 75 -29.54 -37.79 57.71
CA GLY H 75 -29.95 -38.50 58.91
C GLY H 75 -30.99 -37.74 59.71
N VAL H 76 -32.20 -37.65 59.14
CA VAL H 76 -33.28 -36.93 59.80
C VAL H 76 -33.73 -37.72 61.04
N GLU H 77 -33.93 -37.00 62.14
CA GLU H 77 -34.33 -37.60 63.41
C GLU H 77 -35.67 -37.01 63.85
N ALA H 78 -36.07 -37.37 65.07
CA ALA H 78 -37.37 -36.94 65.59
C ALA H 78 -37.41 -35.48 65.97
N GLY H 79 -36.28 -34.88 66.29
CA GLY H 79 -36.24 -33.46 66.64
C GLY H 79 -35.94 -32.58 65.45
N ASP H 80 -36.35 -33.01 64.26
CA ASP H 80 -36.03 -32.32 63.01
C ASP H 80 -37.25 -31.79 62.28
N GLU H 81 -38.44 -31.83 62.89
CA GLU H 81 -39.64 -31.35 62.24
C GLU H 81 -39.99 -29.97 62.79
N ALA H 82 -39.78 -28.94 61.96
CA ALA H 82 -40.11 -27.56 62.28
C ALA H 82 -40.34 -26.81 60.98
N ASP H 83 -40.41 -25.50 61.05
CA ASP H 83 -40.51 -24.64 59.88
C ASP H 83 -39.25 -23.81 59.75
N TYR H 84 -38.66 -23.81 58.56
CA TYR H 84 -37.34 -23.24 58.34
C TYR H 84 -37.43 -22.01 57.44
N TYR H 85 -36.74 -20.95 57.83
CA TYR H 85 -36.74 -19.70 57.09
C TYR H 85 -35.36 -19.47 56.50
N CYS H 86 -35.19 -18.34 55.81
CA CYS H 86 -33.99 -18.12 55.01
C CYS H 86 -33.77 -16.62 54.85
N HIS H 87 -32.83 -16.06 55.62
CA HIS H 87 -32.51 -14.64 55.56
C HIS H 87 -31.47 -14.43 54.47
N MET H 88 -31.61 -13.35 53.71
CA MET H 88 -30.85 -13.16 52.49
C MET H 88 -29.92 -11.96 52.59
N TRP H 89 -28.71 -12.13 52.06
CA TRP H 89 -27.77 -11.02 51.88
C TRP H 89 -26.96 -11.26 50.62
N ASP H 90 -26.80 -10.20 49.82
CA ASP H 90 -25.79 -10.19 48.76
C ASP H 90 -25.38 -8.75 48.48
N SER H 91 -24.18 -8.60 47.94
CA SER H 91 -23.59 -7.28 47.73
C SER H 91 -24.11 -6.58 46.49
N ARG H 92 -25.06 -7.15 45.78
CA ARG H 92 -25.40 -6.70 44.44
C ARG H 92 -26.88 -6.41 44.27
N SER H 93 -27.75 -6.98 45.10
CA SER H 93 -29.19 -6.88 44.86
C SER H 93 -29.91 -5.97 45.85
N GLY H 94 -29.19 -5.20 46.66
CA GLY H 94 -29.85 -4.24 47.52
C GLY H 94 -29.95 -4.62 48.98
N PHE H 95 -31.16 -4.59 49.53
CA PHE H 95 -31.37 -4.75 50.97
C PHE H 95 -32.13 -6.05 51.21
N SER H 96 -32.52 -6.25 52.46
CA SER H 96 -33.54 -7.21 52.83
C SER H 96 -34.18 -6.75 54.13
N TRP H 97 -35.48 -6.96 54.25
CA TRP H 97 -36.17 -6.67 55.49
C TRP H 97 -37.15 -7.78 55.87
N SER H 98 -37.30 -8.80 55.02
CA SER H 98 -38.05 -9.99 55.38
C SER H 98 -37.11 -11.18 55.41
N PHE H 99 -37.61 -12.29 55.96
CA PHE H 99 -36.80 -13.48 56.17
C PHE H 99 -37.03 -14.55 55.12
N GLY H 100 -37.27 -14.16 53.88
CA GLY H 100 -37.43 -15.11 52.80
C GLY H 100 -38.77 -15.78 52.79
N GLY H 101 -38.96 -16.64 51.80
CA GLY H 101 -40.19 -17.41 51.71
C GLY H 101 -40.25 -18.48 52.76
N ALA H 102 -41.45 -18.66 53.33
CA ALA H 102 -41.63 -19.61 54.43
C ALA H 102 -41.57 -21.04 53.93
N THR H 103 -41.37 -21.96 54.87
CA THR H 103 -41.34 -23.39 54.56
C THR H 103 -41.88 -24.21 55.72
N GLN I 1 -31.50 -31.33 -48.39
CA GLN I 1 -32.47 -30.81 -47.45
C GLN I 1 -32.44 -29.28 -47.40
N VAL I 2 -31.23 -28.72 -47.36
CA VAL I 2 -31.07 -27.28 -47.27
C VAL I 2 -31.29 -26.66 -48.63
N GLN I 3 -32.30 -25.80 -48.74
CA GLN I 3 -32.67 -25.15 -49.99
C GLN I 3 -32.46 -23.65 -49.84
N LEU I 4 -31.70 -23.06 -50.75
CA LEU I 4 -31.43 -21.63 -50.70
C LEU I 4 -31.70 -21.00 -52.07
N GLN I 5 -31.93 -19.70 -52.07
CA GLN I 5 -32.35 -19.00 -53.27
C GLN I 5 -31.82 -17.57 -53.27
N GLU I 6 -31.28 -17.15 -54.41
CA GLU I 6 -30.79 -15.79 -54.55
C GLU I 6 -31.90 -14.86 -55.02
N SER I 7 -31.66 -13.56 -54.89
CA SER I 7 -32.63 -12.53 -55.25
C SER I 7 -31.89 -11.21 -55.43
N GLY I 8 -32.54 -10.28 -56.15
CA GLY I 8 -31.97 -8.98 -56.41
C GLY I 8 -32.67 -8.29 -57.57
N PRO I 9 -32.20 -7.08 -57.91
CA PRO I 9 -32.79 -6.35 -59.03
C PRO I 9 -32.31 -6.90 -60.37
N GLY I 10 -32.86 -6.34 -61.44
CA GLY I 10 -32.54 -6.83 -62.77
C GLY I 10 -31.89 -5.79 -63.67
N LEU I 11 -32.05 -4.51 -63.35
CA LEU I 11 -31.55 -3.43 -64.17
C LEU I 11 -30.88 -2.41 -63.26
N VAL I 12 -29.57 -2.25 -63.39
CA VAL I 12 -28.80 -1.36 -62.54
C VAL I 12 -28.06 -0.36 -63.44
N LYS I 13 -28.42 0.91 -63.31
CA LYS I 13 -27.69 1.96 -64.01
C LYS I 13 -26.30 2.14 -63.38
N PRO I 14 -25.33 2.65 -64.14
CA PRO I 14 -24.00 2.89 -63.56
C PRO I 14 -24.00 3.98 -62.51
N SER I 15 -22.86 4.08 -61.81
CA SER I 15 -22.64 4.97 -60.66
C SER I 15 -23.67 4.75 -59.55
N GLU I 16 -24.05 3.50 -59.33
CA GLU I 16 -24.98 3.11 -58.29
C GLU I 16 -24.32 2.10 -57.35
N THR I 17 -25.12 1.50 -56.47
CA THR I 17 -24.65 0.47 -55.56
C THR I 17 -25.46 -0.81 -55.80
N LEU I 18 -24.78 -1.85 -56.26
CA LEU I 18 -25.42 -3.14 -56.45
C LEU I 18 -25.66 -3.80 -55.10
N SER I 19 -26.79 -4.50 -54.99
CA SER I 19 -27.19 -5.11 -53.72
C SER I 19 -28.05 -6.33 -54.01
N VAL I 20 -27.54 -7.51 -53.71
CA VAL I 20 -28.28 -8.75 -53.87
C VAL I 20 -28.40 -9.46 -52.53
N THR I 21 -29.34 -10.40 -52.47
CA THR I 21 -29.73 -11.03 -51.20
C THR I 21 -29.95 -12.51 -51.41
N CYS I 22 -29.26 -13.33 -50.62
CA CYS I 22 -29.38 -14.78 -50.65
C CYS I 22 -30.10 -15.25 -49.40
N ARG I 23 -31.14 -16.05 -49.57
CA ARG I 23 -31.95 -16.49 -48.44
C ARG I 23 -31.94 -18.01 -48.33
N VAL I 24 -31.73 -18.51 -47.10
CA VAL I 24 -31.68 -19.94 -46.81
C VAL I 24 -33.01 -20.35 -46.17
N SER I 25 -33.52 -21.50 -46.60
CA SER I 25 -34.81 -21.97 -46.08
C SER I 25 -34.79 -23.48 -45.83
N GLY I 26 -33.69 -23.97 -45.26
CA GLY I 26 -33.63 -25.39 -44.94
C GLY I 26 -32.92 -25.69 -43.63
N GLY I 27 -32.45 -24.63 -42.97
CA GLY I 27 -31.67 -24.79 -41.76
C GLY I 27 -31.11 -23.45 -41.35
N SER I 28 -30.13 -23.49 -40.46
CA SER I 28 -29.56 -22.26 -39.93
C SER I 28 -28.30 -21.89 -40.69
N LEU I 29 -27.77 -20.72 -40.39
CA LEU I 29 -26.49 -20.30 -40.93
C LEU I 29 -25.32 -20.77 -40.07
N ASP I 30 -25.59 -21.57 -39.05
CA ASP I 30 -24.60 -21.92 -38.04
C ASP I 30 -23.57 -22.87 -38.60
N LEU I 31 -22.34 -22.75 -38.07
CA LEU I 31 -21.21 -23.66 -38.31
C LEU I 31 -20.69 -23.66 -39.75
N TYR I 32 -21.00 -22.62 -40.56
CA TYR I 32 -20.57 -22.63 -41.95
C TYR I 32 -20.12 -21.26 -42.41
N TYR I 33 -19.44 -21.22 -43.55
CA TYR I 33 -19.10 -19.99 -44.25
C TYR I 33 -20.16 -19.75 -45.33
N TRP I 34 -20.14 -18.55 -45.93
CA TRP I 34 -21.08 -18.22 -46.99
C TRP I 34 -20.38 -17.37 -48.05
N SER I 35 -20.52 -17.73 -49.33
CA SER I 35 -19.68 -17.21 -50.39
C SER I 35 -20.49 -16.60 -51.52
N TRP I 36 -19.78 -15.92 -52.44
CA TRP I 36 -20.37 -15.38 -53.66
C TRP I 36 -19.47 -15.66 -54.86
N ILE I 37 -20.10 -16.03 -55.98
CA ILE I 37 -19.37 -16.43 -57.19
C ILE I 37 -19.98 -15.69 -58.39
N ARG I 38 -19.12 -15.10 -59.23
CA ARG I 38 -19.53 -14.35 -60.40
C ARG I 38 -19.17 -15.09 -61.69
N GLN I 39 -20.08 -15.07 -62.66
CA GLN I 39 -19.80 -15.55 -64.01
C GLN I 39 -20.13 -14.48 -65.04
N PRO I 40 -19.14 -13.88 -65.70
CA PRO I 40 -19.42 -13.03 -66.85
C PRO I 40 -19.95 -13.87 -68.01
N PRO I 41 -20.71 -13.26 -68.94
CA PRO I 41 -21.34 -14.06 -70.01
C PRO I 41 -20.37 -14.69 -70.99
N GLY I 42 -19.17 -14.14 -71.15
CA GLY I 42 -18.21 -14.71 -72.06
C GLY I 42 -17.24 -15.66 -71.39
N LYS I 43 -16.86 -15.36 -70.15
CA LYS I 43 -15.83 -16.10 -69.45
C LYS I 43 -16.46 -17.15 -68.53
N GLY I 44 -15.64 -17.77 -67.69
CA GLY I 44 -16.08 -18.78 -66.76
C GLY I 44 -16.47 -18.21 -65.41
N LEU I 45 -16.24 -19.00 -64.37
CA LEU I 45 -16.62 -18.63 -63.01
C LEU I 45 -15.51 -17.84 -62.34
N GLN I 46 -15.90 -16.85 -61.55
CA GLN I 46 -14.96 -16.02 -60.81
C GLN I 46 -15.37 -15.94 -59.35
N TRP I 47 -14.37 -15.93 -58.47
CA TRP I 47 -14.59 -15.85 -57.03
C TRP I 47 -14.62 -14.40 -56.57
N ILE I 48 -15.57 -14.08 -55.70
CA ILE I 48 -15.68 -12.76 -55.10
C ILE I 48 -15.16 -12.77 -53.67
N GLY I 49 -15.76 -13.59 -52.81
CA GLY I 49 -15.34 -13.65 -51.43
C GLY I 49 -16.35 -14.41 -50.59
N PHE I 50 -15.94 -14.67 -49.35
CA PHE I 50 -16.80 -15.37 -48.41
C PHE I 50 -16.63 -14.80 -47.01
N VAL I 51 -17.62 -15.07 -46.17
CA VAL I 51 -17.69 -14.52 -44.82
C VAL I 51 -18.13 -15.63 -43.87
N TYR I 52 -17.73 -15.50 -42.60
CA TYR I 52 -18.11 -16.43 -41.54
C TYR I 52 -19.37 -15.93 -40.86
N PHE I 53 -20.18 -16.86 -40.34
CA PHE I 53 -21.53 -16.53 -39.91
C PHE I 53 -21.55 -15.63 -38.68
N ASP I 54 -20.49 -15.68 -37.85
CA ASP I 54 -20.34 -14.73 -36.77
C ASP I 54 -20.08 -13.32 -37.28
N GLY I 55 -19.58 -13.19 -38.50
CA GLY I 55 -19.09 -11.91 -38.94
C GLY I 55 -17.69 -11.62 -38.45
N SER I 56 -16.94 -12.64 -38.07
CA SER I 56 -15.61 -12.46 -37.50
C SER I 56 -14.50 -12.81 -38.47
N TYR I 57 -14.81 -13.16 -39.71
CA TYR I 57 -13.80 -13.45 -40.71
C TYR I 57 -14.39 -13.30 -42.10
N GLY I 58 -13.58 -12.77 -43.01
CA GLY I 58 -13.97 -12.65 -44.40
C GLY I 58 -12.75 -12.63 -45.31
N ASP I 59 -12.81 -13.38 -46.40
CA ASP I 59 -11.72 -13.41 -47.37
C ASP I 59 -12.25 -12.92 -48.71
N TYR I 60 -11.46 -12.12 -49.39
CA TYR I 60 -11.90 -11.35 -50.55
C TYR I 60 -10.99 -11.59 -51.74
N ASP I 61 -11.51 -11.28 -52.92
CA ASP I 61 -10.70 -11.25 -54.14
C ASP I 61 -9.85 -9.98 -54.12
N PRO I 62 -8.54 -10.09 -54.36
CA PRO I 62 -7.70 -8.86 -54.39
C PRO I 62 -8.06 -7.89 -55.50
N SER I 63 -8.74 -8.33 -56.56
CA SER I 63 -9.17 -7.40 -57.59
C SER I 63 -10.34 -6.54 -57.12
N LEU I 64 -11.32 -7.16 -56.46
CA LEU I 64 -12.57 -6.50 -56.11
C LEU I 64 -12.65 -6.13 -54.64
N ARG I 65 -11.52 -5.86 -54.00
CA ARG I 65 -11.47 -5.80 -52.54
C ARG I 65 -12.14 -4.53 -52.01
N SER I 66 -11.69 -3.37 -52.44
CA SER I 66 -12.08 -2.11 -51.79
C SER I 66 -13.46 -1.60 -52.22
N ARG I 67 -14.26 -2.41 -52.90
CA ARG I 67 -15.59 -1.98 -53.34
C ARG I 67 -16.68 -2.99 -52.96
N VAL I 68 -16.34 -4.02 -52.19
CA VAL I 68 -17.25 -5.11 -51.91
C VAL I 68 -17.57 -5.12 -50.42
N THR I 69 -18.76 -5.62 -50.08
CA THR I 69 -19.16 -5.76 -48.68
C THR I 69 -20.14 -6.90 -48.56
N ILE I 70 -19.79 -7.92 -47.79
CA ILE I 70 -20.63 -9.09 -47.57
C ILE I 70 -21.05 -9.09 -46.11
N SER I 71 -22.34 -9.33 -45.85
CA SER I 71 -22.82 -9.39 -44.48
C SER I 71 -23.87 -10.48 -44.36
N ALA I 72 -24.06 -10.98 -43.15
CA ALA I 72 -24.98 -12.09 -42.91
C ALA I 72 -25.73 -11.85 -41.61
N ASP I 73 -27.03 -12.11 -41.62
CA ASP I 73 -27.84 -11.99 -40.41
C ASP I 73 -28.26 -13.38 -39.96
N MET I 74 -27.85 -13.73 -38.74
CA MET I 74 -28.10 -15.06 -38.17
C MET I 74 -29.59 -15.32 -37.99
N SER I 75 -30.37 -14.30 -37.66
CA SER I 75 -31.77 -14.49 -37.32
C SER I 75 -32.67 -14.49 -38.55
N LYS I 76 -32.44 -13.57 -39.48
CA LYS I 76 -33.31 -13.43 -40.64
C LYS I 76 -32.96 -14.39 -41.77
N ASN I 77 -31.97 -15.26 -41.58
CA ASN I 77 -31.61 -16.35 -42.48
C ASN I 77 -31.19 -15.83 -43.86
N GLN I 78 -30.40 -14.75 -43.88
CA GLN I 78 -30.11 -14.12 -45.15
C GLN I 78 -28.70 -13.53 -45.16
N ILE I 79 -28.18 -13.35 -46.37
CA ILE I 79 -26.84 -12.84 -46.62
C ILE I 79 -26.95 -11.77 -47.70
N SER I 80 -26.44 -10.58 -47.42
CA SER I 80 -26.50 -9.48 -48.38
C SER I 80 -25.13 -9.17 -48.94
N LEU I 81 -25.07 -8.95 -50.25
CA LEU I 81 -23.88 -8.54 -50.97
C LEU I 81 -24.07 -7.16 -51.55
N ARG I 82 -23.09 -6.28 -51.31
CA ARG I 82 -23.11 -4.92 -51.81
C ARG I 82 -21.83 -4.63 -52.57
N LEU I 83 -21.97 -3.89 -53.67
CA LEU I 83 -20.87 -3.60 -54.58
C LEU I 83 -20.96 -2.15 -55.04
N LYS I 84 -19.82 -1.46 -55.05
CA LYS I 84 -19.75 -0.06 -55.39
C LYS I 84 -19.14 0.13 -56.77
N SER I 85 -19.39 1.32 -57.35
CA SER I 85 -18.86 1.78 -58.64
C SER I 85 -19.24 0.82 -59.77
N VAL I 86 -20.55 0.78 -60.02
CA VAL I 86 -21.13 -0.16 -60.97
C VAL I 86 -20.72 0.24 -62.39
N THR I 87 -20.04 -0.66 -63.08
CA THR I 87 -19.61 -0.51 -64.46
C THR I 87 -20.44 -1.42 -65.37
N PRO I 88 -20.48 -1.16 -66.67
CA PRO I 88 -21.10 -2.13 -67.59
C PRO I 88 -20.36 -3.45 -67.69
N ALA I 89 -19.09 -3.52 -67.26
CA ALA I 89 -18.38 -4.80 -67.23
C ALA I 89 -18.89 -5.72 -66.13
N ASP I 90 -19.65 -5.20 -65.17
CA ASP I 90 -20.18 -5.99 -64.08
C ASP I 90 -21.50 -6.68 -64.43
N THR I 91 -21.93 -6.61 -65.69
CA THR I 91 -23.09 -7.38 -66.16
C THR I 91 -22.73 -8.86 -66.16
N ALA I 92 -23.35 -9.63 -65.27
CA ALA I 92 -22.92 -11.01 -65.05
C ALA I 92 -24.00 -11.80 -64.31
N VAL I 93 -23.70 -13.07 -64.05
CA VAL I 93 -24.57 -13.97 -63.30
C VAL I 93 -23.96 -14.17 -61.92
N TYR I 94 -24.80 -14.15 -60.88
CA TYR I 94 -24.37 -14.21 -59.50
C TYR I 94 -24.88 -15.48 -58.83
N TYR I 95 -23.99 -16.11 -58.05
CA TYR I 95 -24.21 -17.40 -57.40
C TYR I 95 -23.88 -17.30 -55.91
N CYS I 96 -24.63 -18.07 -55.13
CA CYS I 96 -24.56 -18.06 -53.67
C CYS I 96 -24.46 -19.50 -53.16
N ALA I 97 -23.45 -19.80 -52.35
CA ALA I 97 -23.26 -21.15 -51.86
C ALA I 97 -22.60 -21.15 -50.48
N ARG I 98 -22.82 -22.22 -49.73
CA ARG I 98 -22.16 -22.40 -48.45
C ARG I 98 -20.88 -23.21 -48.65
N LEU I 99 -19.88 -22.88 -47.84
CA LEU I 99 -18.55 -23.41 -48.03
C LEU I 99 -18.44 -24.70 -47.23
N GLY I 100 -17.23 -25.19 -46.98
CA GLY I 100 -16.99 -26.54 -46.51
C GLY I 100 -17.44 -26.85 -45.09
N PRO I 101 -16.89 -27.92 -44.53
CA PRO I 101 -17.49 -28.51 -43.33
C PRO I 101 -17.17 -27.76 -42.05
N GLY I 102 -16.23 -26.82 -42.10
CA GLY I 102 -15.55 -26.40 -40.89
C GLY I 102 -16.41 -25.50 -40.03
N GLY I 103 -16.35 -25.72 -38.73
CA GLY I 103 -16.91 -24.86 -37.72
C GLY I 103 -15.78 -24.36 -36.84
N ILE I 104 -14.69 -23.91 -37.44
CA ILE I 104 -13.48 -23.61 -36.67
C ILE I 104 -13.61 -22.25 -36.00
N PHE I 105 -14.12 -22.27 -34.79
CA PHE I 105 -14.53 -21.08 -34.07
C PHE I 105 -13.28 -20.45 -33.49
N ASP I 106 -12.85 -19.27 -33.98
CA ASP I 106 -12.41 -18.09 -33.21
C ASP I 106 -11.65 -17.07 -34.04
N ARG I 107 -11.27 -15.97 -33.40
CA ARG I 107 -10.19 -15.13 -33.88
C ARG I 107 -8.82 -15.64 -33.43
N TRP I 108 -8.76 -16.39 -32.33
CA TRP I 108 -7.51 -16.82 -31.71
C TRP I 108 -7.05 -18.17 -32.22
N THR I 109 -7.98 -19.07 -32.50
CA THR I 109 -7.61 -20.38 -33.04
C THR I 109 -7.25 -20.28 -34.51
N GLY I 110 -7.97 -19.46 -35.27
CA GLY I 110 -7.71 -19.33 -36.68
C GLY I 110 -8.67 -20.14 -37.51
N HIS I 111 -9.33 -19.51 -38.48
CA HIS I 111 -10.42 -20.13 -39.23
C HIS I 111 -9.87 -21.13 -40.22
N TYR I 112 -10.13 -22.43 -39.99
CA TYR I 112 -9.38 -23.50 -40.67
C TYR I 112 -10.26 -24.60 -41.24
N GLY I 113 -11.55 -24.38 -41.45
CA GLY I 113 -12.28 -25.43 -42.14
C GLY I 113 -12.85 -24.99 -43.47
N ASP I 114 -12.21 -25.37 -44.57
CA ASP I 114 -12.62 -24.89 -45.89
C ASP I 114 -12.20 -25.90 -46.96
N LYS I 115 -13.12 -26.79 -47.31
CA LYS I 115 -12.81 -27.89 -48.22
C LYS I 115 -13.66 -27.88 -49.48
N TRP I 116 -14.98 -27.90 -49.36
CA TRP I 116 -15.90 -28.04 -50.50
C TRP I 116 -16.92 -26.90 -50.51
N LEU I 117 -17.89 -26.99 -51.42
CA LEU I 117 -18.84 -25.89 -51.63
C LEU I 117 -20.14 -26.46 -52.18
N ASP I 118 -21.09 -26.77 -51.28
CA ASP I 118 -22.41 -27.35 -51.52
C ASP I 118 -23.50 -26.27 -51.51
N PRO I 119 -24.84 -26.61 -51.64
CA PRO I 119 -25.65 -26.10 -52.76
C PRO I 119 -25.43 -24.67 -53.26
N TRP I 120 -25.50 -24.55 -54.59
CA TRP I 120 -25.18 -23.33 -55.31
C TRP I 120 -26.39 -22.45 -55.63
N GLY I 121 -27.60 -23.00 -55.57
CA GLY I 121 -28.78 -22.23 -55.94
C GLY I 121 -28.91 -21.97 -57.42
N GLN I 122 -30.00 -21.33 -57.84
CA GLN I 122 -30.21 -21.06 -59.26
C GLN I 122 -29.27 -19.97 -59.76
N GLY I 123 -29.25 -18.83 -59.08
CA GLY I 123 -28.47 -17.69 -59.50
C GLY I 123 -29.35 -16.57 -60.03
N THR I 124 -28.71 -15.42 -60.25
CA THR I 124 -29.45 -14.27 -60.78
C THR I 124 -28.61 -13.61 -61.85
N LEU I 125 -29.26 -12.76 -62.65
CA LEU I 125 -28.62 -12.04 -63.73
C LEU I 125 -28.70 -10.54 -63.45
N VAL I 126 -27.57 -9.87 -63.50
CA VAL I 126 -27.51 -8.42 -63.32
C VAL I 126 -27.00 -7.81 -64.61
N THR I 127 -27.83 -6.97 -65.22
CA THR I 127 -27.49 -6.28 -66.46
C THR I 127 -27.30 -4.80 -66.14
N VAL I 128 -26.18 -4.24 -66.60
CA VAL I 128 -25.85 -2.85 -66.35
C VAL I 128 -26.05 -2.08 -67.64
N SER I 129 -27.05 -1.21 -67.67
CA SER I 129 -27.35 -0.39 -68.83
C SER I 129 -27.97 0.91 -68.37
N SER I 130 -28.05 1.86 -69.31
CA SER I 130 -28.67 3.16 -69.03
C SER I 130 -30.07 3.29 -69.63
N ALA I 131 -30.57 2.25 -70.29
CA ALA I 131 -31.90 2.30 -70.89
C ALA I 131 -32.98 2.17 -69.82
N ILE J 2 -0.38 -18.15 -55.84
CA ILE J 2 -0.36 -19.50 -56.38
C ILE J 2 -1.09 -19.45 -57.72
N ASP J 3 -0.87 -20.45 -58.57
CA ASP J 3 -1.44 -20.45 -59.91
C ASP J 3 -1.81 -21.87 -60.31
N LEU J 4 -2.92 -21.99 -61.03
CA LEU J 4 -3.45 -23.29 -61.44
C LEU J 4 -3.72 -23.26 -62.94
N THR J 5 -3.53 -24.40 -63.59
CA THR J 5 -3.62 -24.49 -65.05
C THR J 5 -4.28 -25.81 -65.43
N GLN J 6 -5.26 -25.75 -66.33
CA GLN J 6 -5.96 -26.92 -66.80
C GLN J 6 -5.60 -27.22 -68.25
N SER J 7 -5.48 -28.50 -68.57
CA SER J 7 -5.17 -28.94 -69.93
C SER J 7 -5.69 -30.34 -70.12
N PRO J 8 -6.29 -30.68 -71.28
CA PRO J 8 -6.49 -29.87 -72.49
C PRO J 8 -7.63 -28.87 -72.37
N ARG J 9 -7.83 -28.04 -73.40
CA ARG J 9 -8.85 -27.02 -73.34
C ARG J 9 -10.23 -27.55 -73.71
N THR J 10 -10.29 -28.56 -74.57
CA THR J 10 -11.57 -29.11 -75.01
C THR J 10 -11.40 -30.58 -75.34
N LEU J 11 -12.53 -31.25 -75.50
CA LEU J 11 -12.56 -32.68 -75.80
C LEU J 11 -13.91 -33.04 -76.40
N SER J 12 -13.89 -33.83 -77.46
CA SER J 12 -15.11 -34.35 -78.09
C SER J 12 -14.89 -35.83 -78.37
N LEU J 13 -15.62 -36.68 -77.67
CA LEU J 13 -15.48 -38.12 -77.82
C LEU J 13 -16.85 -38.76 -77.91
N SER J 14 -16.87 -40.08 -77.93
CA SER J 14 -18.09 -40.87 -78.06
C SER J 14 -18.32 -41.66 -76.77
N ALA J 15 -19.46 -42.33 -76.72
CA ALA J 15 -19.84 -43.11 -75.55
C ALA J 15 -18.98 -44.37 -75.45
N GLY J 16 -18.95 -44.94 -74.24
CA GLY J 16 -18.18 -46.14 -73.98
C GLY J 16 -16.68 -45.96 -73.98
N GLU J 17 -16.20 -44.72 -73.93
CA GLU J 17 -14.77 -44.43 -73.98
C GLU J 17 -14.31 -43.86 -72.65
N ARG J 18 -13.04 -43.43 -72.63
CA ARG J 18 -12.41 -42.92 -71.42
C ARG J 18 -11.85 -41.53 -71.69
N ALA J 19 -12.13 -40.59 -70.79
CA ALA J 19 -11.57 -39.26 -70.82
C ALA J 19 -10.51 -39.11 -69.73
N THR J 20 -9.58 -38.19 -69.96
CA THR J 20 -8.50 -37.96 -69.00
C THR J 20 -8.11 -36.48 -69.04
N LEU J 21 -8.23 -35.80 -67.90
CA LEU J 21 -7.95 -34.38 -67.80
C LEU J 21 -6.66 -34.17 -67.01
N LEU J 22 -6.20 -32.92 -67.00
CA LEU J 22 -4.97 -32.57 -66.29
C LEU J 22 -5.16 -31.23 -65.60
N CYS J 23 -4.90 -31.21 -64.29
CA CYS J 23 -5.01 -30.02 -63.45
C CYS J 23 -3.69 -29.88 -62.71
N ARG J 24 -2.99 -28.77 -62.93
CA ARG J 24 -1.62 -28.61 -62.46
C ARG J 24 -1.45 -27.30 -61.72
N ALA J 25 -0.92 -27.36 -60.50
CA ALA J 25 -0.67 -26.18 -59.70
C ALA J 25 0.75 -25.67 -59.95
N SER J 26 0.96 -24.40 -59.59
CA SER J 26 2.27 -23.80 -59.76
C SER J 26 3.26 -24.28 -58.72
N GLN J 27 2.77 -24.68 -57.54
CA GLN J 27 3.64 -25.18 -56.48
C GLN J 27 3.12 -26.52 -55.97
N SER J 28 3.68 -27.01 -54.87
CA SER J 28 3.21 -28.25 -54.28
C SER J 28 1.97 -27.98 -53.44
N VAL J 29 0.91 -28.76 -53.69
CA VAL J 29 -0.37 -28.62 -53.01
C VAL J 29 -0.75 -29.98 -52.44
N SER J 30 -1.19 -29.99 -51.18
CA SER J 30 -1.61 -31.24 -50.55
C SER J 30 -2.89 -31.79 -51.19
N ASN J 31 -3.17 -33.05 -50.90
CA ASN J 31 -4.27 -33.77 -51.53
C ASN J 31 -5.64 -33.43 -50.96
N VAL J 32 -5.77 -32.38 -50.15
CA VAL J 32 -7.00 -32.13 -49.41
C VAL J 32 -7.78 -30.96 -50.00
N ALA J 33 -7.09 -29.94 -50.52
CA ALA J 33 -7.72 -28.71 -50.97
C ALA J 33 -8.14 -28.76 -52.43
N LEU J 34 -8.49 -29.92 -52.96
CA LEU J 34 -8.87 -30.07 -54.36
C LEU J 34 -10.31 -30.55 -54.48
N ALA J 35 -11.08 -29.91 -55.36
CA ALA J 35 -12.44 -30.36 -55.65
C ALA J 35 -12.71 -30.23 -57.14
N TRP J 36 -13.66 -31.06 -57.61
CA TRP J 36 -14.01 -31.16 -59.02
C TRP J 36 -15.49 -30.87 -59.22
N TYR J 37 -15.82 -30.18 -60.31
CA TYR J 37 -17.15 -29.63 -60.52
C TYR J 37 -17.72 -30.03 -61.87
N GLN J 38 -19.04 -29.87 -61.98
CA GLN J 38 -19.82 -30.22 -63.17
C GLN J 38 -20.77 -29.06 -63.49
N HIS J 39 -20.34 -28.13 -64.32
CA HIS J 39 -21.16 -26.97 -64.66
C HIS J 39 -21.78 -27.18 -66.04
N LYS J 40 -23.08 -27.43 -66.07
CA LYS J 40 -23.96 -27.49 -67.23
C LYS J 40 -24.54 -26.11 -67.51
N PRO J 41 -24.74 -25.74 -68.78
CA PRO J 41 -25.27 -24.41 -69.07
C PRO J 41 -26.75 -24.32 -68.71
N GLY J 42 -27.12 -23.18 -68.12
CA GLY J 42 -28.48 -22.97 -67.67
C GLY J 42 -28.88 -23.78 -66.45
N GLN J 43 -27.93 -24.34 -65.72
CA GLN J 43 -28.22 -25.19 -64.57
C GLN J 43 -27.48 -24.72 -63.33
N ALA J 44 -27.56 -25.51 -62.26
CA ALA J 44 -26.81 -25.26 -61.04
C ALA J 44 -25.63 -26.22 -60.98
N PRO J 45 -24.39 -25.73 -60.86
CA PRO J 45 -23.25 -26.64 -60.78
C PRO J 45 -23.24 -27.43 -59.48
N ARG J 46 -22.43 -28.46 -59.44
CA ARG J 46 -22.47 -29.36 -58.30
C ARG J 46 -21.10 -29.98 -58.06
N LEU J 47 -20.90 -30.45 -56.83
CA LEU J 47 -19.66 -31.08 -56.42
C LEU J 47 -19.58 -32.50 -56.96
N LEU J 48 -18.41 -32.87 -57.46
CA LEU J 48 -18.13 -34.23 -57.90
C LEU J 48 -17.17 -34.97 -57.01
N LEU J 49 -16.13 -34.30 -56.52
CA LEU J 49 -15.04 -35.00 -55.83
C LEU J 49 -14.35 -33.99 -54.93
N HIS J 50 -14.26 -34.29 -53.64
CA HIS J 50 -13.49 -33.47 -52.71
C HIS J 50 -12.34 -34.29 -52.13
N GLU J 51 -11.25 -33.59 -51.81
CA GLU J 51 -9.98 -34.16 -51.31
C GLU J 51 -9.37 -35.16 -52.30
N ALA J 52 -9.65 -34.98 -53.59
CA ALA J 52 -9.04 -35.63 -54.75
C ALA J 52 -9.29 -37.13 -54.86
N SER J 53 -9.89 -37.75 -53.86
CA SER J 53 -10.30 -39.15 -53.97
C SER J 53 -11.66 -39.45 -53.36
N THR J 54 -12.15 -38.65 -52.41
CA THR J 54 -13.39 -38.97 -51.72
C THR J 54 -14.57 -38.59 -52.61
N ARG J 55 -15.33 -39.61 -53.02
CA ARG J 55 -16.44 -39.40 -53.94
C ARG J 55 -17.59 -38.68 -53.25
N ALA J 56 -18.12 -37.66 -53.92
CA ALA J 56 -19.27 -36.94 -53.42
C ALA J 56 -20.52 -37.83 -53.46
N THR J 57 -21.50 -37.48 -52.65
CA THR J 57 -22.69 -38.30 -52.47
C THR J 57 -23.65 -38.06 -53.63
N GLY J 58 -23.99 -39.13 -54.33
CA GLY J 58 -25.01 -39.08 -55.36
C GLY J 58 -24.51 -39.03 -56.79
N ILE J 59 -23.21 -38.95 -57.01
CA ILE J 59 -22.68 -38.92 -58.38
C ILE J 59 -22.15 -40.32 -58.69
N PRO J 60 -22.22 -40.79 -59.93
CA PRO J 60 -21.90 -42.20 -60.22
C PRO J 60 -20.41 -42.49 -60.16
N ASP J 61 -20.11 -43.79 -60.15
CA ASP J 61 -18.76 -44.28 -59.89
C ASP J 61 -17.82 -44.13 -61.07
N ARG J 62 -18.31 -43.71 -62.25
CA ARG J 62 -17.41 -43.55 -63.39
C ARG J 62 -16.49 -42.35 -63.23
N PHE J 63 -16.86 -41.37 -62.44
CA PHE J 63 -15.98 -40.22 -62.15
C PHE J 63 -14.98 -40.65 -61.09
N ILE J 64 -13.71 -40.79 -61.47
CA ILE J 64 -12.65 -41.23 -60.56
C ILE J 64 -11.49 -40.27 -60.68
N GLY J 65 -11.04 -39.73 -59.56
CA GLY J 65 -9.92 -38.81 -59.59
C GLY J 65 -8.70 -39.32 -58.84
N SER J 66 -7.54 -38.80 -59.20
CA SER J 66 -6.29 -39.18 -58.56
C SER J 66 -5.26 -38.07 -58.81
N GLY J 67 -4.04 -38.32 -58.36
CA GLY J 67 -2.98 -37.35 -58.51
C GLY J 67 -2.36 -36.95 -57.19
N SER J 68 -1.19 -36.31 -57.25
CA SER J 68 -0.49 -35.90 -56.04
C SER J 68 0.49 -34.78 -56.36
N GLY J 69 0.86 -34.06 -55.32
CA GLY J 69 1.97 -33.13 -55.35
C GLY J 69 1.62 -31.85 -56.08
N ARG J 70 1.64 -31.92 -57.41
CA ARG J 70 1.11 -30.84 -58.22
C ARG J 70 0.43 -31.34 -59.49
N ASP J 71 0.26 -32.65 -59.68
CA ASP J 71 -0.34 -33.19 -60.88
C ASP J 71 -1.62 -33.92 -60.49
N PHE J 72 -2.76 -33.47 -61.02
CA PHE J 72 -4.07 -33.93 -60.63
C PHE J 72 -4.87 -34.32 -61.87
N THR J 73 -5.70 -35.36 -61.75
CA THR J 73 -6.35 -35.97 -62.90
C THR J 73 -7.75 -36.44 -62.54
N LEU J 74 -8.73 -36.06 -63.35
CA LEU J 74 -10.07 -36.62 -63.32
C LEU J 74 -10.24 -37.54 -64.53
N THR J 75 -10.89 -38.69 -64.32
CA THR J 75 -11.03 -39.71 -65.36
C THR J 75 -12.45 -40.26 -65.32
N ILE J 76 -13.13 -40.20 -66.45
CA ILE J 76 -14.40 -40.89 -66.63
C ILE J 76 -14.10 -42.24 -67.27
N THR J 77 -14.56 -43.31 -66.62
CA THR J 77 -14.22 -44.65 -67.08
C THR J 77 -15.00 -45.02 -68.34
N SER J 78 -16.32 -44.85 -68.30
CA SER J 78 -17.19 -45.15 -69.43
C SER J 78 -18.02 -43.91 -69.73
N LEU J 79 -17.70 -43.24 -70.84
CA LEU J 79 -18.37 -41.99 -71.18
C LEU J 79 -19.84 -42.23 -71.52
N GLU J 80 -20.66 -41.24 -71.18
CA GLU J 80 -22.10 -41.30 -71.34
C GLU J 80 -22.58 -40.07 -72.10
N PRO J 81 -23.75 -40.12 -72.73
CA PRO J 81 -24.27 -38.93 -73.42
C PRO J 81 -24.68 -37.80 -72.50
N GLU J 82 -24.86 -38.07 -71.21
CA GLU J 82 -25.30 -37.06 -70.26
C GLU J 82 -24.14 -36.34 -69.59
N ASP J 83 -22.90 -36.64 -69.96
CA ASP J 83 -21.73 -36.04 -69.35
C ASP J 83 -21.25 -34.79 -70.09
N PHE J 84 -22.16 -34.09 -70.76
CA PHE J 84 -21.84 -32.86 -71.48
C PHE J 84 -21.88 -31.70 -70.49
N ALA J 85 -20.72 -31.33 -69.96
CA ALA J 85 -20.61 -30.23 -69.01
C ALA J 85 -19.17 -29.74 -68.99
N VAL J 86 -19.01 -28.47 -68.62
CA VAL J 86 -17.69 -27.92 -68.36
C VAL J 86 -17.23 -28.41 -67.00
N TYR J 87 -15.98 -28.84 -66.90
CA TYR J 87 -15.45 -29.37 -65.66
C TYR J 87 -14.39 -28.44 -65.09
N TYR J 88 -14.52 -28.15 -63.80
CA TYR J 88 -13.67 -27.19 -63.10
C TYR J 88 -12.93 -27.88 -61.96
N CYS J 89 -11.64 -27.58 -61.85
CA CYS J 89 -10.85 -27.86 -60.66
C CYS J 89 -10.37 -26.53 -60.10
N GLN J 90 -10.65 -26.31 -58.82
CA GLN J 90 -10.20 -25.11 -58.12
C GLN J 90 -9.82 -25.49 -56.70
N LEU J 91 -9.11 -24.59 -56.04
CA LEU J 91 -8.51 -24.85 -54.73
C LEU J 91 -9.53 -24.65 -53.61
N SER J 92 -9.04 -24.54 -52.37
CA SER J 92 -9.91 -24.25 -51.24
C SER J 92 -10.51 -22.85 -51.35
N GLY J 93 -9.65 -21.83 -51.42
CA GLY J 93 -10.07 -20.44 -51.52
C GLY J 93 -10.55 -20.01 -52.88
N ARG J 94 -10.51 -20.90 -53.86
CA ARG J 94 -11.14 -20.77 -55.18
C ARG J 94 -10.57 -19.66 -56.05
N ARG J 95 -9.40 -19.12 -55.72
CA ARG J 95 -8.89 -17.93 -56.40
C ARG J 95 -8.30 -18.22 -57.79
N LEU J 96 -8.44 -19.43 -58.31
CA LEU J 96 -8.06 -19.75 -59.68
C LEU J 96 -9.23 -20.38 -60.42
N GLY J 97 -8.97 -20.94 -61.59
CA GLY J 97 -10.00 -21.58 -62.39
C GLY J 97 -9.87 -21.28 -63.86
N GLN J 98 -9.84 -22.33 -64.69
CA GLN J 98 -9.63 -22.15 -66.11
C GLN J 98 -10.73 -22.75 -66.97
N GLY J 99 -11.21 -23.94 -66.62
CA GLY J 99 -12.33 -24.53 -67.35
C GLY J 99 -11.92 -25.49 -68.45
N THR J 100 -12.71 -26.55 -68.62
CA THR J 100 -12.47 -27.53 -69.68
C THR J 100 -13.81 -28.11 -70.09
N LYS J 101 -14.12 -28.02 -71.38
CA LYS J 101 -15.41 -28.44 -71.90
C LYS J 101 -15.30 -29.79 -72.59
N VAL J 102 -16.19 -30.71 -72.23
CA VAL J 102 -16.21 -32.06 -72.79
C VAL J 102 -17.46 -32.20 -73.64
N GLU J 103 -17.27 -32.50 -74.92
CA GLU J 103 -18.34 -32.58 -75.90
C GLU J 103 -18.58 -34.03 -76.30
N ILE J 104 -19.73 -34.26 -76.92
CA ILE J 104 -20.14 -35.59 -77.37
C ILE J 104 -20.03 -35.62 -78.88
N LYS J 105 -19.30 -36.62 -79.39
CA LYS J 105 -19.12 -36.77 -80.84
C LYS J 105 -20.09 -37.80 -81.41
N GLN K 1 4.63 -22.56 53.27
CA GLN K 1 3.31 -21.97 53.13
C GLN K 1 2.52 -22.61 52.01
N VAL K 2 3.18 -22.81 50.87
CA VAL K 2 2.52 -23.37 49.69
C VAL K 2 2.41 -24.88 49.86
N GLN K 3 1.18 -25.38 49.89
CA GLN K 3 0.89 -26.80 50.08
C GLN K 3 0.22 -27.34 48.82
N LEU K 4 0.78 -28.41 48.27
CA LEU K 4 0.24 -29.00 47.05
C LEU K 4 0.07 -30.50 47.26
N GLN K 5 -0.80 -31.09 46.44
CA GLN K 5 -1.17 -32.50 46.63
C GLN K 5 -1.49 -33.12 45.28
N GLU K 6 -0.96 -34.32 45.05
CA GLU K 6 -1.24 -35.06 43.82
C GLU K 6 -2.49 -35.92 43.99
N SER K 7 -3.02 -36.38 42.85
CA SER K 7 -4.24 -37.19 42.82
C SER K 7 -4.29 -37.93 41.49
N GLY K 8 -5.09 -38.99 41.46
CA GLY K 8 -5.25 -39.80 40.28
C GLY K 8 -5.85 -41.16 40.60
N PRO K 9 -6.01 -42.00 39.58
CA PRO K 9 -6.55 -43.35 39.79
C PRO K 9 -5.51 -44.28 40.38
N GLY K 10 -5.93 -45.50 40.69
CA GLY K 10 -5.05 -46.47 41.31
C GLY K 10 -4.81 -47.73 40.50
N LEU K 11 -5.72 -48.01 39.56
CA LEU K 11 -5.65 -49.23 38.76
C LEU K 11 -5.91 -48.86 37.32
N VAL K 12 -4.90 -49.04 36.46
CA VAL K 12 -4.99 -48.67 35.06
C VAL K 12 -4.67 -49.90 34.22
N LYS K 13 -5.66 -50.38 33.47
CA LYS K 13 -5.42 -51.46 32.52
C LYS K 13 -4.59 -50.95 31.36
N PRO K 14 -3.87 -51.85 30.67
CA PRO K 14 -3.07 -51.42 29.51
C PRO K 14 -3.95 -50.97 28.35
N SER K 15 -3.28 -50.37 27.35
CA SER K 15 -3.89 -49.74 26.17
C SER K 15 -4.91 -48.68 26.54
N GLU K 16 -4.63 -47.92 27.59
CA GLU K 16 -5.47 -46.82 28.05
C GLU K 16 -4.66 -45.53 28.06
N THR K 17 -5.23 -44.49 28.67
CA THR K 17 -4.58 -43.19 28.81
C THR K 17 -4.48 -42.84 30.28
N LEU K 18 -3.27 -42.78 30.80
CA LEU K 18 -3.04 -42.37 32.18
C LEU K 18 -3.28 -40.87 32.32
N SER K 19 -3.85 -40.48 33.46
CA SER K 19 -4.20 -39.08 33.69
C SER K 19 -4.17 -38.80 35.18
N VAL K 20 -3.22 -37.98 35.62
CA VAL K 20 -3.12 -37.59 37.03
C VAL K 20 -3.22 -36.07 37.12
N THR K 21 -3.50 -35.60 38.34
CA THR K 21 -3.83 -34.20 38.58
C THR K 21 -3.18 -33.72 39.85
N CYS K 22 -2.42 -32.63 39.76
CA CYS K 22 -1.73 -32.01 40.88
C CYS K 22 -2.42 -30.70 41.20
N ARG K 23 -2.78 -30.50 42.46
CA ARG K 23 -3.52 -29.31 42.86
C ARG K 23 -2.74 -28.52 43.90
N VAL K 24 -2.66 -27.21 43.71
CA VAL K 24 -1.96 -26.29 44.60
C VAL K 24 -2.97 -25.57 45.47
N SER K 25 -2.67 -25.43 46.77
CA SER K 25 -3.60 -24.77 47.69
C SER K 25 -2.85 -23.87 48.66
N GLY K 26 -1.88 -23.13 48.17
CA GLY K 26 -1.18 -22.19 49.03
C GLY K 26 -0.82 -20.88 48.37
N GLY K 27 -1.17 -20.76 47.10
CA GLY K 27 -0.81 -19.60 46.31
C GLY K 27 -1.18 -19.83 44.87
N SER K 28 -0.62 -19.00 44.00
CA SER K 28 -0.95 -19.07 42.59
C SER K 28 0.08 -19.89 41.84
N LEU K 29 -0.20 -20.15 40.57
CA LEU K 29 0.76 -20.79 39.69
C LEU K 29 1.70 -19.81 39.04
N ASP K 30 1.63 -18.53 39.42
CA ASP K 30 2.31 -17.46 38.72
C ASP K 30 3.80 -17.51 38.98
N LEU K 31 4.59 -17.08 37.98
CA LEU K 31 6.04 -16.86 38.05
C LEU K 31 6.85 -18.15 38.24
N TYR K 32 6.29 -19.33 37.97
CA TYR K 32 7.03 -20.56 38.22
C TYR K 32 6.79 -21.59 37.11
N TYR K 33 7.65 -22.61 37.09
CA TYR K 33 7.46 -23.79 36.24
C TYR K 33 6.79 -24.87 37.08
N TRP K 34 6.35 -25.95 36.43
CA TRP K 34 5.71 -27.06 37.13
C TRP K 34 6.13 -28.37 36.46
N SER K 35 6.56 -29.36 37.26
CA SER K 35 7.26 -30.53 36.75
C SER K 35 6.60 -31.83 37.20
N TRP K 36 7.08 -32.93 36.62
CA TRP K 36 6.66 -34.28 37.01
C TRP K 36 7.87 -35.20 37.11
N ILE K 37 7.88 -36.05 38.14
CA ILE K 37 9.01 -36.94 38.42
C ILE K 37 8.47 -38.35 38.67
N ARG K 38 9.08 -39.35 38.04
CA ARG K 38 8.68 -40.74 38.15
C ARG K 38 9.72 -41.56 38.93
N GLN K 39 9.25 -42.45 39.80
CA GLN K 39 10.12 -43.42 40.46
C GLN K 39 9.57 -44.83 40.25
N PRO K 40 10.23 -45.67 39.46
CA PRO K 40 9.89 -47.09 39.42
C PRO K 40 10.24 -47.76 40.74
N PRO K 41 9.57 -48.87 41.08
CA PRO K 41 9.77 -49.46 42.42
C PRO K 41 11.15 -50.06 42.64
N GLY K 42 11.88 -50.42 41.58
CA GLY K 42 13.21 -50.95 41.76
C GLY K 42 14.30 -49.91 41.63
N LYS K 43 14.10 -48.95 40.74
CA LYS K 43 15.11 -47.96 40.41
C LYS K 43 14.90 -46.69 41.22
N GLY K 44 15.65 -45.65 40.88
CA GLY K 44 15.56 -44.37 41.55
C GLY K 44 14.58 -43.42 40.88
N LEU K 45 14.89 -42.13 40.95
CA LEU K 45 14.01 -41.10 40.43
C LEU K 45 14.29 -40.83 38.96
N GLN K 46 13.24 -40.58 38.20
CA GLN K 46 13.34 -40.28 36.78
C GLN K 46 12.57 -39.02 36.45
N TRP K 47 13.11 -38.22 35.53
CA TRP K 47 12.50 -36.98 35.11
C TRP K 47 11.59 -37.22 33.90
N ILE K 48 10.41 -36.61 33.94
CA ILE K 48 9.45 -36.67 32.84
C ILE K 48 9.47 -35.39 32.03
N GLY K 49 9.19 -34.26 32.67
CA GLY K 49 9.17 -32.98 31.98
C GLY K 49 8.52 -31.91 32.83
N PHE K 50 8.63 -30.68 32.33
CA PHE K 50 8.05 -29.54 33.02
C PHE K 50 7.50 -28.55 32.01
N VAL K 51 6.60 -27.70 32.50
CA VAL K 51 5.88 -26.74 31.67
C VAL K 51 5.84 -25.39 32.40
N TYR K 52 5.74 -24.32 31.62
CA TYR K 52 5.64 -22.96 32.14
C TYR K 52 4.16 -22.59 32.28
N PHE K 53 3.86 -21.72 33.24
CA PHE K 53 2.47 -21.51 33.66
C PHE K 53 1.65 -20.82 32.59
N ASP K 54 2.28 -20.04 31.71
CA ASP K 54 1.60 -19.50 30.55
C ASP K 54 1.22 -20.59 29.56
N GLY K 55 1.89 -21.72 29.59
CA GLY K 55 1.74 -22.69 28.53
C GLY K 55 2.56 -22.36 27.32
N SER K 56 3.60 -21.55 27.48
CA SER K 56 4.42 -21.10 26.36
C SER K 56 5.77 -21.79 26.28
N TYR K 57 6.04 -22.75 27.16
CA TYR K 57 7.29 -23.49 27.12
C TYR K 57 7.13 -24.81 27.85
N GLY K 58 7.76 -25.85 27.32
CA GLY K 58 7.77 -27.15 27.96
C GLY K 58 8.99 -27.95 27.53
N ASP K 59 9.65 -28.58 28.49
CA ASP K 59 10.81 -29.42 28.21
C ASP K 59 10.50 -30.83 28.66
N TYR K 60 10.90 -31.80 27.84
CA TYR K 60 10.47 -33.19 27.96
C TYR K 60 11.67 -34.12 28.01
N ASP K 61 11.41 -35.32 28.51
CA ASP K 61 12.38 -36.41 28.44
C ASP K 61 12.41 -36.95 27.01
N PRO K 62 13.58 -37.09 26.38
CA PRO K 62 13.62 -37.66 25.03
C PRO K 62 13.13 -39.10 24.92
N SER K 63 13.11 -39.86 26.02
CA SER K 63 12.56 -41.21 25.97
C SER K 63 11.04 -41.19 25.90
N LEU K 64 10.39 -40.34 26.69
CA LEU K 64 8.94 -40.35 26.83
C LEU K 64 8.28 -39.20 26.09
N ARG K 65 8.86 -38.73 24.99
CA ARG K 65 8.45 -37.46 24.41
C ARG K 65 7.10 -37.56 23.70
N SER K 66 6.97 -38.47 22.74
CA SER K 66 5.82 -38.46 21.85
C SER K 66 4.56 -39.09 22.45
N ARG K 67 4.54 -39.35 23.76
CA ARG K 67 3.37 -39.95 24.38
C ARG K 67 2.93 -39.19 25.63
N VAL K 68 3.51 -38.03 25.89
CA VAL K 68 3.26 -37.30 27.13
C VAL K 68 2.61 -35.98 26.80
N THR K 69 1.82 -35.46 27.75
CA THR K 69 1.17 -34.16 27.59
C THR K 69 0.96 -33.55 28.97
N ILE K 70 1.56 -32.39 29.20
CA ILE K 70 1.44 -31.69 30.47
C ILE K 70 0.69 -30.39 30.21
N SER K 71 -0.29 -30.07 31.05
CA SER K 71 -1.03 -28.83 30.90
C SER K 71 -1.34 -28.25 32.27
N ALA K 72 -1.56 -26.94 32.31
CA ALA K 72 -1.79 -26.24 33.58
C ALA K 72 -2.88 -25.21 33.39
N ASP K 73 -3.79 -25.11 34.36
CA ASP K 73 -4.84 -24.11 34.33
C ASP K 73 -4.57 -23.08 35.41
N MET K 74 -4.40 -21.83 34.99
CA MET K 74 -4.07 -20.73 35.90
C MET K 74 -5.17 -20.48 36.92
N SER K 75 -6.43 -20.65 36.51
CA SER K 75 -7.54 -20.29 37.39
C SER K 75 -7.92 -21.40 38.34
N LYS K 76 -7.96 -22.64 37.87
CA LYS K 76 -8.41 -23.76 38.70
C LYS K 76 -7.31 -24.33 39.59
N ASN K 77 -6.11 -23.73 39.56
CA ASN K 77 -5.00 -24.06 40.45
C ASN K 77 -4.54 -25.51 40.31
N GLN K 78 -4.47 -26.00 39.07
CA GLN K 78 -4.21 -27.41 38.89
C GLN K 78 -3.39 -27.67 37.63
N ILE K 79 -2.73 -28.82 37.62
CA ILE K 79 -1.84 -29.25 36.54
C ILE K 79 -2.18 -30.70 36.22
N SER K 80 -2.49 -30.98 34.95
CA SER K 80 -2.85 -32.33 34.53
C SER K 80 -1.75 -32.94 33.69
N LEU K 81 -1.46 -34.21 33.98
CA LEU K 81 -0.51 -35.01 33.22
C LEU K 81 -1.23 -36.16 32.54
N ARG K 82 -0.96 -36.35 31.24
CA ARG K 82 -1.56 -37.40 30.45
C ARG K 82 -0.47 -38.19 29.74
N LEU K 83 -0.67 -39.50 29.68
CA LEU K 83 0.32 -40.42 29.14
C LEU K 83 -0.38 -41.50 28.31
N LYS K 84 0.18 -41.79 27.14
CA LYS K 84 -0.41 -42.74 26.20
C LYS K 84 0.37 -44.04 26.19
N SER K 85 -0.29 -45.08 25.69
CA SER K 85 0.25 -46.44 25.50
C SER K 85 0.76 -47.01 26.83
N VAL K 86 -0.20 -47.24 27.72
CA VAL K 86 0.11 -47.69 29.08
C VAL K 86 0.62 -49.13 29.04
N THR K 87 1.84 -49.32 29.54
CA THR K 87 2.48 -50.62 29.66
C THR K 87 2.55 -51.02 31.13
N PRO K 88 2.75 -52.32 31.42
CA PRO K 88 3.01 -52.70 32.82
C PRO K 88 4.33 -52.18 33.37
N ALA K 89 5.26 -51.74 32.51
CA ALA K 89 6.49 -51.13 33.00
C ALA K 89 6.28 -49.74 33.58
N ASP K 90 5.12 -49.13 33.32
CA ASP K 90 4.80 -47.80 33.83
C ASP K 90 4.19 -47.83 35.22
N THR K 91 4.17 -48.98 35.88
CA THR K 91 3.79 -49.08 37.28
C THR K 91 4.84 -48.41 38.14
N ALA K 92 4.50 -47.28 38.76
CA ALA K 92 5.52 -46.45 39.41
C ALA K 92 4.85 -45.46 40.36
N VAL K 93 5.69 -44.65 41.01
CA VAL K 93 5.25 -43.58 41.90
C VAL K 93 5.46 -42.25 41.19
N TYR K 94 4.49 -41.35 41.32
CA TYR K 94 4.48 -40.08 40.61
C TYR K 94 4.55 -38.92 41.59
N TYR K 95 5.37 -37.93 41.25
CA TYR K 95 5.70 -36.77 42.08
C TYR K 95 5.49 -35.47 41.28
N CYS K 96 5.06 -34.44 42.00
CA CYS K 96 4.71 -33.14 41.44
C CYS K 96 5.39 -32.04 42.24
N ALA K 97 6.13 -31.16 41.56
CA ALA K 97 6.86 -30.11 42.26
C ALA K 97 7.02 -28.88 41.37
N ARG K 98 7.19 -27.73 42.02
CA ARG K 98 7.45 -26.50 41.29
C ARG K 98 8.96 -26.28 41.18
N LEU K 99 9.36 -25.69 40.06
CA LEU K 99 10.78 -25.61 39.72
C LEU K 99 11.30 -24.30 40.31
N GLY K 100 12.47 -23.84 39.85
CA GLY K 100 13.22 -22.81 40.51
C GLY K 100 12.64 -21.41 40.49
N PRO K 101 13.48 -20.41 40.75
CA PRO K 101 12.98 -19.09 41.10
C PRO K 101 12.48 -18.28 39.92
N GLY K 102 12.77 -18.73 38.70
CA GLY K 102 12.74 -17.83 37.57
C GLY K 102 11.33 -17.49 37.13
N GLY K 103 11.14 -16.23 36.78
CA GLY K 103 9.95 -15.72 36.14
C GLY K 103 10.35 -15.14 34.80
N ILE K 104 11.16 -15.87 34.04
CA ILE K 104 11.75 -15.29 32.83
C ILE K 104 10.75 -15.32 31.69
N PHE K 105 10.01 -14.23 31.58
CA PHE K 105 8.85 -14.13 30.71
C PHE K 105 9.37 -13.88 29.30
N ASP K 106 9.22 -14.84 28.37
CA ASP K 106 8.74 -14.68 26.98
C ASP K 106 9.05 -15.87 26.09
N ARG K 107 8.59 -15.79 24.84
CA ARG K 107 9.16 -16.58 23.75
C ARG K 107 10.40 -15.92 23.15
N TRP K 108 10.52 -14.60 23.27
CA TRP K 108 11.58 -13.83 22.62
C TRP K 108 12.81 -13.67 23.50
N THR K 109 12.62 -13.54 24.81
CA THR K 109 13.74 -13.42 25.72
C THR K 109 14.40 -14.77 25.96
N GLY K 110 13.61 -15.82 26.06
CA GLY K 110 14.13 -17.14 26.31
C GLY K 110 14.03 -17.53 27.76
N HIS K 111 13.44 -18.68 28.04
CA HIS K 111 13.10 -19.09 29.40
C HIS K 111 14.35 -19.52 30.15
N TYR K 112 14.77 -18.73 31.16
CA TYR K 112 16.10 -18.84 31.72
C TYR K 112 16.14 -18.88 33.24
N GLY K 113 15.05 -19.18 33.93
CA GLY K 113 15.22 -19.33 35.36
C GLY K 113 14.88 -20.73 35.84
N ASP K 114 15.91 -21.52 36.14
CA ASP K 114 15.70 -22.93 36.49
C ASP K 114 16.88 -23.42 37.35
N LYS K 115 16.70 -23.33 38.68
CA LYS K 115 17.78 -23.66 39.61
C LYS K 115 17.45 -24.80 40.55
N TRP K 116 16.36 -24.70 41.30
CA TRP K 116 16.02 -25.67 42.35
C TRP K 116 14.60 -26.20 42.15
N LEU K 117 14.13 -27.00 43.13
CA LEU K 117 12.84 -27.70 42.96
C LEU K 117 12.26 -27.96 44.35
N ASP K 118 11.40 -27.03 44.80
CA ASP K 118 10.72 -26.99 46.10
C ASP K 118 9.27 -27.49 45.97
N PRO K 119 8.41 -27.48 47.06
CA PRO K 119 7.80 -28.72 47.57
C PRO K 119 7.37 -29.80 46.58
N TRP K 120 7.63 -31.05 47.00
CA TRP K 120 7.44 -32.25 46.19
C TRP K 120 6.10 -32.94 46.39
N GLY K 121 5.40 -32.66 47.49
CA GLY K 121 4.15 -33.36 47.76
C GLY K 121 4.32 -34.81 48.18
N GLN K 122 3.22 -35.48 48.51
CA GLN K 122 3.31 -36.87 48.95
C GLN K 122 3.63 -37.80 47.78
N GLY K 123 2.86 -37.71 46.71
CA GLY K 123 3.01 -38.58 45.56
C GLY K 123 1.86 -39.57 45.47
N THR K 124 1.82 -40.28 44.35
CA THR K 124 0.78 -41.28 44.14
C THR K 124 1.41 -42.52 43.55
N LEU K 125 0.67 -43.62 43.60
CA LEU K 125 1.11 -44.90 43.08
C LEU K 125 0.18 -45.33 41.96
N VAL K 126 0.75 -45.67 40.80
CA VAL K 126 -0.02 -46.16 39.67
C VAL K 126 0.43 -47.57 39.38
N THR K 127 -0.50 -48.51 39.48
CA THR K 127 -0.26 -49.91 39.22
C THR K 127 -0.96 -50.31 37.92
N VAL K 128 -0.23 -50.94 37.02
CA VAL K 128 -0.77 -51.34 35.74
C VAL K 128 -0.96 -52.85 35.76
N SER K 129 -2.23 -53.28 35.73
CA SER K 129 -2.56 -54.69 35.73
C SER K 129 -3.88 -54.89 35.00
N SER K 130 -4.19 -56.14 34.69
CA SER K 130 -5.43 -56.49 34.03
C SER K 130 -6.46 -57.11 34.97
N ALA K 131 -6.13 -57.25 36.26
CA ALA K 131 -7.06 -57.82 37.22
C ALA K 131 -8.16 -56.83 37.59
N ILE L 2 24.25 -34.96 27.95
CA ILE L 2 25.13 -34.84 29.10
C ILE L 2 24.88 -36.07 29.97
N ASP L 3 25.81 -36.40 30.86
CA ASP L 3 25.72 -37.60 31.68
C ASP L 3 26.30 -37.32 33.05
N LEU L 4 25.67 -37.90 34.07
CA LEU L 4 26.05 -37.70 35.46
C LEU L 4 26.22 -39.05 36.13
N THR L 5 27.16 -39.13 37.08
CA THR L 5 27.52 -40.38 37.71
C THR L 5 27.79 -40.14 39.19
N GLN L 6 27.23 -40.98 40.06
CA GLN L 6 27.42 -40.87 41.49
C GLN L 6 28.26 -42.04 41.99
N SER L 7 29.13 -41.76 42.96
CA SER L 7 29.98 -42.78 43.57
C SER L 7 30.36 -42.32 44.96
N PRO L 8 30.37 -43.21 45.97
CA PRO L 8 30.10 -44.65 45.95
C PRO L 8 28.62 -45.00 45.86
N ARG L 9 28.30 -46.28 45.75
CA ARG L 9 26.91 -46.69 45.61
C ARG L 9 26.19 -46.79 46.95
N THR L 10 26.91 -47.10 48.03
CA THR L 10 26.30 -47.25 49.33
C THR L 10 27.31 -46.89 50.41
N LEU L 11 26.81 -46.74 51.63
CA LEU L 11 27.65 -46.37 52.77
C LEU L 11 26.92 -46.74 54.05
N SER L 12 27.64 -47.33 54.99
CA SER L 12 27.11 -47.67 56.31
C SER L 12 28.15 -47.28 57.34
N LEU L 13 27.84 -46.26 58.15
CA LEU L 13 28.78 -45.75 59.14
C LEU L 13 28.03 -45.54 60.45
N SER L 14 28.74 -44.99 61.43
CA SER L 14 28.22 -44.74 62.76
C SER L 14 28.11 -43.23 63.00
N ALA L 15 27.54 -42.89 64.16
CA ALA L 15 27.36 -41.50 64.52
C ALA L 15 28.69 -40.84 64.87
N GLY L 16 28.69 -39.51 64.83
CA GLY L 16 29.89 -38.75 65.14
C GLY L 16 30.99 -38.82 64.11
N GLU L 17 30.71 -39.32 62.91
CA GLU L 17 31.70 -39.52 61.87
C GLU L 17 31.41 -38.57 60.71
N ARG L 18 32.19 -38.73 59.63
CA ARG L 18 32.09 -37.89 58.45
C ARG L 18 31.87 -38.75 57.21
N ALA L 19 30.90 -38.35 56.40
CA ALA L 19 30.64 -38.98 55.11
C ALA L 19 31.11 -38.08 53.99
N THR L 20 31.43 -38.68 52.85
CA THR L 20 31.90 -37.92 51.69
C THR L 20 31.44 -38.62 50.43
N LEU L 21 30.68 -37.91 49.60
CA LEU L 21 30.11 -38.45 48.37
C LEU L 21 30.81 -37.84 47.17
N LEU L 22 30.52 -38.38 46.00
CA LEU L 22 31.11 -37.90 44.75
C LEU L 22 30.06 -37.87 43.66
N CYS L 23 29.91 -36.71 43.02
CA CYS L 23 28.96 -36.50 41.94
C CYS L 23 29.74 -35.90 40.78
N ARG L 24 29.76 -36.59 39.64
CA ARG L 24 30.64 -36.24 38.54
C ARG L 24 29.88 -36.17 37.23
N ALA L 25 30.01 -35.04 36.54
CA ALA L 25 29.37 -34.84 35.25
C ALA L 25 30.28 -35.30 34.12
N SER L 26 29.68 -35.55 32.96
CA SER L 26 30.46 -35.97 31.80
C SER L 26 31.23 -34.81 31.18
N GLN L 27 30.73 -33.58 31.34
CA GLN L 27 31.41 -32.42 30.80
C GLN L 27 31.58 -31.36 31.89
N SER L 28 31.99 -30.16 31.51
CA SER L 28 32.13 -29.07 32.47
C SER L 28 30.77 -28.44 32.72
N VAL L 29 30.40 -28.31 34.00
CA VAL L 29 29.12 -27.77 34.42
C VAL L 29 29.41 -26.66 35.42
N SER L 30 28.72 -25.51 35.26
CA SER L 30 28.89 -24.40 36.17
C SER L 30 28.32 -24.73 37.56
N ASN L 31 28.71 -23.91 38.53
CA ASN L 31 28.37 -24.16 39.93
C ASN L 31 26.94 -23.79 40.30
N VAL L 32 26.07 -23.53 39.34
CA VAL L 32 24.74 -22.99 39.64
C VAL L 32 23.65 -24.04 39.49
N ALA L 33 23.79 -24.95 38.52
CA ALA L 33 22.75 -25.90 38.18
C ALA L 33 22.83 -27.20 38.98
N LEU L 34 23.32 -27.15 40.22
CA LEU L 34 23.46 -28.34 41.05
C LEU L 34 22.60 -28.23 42.29
N ALA L 35 21.89 -29.29 42.62
CA ALA L 35 21.11 -29.36 43.86
C ALA L 35 21.22 -30.75 44.46
N TRP L 36 21.03 -30.80 45.79
CA TRP L 36 21.18 -32.02 46.57
C TRP L 36 19.90 -32.32 47.33
N TYR L 37 19.56 -33.61 47.42
CA TYR L 37 18.24 -34.04 47.90
C TYR L 37 18.36 -35.07 49.00
N GLN L 38 17.26 -35.25 49.73
CA GLN L 38 17.14 -36.16 50.86
C GLN L 38 15.84 -36.95 50.72
N HIS L 39 15.91 -38.11 50.09
CA HIS L 39 14.72 -38.95 49.88
C HIS L 39 14.71 -40.08 50.88
N LYS L 40 13.81 -39.99 51.86
CA LYS L 40 13.44 -41.00 52.85
C LYS L 40 12.31 -41.87 52.30
N PRO L 41 12.29 -43.16 52.60
CA PRO L 41 11.23 -44.03 52.08
C PRO L 41 9.90 -43.75 52.77
N GLY L 42 8.84 -43.72 51.97
CA GLY L 42 7.52 -43.40 52.47
C GLY L 42 7.31 -41.97 52.86
N GLN L 43 8.18 -41.06 52.42
CA GLN L 43 8.08 -39.65 52.80
C GLN L 43 8.10 -38.74 51.58
N ALA L 44 8.17 -37.43 51.82
CA ALA L 44 8.32 -36.46 50.75
C ALA L 44 9.76 -35.98 50.70
N PRO L 45 10.45 -36.08 49.57
CA PRO L 45 11.84 -35.61 49.51
C PRO L 45 11.91 -34.10 49.60
N ARG L 46 13.11 -33.60 49.84
CA ARG L 46 13.26 -32.17 50.11
C ARG L 46 14.63 -31.69 49.64
N LEU L 47 14.71 -30.38 49.43
CA LEU L 47 15.93 -29.73 48.98
C LEU L 47 16.90 -29.57 50.14
N LEU L 48 18.17 -29.86 49.88
CA LEU L 48 19.24 -29.65 50.85
C LEU L 48 20.17 -28.52 50.48
N LEU L 49 20.51 -28.39 49.20
CA LEU L 49 21.56 -27.46 48.81
C LEU L 49 21.34 -27.10 47.35
N HIS L 50 21.23 -25.81 47.05
CA HIS L 50 21.16 -25.34 45.67
C HIS L 50 22.36 -24.46 45.36
N GLU L 51 22.77 -24.48 44.09
CA GLU L 51 23.96 -23.79 43.56
C GLU L 51 25.25 -24.22 44.25
N ALA L 52 25.27 -25.46 44.77
CA ALA L 52 26.42 -26.21 45.28
C ALA L 52 27.06 -25.64 46.54
N SER L 53 26.64 -24.46 46.99
CA SER L 53 27.09 -23.94 48.27
C SER L 53 26.01 -23.26 49.09
N THR L 54 24.93 -22.77 48.47
CA THR L 54 23.93 -22.01 49.19
C THR L 54 23.02 -22.96 49.95
N ARG L 55 23.07 -22.89 51.28
CA ARG L 55 22.31 -23.81 52.12
C ARG L 55 20.82 -23.51 52.05
N ALA L 56 20.03 -24.56 51.88
CA ALA L 56 18.58 -24.43 51.88
C ALA L 56 18.08 -24.08 53.28
N THR L 57 16.89 -23.50 53.32
CA THR L 57 16.32 -22.98 54.56
C THR L 57 15.74 -24.12 55.38
N GLY L 58 16.22 -24.28 56.61
CA GLY L 58 15.67 -25.23 57.55
C GLY L 58 16.41 -26.52 57.71
N ILE L 59 17.47 -26.75 56.95
CA ILE L 59 18.25 -27.98 57.10
C ILE L 59 19.51 -27.64 57.90
N PRO L 60 20.03 -28.55 58.73
CA PRO L 60 21.11 -28.17 59.64
C PRO L 60 22.46 -28.00 58.94
N ASP L 61 23.39 -27.41 59.68
CA ASP L 61 24.67 -26.96 59.13
C ASP L 61 25.65 -28.09 58.88
N ARG L 62 25.35 -29.32 59.29
CA ARG L 62 26.29 -30.41 59.05
C ARG L 62 26.35 -30.81 57.58
N PHE L 63 25.29 -30.53 56.81
CA PHE L 63 25.31 -30.78 55.38
C PHE L 63 26.06 -29.64 54.70
N ILE L 64 27.25 -29.92 54.16
CA ILE L 64 28.09 -28.91 53.53
C ILE L 64 28.54 -29.46 52.18
N GLY L 65 28.31 -28.68 51.12
CA GLY L 65 28.72 -29.13 49.81
C GLY L 65 29.76 -28.22 49.17
N SER L 66 30.51 -28.78 48.23
CA SER L 66 31.55 -28.04 47.52
C SER L 66 31.84 -28.75 46.21
N GLY L 67 32.83 -28.23 45.49
CA GLY L 67 33.20 -28.81 44.21
C GLY L 67 33.12 -27.81 43.08
N SER L 68 33.73 -28.14 41.95
CA SER L 68 33.74 -27.25 40.79
C SER L 68 34.03 -28.03 39.53
N GLY L 69 33.65 -27.42 38.41
CA GLY L 69 34.05 -27.86 37.09
C GLY L 69 33.28 -29.08 36.64
N ARG L 70 33.69 -30.23 37.15
CA ARG L 70 32.89 -31.45 36.99
C ARG L 70 32.96 -32.36 38.21
N ASP L 71 33.58 -31.95 39.31
CA ASP L 71 33.71 -32.79 40.50
C ASP L 71 32.97 -32.11 41.65
N PHE L 72 31.96 -32.78 42.19
CA PHE L 72 31.05 -32.23 43.18
C PHE L 72 30.95 -33.17 44.37
N THR L 73 30.82 -32.60 45.57
CA THR L 73 30.93 -33.35 46.81
C THR L 73 29.97 -32.82 47.85
N LEU L 74 29.20 -33.72 48.46
CA LEU L 74 28.42 -33.44 49.66
C LEU L 74 29.09 -34.11 50.85
N THR L 75 29.14 -33.41 51.98
CA THR L 75 29.85 -33.89 53.17
C THR L 75 29.00 -33.61 54.39
N ILE L 76 28.73 -34.65 55.16
CA ILE L 76 28.12 -34.50 56.49
C ILE L 76 29.26 -34.47 57.51
N THR L 77 29.30 -33.40 58.31
CA THR L 77 30.43 -33.24 59.24
C THR L 77 30.33 -34.19 60.42
N SER L 78 29.17 -34.23 61.07
CA SER L 78 28.94 -35.11 62.21
C SER L 78 27.69 -35.93 61.92
N LEU L 79 27.87 -37.22 61.65
CA LEU L 79 26.76 -38.08 61.28
C LEU L 79 25.80 -38.28 62.45
N GLU L 80 24.53 -38.42 62.12
CA GLU L 80 23.44 -38.53 63.08
C GLU L 80 22.62 -39.76 62.76
N PRO L 81 21.87 -40.30 63.72
CA PRO L 81 21.00 -41.46 63.42
C PRO L 81 19.81 -41.14 62.54
N GLU L 82 19.46 -39.86 62.38
CA GLU L 82 18.32 -39.46 61.58
C GLU L 82 18.68 -39.17 60.13
N ASP L 83 19.95 -39.37 59.74
CA ASP L 83 20.39 -39.10 58.38
C ASP L 83 20.29 -40.32 57.47
N PHE L 84 19.37 -41.23 57.75
CA PHE L 84 19.15 -42.42 56.92
C PHE L 84 18.24 -42.04 55.77
N ALA L 85 18.83 -41.74 54.61
CA ALA L 85 18.08 -41.38 53.43
C ALA L 85 18.95 -41.58 52.20
N VAL L 86 18.30 -41.81 51.07
CA VAL L 86 18.99 -41.83 49.79
C VAL L 86 19.26 -40.39 49.38
N TYR L 87 20.47 -40.11 48.90
CA TYR L 87 20.84 -38.76 48.52
C TYR L 87 21.05 -38.66 47.01
N TYR L 88 20.44 -37.64 46.43
CA TYR L 88 20.42 -37.43 44.99
C TYR L 88 21.08 -36.12 44.62
N CYS L 89 21.93 -36.16 43.60
CA CYS L 89 22.39 -34.97 42.90
C CYS L 89 21.90 -35.04 41.46
N GLN L 90 21.21 -34.00 41.01
CA GLN L 90 20.73 -33.90 39.64
C GLN L 90 20.87 -32.47 39.17
N LEU L 91 20.78 -32.28 37.86
CA LEU L 91 21.05 -30.99 37.24
C LEU L 91 19.82 -30.08 37.30
N SER L 92 19.83 -29.02 36.48
CA SER L 92 18.67 -28.13 36.39
C SER L 92 17.47 -28.85 35.79
N GLY L 93 17.63 -29.37 34.57
CA GLY L 93 16.57 -30.07 33.87
C GLY L 93 16.31 -31.49 34.32
N ARG L 94 17.10 -31.97 35.28
CA ARG L 94 16.87 -33.21 36.05
C ARG L 94 16.97 -34.48 35.22
N ARG L 95 17.52 -34.43 34.00
CA ARG L 95 17.47 -35.57 33.09
C ARG L 95 18.46 -36.68 33.44
N LEU L 96 19.16 -36.60 34.58
CA LEU L 96 19.99 -37.70 35.06
C LEU L 96 19.58 -38.08 36.49
N GLY L 97 20.41 -38.88 37.15
CA GLY L 97 20.13 -39.30 38.51
C GLY L 97 20.48 -40.75 38.74
N GLN L 98 21.29 -41.02 39.76
CA GLN L 98 21.75 -42.39 40.01
C GLN L 98 21.42 -42.88 41.41
N GLY L 99 21.58 -42.04 42.43
CA GLY L 99 21.19 -42.43 43.79
C GLY L 99 22.32 -42.98 44.62
N THR L 100 22.31 -42.67 45.92
CA THR L 100 23.32 -43.19 46.85
C THR L 100 22.67 -43.29 48.21
N LYS L 101 22.71 -44.49 48.80
CA LYS L 101 22.04 -44.77 50.06
C LYS L 101 23.04 -44.77 51.20
N VAL L 102 22.73 -44.05 52.26
CA VAL L 102 23.58 -43.95 53.45
C VAL L 102 22.88 -44.66 54.59
N GLU L 103 23.54 -45.66 55.15
CA GLU L 103 22.99 -46.50 56.20
C GLU L 103 23.69 -46.21 57.52
N ILE L 104 23.05 -46.66 58.61
CA ILE L 104 23.56 -46.47 59.96
C ILE L 104 24.08 -47.81 60.46
N LYS L 105 25.32 -47.83 60.92
CA LYS L 105 25.93 -49.05 61.43
C LYS L 105 25.87 -49.12 62.95
N GLN M 1 1.17 64.80 -11.48
CA GLN M 1 -0.18 64.43 -11.09
C GLN M 1 -0.19 63.72 -9.75
N VAL M 2 0.75 62.79 -9.55
CA VAL M 2 0.80 62.01 -8.33
C VAL M 2 1.46 62.84 -7.24
N GLN M 3 0.72 63.11 -6.17
CA GLN M 3 1.18 63.93 -5.06
C GLN M 3 1.26 63.06 -3.80
N LEU M 4 2.41 63.04 -3.15
CA LEU M 4 2.59 62.25 -1.95
C LEU M 4 3.20 63.11 -0.86
N GLN M 5 3.01 62.66 0.39
CA GLN M 5 3.41 63.46 1.54
C GLN M 5 3.82 62.56 2.69
N GLU M 6 4.94 62.89 3.33
CA GLU M 6 5.42 62.14 4.48
C GLU M 6 4.81 62.69 5.76
N SER M 7 4.92 61.90 6.83
CA SER M 7 4.37 62.25 8.13
C SER M 7 5.06 61.41 9.20
N GLY M 8 4.98 61.88 10.44
CA GLY M 8 5.58 61.19 11.57
C GLY M 8 5.73 62.10 12.77
N PRO M 9 6.31 61.57 13.85
CA PRO M 9 6.52 62.38 15.06
C PRO M 9 7.71 63.31 14.89
N GLY M 10 7.94 64.15 15.91
CA GLY M 10 9.00 65.13 15.84
C GLY M 10 10.05 64.97 16.92
N LEU M 11 9.71 64.29 18.00
CA LEU M 11 10.62 64.12 19.13
C LEU M 11 10.59 62.67 19.57
N VAL M 12 11.72 61.99 19.42
CA VAL M 12 11.82 60.56 19.73
C VAL M 12 12.94 60.37 20.75
N LYS M 13 12.58 59.93 21.95
CA LYS M 13 13.57 59.58 22.95
C LYS M 13 14.28 58.30 22.53
N PRO M 14 15.52 58.08 23.00
CA PRO M 14 16.22 56.83 22.68
C PRO M 14 15.57 55.61 23.31
N SER M 15 16.06 54.45 22.86
CA SER M 15 15.54 53.12 23.21
C SER M 15 14.05 52.97 22.89
N GLU M 16 13.61 53.56 21.79
CA GLU M 16 12.24 53.49 21.32
C GLU M 16 12.21 52.90 19.91
N THR M 17 11.04 52.97 19.28
CA THR M 17 10.85 52.51 17.90
C THR M 17 10.36 53.66 17.05
N LEU M 18 11.19 54.07 16.09
CA LEU M 18 10.80 55.11 15.15
C LEU M 18 9.79 54.56 14.16
N SER M 19 8.82 55.40 13.79
CA SER M 19 7.74 54.97 12.91
C SER M 19 7.23 56.18 12.12
N VAL M 20 7.46 56.18 10.82
CA VAL M 20 6.98 57.26 9.95
C VAL M 20 6.07 56.66 8.88
N THR M 21 5.28 57.54 8.25
CA THR M 21 4.21 57.11 7.35
C THR M 21 4.16 58.01 6.13
N CYS M 22 4.23 57.42 4.94
CA CYS M 22 4.17 58.13 3.68
C CYS M 22 2.84 57.84 3.01
N ARG M 23 2.11 58.88 2.62
CA ARG M 23 0.78 58.70 2.04
C ARG M 23 0.73 59.26 0.63
N VAL M 24 0.16 58.49 -0.29
CA VAL M 24 0.01 58.86 -1.69
C VAL M 24 -1.42 59.32 -1.94
N SER M 25 -1.57 60.40 -2.70
CA SER M 25 -2.90 60.94 -2.98
C SER M 25 -3.03 61.39 -4.43
N GLY M 26 -2.51 60.60 -5.35
CA GLY M 26 -2.65 60.93 -6.75
C GLY M 26 -2.87 59.74 -7.65
N GLY M 27 -2.91 58.56 -7.05
CA GLY M 27 -3.02 57.32 -7.81
C GLY M 27 -2.83 56.15 -6.89
N SER M 28 -2.60 54.99 -7.49
CA SER M 28 -2.47 53.77 -6.71
C SER M 28 -1.00 53.47 -6.44
N LEU M 29 -0.77 52.45 -5.61
CA LEU M 29 0.58 51.95 -5.38
C LEU M 29 0.99 50.91 -6.40
N ASP M 30 0.15 50.66 -7.41
CA ASP M 30 0.32 49.54 -8.32
C ASP M 30 1.50 49.78 -9.26
N LEU M 31 2.15 48.68 -9.66
CA LEU M 31 3.19 48.63 -10.69
C LEU M 31 4.48 49.37 -10.32
N TYR M 32 4.72 49.67 -9.04
CA TYR M 32 5.91 50.44 -8.67
C TYR M 32 6.54 49.93 -7.39
N TYR M 33 7.78 50.36 -7.14
CA TYR M 33 8.46 50.14 -5.87
C TYR M 33 8.28 51.39 -5.02
N TRP M 34 8.66 51.30 -3.74
CA TRP M 34 8.55 52.44 -2.83
C TRP M 34 9.74 52.44 -1.88
N SER M 35 10.40 53.59 -1.73
CA SER M 35 11.73 53.65 -1.11
C SER M 35 11.76 54.66 0.04
N TRP M 36 12.89 54.63 0.77
CA TRP M 36 13.15 55.60 1.84
C TRP M 36 14.59 56.09 1.76
N ILE M 37 14.79 57.39 1.97
CA ILE M 37 16.09 58.04 1.85
C ILE M 37 16.34 58.90 3.08
N ARG M 38 17.53 58.79 3.67
CA ARG M 38 17.91 59.52 4.87
C ARG M 38 18.98 60.57 4.55
N GLN M 39 18.85 61.75 5.14
CA GLN M 39 19.90 62.77 5.09
C GLN M 39 20.25 63.24 6.50
N PRO M 40 21.43 62.90 7.01
CA PRO M 40 21.92 63.52 8.24
C PRO M 40 22.20 65.00 8.02
N PRO M 41 22.16 65.82 9.09
CA PRO M 41 22.30 67.28 8.89
C PRO M 41 23.68 67.72 8.42
N GLY M 42 24.72 66.94 8.65
CA GLY M 42 26.05 67.31 8.19
C GLY M 42 26.41 66.71 6.86
N LYS M 43 25.96 65.48 6.61
CA LYS M 43 26.34 64.72 5.44
C LYS M 43 25.30 64.86 4.34
N GLY M 44 25.44 64.08 3.29
CA GLY M 44 24.53 64.09 2.16
C GLY M 44 23.39 63.09 2.31
N LEU M 45 22.95 62.56 1.18
CA LEU M 45 21.82 61.64 1.15
C LEU M 45 22.30 60.21 1.34
N GLN M 46 21.50 59.43 2.07
CA GLN M 46 21.79 58.02 2.32
C GLN M 46 20.58 57.17 1.99
N TRP M 47 20.84 55.98 1.45
CA TRP M 47 19.79 55.04 1.08
C TRP M 47 19.49 54.10 2.24
N ILE M 48 18.21 53.87 2.47
CA ILE M 48 17.75 52.93 3.49
C ILE M 48 17.29 51.63 2.86
N GLY M 49 16.30 51.69 1.97
CA GLY M 49 15.79 50.49 1.33
C GLY M 49 14.49 50.77 0.62
N PHE M 50 14.06 49.77 -0.14
CA PHE M 50 12.80 49.88 -0.88
C PHE M 50 12.09 48.53 -0.89
N VAL M 51 10.78 48.59 -1.16
CA VAL M 51 9.90 47.43 -1.11
C VAL M 51 8.98 47.46 -2.33
N TYR M 52 8.53 46.29 -2.75
CA TYR M 52 7.60 46.13 -3.85
C TYR M 52 6.17 46.11 -3.31
N PHE M 53 5.22 46.59 -4.12
CA PHE M 53 3.89 46.88 -3.61
C PHE M 53 3.12 45.62 -3.23
N ASP M 54 3.46 44.48 -3.83
CA ASP M 54 2.92 43.20 -3.38
C ASP M 54 3.43 42.82 -2.01
N GLY M 55 4.57 43.35 -1.60
CA GLY M 55 5.22 42.85 -0.42
C GLY M 55 6.03 41.61 -0.68
N SER M 56 6.40 41.37 -1.93
CA SER M 56 7.11 40.16 -2.30
C SER M 56 8.58 40.39 -2.57
N TYR M 57 9.09 41.60 -2.38
CA TYR M 57 10.51 41.87 -2.56
C TYR M 57 10.88 43.14 -1.79
N GLY M 58 12.07 43.11 -1.21
CA GLY M 58 12.61 44.27 -0.53
C GLY M 58 14.12 44.24 -0.51
N ASP M 59 14.75 45.38 -0.80
CA ASP M 59 16.20 45.50 -0.78
C ASP M 59 16.58 46.54 0.26
N TYR M 60 17.63 46.25 1.02
CA TYR M 60 17.98 46.98 2.21
C TYR M 60 19.44 47.44 2.18
N ASP M 61 19.73 48.44 3.00
CA ASP M 61 21.11 48.85 3.23
C ASP M 61 21.77 47.83 4.14
N PRO M 62 22.97 47.32 3.80
CA PRO M 62 23.65 46.36 4.69
C PRO M 62 24.03 46.93 6.05
N SER M 63 24.13 48.25 6.19
CA SER M 63 24.41 48.83 7.50
C SER M 63 23.19 48.77 8.41
N LEU M 64 22.01 49.10 7.88
CA LEU M 64 20.81 49.26 8.68
C LEU M 64 19.85 48.09 8.53
N ARG M 65 20.36 46.88 8.26
CA ARG M 65 19.51 45.78 7.81
C ARG M 65 18.65 45.23 8.93
N SER M 66 19.27 44.78 10.03
CA SER M 66 18.56 44.01 11.04
C SER M 66 17.72 44.84 11.99
N ARG M 67 17.51 46.13 11.70
CA ARG M 67 16.71 46.98 12.59
C ARG M 67 15.63 47.74 11.83
N VAL M 68 15.43 47.44 10.56
CA VAL M 68 14.54 48.22 9.71
C VAL M 68 13.38 47.33 9.27
N THR M 69 12.23 47.96 9.00
CA THR M 69 11.06 47.23 8.51
C THR M 69 10.21 48.18 7.68
N ILE M 70 10.03 47.86 6.41
CA ILE M 70 9.23 48.68 5.50
C ILE M 70 8.00 47.86 5.11
N SER M 71 6.83 48.48 5.14
CA SER M 71 5.61 47.79 4.73
C SER M 71 4.71 48.76 3.98
N ALA M 72 3.83 48.20 3.15
CA ALA M 72 2.95 49.01 2.32
C ALA M 72 1.57 48.39 2.28
N ASP M 73 0.54 49.23 2.38
CA ASP M 73 -0.84 48.75 2.29
C ASP M 73 -1.44 49.25 0.99
N MET M 74 -1.86 48.30 0.15
CA MET M 74 -2.40 48.61 -1.18
C MET M 74 -3.68 49.42 -1.10
N SER M 75 -4.51 49.15 -0.08
CA SER M 75 -5.83 49.77 -0.02
C SER M 75 -5.79 51.15 0.64
N LYS M 76 -5.05 51.30 1.74
CA LYS M 76 -5.04 52.54 2.48
C LYS M 76 -4.08 53.58 1.91
N ASN M 77 -3.41 53.27 0.80
CA ASN M 77 -2.56 54.18 0.04
C ASN M 77 -1.39 54.71 0.87
N GLN M 78 -0.76 53.83 1.65
CA GLN M 78 0.24 54.32 2.58
C GLN M 78 1.36 53.29 2.75
N ILE M 79 2.51 53.79 3.20
CA ILE M 79 3.73 53.02 3.40
C ILE M 79 4.30 53.39 4.75
N SER M 80 4.53 52.40 5.61
CA SER M 80 5.05 52.65 6.94
C SER M 80 6.49 52.16 7.05
N LEU M 81 7.32 52.98 7.69
CA LEU M 81 8.71 52.66 8.00
C LEU M 81 8.90 52.59 9.50
N ARG M 82 9.54 51.50 9.95
CA ARG M 82 9.81 51.29 11.37
C ARG M 82 11.30 51.00 11.55
N LEU M 83 11.85 51.55 12.64
CA LEU M 83 13.27 51.46 12.93
C LEU M 83 13.48 51.24 14.41
N LYS M 84 14.39 50.32 14.74
CA LYS M 84 14.66 49.91 16.11
C LYS M 84 15.98 50.48 16.60
N SER M 85 16.12 50.52 17.92
CA SER M 85 17.32 50.96 18.65
C SER M 85 17.70 52.39 18.27
N VAL M 86 16.82 53.31 18.66
CA VAL M 86 16.95 54.72 18.29
C VAL M 86 18.13 55.32 19.03
N THR M 87 19.09 55.84 18.28
CA THR M 87 20.26 56.53 18.78
C THR M 87 20.16 58.02 18.48
N PRO M 88 20.92 58.87 19.19
CA PRO M 88 20.99 60.28 18.78
C PRO M 88 21.65 60.52 17.43
N ALA M 89 22.38 59.54 16.89
CA ALA M 89 22.94 59.69 15.54
C ALA M 89 21.87 59.57 14.47
N ASP M 90 20.68 59.08 14.79
CA ASP M 90 19.59 58.93 13.84
C ASP M 90 18.76 60.20 13.68
N THR M 91 19.18 61.30 14.28
CA THR M 91 18.56 62.60 14.06
C THR M 91 18.84 63.05 12.63
N ALA M 92 17.82 63.08 11.79
CA ALA M 92 18.04 63.28 10.35
C ALA M 92 16.74 63.69 9.67
N VAL M 93 16.80 63.89 8.35
CA VAL M 93 15.67 64.21 7.50
C VAL M 93 15.31 62.96 6.70
N TYR M 94 14.02 62.68 6.58
CA TYR M 94 13.53 61.47 5.94
C TYR M 94 12.71 61.82 4.70
N TYR M 95 12.95 61.05 3.63
CA TYR M 95 12.39 61.26 2.29
C TYR M 95 11.75 59.97 1.78
N CYS M 96 10.67 60.15 1.01
CA CYS M 96 9.84 59.06 0.50
C CYS M 96 9.62 59.26 -0.98
N ALA M 97 9.92 58.25 -1.80
CA ALA M 97 9.78 58.37 -3.24
C ALA M 97 9.47 57.03 -3.87
N ARG M 98 8.84 57.08 -5.06
CA ARG M 98 8.60 55.87 -5.82
C ARG M 98 9.72 55.65 -6.81
N LEU M 99 10.04 54.39 -7.06
CA LEU M 99 11.22 54.03 -7.82
C LEU M 99 10.81 53.94 -9.29
N GLY M 100 11.62 53.31 -10.12
CA GLY M 100 11.52 53.42 -11.56
C GLY M 100 10.32 52.78 -12.21
N PRO M 101 10.41 52.54 -13.52
CA PRO M 101 9.21 52.26 -14.31
C PRO M 101 8.69 50.84 -14.15
N GLY M 102 9.46 49.96 -13.54
CA GLY M 102 9.26 48.53 -13.74
C GLY M 102 8.06 48.02 -13.00
N GLY M 103 7.31 47.14 -13.65
CA GLY M 103 6.25 46.35 -13.09
C GLY M 103 6.61 44.89 -13.23
N ILE M 104 7.85 44.53 -12.90
CA ILE M 104 8.33 43.19 -13.20
C ILE M 104 7.82 42.20 -12.17
N PHE M 105 6.67 41.60 -12.47
CA PHE M 105 5.91 40.81 -11.55
C PHE M 105 6.56 39.42 -11.50
N ASP M 106 7.19 39.04 -10.37
CA ASP M 106 7.07 37.74 -9.68
C ASP M 106 8.17 37.48 -8.68
N ARG M 107 8.08 36.33 -8.01
CA ARG M 107 9.23 35.72 -7.35
C ARG M 107 10.04 34.86 -8.33
N TRP M 108 9.42 34.38 -9.39
CA TRP M 108 10.04 33.43 -10.32
C TRP M 108 10.72 34.11 -11.48
N THR M 109 10.16 35.23 -11.96
CA THR M 109 10.78 35.96 -13.06
C THR M 109 11.97 36.78 -12.56
N GLY M 110 11.84 37.37 -11.37
CA GLY M 110 12.91 38.18 -10.82
C GLY M 110 12.65 39.65 -11.04
N HIS M 111 12.72 40.44 -9.95
CA HIS M 111 12.30 41.84 -9.97
C HIS M 111 13.35 42.68 -10.69
N TYR M 112 13.02 43.21 -11.87
CA TYR M 112 14.01 43.74 -12.79
C TYR M 112 13.67 45.12 -13.36
N GLY M 113 12.77 45.88 -12.76
CA GLY M 113 12.62 47.22 -13.28
C GLY M 113 12.96 48.29 -12.28
N ASP M 114 14.14 48.90 -12.41
CA ASP M 114 14.62 49.86 -11.42
C ASP M 114 15.60 50.83 -12.08
N LYS M 115 15.09 51.98 -12.52
CA LYS M 115 15.90 52.92 -13.29
C LYS M 115 15.99 54.30 -12.63
N TRP M 116 14.87 54.94 -12.33
CA TRP M 116 14.83 56.31 -11.83
C TRP M 116 14.01 56.40 -10.55
N LEU M 117 13.80 57.63 -10.06
CA LEU M 117 13.17 57.82 -8.75
C LEU M 117 12.47 59.18 -8.74
N ASP M 118 11.18 59.19 -9.07
CA ASP M 118 10.27 60.34 -9.18
C ASP M 118 9.39 60.45 -7.92
N PRO M 119 8.41 61.43 -7.84
CA PRO M 119 8.44 62.46 -6.77
C PRO M 119 8.92 62.09 -5.37
N TRP M 120 9.68 63.02 -4.79
CA TRP M 120 10.37 62.84 -3.52
C TRP M 120 9.59 63.36 -2.31
N GLY M 121 8.59 64.21 -2.52
CA GLY M 121 7.88 64.79 -1.39
C GLY M 121 8.67 65.83 -0.60
N GLN M 122 8.05 66.44 0.40
CA GLN M 122 8.75 67.46 1.18
C GLN M 122 9.80 66.83 2.10
N GLY M 123 9.41 65.85 2.89
CA GLY M 123 10.27 65.23 3.87
C GLY M 123 9.89 65.60 5.28
N THR M 124 10.52 64.93 6.23
CA THR M 124 10.27 65.21 7.63
C THR M 124 11.58 65.24 8.39
N LEU M 125 11.54 65.80 9.59
CA LEU M 125 12.71 65.91 10.45
C LEU M 125 12.46 65.12 11.73
N VAL M 126 13.40 64.23 12.06
CA VAL M 126 13.32 63.45 13.29
C VAL M 126 14.51 63.83 14.15
N THR M 127 14.22 64.37 15.34
CA THR M 127 15.24 64.77 16.30
C THR M 127 15.20 63.80 17.47
N VAL M 128 16.36 63.27 17.83
CA VAL M 128 16.46 62.31 18.92
C VAL M 128 17.10 63.03 20.12
N SER M 129 16.30 63.21 21.17
CA SER M 129 16.78 63.86 22.39
C SER M 129 16.00 63.32 23.57
N SER M 130 16.50 63.62 24.77
CA SER M 130 15.84 63.20 26.00
C SER M 130 15.09 64.34 26.69
N ALA M 131 15.10 65.53 26.11
CA ALA M 131 14.40 66.67 26.71
C ALA M 131 12.89 66.56 26.50
N ILE N 2 30.37 47.41 -5.05
CA ILE N 2 30.72 48.38 -6.07
C ILE N 2 30.93 49.72 -5.36
N ASP N 3 31.62 50.66 -6.01
CA ASP N 3 31.96 51.92 -5.38
C ASP N 3 31.91 53.03 -6.43
N LEU N 4 31.45 54.20 -6.00
CA LEU N 4 31.28 55.35 -6.88
C LEU N 4 31.96 56.56 -6.24
N THR N 5 32.50 57.43 -7.09
CA THR N 5 33.29 58.56 -6.64
C THR N 5 32.99 59.77 -7.51
N GLN N 6 32.75 60.93 -6.88
CA GLN N 6 32.47 62.16 -7.59
C GLN N 6 33.63 63.13 -7.43
N SER N 7 33.93 63.87 -8.51
CA SER N 7 34.99 64.86 -8.50
C SER N 7 34.69 65.91 -9.56
N PRO N 8 34.90 67.20 -9.29
CA PRO N 8 35.46 67.83 -8.08
C PRO N 8 34.47 67.92 -6.93
N ARG N 9 34.92 68.40 -5.77
CA ARG N 9 34.05 68.45 -4.60
C ARG N 9 33.18 69.70 -4.60
N THR N 10 33.64 70.79 -5.18
CA THR N 10 32.88 72.03 -5.18
C THR N 10 33.22 72.83 -6.43
N LEU N 11 32.41 73.85 -6.69
CA LEU N 11 32.58 74.71 -7.86
C LEU N 11 31.85 76.01 -7.62
N SER N 12 32.51 77.12 -7.96
CA SER N 12 31.90 78.45 -7.89
C SER N 12 32.25 79.20 -9.17
N LEU N 13 31.26 79.46 -10.00
CA LEU N 13 31.47 80.12 -11.29
C LEU N 13 30.42 81.20 -11.47
N SER N 14 30.43 81.82 -12.64
CA SER N 14 29.53 82.90 -12.99
C SER N 14 28.58 82.44 -14.10
N ALA N 15 27.64 83.32 -14.42
CA ALA N 15 26.64 83.02 -15.44
C ALA N 15 27.27 83.04 -16.84
N GLY N 16 26.57 82.40 -17.77
CA GLY N 16 27.05 82.34 -19.14
C GLY N 16 28.25 81.44 -19.37
N GLU N 17 28.60 80.61 -18.41
CA GLU N 17 29.77 79.76 -18.49
C GLU N 17 29.36 78.29 -18.57
N ARG N 18 30.35 77.40 -18.53
CA ARG N 18 30.13 75.97 -18.64
C ARG N 18 30.75 75.25 -17.45
N ALA N 19 29.98 74.34 -16.86
CA ALA N 19 30.44 73.48 -15.79
C ALA N 19 30.63 72.06 -16.32
N THR N 20 31.51 71.32 -15.66
CA THR N 20 31.80 69.95 -16.06
C THR N 20 32.13 69.13 -14.83
N LEU N 21 31.36 68.07 -14.59
CA LEU N 21 31.51 67.22 -13.42
C LEU N 21 32.08 65.86 -13.84
N LEU N 22 32.44 65.06 -12.85
CA LEU N 22 32.99 63.74 -13.10
C LEU N 22 32.42 62.74 -12.09
N CYS N 23 31.85 61.66 -12.61
CA CYS N 23 31.26 60.59 -11.81
C CYS N 23 31.88 59.29 -12.29
N ARG N 24 32.56 58.58 -11.39
CA ARG N 24 33.37 57.44 -11.78
C ARG N 24 33.08 56.24 -10.89
N ALA N 25 32.77 55.12 -11.53
CA ALA N 25 32.49 53.87 -10.82
C ALA N 25 33.76 53.06 -10.63
N SER N 26 33.71 52.14 -9.67
CA SER N 26 34.88 51.29 -9.41
C SER N 26 35.04 50.22 -10.48
N GLN N 27 33.95 49.82 -11.12
CA GLN N 27 34.02 48.80 -12.17
C GLN N 27 33.31 49.30 -13.42
N SER N 28 33.10 48.42 -14.39
CA SER N 28 32.38 48.80 -15.60
C SER N 28 30.87 48.74 -15.34
N VAL N 29 30.18 49.82 -15.67
CA VAL N 29 28.74 49.96 -15.45
C VAL N 29 28.11 50.35 -16.79
N SER N 30 27.00 49.70 -17.14
CA SER N 30 26.30 50.01 -18.37
C SER N 30 25.65 51.40 -18.30
N ASN N 31 25.26 51.90 -19.47
CA ASN N 31 24.76 53.27 -19.60
C ASN N 31 23.31 53.43 -19.14
N VAL N 32 22.73 52.46 -18.47
CA VAL N 32 21.29 52.49 -18.18
C VAL N 32 21.01 52.82 -16.71
N ALA N 33 21.87 52.37 -15.80
CA ALA N 33 21.63 52.50 -14.36
C ALA N 33 22.16 53.79 -13.78
N LEU N 34 22.20 54.88 -14.55
CA LEU N 34 22.74 56.15 -14.08
C LEU N 34 21.65 57.22 -14.10
N ALA N 35 21.56 57.99 -13.02
CA ALA N 35 20.64 59.12 -12.97
C ALA N 35 21.31 60.29 -12.26
N TRP N 36 20.84 61.49 -12.58
CA TRP N 36 21.40 62.74 -12.07
C TRP N 36 20.32 63.55 -11.37
N TYR N 37 20.71 64.22 -10.28
CA TYR N 37 19.76 64.84 -9.37
C TYR N 37 20.11 66.30 -9.09
N GLN N 38 19.12 67.02 -8.56
CA GLN N 38 19.21 68.45 -8.26
C GLN N 38 18.63 68.67 -6.86
N HIS N 39 19.47 68.64 -5.84
CA HIS N 39 19.01 68.82 -4.46
C HIS N 39 19.34 70.23 -4.01
N LYS N 40 18.30 71.06 -3.88
CA LYS N 40 18.29 72.39 -3.30
C LYS N 40 17.98 72.29 -1.81
N PRO N 41 18.57 73.15 -0.97
CA PRO N 41 18.32 73.07 0.47
C PRO N 41 16.92 73.57 0.81
N GLY N 42 16.26 72.84 1.70
CA GLY N 42 14.90 73.16 2.08
C GLY N 42 13.86 72.85 1.04
N GLN N 43 14.19 72.05 0.03
CA GLN N 43 13.28 71.76 -1.07
C GLN N 43 13.12 70.26 -1.28
N ALA N 44 12.43 69.89 -2.35
CA ALA N 44 12.30 68.49 -2.75
C ALA N 44 13.22 68.24 -3.94
N PRO N 45 14.13 67.27 -3.87
CA PRO N 45 15.01 67.00 -5.01
C PRO N 45 14.23 66.40 -6.17
N ARG N 46 14.87 66.38 -7.33
CA ARG N 46 14.17 65.98 -8.53
C ARG N 46 15.13 65.35 -9.53
N LEU N 47 14.56 64.56 -10.44
CA LEU N 47 15.32 63.89 -11.47
C LEU N 47 15.70 64.84 -12.58
N LEU N 48 16.94 64.74 -13.04
CA LEU N 48 17.44 65.51 -14.17
C LEU N 48 17.69 64.67 -15.41
N LEU N 49 18.23 63.46 -15.24
CA LEU N 49 18.68 62.69 -16.39
C LEU N 49 18.70 61.23 -15.99
N HIS N 50 18.00 60.38 -16.74
CA HIS N 50 18.07 58.94 -16.54
C HIS N 50 18.65 58.27 -17.78
N GLU N 51 19.32 57.13 -17.54
CA GLU N 51 20.05 56.36 -18.55
C GLU N 51 21.14 57.17 -19.26
N ALA N 52 21.67 58.18 -18.56
CA ALA N 52 22.86 58.96 -18.89
C ALA N 52 22.74 59.84 -20.14
N SER N 53 21.65 59.72 -20.90
CA SER N 53 21.40 60.62 -22.01
C SER N 53 19.95 61.04 -22.14
N THR N 54 18.99 60.28 -21.63
CA THR N 54 17.58 60.59 -21.85
C THR N 54 17.16 61.69 -20.90
N ARG N 55 16.80 62.84 -21.45
CA ARG N 55 16.46 64.01 -20.66
C ARG N 55 15.13 63.82 -19.97
N ALA N 56 15.10 64.14 -18.68
CA ALA N 56 13.86 64.09 -17.91
C ALA N 56 12.90 65.17 -18.38
N THR N 57 11.62 64.97 -18.08
CA THR N 57 10.56 65.84 -18.58
C THR N 57 10.48 67.08 -17.70
N GLY N 58 10.63 68.25 -18.32
CA GLY N 58 10.43 69.51 -17.66
C GLY N 58 11.69 70.25 -17.22
N ILE N 59 12.86 69.66 -17.42
CA ILE N 59 14.10 70.35 -17.04
C ILE N 59 14.71 70.90 -18.33
N PRO N 60 15.40 72.04 -18.29
CA PRO N 60 15.83 72.70 -19.54
C PRO N 60 17.00 71.98 -20.20
N ASP N 61 17.24 72.39 -21.45
CA ASP N 61 18.17 71.69 -22.33
C ASP N 61 19.63 71.97 -22.02
N ARG N 62 19.94 72.89 -21.10
CA ARG N 62 21.33 73.16 -20.79
C ARG N 62 21.98 72.03 -20.00
N PHE N 63 21.20 71.21 -19.29
CA PHE N 63 21.72 70.04 -18.60
C PHE N 63 21.90 68.92 -19.62
N ILE N 64 23.15 68.58 -19.94
CA ILE N 64 23.45 67.55 -20.93
C ILE N 64 24.46 66.59 -20.33
N GLY N 65 24.14 65.30 -20.35
CA GLY N 65 25.06 64.32 -19.81
C GLY N 65 25.59 63.35 -20.84
N SER N 66 26.73 62.75 -20.55
CA SER N 66 27.36 61.78 -21.44
C SER N 66 28.33 60.92 -20.64
N GLY N 67 29.04 60.05 -21.33
CA GLY N 67 29.99 59.17 -20.68
C GLY N 67 29.69 57.71 -20.94
N SER N 68 30.65 56.84 -20.65
CA SER N 68 30.49 55.42 -20.88
C SER N 68 31.46 54.63 -20.02
N GLY N 69 31.13 53.35 -19.84
CA GLY N 69 32.05 52.38 -19.28
C GLY N 69 32.19 52.53 -17.79
N ARG N 70 33.00 53.51 -17.39
CA ARG N 70 33.05 53.90 -15.99
C ARG N 70 33.27 55.39 -15.81
N ASP N 71 33.25 56.19 -16.87
CA ASP N 71 33.49 57.63 -16.78
C ASP N 71 32.23 58.36 -17.25
N PHE N 72 31.64 59.15 -16.35
CA PHE N 72 30.34 59.78 -16.57
C PHE N 72 30.45 61.26 -16.27
N THR N 73 29.71 62.09 -17.03
CA THR N 73 29.89 63.53 -17.00
C THR N 73 28.54 64.23 -17.19
N LEU N 74 28.25 65.18 -16.30
CA LEU N 74 27.15 66.12 -16.48
C LEU N 74 27.74 67.48 -16.82
N THR N 75 27.11 68.19 -17.77
CA THR N 75 27.61 69.46 -18.27
C THR N 75 26.45 70.44 -18.42
N ILE N 76 26.59 71.59 -17.78
CA ILE N 76 25.67 72.70 -18.01
C ILE N 76 26.29 73.59 -19.08
N THR N 77 25.55 73.84 -20.16
CA THR N 77 26.11 74.59 -21.28
C THR N 77 26.23 76.07 -20.97
N SER N 78 25.15 76.68 -20.49
CA SER N 78 25.12 78.09 -20.13
C SER N 78 24.63 78.21 -18.70
N LEU N 79 25.55 78.53 -17.78
CA LEU N 79 25.20 78.59 -16.37
C LEU N 79 24.24 79.73 -16.08
N GLU N 80 23.36 79.51 -15.11
CA GLU N 80 22.30 80.41 -14.72
C GLU N 80 22.38 80.68 -13.23
N PRO N 81 21.79 81.79 -12.75
CA PRO N 81 21.80 82.04 -11.30
C PRO N 81 20.90 81.11 -10.50
N GLU N 82 19.99 80.39 -11.15
CA GLU N 82 19.07 79.49 -10.47
C GLU N 82 19.60 78.07 -10.36
N ASP N 83 20.81 77.81 -10.82
CA ASP N 83 21.40 76.46 -10.80
C ASP N 83 22.20 76.20 -9.53
N PHE N 84 21.87 76.88 -8.44
CA PHE N 84 22.55 76.66 -7.16
C PHE N 84 21.92 75.46 -6.46
N ALA N 85 22.54 74.29 -6.62
CA ALA N 85 22.06 73.08 -5.99
C ALA N 85 23.19 72.07 -5.93
N VAL N 86 23.09 71.16 -4.96
CA VAL N 86 24.00 70.02 -4.90
C VAL N 86 23.55 69.01 -5.94
N TYR N 87 24.51 68.45 -6.69
CA TYR N 87 24.20 67.52 -7.75
C TYR N 87 24.70 66.12 -7.39
N TYR N 88 23.82 65.13 -7.54
CA TYR N 88 24.07 63.76 -7.16
C TYR N 88 24.00 62.84 -8.37
N CYS N 89 24.98 61.94 -8.47
CA CYS N 89 24.90 60.78 -9.35
C CYS N 89 24.94 59.53 -8.48
N GLN N 90 23.94 58.67 -8.66
CA GLN N 90 23.88 57.40 -7.95
C GLN N 90 23.34 56.33 -8.89
N LEU N 91 23.52 55.07 -8.50
CA LEU N 91 23.21 53.93 -9.36
C LEU N 91 21.73 53.58 -9.31
N SER N 92 21.38 52.38 -9.78
CA SER N 92 20.01 51.90 -9.69
C SER N 92 19.59 51.69 -8.24
N GLY N 93 20.30 50.83 -7.53
CA GLY N 93 20.02 50.53 -6.14
C GLY N 93 20.45 51.56 -5.13
N ARG N 94 21.08 52.64 -5.60
CA ARG N 94 21.36 53.88 -4.86
C ARG N 94 22.33 53.71 -3.70
N ARG N 95 23.06 52.59 -3.62
CA ARG N 95 23.88 52.30 -2.44
C ARG N 95 25.17 53.10 -2.37
N LEU N 96 25.38 54.09 -3.24
CA LEU N 96 26.51 55.01 -3.13
C LEU N 96 26.00 56.44 -3.13
N GLY N 97 26.92 57.40 -3.28
CA GLY N 97 26.56 58.81 -3.32
C GLY N 97 27.55 59.67 -2.55
N GLN N 98 28.08 60.70 -3.21
CA GLN N 98 29.10 61.54 -2.60
C GLN N 98 28.73 63.01 -2.55
N GLY N 99 28.13 63.55 -3.61
CA GLY N 99 27.67 64.92 -3.60
C GLY N 99 28.66 65.92 -4.18
N THR N 100 28.15 66.93 -4.87
CA THR N 100 28.98 68.00 -5.43
C THR N 100 28.15 69.27 -5.46
N LYS N 101 28.66 70.33 -4.84
CA LYS N 101 27.94 71.58 -4.69
C LYS N 101 28.46 72.60 -5.70
N VAL N 102 27.52 73.23 -6.43
CA VAL N 102 27.85 74.23 -7.43
C VAL N 102 27.35 75.57 -6.92
N GLU N 103 28.28 76.53 -6.79
CA GLU N 103 28.00 77.84 -6.24
C GLU N 103 28.06 78.90 -7.34
N ILE N 104 27.50 80.06 -7.04
CA ILE N 104 27.44 81.18 -7.96
C ILE N 104 28.44 82.24 -7.49
N LYS N 105 29.33 82.65 -8.39
CA LYS N 105 30.34 83.65 -8.05
C LYS N 105 29.92 85.04 -8.52
#